data_3NBU
#
_entry.id   3NBU
#
_cell.length_a   69.806
_cell.length_b   72.874
_cell.length_c   181.851
_cell.angle_alpha   92.47
_cell.angle_beta   97.82
_cell.angle_gamma   114.57
#
_symmetry.space_group_name_H-M   'P 1'
#
loop_
_entity.id
_entity.type
_entity.pdbx_description
1 polymer 'Glucose-6-phosphate isomerase'
2 non-polymer 'CHLORIDE ION'
3 water water
#
_entity_poly.entity_id   1
_entity_poly.type   'polypeptide(L)'
_entity_poly.pdbx_seq_one_letter_code
;MKNINPTQTAAWQALQKHFDEMKDVTIADLFAKDGDRFSKFSATFDDQMLVDYSKNRITEETLAKLQDLAKECDLAGAIK
SMFSGEKINRTENRAVLHVALRNRSNTPILVDGKDVMPEVNAVLEKMKTFSEAIISGEWKGYTGKAITDVVNIGIGGSDL
GPYMVTEALRPYKNHLNMHFVSNVDGTHIAEVLKKVNPETTLFLVASKTFTTQETMTNAHSARDWFLKAAGDEKHVAKHF
TALSTNAKAVGEFGIDTANMFEFWDWVGGRYSLWSAIGLSIVLSIGFDNFVELLSGAHAMDKHFSTTPAEKNLPVLLALI
GIWYNNFFGAETEAILPYDQYMHRFAAYFQQGNMESNGKYVDRNGNVVDYQTGPIIWGEPGTNGQHAFYQLIHQGTKMVP
CDFIAPAITHNPLSDHHQKLLSNFFAQTEALAFGKSREVVEQEYRDQGKDPATLDYVVPFKVFEGNRPTNSILLREITPF
SLGALIALYEHKIFTQGVILNIFTFDQWGVELGKQLANRILPELKDDKEISSHDSSTNGLINRYKAWRG
;
_entity_poly.pdbx_strand_id   A,B,C,D,E,F
#
# COMPACT_ATOMS: atom_id res chain seq x y z
N MET A 1 5.64 21.62 -22.49
CA MET A 1 6.19 20.75 -21.42
C MET A 1 6.24 19.32 -21.93
N LYS A 2 7.00 18.46 -21.28
CA LYS A 2 7.23 17.12 -21.83
C LYS A 2 5.99 16.23 -21.71
N ASN A 3 5.83 15.33 -22.69
CA ASN A 3 4.68 14.41 -22.78
C ASN A 3 5.13 12.95 -22.87
N ILE A 4 5.72 12.46 -21.80
CA ILE A 4 6.39 11.16 -21.76
C ILE A 4 5.39 10.10 -21.33
N ASN A 5 5.28 9.01 -22.11
CA ASN A 5 4.43 7.88 -21.71
C ASN A 5 5.13 7.16 -20.57
N PRO A 6 4.57 7.23 -19.35
CA PRO A 6 5.33 6.74 -18.20
C PRO A 6 5.66 5.23 -18.30
N THR A 7 4.76 4.49 -18.95
CA THR A 7 4.86 3.02 -19.07
C THR A 7 6.00 2.56 -19.96
N GLN A 8 6.50 3.43 -20.82
CA GLN A 8 7.56 3.04 -21.75
C GLN A 8 8.97 3.36 -21.26
N THR A 9 9.09 3.84 -20.03
CA THR A 9 10.38 4.25 -19.53
C THR A 9 11.09 3.12 -18.79
N ALA A 10 12.40 3.30 -18.57
CA ALA A 10 13.17 2.35 -17.79
C ALA A 10 12.72 2.37 -16.31
N ALA A 11 12.36 3.54 -15.79
CA ALA A 11 11.94 3.63 -14.40
C ALA A 11 10.66 2.83 -14.15
N TRP A 12 9.76 2.85 -15.13
CA TRP A 12 8.53 2.09 -15.04
C TRP A 12 8.84 0.58 -14.97
N GLN A 13 9.76 0.13 -15.81
CA GLN A 13 10.16 -1.28 -15.87
C GLN A 13 10.72 -1.74 -14.52
N ALA A 14 11.52 -0.86 -13.91
CA ALA A 14 12.12 -1.09 -12.61
C ALA A 14 11.08 -1.11 -11.48
N LEU A 15 10.06 -0.24 -11.58
CA LEU A 15 8.96 -0.26 -10.61
C LEU A 15 8.15 -1.56 -10.71
N GLN A 16 8.09 -2.09 -11.93
CA GLN A 16 7.39 -3.33 -12.20
C GLN A 16 8.02 -4.54 -11.52
N LYS A 17 9.34 -4.61 -11.57
CA LYS A 17 10.09 -5.71 -10.97
C LYS A 17 10.14 -5.57 -9.44
N HIS A 18 10.25 -4.32 -8.98
CA HIS A 18 10.16 -4.00 -7.55
C HIS A 18 8.79 -4.40 -7.01
N PHE A 19 7.72 -4.02 -7.71
CA PHE A 19 6.37 -4.45 -7.30
C PHE A 19 6.27 -5.98 -7.13
N ASP A 20 6.86 -6.72 -8.06
CA ASP A 20 6.85 -8.18 -7.98
C ASP A 20 7.59 -8.66 -6.72
N GLU A 21 8.71 -8.02 -6.41
CA GLU A 21 9.39 -8.34 -5.16
C GLU A 21 8.65 -7.87 -3.89
N MET A 22 7.83 -6.83 -4.02
CA MET A 22 7.22 -6.18 -2.86
C MET A 22 5.82 -6.67 -2.53
N LYS A 23 5.14 -7.28 -3.50
CA LYS A 23 3.67 -7.34 -3.48
C LYS A 23 3.08 -8.04 -2.25
N ASP A 24 3.88 -8.88 -1.62
CA ASP A 24 3.41 -9.64 -0.47
C ASP A 24 4.07 -9.20 0.80
N VAL A 25 4.96 -8.20 0.72
CA VAL A 25 5.60 -7.65 1.90
C VAL A 25 4.53 -6.96 2.75
N THR A 26 4.75 -6.96 4.05
CA THR A 26 3.72 -6.65 4.99
C THR A 26 4.11 -5.37 5.73
N ILE A 27 3.15 -4.50 6.05
CA ILE A 27 3.49 -3.28 6.77
C ILE A 27 4.03 -3.62 8.16
N ALA A 28 3.44 -4.64 8.81
CA ALA A 28 3.96 -5.07 10.12
C ALA A 28 5.45 -5.44 10.01
N ASP A 29 5.83 -6.11 8.92
CA ASP A 29 7.24 -6.45 8.72
C ASP A 29 8.12 -5.20 8.56
N LEU A 30 7.64 -4.22 7.79
CA LEU A 30 8.44 -3.02 7.55
C LEU A 30 8.71 -2.30 8.85
N PHE A 31 7.73 -2.27 9.73
CA PHE A 31 7.94 -1.64 11.04
C PHE A 31 8.82 -2.48 11.94
N ALA A 32 8.71 -3.80 11.82
CA ALA A 32 9.54 -4.70 12.62
C ALA A 32 11.03 -4.54 12.30
N LYS A 33 11.37 -4.20 11.07
CA LYS A 33 12.76 -4.19 10.66
C LYS A 33 13.44 -2.90 11.06
N ASP A 34 12.73 -1.80 10.94
CA ASP A 34 13.30 -0.48 11.19
C ASP A 34 12.52 0.24 12.29
N GLY A 35 13.18 0.42 13.44
CA GLY A 35 12.54 0.99 14.63
C GLY A 35 12.24 2.48 14.53
N ASP A 36 12.97 3.17 13.65
CA ASP A 36 12.75 4.59 13.41
C ASP A 36 12.01 4.84 12.10
N ARG A 37 11.05 3.97 11.75
CA ARG A 37 10.38 4.05 10.47
C ARG A 37 9.55 5.33 10.28
N PHE A 38 8.91 5.77 11.35
CA PHE A 38 8.10 6.97 11.31
C PHE A 38 8.96 8.16 10.88
N SER A 39 10.14 8.33 11.50
CA SER A 39 10.98 9.50 11.18
C SER A 39 11.56 9.48 9.75
N LYS A 40 11.68 8.29 9.14
CA LYS A 40 12.15 8.17 7.75
C LYS A 40 11.07 8.39 6.70
N PHE A 41 9.80 8.28 7.08
CA PHE A 41 8.66 8.39 6.13
C PHE A 41 7.57 9.41 6.54
N SER A 42 8.00 10.51 7.13
CA SER A 42 7.11 11.60 7.50
C SER A 42 7.86 12.92 7.35
N ALA A 43 7.12 14.03 7.25
CA ALA A 43 7.73 15.37 7.23
C ALA A 43 6.68 16.40 7.62
N THR A 44 7.11 17.58 8.04
CA THR A 44 6.16 18.54 8.56
C THR A 44 6.21 19.76 7.69
N PHE A 45 5.04 20.30 7.34
CA PHE A 45 5.00 21.54 6.58
C PHE A 45 4.74 22.71 7.56
N ASP A 46 5.55 23.78 7.43
CA ASP A 46 5.36 25.04 8.18
C ASP A 46 5.14 24.89 9.68
N ASP A 47 5.84 23.93 10.29
CA ASP A 47 5.70 23.62 11.71
C ASP A 47 4.27 23.42 12.20
N GLN A 48 3.35 23.04 11.30
CA GLN A 48 1.93 22.93 11.68
C GLN A 48 1.16 21.79 11.01
N MET A 49 1.73 21.17 9.98
CA MET A 49 1.08 20.07 9.30
C MET A 49 2.06 18.91 9.12
N LEU A 50 1.92 17.91 9.98
CA LEU A 50 2.67 16.68 9.90
C LEU A 50 2.01 15.68 8.93
N VAL A 51 2.77 15.22 7.94
CA VAL A 51 2.26 14.26 6.98
C VAL A 51 3.07 12.98 7.13
N ASP A 52 2.40 11.97 7.66
CA ASP A 52 3.00 10.70 8.01
C ASP A 52 2.52 9.68 7.01
N TYR A 53 3.42 9.29 6.13
CA TYR A 53 3.14 8.33 5.08
C TYR A 53 3.89 7.04 5.38
N SER A 54 4.22 6.83 6.66
CA SER A 54 5.00 5.65 7.06
C SER A 54 4.20 4.34 7.02
N LYS A 55 2.87 4.39 7.21
CA LYS A 55 2.06 3.17 7.17
C LYS A 55 1.63 2.82 5.74
N ASN A 56 2.61 2.78 4.85
CA ASN A 56 2.41 2.43 3.47
C ASN A 56 3.25 1.21 3.11
N ARG A 57 2.86 0.54 2.03
CA ARG A 57 3.58 -0.64 1.58
C ARG A 57 4.74 -0.22 0.68
N ILE A 58 5.67 0.51 1.29
CA ILE A 58 6.81 1.09 0.60
C ILE A 58 8.13 1.01 1.41
N THR A 59 9.25 0.94 0.71
CA THR A 59 10.55 1.06 1.36
C THR A 59 11.25 2.30 0.80
N GLU A 60 12.40 2.62 1.37
CA GLU A 60 13.25 3.69 0.86
C GLU A 60 13.49 3.43 -0.62
N GLU A 61 13.63 2.16 -0.98
CA GLU A 61 13.82 1.77 -2.37
C GLU A 61 12.60 2.09 -3.28
N THR A 62 11.38 1.84 -2.79
CA THR A 62 10.16 2.16 -3.56
C THR A 62 10.13 3.64 -3.88
N LEU A 63 10.45 4.46 -2.87
CA LEU A 63 10.37 5.89 -3.07
C LEU A 63 11.41 6.30 -4.07
N ALA A 64 12.61 5.74 -3.96
CA ALA A 64 13.72 6.09 -4.87
C ALA A 64 13.32 5.79 -6.32
N LYS A 65 12.73 4.62 -6.56
CA LYS A 65 12.33 4.24 -7.91
C LYS A 65 11.18 5.10 -8.43
N LEU A 66 10.31 5.51 -7.51
CA LEU A 66 9.20 6.39 -7.86
C LEU A 66 9.74 7.77 -8.14
N GLN A 67 10.80 8.17 -7.45
CA GLN A 67 11.41 9.47 -7.77
C GLN A 67 12.12 9.42 -9.11
N ASP A 68 12.69 8.26 -9.44
CA ASP A 68 13.25 8.01 -10.75
C ASP A 68 12.22 8.19 -11.85
N LEU A 69 10.98 7.78 -11.59
CA LEU A 69 9.94 7.95 -12.59
C LEU A 69 9.53 9.43 -12.73
N ALA A 70 9.36 10.13 -11.61
CA ALA A 70 9.04 11.54 -11.69
C ALA A 70 10.11 12.29 -12.49
N LYS A 71 11.38 11.97 -12.25
CA LYS A 71 12.45 12.62 -12.99
C LYS A 71 12.40 12.30 -14.49
N GLU A 72 12.15 11.02 -14.83
CA GLU A 72 12.08 10.62 -16.23
C GLU A 72 11.00 11.33 -17.00
N CYS A 73 9.90 11.64 -16.33
CA CYS A 73 8.79 12.39 -16.92
C CYS A 73 8.97 13.92 -16.81
N ASP A 74 10.13 14.37 -16.32
CA ASP A 74 10.45 15.82 -16.25
C ASP A 74 9.42 16.60 -15.41
N LEU A 75 9.13 16.07 -14.23
CA LEU A 75 8.20 16.73 -13.35
C LEU A 75 8.67 18.16 -13.00
N ALA A 76 9.98 18.32 -12.71
CA ALA A 76 10.54 19.66 -12.39
C ALA A 76 10.23 20.72 -13.42
N GLY A 77 10.39 20.38 -14.70
CA GLY A 77 10.01 21.27 -15.80
C GLY A 77 8.52 21.56 -15.89
N ALA A 78 7.69 20.56 -15.64
CA ALA A 78 6.25 20.81 -15.69
C ALA A 78 5.83 21.81 -14.63
N ILE A 79 6.39 21.66 -13.43
CA ILE A 79 6.06 22.58 -12.35
C ILE A 79 6.43 24.01 -12.76
N LYS A 80 7.64 24.18 -13.30
CA LYS A 80 8.12 25.51 -13.69
C LYS A 80 7.22 26.03 -14.82
N SER A 81 6.77 25.15 -15.70
CA SER A 81 5.91 25.55 -16.81
C SER A 81 4.60 26.11 -16.29
N MET A 82 4.03 25.48 -15.26
CA MET A 82 2.76 25.94 -14.66
C MET A 82 2.94 27.29 -13.96
N PHE A 83 3.87 27.35 -13.02
CA PHE A 83 4.07 28.55 -12.19
C PHE A 83 4.46 29.81 -12.99
N SER A 84 5.03 29.62 -14.17
CA SER A 84 5.55 30.75 -14.95
C SER A 84 4.52 31.23 -15.97
N GLY A 85 3.40 30.55 -16.08
CA GLY A 85 2.34 31.00 -16.98
C GLY A 85 2.37 30.37 -18.37
N GLU A 86 3.27 29.41 -18.58
CA GLU A 86 3.23 28.66 -19.84
C GLU A 86 1.81 28.07 -20.07
N LYS A 87 1.41 27.94 -21.34
CA LYS A 87 0.03 27.64 -21.68
C LYS A 87 -0.20 26.14 -21.74
N ILE A 88 -0.18 25.48 -20.57
CA ILE A 88 -0.10 24.02 -20.50
C ILE A 88 -1.44 23.32 -20.76
N ASN A 89 -2.53 24.07 -20.57
CA ASN A 89 -3.83 23.60 -20.96
C ASN A 89 -3.88 23.72 -22.47
N ARG A 90 -3.29 22.75 -23.14
CA ARG A 90 -3.14 22.78 -24.59
C ARG A 90 -4.43 22.58 -25.38
N THR A 91 -5.39 21.80 -24.85
CA THR A 91 -6.58 21.57 -25.67
C THR A 91 -7.45 22.82 -25.80
N GLU A 92 -7.35 23.70 -24.80
CA GLU A 92 -8.09 24.96 -24.74
C GLU A 92 -7.17 26.15 -24.96
N ASN A 93 -5.87 25.86 -25.11
CA ASN A 93 -4.82 26.84 -25.28
C ASN A 93 -4.77 27.95 -24.20
N ARG A 94 -4.54 27.54 -22.95
CA ARG A 94 -4.69 28.43 -21.79
C ARG A 94 -3.57 28.21 -20.80
N ALA A 95 -3.28 29.26 -20.05
CA ALA A 95 -2.39 29.16 -18.93
C ALA A 95 -3.16 28.51 -17.75
N VAL A 96 -2.46 28.06 -16.72
CA VAL A 96 -3.14 27.44 -15.58
C VAL A 96 -2.55 28.13 -14.36
N LEU A 97 -3.29 29.08 -13.81
CA LEU A 97 -2.68 30.01 -12.92
C LEU A 97 -3.45 30.28 -11.63
N HIS A 98 -4.07 29.24 -11.06
CA HIS A 98 -4.72 29.40 -9.78
C HIS A 98 -3.68 29.85 -8.75
N VAL A 99 -2.42 29.49 -8.98
CA VAL A 99 -1.30 30.01 -8.15
C VAL A 99 -1.12 31.56 -8.18
N ALA A 100 -1.50 32.22 -9.29
CA ALA A 100 -1.47 33.68 -9.35
C ALA A 100 -2.50 34.32 -8.42
N LEU A 101 -3.62 33.63 -8.25
CA LEU A 101 -4.74 34.10 -7.45
C LEU A 101 -4.37 34.32 -5.98
N ARG A 102 -3.53 33.44 -5.46
CA ARG A 102 -3.01 33.56 -4.10
C ARG A 102 -1.55 33.99 -4.03
N ASN A 103 -1.01 34.56 -5.11
CA ASN A 103 0.39 35.04 -5.12
C ASN A 103 0.64 36.28 -4.23
N ARG A 104 0.72 36.11 -2.89
CA ARG A 104 0.86 37.25 -1.95
C ARG A 104 2.19 38.00 -2.12
N SER A 105 3.23 37.31 -2.56
CA SER A 105 4.51 37.92 -2.77
C SER A 105 4.47 38.90 -3.96
N ASN A 106 3.45 38.76 -4.82
CA ASN A 106 3.27 39.64 -5.98
C ASN A 106 4.41 39.68 -7.03
N THR A 107 5.21 38.62 -7.09
CA THR A 107 6.12 38.45 -8.23
C THR A 107 5.24 38.46 -9.45
N PRO A 108 5.69 39.15 -10.51
CA PRO A 108 4.93 39.17 -11.78
C PRO A 108 4.81 37.76 -12.36
N ILE A 109 3.64 37.42 -12.87
CA ILE A 109 3.45 36.16 -13.58
C ILE A 109 2.85 36.58 -14.91
N LEU A 110 3.53 36.26 -16.02
CA LEU A 110 3.09 36.78 -17.31
C LEU A 110 2.16 35.85 -18.13
N VAL A 111 1.14 36.46 -18.72
CA VAL A 111 0.31 35.79 -19.70
C VAL A 111 0.25 36.75 -20.89
N ASP A 112 0.67 36.28 -22.06
CA ASP A 112 0.68 37.08 -23.30
C ASP A 112 1.41 38.40 -23.05
N GLY A 113 2.62 38.28 -22.48
CA GLY A 113 3.44 39.45 -22.13
C GLY A 113 2.93 40.39 -21.03
N LYS A 114 1.82 40.06 -20.39
CA LYS A 114 1.23 40.93 -19.37
C LYS A 114 1.18 40.32 -17.95
N ASP A 115 1.58 41.09 -16.96
CA ASP A 115 1.50 40.67 -15.56
C ASP A 115 0.05 40.59 -15.14
N VAL A 116 -0.36 39.41 -14.68
CA VAL A 116 -1.75 39.20 -14.27
C VAL A 116 -2.03 39.73 -12.88
N MET A 117 -0.98 39.97 -12.07
CA MET A 117 -1.17 40.30 -10.64
C MET A 117 -2.00 41.58 -10.37
N PRO A 118 -1.77 42.64 -11.17
CA PRO A 118 -2.56 43.82 -10.89
C PRO A 118 -4.06 43.58 -10.99
N GLU A 119 -4.50 42.84 -12.01
CA GLU A 119 -5.94 42.56 -12.13
C GLU A 119 -6.40 41.58 -11.04
N VAL A 120 -5.59 40.58 -10.71
CA VAL A 120 -5.86 39.69 -9.59
C VAL A 120 -6.13 40.52 -8.35
N ASN A 121 -5.18 41.39 -8.01
CA ASN A 121 -5.27 42.24 -6.83
C ASN A 121 -6.40 43.28 -6.85
N ALA A 122 -6.78 43.79 -8.02
CA ALA A 122 -7.95 44.70 -8.11
C ALA A 122 -9.28 44.02 -7.76
N VAL A 123 -9.48 42.79 -8.23
CA VAL A 123 -10.71 42.06 -7.92
C VAL A 123 -10.79 41.80 -6.40
N LEU A 124 -9.64 41.49 -5.80
CA LEU A 124 -9.57 41.21 -4.37
C LEU A 124 -9.92 42.45 -3.56
N GLU A 125 -9.32 43.58 -3.91
CA GLU A 125 -9.61 44.83 -3.22
C GLU A 125 -11.10 45.13 -3.36
N LYS A 126 -11.64 44.93 -4.56
CA LYS A 126 -13.09 45.07 -4.77
C LYS A 126 -13.94 44.14 -3.89
N MET A 127 -13.47 42.92 -3.69
CA MET A 127 -14.19 41.99 -2.82
C MET A 127 -14.13 42.44 -1.36
N LYS A 128 -12.98 42.99 -0.96
CA LYS A 128 -12.80 43.48 0.39
C LYS A 128 -13.77 44.62 0.65
N THR A 129 -13.73 45.63 -0.20
CA THR A 129 -14.57 46.79 0.05
C THR A 129 -16.05 46.44 -0.09
N PHE A 130 -16.41 45.55 -1.01
CA PHE A 130 -17.84 45.10 -1.09
C PHE A 130 -18.26 44.35 0.18
N SER A 131 -17.46 43.38 0.61
CA SER A 131 -17.76 42.61 1.81
C SER A 131 -17.93 43.50 3.05
N GLU A 132 -17.06 44.49 3.21
CA GLU A 132 -17.23 45.46 4.30
C GLU A 132 -18.59 46.14 4.29
N ALA A 133 -19.01 46.60 3.11
CA ALA A 133 -20.33 47.24 2.98
C ALA A 133 -21.44 46.29 3.39
N ILE A 134 -21.32 45.01 3.03
CA ILE A 134 -22.35 44.02 3.34
C ILE A 134 -22.37 43.66 4.83
N ILE A 135 -21.20 43.38 5.37
CA ILE A 135 -21.05 42.86 6.73
C ILE A 135 -21.35 43.95 7.75
N SER A 136 -20.91 45.19 7.46
CA SER A 136 -21.11 46.32 8.37
C SER A 136 -22.56 46.75 8.43
N GLY A 137 -23.36 46.30 7.48
CA GLY A 137 -24.71 46.80 7.37
C GLY A 137 -24.81 48.13 6.63
N GLU A 138 -23.71 48.66 6.11
CA GLU A 138 -23.78 49.91 5.34
C GLU A 138 -24.56 49.71 4.04
N TRP A 139 -24.37 48.57 3.39
CA TRP A 139 -25.10 48.24 2.16
C TRP A 139 -26.51 47.80 2.53
N LYS A 140 -27.53 48.45 1.98
CA LYS A 140 -28.92 48.20 2.37
C LYS A 140 -29.71 47.57 1.25
N GLY A 141 -30.69 46.76 1.61
CA GLY A 141 -31.62 46.23 0.65
C GLY A 141 -32.57 47.30 0.15
N TYR A 142 -33.58 46.89 -0.61
CA TYR A 142 -34.45 47.85 -1.28
C TYR A 142 -35.43 48.52 -0.33
N THR A 143 -35.61 47.97 0.88
CA THR A 143 -36.44 48.63 1.89
C THR A 143 -35.61 49.32 2.98
N GLY A 144 -34.29 49.41 2.77
CA GLY A 144 -33.43 50.15 3.68
C GLY A 144 -32.92 49.35 4.87
N LYS A 145 -32.89 48.02 4.73
CA LYS A 145 -32.44 47.12 5.80
C LYS A 145 -31.09 46.47 5.47
N ALA A 146 -30.34 46.12 6.50
CA ALA A 146 -29.06 45.43 6.33
C ALA A 146 -29.29 44.01 5.82
N ILE A 147 -28.31 43.46 5.12
CA ILE A 147 -28.37 42.08 4.65
C ILE A 147 -28.15 41.09 5.81
N THR A 148 -29.00 40.06 5.89
CA THR A 148 -28.87 39.02 6.91
C THR A 148 -28.52 37.68 6.28
N ASP A 149 -28.96 37.48 5.04
CA ASP A 149 -28.71 36.22 4.32
C ASP A 149 -28.01 36.43 2.98
N VAL A 150 -26.98 35.62 2.73
CA VAL A 150 -26.32 35.54 1.42
C VAL A 150 -26.54 34.16 0.79
N VAL A 151 -27.01 34.15 -0.45
CA VAL A 151 -27.28 32.92 -1.18
C VAL A 151 -26.41 32.82 -2.42
N ASN A 152 -25.43 31.92 -2.39
CA ASN A 152 -24.64 31.56 -3.58
C ASN A 152 -25.45 30.66 -4.50
N ILE A 153 -25.38 30.92 -5.81
CA ILE A 153 -26.04 30.11 -6.84
C ILE A 153 -24.97 29.77 -7.86
N GLY A 154 -24.61 28.49 -7.93
CA GLY A 154 -23.55 28.01 -8.85
C GLY A 154 -23.52 26.50 -8.81
N ILE A 155 -22.79 25.87 -9.71
CA ILE A 155 -22.72 24.42 -9.75
C ILE A 155 -21.25 24.05 -9.99
N GLY A 156 -20.87 22.86 -9.56
CA GLY A 156 -19.52 22.39 -9.75
C GLY A 156 -18.49 23.31 -9.10
N GLY A 157 -17.63 23.91 -9.93
CA GLY A 157 -16.53 24.70 -9.42
C GLY A 157 -17.01 25.96 -8.73
N SER A 158 -18.19 26.44 -9.11
CA SER A 158 -18.74 27.63 -8.50
C SER A 158 -19.53 27.31 -7.25
N ASP A 159 -19.56 26.04 -6.83
CA ASP A 159 -20.35 25.68 -5.63
C ASP A 159 -19.58 24.91 -4.55
N LEU A 160 -18.87 23.84 -4.94
CA LEU A 160 -18.25 22.91 -3.96
C LEU A 160 -17.19 23.56 -3.08
N GLY A 161 -16.34 24.39 -3.67
CA GLY A 161 -15.30 25.04 -2.90
C GLY A 161 -15.87 26.01 -1.89
N PRO A 162 -16.75 26.90 -2.36
CA PRO A 162 -17.29 27.92 -1.46
C PRO A 162 -18.11 27.30 -0.33
N TYR A 163 -18.87 26.26 -0.67
CA TYR A 163 -19.60 25.54 0.33
C TYR A 163 -18.66 24.80 1.29
N MET A 164 -17.74 24.00 0.74
CA MET A 164 -16.78 23.27 1.57
C MET A 164 -16.02 24.16 2.55
N VAL A 165 -15.53 25.30 2.08
CA VAL A 165 -14.67 26.19 2.89
C VAL A 165 -15.41 26.99 3.96
N THR A 166 -16.58 27.54 3.60
CA THR A 166 -17.39 28.20 4.61
C THR A 166 -17.90 27.21 5.68
N GLU A 167 -18.10 25.95 5.32
CA GLU A 167 -18.48 24.95 6.32
C GLU A 167 -17.26 24.66 7.17
N ALA A 168 -16.13 24.41 6.52
CA ALA A 168 -14.88 24.07 7.21
C ALA A 168 -14.47 25.15 8.20
N LEU A 169 -14.85 26.38 7.90
CA LEU A 169 -14.34 27.49 8.65
C LEU A 169 -15.44 28.24 9.35
N ARG A 170 -16.51 27.53 9.72
CA ARG A 170 -17.59 28.13 10.49
C ARG A 170 -17.14 28.83 11.78
N PRO A 171 -16.09 28.30 12.45
CA PRO A 171 -15.67 28.95 13.68
C PRO A 171 -15.25 30.40 13.40
N TYR A 172 -14.96 30.71 12.14
CA TYR A 172 -14.49 32.05 11.81
C TYR A 172 -15.57 32.95 11.24
N LYS A 173 -16.81 32.48 11.23
CA LYS A 173 -17.88 33.17 10.53
C LYS A 173 -18.38 34.35 11.29
N ASN A 174 -19.03 35.24 10.56
CA ASN A 174 -19.68 36.40 11.16
C ASN A 174 -21.19 36.09 11.30
N HIS A 175 -22.03 37.11 11.43
CA HIS A 175 -23.48 36.94 11.65
C HIS A 175 -24.26 36.50 10.41
N LEU A 176 -23.69 36.65 9.23
CA LEU A 176 -24.41 36.37 7.99
C LEU A 176 -24.73 34.90 7.82
N ASN A 177 -25.97 34.61 7.43
CA ASN A 177 -26.38 33.25 7.17
C ASN A 177 -26.16 32.91 5.70
N MET A 178 -25.44 31.81 5.47
CA MET A 178 -24.99 31.41 4.14
C MET A 178 -25.81 30.23 3.65
N HIS A 179 -26.19 30.29 2.37
CA HIS A 179 -26.90 29.22 1.69
C HIS A 179 -26.20 28.97 0.37
N PHE A 180 -26.16 27.70 -0.03
CA PHE A 180 -25.53 27.32 -1.28
C PHE A 180 -26.52 26.51 -2.09
N VAL A 181 -26.94 27.11 -3.21
CA VAL A 181 -27.91 26.54 -4.14
C VAL A 181 -27.19 26.13 -5.43
N SER A 182 -27.39 24.89 -5.87
CA SER A 182 -26.67 24.37 -7.01
C SER A 182 -27.50 23.44 -7.93
N ASN A 183 -28.28 22.51 -7.37
CA ASN A 183 -29.07 21.57 -8.19
C ASN A 183 -30.07 22.32 -9.08
N VAL A 184 -30.29 21.85 -10.30
CA VAL A 184 -31.38 22.37 -11.10
C VAL A 184 -32.70 21.85 -10.52
N ASP A 185 -32.62 20.72 -9.82
CA ASP A 185 -33.76 20.25 -9.06
C ASP A 185 -34.30 21.43 -8.28
N GLY A 186 -35.55 21.80 -8.58
CA GLY A 186 -36.24 22.92 -7.95
C GLY A 186 -36.31 22.90 -6.45
N THR A 187 -36.24 21.71 -5.83
CA THR A 187 -36.33 21.67 -4.36
C THR A 187 -35.17 22.47 -3.73
N HIS A 188 -34.04 22.50 -4.42
CA HIS A 188 -32.85 23.19 -3.88
C HIS A 188 -33.06 24.68 -3.66
N ILE A 189 -33.44 25.41 -4.70
CA ILE A 189 -33.74 26.83 -4.55
C ILE A 189 -35.02 27.03 -3.71
N ALA A 190 -36.01 26.15 -3.88
CA ALA A 190 -37.30 26.30 -3.16
C ALA A 190 -37.13 26.21 -1.63
N GLU A 191 -36.28 25.28 -1.20
CA GLU A 191 -35.95 25.12 0.22
C GLU A 191 -35.25 26.37 0.78
N VAL A 192 -34.43 27.03 -0.03
CA VAL A 192 -33.80 28.29 0.40
C VAL A 192 -34.77 29.49 0.39
N LEU A 193 -35.45 29.70 -0.74
CA LEU A 193 -36.38 30.82 -0.83
C LEU A 193 -37.34 30.92 0.33
N LYS A 194 -37.74 29.77 0.89
CA LYS A 194 -38.79 29.76 1.91
C LYS A 194 -38.26 30.09 3.32
N LYS A 195 -36.95 30.25 3.44
CA LYS A 195 -36.33 30.58 4.71
C LYS A 195 -35.82 32.03 4.74
N VAL A 196 -35.78 32.69 3.58
CA VAL A 196 -35.16 34.01 3.50
C VAL A 196 -36.18 35.10 3.12
N ASN A 197 -35.90 36.32 3.54
CA ASN A 197 -36.74 37.47 3.31
C ASN A 197 -36.17 38.24 2.11
N PRO A 198 -37.00 38.59 1.12
CA PRO A 198 -36.51 39.29 -0.09
C PRO A 198 -35.80 40.61 0.21
N GLU A 199 -36.19 41.28 1.29
CA GLU A 199 -35.58 42.57 1.58
C GLU A 199 -34.23 42.53 2.32
N THR A 200 -33.79 41.35 2.77
CA THR A 200 -32.51 41.24 3.47
C THR A 200 -31.59 40.15 2.93
N THR A 201 -31.77 39.78 1.66
CA THR A 201 -31.05 38.63 1.08
C THR A 201 -30.25 39.08 -0.12
N LEU A 202 -28.99 38.66 -0.16
CA LEU A 202 -28.09 38.99 -1.24
C LEU A 202 -27.78 37.72 -2.01
N PHE A 203 -28.01 37.76 -3.33
CA PHE A 203 -27.73 36.61 -4.20
C PHE A 203 -26.44 36.84 -4.97
N LEU A 204 -25.61 35.80 -5.07
CA LEU A 204 -24.41 35.83 -5.88
C LEU A 204 -24.58 34.79 -6.96
N VAL A 205 -24.55 35.23 -8.21
CA VAL A 205 -24.73 34.32 -9.32
C VAL A 205 -23.34 33.99 -9.79
N ALA A 206 -22.87 32.77 -9.51
CA ALA A 206 -21.48 32.42 -9.77
C ALA A 206 -21.40 31.44 -10.94
N SER A 207 -20.57 31.79 -11.92
CA SER A 207 -20.54 31.02 -13.14
C SER A 207 -19.45 31.49 -14.06
N LYS A 208 -18.46 30.63 -14.29
CA LYS A 208 -17.35 31.01 -15.17
C LYS A 208 -17.92 31.65 -16.44
N THR A 209 -18.82 30.90 -17.07
CA THR A 209 -19.35 31.22 -18.38
C THR A 209 -20.57 32.14 -18.36
N PHE A 210 -21.40 32.00 -17.32
CA PHE A 210 -22.68 32.69 -17.17
C PHE A 210 -23.76 32.22 -18.14
N THR A 211 -23.57 30.99 -18.63
CA THR A 211 -24.50 30.37 -19.54
C THR A 211 -25.04 29.08 -18.98
N THR A 212 -24.33 28.50 -17.98
CA THR A 212 -24.74 27.22 -17.40
C THR A 212 -26.26 27.15 -17.16
N GLN A 213 -26.86 26.08 -17.63
CA GLN A 213 -28.31 26.00 -17.61
C GLN A 213 -28.83 25.95 -16.18
N GLU A 214 -28.16 25.17 -15.33
CA GLU A 214 -28.60 25.04 -13.94
C GLU A 214 -28.53 26.36 -13.19
N THR A 215 -27.35 26.97 -13.18
CA THR A 215 -27.18 28.23 -12.49
C THR A 215 -28.16 29.32 -12.98
N MET A 216 -28.30 29.46 -14.29
CA MET A 216 -29.14 30.50 -14.86
C MET A 216 -30.63 30.21 -14.61
N THR A 217 -31.02 28.93 -14.67
CA THR A 217 -32.37 28.54 -14.27
C THR A 217 -32.61 28.94 -12.81
N ASN A 218 -31.66 28.64 -11.92
CA ASN A 218 -31.79 29.01 -10.54
C ASN A 218 -31.77 30.55 -10.35
N ALA A 219 -30.85 31.23 -11.02
CA ALA A 219 -30.77 32.69 -10.88
C ALA A 219 -32.07 33.36 -11.35
N HIS A 220 -32.62 32.90 -12.47
CA HIS A 220 -33.90 33.44 -12.95
C HIS A 220 -35.05 33.21 -12.01
N SER A 221 -35.08 32.03 -11.36
CA SER A 221 -36.12 31.74 -10.36
C SER A 221 -36.02 32.64 -9.14
N ALA A 222 -34.79 32.91 -8.69
CA ALA A 222 -34.53 33.84 -7.60
C ALA A 222 -34.91 35.27 -8.00
N ARG A 223 -34.56 35.66 -9.21
CA ARG A 223 -34.92 36.96 -9.74
C ARG A 223 -36.45 37.14 -9.69
N ASP A 224 -37.18 36.19 -10.30
CA ASP A 224 -38.64 36.21 -10.30
C ASP A 224 -39.23 36.31 -8.90
N TRP A 225 -38.78 35.44 -8.00
CA TRP A 225 -39.21 35.47 -6.62
C TRP A 225 -38.99 36.84 -5.98
N PHE A 226 -37.80 37.39 -6.21
CA PHE A 226 -37.43 38.65 -5.65
C PHE A 226 -38.42 39.71 -6.12
N LEU A 227 -38.61 39.78 -7.43
CA LEU A 227 -39.45 40.82 -8.04
C LEU A 227 -40.92 40.73 -7.65
N LYS A 228 -41.39 39.53 -7.29
CA LYS A 228 -42.76 39.40 -6.82
C LYS A 228 -42.99 40.25 -5.58
N ALA A 229 -41.92 40.60 -4.87
CA ALA A 229 -42.06 41.37 -3.65
C ALA A 229 -41.62 42.81 -3.88
N ALA A 230 -40.49 42.98 -4.53
CA ALA A 230 -39.88 44.29 -4.70
C ALA A 230 -40.66 45.11 -5.73
N GLY A 231 -41.31 44.40 -6.66
CA GLY A 231 -42.11 45.04 -7.72
C GLY A 231 -41.25 45.55 -8.85
N ASP A 232 -40.36 46.50 -8.56
CA ASP A 232 -39.61 47.22 -9.57
C ASP A 232 -38.21 46.63 -9.80
N GLU A 233 -37.78 46.52 -11.04
CA GLU A 233 -36.48 45.91 -11.34
C GLU A 233 -35.24 46.79 -11.07
N LYS A 234 -35.44 48.07 -10.74
CA LYS A 234 -34.33 48.90 -10.27
C LYS A 234 -33.76 48.35 -8.95
N HIS A 235 -34.58 47.62 -8.20
CA HIS A 235 -34.15 47.04 -6.93
C HIS A 235 -33.18 45.85 -7.06
N VAL A 236 -33.26 45.13 -8.18
CA VAL A 236 -32.37 43.99 -8.43
C VAL A 236 -30.92 44.32 -8.07
N ALA A 237 -30.51 45.57 -8.32
CA ALA A 237 -29.10 45.96 -8.14
C ALA A 237 -28.67 46.02 -6.68
N LYS A 238 -29.62 46.00 -5.76
CA LYS A 238 -29.27 45.96 -4.35
C LYS A 238 -29.16 44.52 -3.81
N HIS A 239 -29.40 43.55 -4.67
CA HIS A 239 -29.62 42.20 -4.17
C HIS A 239 -28.96 41.13 -4.99
N PHE A 240 -28.39 41.50 -6.14
CA PHE A 240 -27.76 40.53 -7.02
C PHE A 240 -26.38 40.97 -7.49
N THR A 241 -25.39 40.13 -7.28
CA THR A 241 -24.10 40.36 -7.87
C THR A 241 -23.72 39.14 -8.69
N ALA A 242 -22.71 39.30 -9.55
CA ALA A 242 -22.28 38.24 -10.45
C ALA A 242 -20.82 37.92 -10.20
N LEU A 243 -20.49 36.64 -10.26
CA LEU A 243 -19.10 36.18 -10.21
C LEU A 243 -18.84 35.44 -11.53
N SER A 244 -18.36 36.16 -12.55
CA SER A 244 -18.04 35.54 -13.87
C SER A 244 -17.26 36.46 -14.82
N THR A 245 -17.99 37.01 -15.82
CA THR A 245 -17.39 37.66 -17.04
C THR A 245 -18.36 38.44 -18.02
N ASN A 246 -19.48 37.84 -18.40
CA ASN A 246 -20.39 38.47 -19.34
C ASN A 246 -20.34 40.02 -19.30
N GLY A 251 -25.17 41.24 -18.68
CA GLY A 251 -25.57 42.47 -17.98
C GLY A 251 -27.04 42.85 -18.10
N GLU A 252 -27.71 42.35 -19.14
CA GLU A 252 -29.15 42.58 -19.28
C GLU A 252 -29.92 41.77 -18.24
N PHE A 253 -29.23 40.83 -17.61
CA PHE A 253 -29.79 40.10 -16.49
C PHE A 253 -30.22 41.08 -15.40
N GLY A 254 -29.54 42.23 -15.32
CA GLY A 254 -29.98 43.33 -14.44
C GLY A 254 -29.00 43.70 -13.36
N ILE A 255 -27.79 43.14 -13.48
CA ILE A 255 -26.76 43.34 -12.46
C ILE A 255 -25.85 44.51 -12.84
N ASP A 256 -25.82 45.53 -11.97
CA ASP A 256 -24.90 46.64 -12.12
C ASP A 256 -23.48 46.14 -12.48
N THR A 257 -23.01 46.43 -13.69
CA THR A 257 -21.59 46.27 -14.04
C THR A 257 -20.67 46.27 -12.81
N ALA A 258 -20.88 47.26 -11.94
CA ALA A 258 -20.04 47.45 -10.76
C ALA A 258 -20.14 46.29 -9.77
N ASN A 259 -21.25 45.55 -9.86
CA ASN A 259 -21.51 44.35 -9.08
C ASN A 259 -20.97 43.09 -9.76
N MET A 260 -20.04 43.23 -10.71
CA MET A 260 -19.51 42.03 -11.34
C MET A 260 -18.06 41.78 -10.97
N PHE A 261 -17.81 40.67 -10.29
CA PHE A 261 -16.46 40.32 -9.84
C PHE A 261 -15.83 39.30 -10.79
N GLU A 262 -14.81 39.72 -11.53
CA GLU A 262 -14.33 38.96 -12.67
C GLU A 262 -13.23 37.95 -12.31
N PHE A 263 -13.08 36.94 -13.14
CA PHE A 263 -11.90 36.09 -13.08
C PHE A 263 -11.55 35.73 -14.50
N TRP A 264 -10.58 34.86 -14.68
CA TRP A 264 -9.94 34.75 -15.97
C TRP A 264 -9.91 33.31 -16.46
N ASP A 265 -9.67 33.14 -17.77
CA ASP A 265 -9.84 31.83 -18.41
C ASP A 265 -8.85 30.81 -17.86
N TRP A 266 -7.68 31.30 -17.43
CA TRP A 266 -6.64 30.47 -16.82
C TRP A 266 -6.95 30.11 -15.36
N VAL A 267 -8.19 30.37 -14.94
CA VAL A 267 -8.70 29.88 -13.66
C VAL A 267 -9.70 28.75 -13.90
N GLY A 268 -9.26 27.50 -13.71
CA GLY A 268 -10.16 26.36 -13.77
C GLY A 268 -11.25 26.47 -12.72
N GLY A 269 -12.48 26.13 -13.10
CA GLY A 269 -13.61 26.03 -12.18
C GLY A 269 -13.29 25.31 -10.88
N ARG A 270 -12.64 24.14 -10.99
CA ARG A 270 -12.35 23.30 -9.82
C ARG A 270 -11.12 23.80 -9.07
N TYR A 271 -10.56 24.90 -9.56
CA TYR A 271 -9.44 25.56 -8.91
C TYR A 271 -9.78 27.05 -8.69
N SER A 272 -11.06 27.36 -8.50
CA SER A 272 -11.50 28.73 -8.58
C SER A 272 -11.90 29.37 -7.26
N LEU A 273 -12.08 28.59 -6.19
CA LEU A 273 -12.50 29.20 -4.92
C LEU A 273 -11.57 30.35 -4.49
N TRP A 274 -10.36 30.34 -5.04
CA TRP A 274 -9.31 31.31 -4.68
C TRP A 274 -9.56 32.67 -5.31
N SER A 275 -10.46 32.71 -6.30
CA SER A 275 -10.70 33.92 -7.07
C SER A 275 -11.98 34.59 -6.65
N ALA A 276 -12.57 35.35 -7.57
CA ALA A 276 -13.86 36.01 -7.37
C ALA A 276 -14.93 35.04 -6.91
N ILE A 277 -14.83 33.80 -7.38
CA ILE A 277 -15.78 32.72 -7.01
C ILE A 277 -15.82 32.51 -5.48
N GLY A 278 -14.71 32.86 -4.82
CA GLY A 278 -14.65 32.79 -3.35
C GLY A 278 -15.31 33.92 -2.57
N LEU A 279 -16.04 34.80 -3.23
CA LEU A 279 -16.72 35.91 -2.53
C LEU A 279 -17.61 35.41 -1.38
N SER A 280 -18.32 34.30 -1.56
CA SER A 280 -19.19 33.87 -0.46
C SER A 280 -18.33 33.52 0.74
N ILE A 281 -17.11 33.08 0.49
CA ILE A 281 -16.16 32.87 1.58
C ILE A 281 -15.81 34.21 2.27
N VAL A 282 -15.43 35.21 1.48
CA VAL A 282 -15.16 36.56 2.00
C VAL A 282 -16.35 37.10 2.82
N LEU A 283 -17.56 36.96 2.32
CA LEU A 283 -18.74 37.47 3.03
C LEU A 283 -18.99 36.73 4.34
N SER A 284 -18.61 35.45 4.40
CA SER A 284 -18.90 34.62 5.55
C SER A 284 -17.96 34.84 6.73
N ILE A 285 -16.65 34.87 6.44
CA ILE A 285 -15.59 34.88 7.48
C ILE A 285 -14.74 36.15 7.40
N GLY A 286 -15.02 37.01 6.41
CA GLY A 286 -14.37 38.31 6.31
C GLY A 286 -13.14 38.26 5.43
N PHE A 287 -12.71 39.42 4.95
CA PHE A 287 -11.61 39.49 3.97
C PHE A 287 -10.25 39.06 4.53
N ASP A 288 -9.96 39.42 5.77
CA ASP A 288 -8.70 39.03 6.38
C ASP A 288 -8.51 37.50 6.42
N ASN A 289 -9.57 36.77 6.76
CA ASN A 289 -9.46 35.34 6.87
C ASN A 289 -9.37 34.73 5.49
N PHE A 290 -10.09 35.31 4.53
CA PHE A 290 -9.91 34.89 3.15
C PHE A 290 -8.45 35.08 2.74
N VAL A 291 -7.87 36.23 3.05
CA VAL A 291 -6.45 36.44 2.73
C VAL A 291 -5.50 35.46 3.45
N GLU A 292 -5.90 35.03 4.65
CA GLU A 292 -5.18 34.00 5.36
C GLU A 292 -5.31 32.66 4.61
N LEU A 293 -6.50 32.38 4.05
CA LEU A 293 -6.71 31.21 3.19
C LEU A 293 -5.81 31.23 1.94
N LEU A 294 -5.76 32.37 1.28
CA LEU A 294 -4.83 32.58 0.17
C LEU A 294 -3.38 32.39 0.61
N SER A 295 -3.04 32.93 1.77
CA SER A 295 -1.65 32.88 2.24
C SER A 295 -1.17 31.44 2.49
N GLY A 296 -2.09 30.57 2.97
CA GLY A 296 -1.79 29.19 3.27
C GLY A 296 -1.52 28.44 1.97
N ALA A 297 -2.37 28.64 0.97
CA ALA A 297 -2.12 28.04 -0.34
C ALA A 297 -0.76 28.54 -0.86
N HIS A 298 -0.55 29.85 -0.81
CA HIS A 298 0.74 30.41 -1.24
C HIS A 298 1.98 29.75 -0.61
N ALA A 299 1.94 29.51 0.69
CA ALA A 299 3.05 28.92 1.38
C ALA A 299 3.27 27.49 0.88
N MET A 300 2.16 26.82 0.55
CA MET A 300 2.21 25.47 0.02
C MET A 300 2.64 25.52 -1.42
N ASP A 301 2.25 26.56 -2.16
CA ASP A 301 2.73 26.72 -3.54
C ASP A 301 4.26 26.86 -3.50
N LYS A 302 4.76 27.66 -2.57
CA LYS A 302 6.20 27.85 -2.39
C LYS A 302 6.93 26.53 -2.10
N HIS A 303 6.41 25.78 -1.12
CA HIS A 303 6.92 24.46 -0.76
C HIS A 303 7.02 23.56 -1.99
N PHE A 304 5.97 23.54 -2.79
CA PHE A 304 5.88 22.62 -3.94
C PHE A 304 6.88 23.01 -5.03
N SER A 305 7.04 24.31 -5.27
CA SER A 305 7.87 24.76 -6.38
C SER A 305 9.35 24.85 -6.04
N THR A 306 9.70 24.84 -4.76
CA THR A 306 11.13 24.99 -4.37
C THR A 306 11.75 23.82 -3.56
N THR A 307 10.94 22.93 -3.02
CA THR A 307 11.47 21.82 -2.21
C THR A 307 11.95 20.66 -3.08
N PRO A 308 13.14 20.10 -2.76
CA PRO A 308 13.69 18.92 -3.44
C PRO A 308 12.73 17.75 -3.32
N ALA A 309 12.61 16.96 -4.38
CA ALA A 309 11.52 15.99 -4.52
C ALA A 309 11.33 15.02 -3.33
N GLU A 310 12.44 14.59 -2.75
CA GLU A 310 12.43 13.66 -1.62
C GLU A 310 11.79 14.22 -0.34
N LYS A 311 11.67 15.54 -0.26
CA LYS A 311 11.08 16.17 0.91
C LYS A 311 9.87 16.98 0.47
N ASN A 312 9.46 16.81 -0.78
CA ASN A 312 8.33 17.56 -1.37
C ASN A 312 7.02 16.80 -1.14
N LEU A 313 6.18 17.31 -0.25
CA LEU A 313 4.98 16.59 0.16
C LEU A 313 3.95 16.33 -0.97
N PRO A 314 3.58 17.36 -1.75
CA PRO A 314 2.68 17.00 -2.86
C PRO A 314 3.18 15.86 -3.76
N VAL A 315 4.49 15.83 -4.02
CA VAL A 315 5.14 14.80 -4.83
C VAL A 315 5.12 13.45 -4.12
N LEU A 316 5.48 13.44 -2.83
CA LEU A 316 5.53 12.19 -2.11
C LEU A 316 4.15 11.52 -2.14
N LEU A 317 3.11 12.28 -1.83
CA LEU A 317 1.75 11.72 -1.79
C LEU A 317 1.30 11.27 -3.19
N ALA A 318 1.66 12.06 -4.20
CA ALA A 318 1.39 11.74 -5.59
C ALA A 318 2.02 10.42 -5.98
N LEU A 319 3.31 10.26 -5.67
CA LEU A 319 4.06 9.05 -5.98
C LEU A 319 3.50 7.81 -5.25
N ILE A 320 3.14 7.98 -3.98
CA ILE A 320 2.57 6.87 -3.22
C ILE A 320 1.21 6.49 -3.83
N GLY A 321 0.43 7.50 -4.20
CA GLY A 321 -0.84 7.30 -4.92
C GLY A 321 -0.67 6.50 -6.20
N ILE A 322 0.39 6.79 -6.93
CA ILE A 322 0.65 6.07 -8.18
C ILE A 322 1.03 4.61 -7.92
N TRP A 323 1.89 4.36 -6.94
CA TRP A 323 2.20 2.99 -6.51
C TRP A 323 0.90 2.15 -6.35
N TYR A 324 -0.11 2.67 -5.67
CA TYR A 324 -1.34 1.86 -5.48
C TYR A 324 -2.22 1.88 -6.73
N ASN A 325 -2.38 3.07 -7.31
CA ASN A 325 -3.25 3.22 -8.47
C ASN A 325 -2.75 2.36 -9.63
N ASN A 326 -1.44 2.38 -9.87
CA ASN A 326 -0.90 1.79 -11.10
C ASN A 326 -0.22 0.45 -10.91
N PHE A 327 0.24 0.14 -9.71
CA PHE A 327 0.92 -1.12 -9.51
C PHE A 327 0.07 -2.16 -8.74
N PHE A 328 -0.61 -1.72 -7.70
CA PHE A 328 -1.57 -2.57 -7.00
C PHE A 328 -2.92 -2.60 -7.74
N GLY A 329 -3.19 -1.57 -8.54
CA GLY A 329 -4.47 -1.48 -9.27
C GLY A 329 -5.70 -1.20 -8.44
N ALA A 330 -5.53 -0.62 -7.26
CA ALA A 330 -6.67 -0.13 -6.48
C ALA A 330 -7.35 1.02 -7.22
N GLU A 331 -8.68 1.02 -7.24
CA GLU A 331 -9.44 2.00 -8.05
C GLU A 331 -9.77 3.28 -7.31
N THR A 332 -9.76 3.22 -5.99
CA THR A 332 -10.30 4.30 -5.20
C THR A 332 -9.28 4.87 -4.24
N GLU A 333 -9.57 6.06 -3.72
CA GLU A 333 -8.88 6.62 -2.57
C GLU A 333 -9.94 7.22 -1.69
N ALA A 334 -9.85 6.91 -0.39
CA ALA A 334 -10.73 7.46 0.63
C ALA A 334 -10.06 8.64 1.30
N ILE A 335 -10.81 9.72 1.46
CA ILE A 335 -10.33 10.88 2.24
C ILE A 335 -11.22 10.99 3.45
N LEU A 336 -10.62 10.88 4.62
CA LEU A 336 -11.38 10.77 5.89
C LEU A 336 -10.94 11.79 6.95
N PRO A 337 -11.49 13.02 6.90
CA PRO A 337 -11.13 13.96 7.93
C PRO A 337 -11.87 13.71 9.23
N TYR A 338 -11.12 13.62 10.32
CA TYR A 338 -11.74 13.52 11.63
C TYR A 338 -12.14 14.91 12.11
N ASP A 339 -13.15 15.47 11.42
CA ASP A 339 -13.56 16.83 11.67
C ASP A 339 -14.92 17.10 11.02
N GLN A 340 -15.94 17.27 11.85
CA GLN A 340 -17.28 17.47 11.32
C GLN A 340 -17.40 18.69 10.40
N TYR A 341 -16.76 19.80 10.76
CA TYR A 341 -16.78 20.99 9.91
C TYR A 341 -16.34 20.71 8.46
N MET A 342 -15.35 19.81 8.33
CA MET A 342 -14.79 19.43 7.04
C MET A 342 -15.59 18.35 6.34
N HIS A 343 -16.90 18.27 6.65
CA HIS A 343 -17.73 17.18 6.12
C HIS A 343 -17.90 17.23 4.60
N ARG A 344 -17.40 18.27 3.94
CA ARG A 344 -17.57 18.38 2.47
C ARG A 344 -16.23 18.31 1.73
N PHE A 345 -15.17 18.00 2.47
CA PHE A 345 -13.81 18.05 1.92
C PHE A 345 -13.62 16.93 0.90
N ALA A 346 -14.10 15.73 1.23
CA ALA A 346 -13.99 14.61 0.28
C ALA A 346 -14.76 14.94 -0.99
N ALA A 347 -15.93 15.56 -0.86
CA ALA A 347 -16.79 15.86 -2.00
C ALA A 347 -16.14 16.87 -2.94
N TYR A 348 -15.50 17.87 -2.35
CA TYR A 348 -14.76 18.87 -3.09
C TYR A 348 -13.73 18.16 -3.93
N PHE A 349 -12.94 17.30 -3.30
CA PHE A 349 -11.92 16.60 -4.05
C PHE A 349 -12.39 15.54 -5.06
N GLN A 350 -13.66 15.15 -5.01
CA GLN A 350 -14.20 14.35 -6.08
C GLN A 350 -14.14 15.11 -7.41
N GLN A 351 -14.36 16.43 -7.36
CA GLN A 351 -14.18 17.26 -8.56
C GLN A 351 -12.71 17.65 -8.75
N GLY A 352 -12.09 18.18 -7.71
CA GLY A 352 -10.67 18.52 -7.80
C GLY A 352 -9.85 17.41 -8.46
N ASN A 353 -10.14 16.16 -8.09
CA ASN A 353 -9.29 15.04 -8.51
C ASN A 353 -9.83 14.38 -9.75
N MET A 354 -11.08 13.92 -9.67
CA MET A 354 -11.68 13.09 -10.70
C MET A 354 -11.94 13.87 -11.99
N GLU A 355 -12.38 15.12 -11.89
CA GLU A 355 -12.53 15.92 -13.12
C GLU A 355 -11.17 16.31 -13.72
N SER A 356 -10.13 16.40 -12.89
CA SER A 356 -8.80 16.70 -13.42
C SER A 356 -8.22 15.48 -14.13
N ASN A 357 -8.12 14.37 -13.40
CA ASN A 357 -7.37 13.22 -13.88
C ASN A 357 -8.17 12.03 -14.39
N GLY A 358 -9.49 12.14 -14.38
CA GLY A 358 -10.37 11.12 -14.99
C GLY A 358 -10.35 11.17 -16.51
N LYS A 359 -9.23 10.79 -17.10
CA LYS A 359 -8.99 11.05 -18.52
C LYS A 359 -8.46 9.76 -19.16
N TYR A 360 -8.54 9.65 -20.48
CA TYR A 360 -8.02 8.43 -21.14
C TYR A 360 -7.21 8.73 -22.39
N VAL A 361 -7.09 10.01 -22.75
CA VAL A 361 -6.30 10.35 -23.93
C VAL A 361 -5.09 11.18 -23.48
N ASP A 362 -3.90 10.70 -23.82
CA ASP A 362 -2.66 11.33 -23.34
C ASP A 362 -2.31 12.70 -23.96
N ARG A 363 -1.26 13.32 -23.47
CA ARG A 363 -0.95 14.67 -23.96
C ARG A 363 -0.55 14.71 -25.42
N ASN A 364 -0.20 13.56 -25.98
CA ASN A 364 0.16 13.45 -27.39
C ASN A 364 -1.04 13.12 -28.26
N GLY A 365 -2.23 13.08 -27.65
CA GLY A 365 -3.48 12.69 -28.32
C GLY A 365 -3.72 11.20 -28.55
N ASN A 366 -3.06 10.33 -27.79
CA ASN A 366 -3.22 8.88 -27.97
C ASN A 366 -3.95 8.23 -26.79
N VAL A 367 -4.94 7.36 -27.07
CA VAL A 367 -5.62 6.61 -26.02
C VAL A 367 -4.61 5.83 -25.15
N VAL A 368 -4.78 5.90 -23.83
CA VAL A 368 -3.86 5.22 -22.92
C VAL A 368 -4.26 3.76 -22.74
N ASP A 369 -3.32 2.94 -22.30
CA ASP A 369 -3.65 1.56 -21.93
C ASP A 369 -3.17 1.27 -20.50
N TYR A 370 -3.22 2.27 -19.64
CA TYR A 370 -2.83 2.11 -18.25
C TYR A 370 -3.82 2.98 -17.48
N GLN A 371 -3.79 2.88 -16.16
CA GLN A 371 -4.75 3.57 -15.32
C GLN A 371 -4.44 5.07 -15.21
N THR A 372 -5.48 5.90 -15.27
CA THR A 372 -5.34 7.30 -14.87
C THR A 372 -5.91 7.56 -13.46
N GLY A 373 -6.59 8.68 -13.27
CA GLY A 373 -7.00 9.08 -11.93
C GLY A 373 -7.90 8.10 -11.18
N PRO A 374 -7.78 8.07 -9.84
CA PRO A 374 -8.60 7.24 -9.00
C PRO A 374 -9.98 7.85 -8.67
N ILE A 375 -10.86 6.99 -8.17
CA ILE A 375 -12.15 7.37 -7.64
C ILE A 375 -11.96 7.83 -6.19
N ILE A 376 -12.35 9.07 -5.92
CA ILE A 376 -12.23 9.66 -4.58
C ILE A 376 -13.57 9.58 -3.88
N TRP A 377 -13.55 9.19 -2.61
CA TRP A 377 -14.76 9.20 -1.78
C TRP A 377 -14.42 9.29 -0.29
N GLY A 378 -15.44 9.33 0.55
CA GLY A 378 -15.23 9.30 1.99
C GLY A 378 -16.22 10.18 2.72
N GLU A 379 -16.32 9.97 4.03
CA GLU A 379 -17.10 10.79 4.93
C GLU A 379 -16.18 11.06 6.10
N PRO A 380 -16.46 12.13 6.87
CA PRO A 380 -15.55 12.44 7.96
C PRO A 380 -15.70 11.45 9.09
N GLY A 381 -14.63 11.26 9.86
CA GLY A 381 -14.73 10.47 11.09
C GLY A 381 -15.48 11.27 12.16
N THR A 382 -16.11 10.58 13.11
CA THR A 382 -16.20 9.14 13.17
C THR A 382 -17.37 8.58 12.34
N ASN A 383 -18.04 9.44 11.58
CA ASN A 383 -19.25 9.05 10.83
C ASN A 383 -18.97 7.94 9.80
N GLY A 384 -18.02 8.19 8.91
CA GLY A 384 -17.60 7.20 7.93
C GLY A 384 -17.24 5.92 8.65
N GLN A 385 -16.60 6.09 9.81
CA GLN A 385 -16.08 4.96 10.57
C GLN A 385 -17.17 3.93 10.89
N HIS A 386 -18.36 4.42 11.25
CA HIS A 386 -19.46 3.52 11.59
C HIS A 386 -20.36 3.20 10.42
N ALA A 387 -19.98 3.61 9.22
CA ALA A 387 -20.75 3.27 8.05
C ALA A 387 -20.10 2.13 7.27
N PHE A 388 -18.88 2.36 6.81
CA PHE A 388 -18.29 1.55 5.75
C PHE A 388 -16.89 1.01 6.06
N TYR A 389 -16.32 1.33 7.23
CA TYR A 389 -14.96 0.82 7.56
C TYR A 389 -14.91 -0.73 7.59
N GLN A 390 -16.00 -1.39 7.93
CA GLN A 390 -16.05 -2.87 7.86
C GLN A 390 -15.35 -3.37 6.61
N LEU A 391 -15.75 -2.79 5.47
CA LEU A 391 -15.20 -3.20 4.17
C LEU A 391 -13.73 -2.83 4.03
N ILE A 392 -13.35 -1.67 4.56
CA ILE A 392 -11.95 -1.24 4.48
C ILE A 392 -11.05 -2.21 5.29
N HIS A 393 -11.56 -2.73 6.42
CA HIS A 393 -10.78 -3.69 7.20
C HIS A 393 -10.86 -5.11 6.66
N GLN A 394 -12.04 -5.53 6.19
CA GLN A 394 -12.25 -6.97 5.95
C GLN A 394 -12.91 -7.27 4.62
N GLY A 395 -12.82 -6.32 3.69
CA GLY A 395 -13.39 -6.55 2.35
C GLY A 395 -12.34 -7.15 1.43
N THR A 396 -12.62 -7.17 0.14
CA THR A 396 -11.66 -7.71 -0.82
C THR A 396 -11.09 -6.64 -1.76
N LYS A 397 -11.30 -5.38 -1.42
CA LYS A 397 -10.76 -4.28 -2.20
C LYS A 397 -9.83 -3.49 -1.31
N MET A 398 -8.65 -3.16 -1.83
CA MET A 398 -7.70 -2.41 -1.03
C MET A 398 -8.01 -0.93 -1.16
N VAL A 399 -8.28 -0.28 -0.06
CA VAL A 399 -8.61 1.15 -0.16
C VAL A 399 -7.60 2.02 0.59
N PRO A 400 -6.68 2.67 -0.14
CA PRO A 400 -5.79 3.57 0.58
C PRO A 400 -6.61 4.73 1.18
N CYS A 401 -6.36 5.03 2.44
CA CYS A 401 -7.03 6.12 3.13
C CYS A 401 -6.06 7.26 3.56
N ASP A 402 -6.53 8.50 3.46
CA ASP A 402 -5.93 9.65 4.15
C ASP A 402 -6.80 10.04 5.33
N PHE A 403 -6.25 9.84 6.51
CA PHE A 403 -6.87 10.28 7.76
C PHE A 403 -6.30 11.66 8.07
N ILE A 404 -7.21 12.60 8.32
CA ILE A 404 -6.80 13.96 8.64
C ILE A 404 -7.46 14.42 9.95
N ALA A 405 -6.68 15.14 10.77
CA ALA A 405 -7.15 15.59 12.07
C ALA A 405 -6.38 16.78 12.62
N PRO A 406 -7.07 17.70 13.30
CA PRO A 406 -6.40 18.80 13.99
C PRO A 406 -6.16 18.41 15.45
N ALA A 407 -5.02 18.79 16.01
CA ALA A 407 -4.76 18.59 17.43
C ALA A 407 -5.70 19.42 18.33
N ILE A 408 -6.17 20.55 17.81
CA ILE A 408 -7.01 21.46 18.58
C ILE A 408 -8.38 21.57 17.93
N THR A 409 -9.42 21.36 18.72
CA THR A 409 -10.80 21.61 18.28
C THR A 409 -11.25 23.05 18.55
N HIS A 410 -12.19 23.53 17.74
CA HIS A 410 -12.83 24.82 17.94
C HIS A 410 -14.00 24.71 18.89
N ASN A 411 -14.49 23.49 19.10
CA ASN A 411 -15.59 23.22 20.03
C ASN A 411 -15.23 22.28 21.20
N PRO A 412 -14.33 22.72 22.08
CA PRO A 412 -13.90 21.81 23.15
C PRO A 412 -15.04 21.51 24.13
N LEU A 413 -15.38 20.23 24.28
CA LEU A 413 -16.40 19.78 25.22
C LEU A 413 -15.92 18.52 25.87
N SER A 414 -16.13 18.41 27.19
CA SER A 414 -15.72 17.24 27.98
C SER A 414 -14.44 16.63 27.46
N ASP A 415 -14.55 15.36 27.09
CA ASP A 415 -13.47 14.65 26.45
C ASP A 415 -13.82 14.26 25.02
N HIS A 416 -14.69 15.01 24.37
CA HIS A 416 -15.01 14.69 22.97
C HIS A 416 -13.77 14.56 22.08
N HIS A 417 -12.87 15.54 22.15
CA HIS A 417 -11.80 15.56 21.16
C HIS A 417 -10.83 14.40 21.33
N GLN A 418 -10.53 14.06 22.58
CA GLN A 418 -9.60 12.97 22.88
C GLN A 418 -10.19 11.66 22.42
N LYS A 419 -11.49 11.49 22.62
CA LYS A 419 -12.22 10.39 22.03
C LYS A 419 -12.13 10.45 20.50
N LEU A 420 -12.35 11.61 19.91
CA LEU A 420 -12.23 11.68 18.45
C LEU A 420 -10.81 11.28 17.98
N LEU A 421 -9.79 11.89 18.57
CA LEU A 421 -8.42 11.59 18.18
C LEU A 421 -8.03 10.13 18.43
N SER A 422 -8.47 9.56 19.56
CA SER A 422 -8.14 8.16 19.83
C SER A 422 -8.56 7.25 18.67
N ASN A 423 -9.68 7.54 18.03
CA ASN A 423 -10.11 6.77 16.84
C ASN A 423 -9.22 7.03 15.64
N PHE A 424 -8.88 8.31 15.44
CA PHE A 424 -7.92 8.76 14.41
C PHE A 424 -6.63 7.96 14.44
N PHE A 425 -6.03 7.83 15.62
CA PHE A 425 -4.81 7.06 15.75
C PHE A 425 -5.08 5.58 15.63
N ALA A 426 -6.22 5.11 16.17
CA ALA A 426 -6.44 3.67 16.33
C ALA A 426 -6.76 2.98 15.01
N GLN A 427 -7.52 3.68 14.18
CA GLN A 427 -7.98 3.11 12.90
C GLN A 427 -6.85 2.78 11.94
N THR A 428 -5.81 3.63 11.92
CA THR A 428 -4.67 3.41 11.00
C THR A 428 -3.73 2.31 11.53
N GLU A 429 -3.54 2.33 12.84
CA GLU A 429 -2.88 1.25 13.52
C GLU A 429 -3.56 -0.09 13.22
N ALA A 430 -4.88 -0.14 13.38
CA ALA A 430 -5.71 -1.33 13.03
C ALA A 430 -5.54 -1.76 11.59
N LEU A 431 -5.70 -0.81 10.67
CA LEU A 431 -5.56 -1.11 9.23
C LEU A 431 -4.20 -1.70 8.89
N ALA A 432 -3.13 -1.15 9.46
CA ALA A 432 -1.77 -1.60 9.13
C ALA A 432 -1.43 -2.99 9.67
N PHE A 433 -1.79 -3.25 10.92
CA PHE A 433 -1.24 -4.40 11.62
C PHE A 433 -2.23 -5.54 11.88
N GLY A 434 -3.52 -5.25 11.87
CA GLY A 434 -4.52 -6.33 11.96
C GLY A 434 -4.49 -7.06 13.30
N LYS A 435 -4.93 -8.30 13.29
CA LYS A 435 -5.13 -9.07 14.51
C LYS A 435 -5.25 -10.52 14.08
N SER A 436 -4.29 -11.33 14.49
CA SER A 436 -4.20 -12.71 14.03
C SER A 436 -5.22 -13.64 14.69
N ARG A 437 -5.45 -14.80 14.09
CA ARG A 437 -6.31 -15.84 14.70
C ARG A 437 -5.85 -16.24 16.13
N GLU A 438 -4.55 -16.23 16.38
CA GLU A 438 -4.07 -16.63 17.68
C GLU A 438 -4.46 -15.61 18.77
N VAL A 439 -4.38 -14.32 18.45
CA VAL A 439 -4.87 -13.30 19.37
C VAL A 439 -6.37 -13.48 19.60
N VAL A 440 -7.12 -13.73 18.53
CA VAL A 440 -8.57 -13.93 18.67
C VAL A 440 -8.83 -15.09 19.62
N GLU A 441 -8.11 -16.19 19.42
CA GLU A 441 -8.30 -17.38 20.22
C GLU A 441 -7.91 -17.14 21.68
N GLN A 442 -6.79 -16.45 21.87
CA GLN A 442 -6.32 -16.10 23.22
C GLN A 442 -7.28 -15.20 24.01
N GLU A 443 -8.06 -14.39 23.32
CA GLU A 443 -9.05 -13.54 24.00
C GLU A 443 -10.18 -14.41 24.53
N TYR A 444 -10.55 -15.42 23.76
CA TYR A 444 -11.57 -16.35 24.17
C TYR A 444 -11.11 -17.20 25.34
N ARG A 445 -9.81 -17.55 25.37
CA ARG A 445 -9.26 -18.31 26.50
C ARG A 445 -9.25 -17.45 27.76
N ASP A 446 -8.91 -16.17 27.62
CA ASP A 446 -8.83 -15.27 28.76
C ASP A 446 -10.19 -15.09 29.45
N GLN A 447 -11.25 -15.47 28.74
CA GLN A 447 -12.64 -15.51 29.23
C GLN A 447 -13.06 -16.89 29.75
N GLY A 448 -12.15 -17.85 29.68
CA GLY A 448 -12.41 -19.19 30.19
C GLY A 448 -13.22 -19.99 29.20
N LYS A 449 -13.06 -19.66 27.92
CA LYS A 449 -13.76 -20.39 26.87
C LYS A 449 -12.78 -21.14 26.01
N ASP A 450 -13.26 -22.24 25.46
CA ASP A 450 -12.47 -23.09 24.63
C ASP A 450 -12.68 -22.71 23.16
N PRO A 451 -11.69 -22.04 22.53
CA PRO A 451 -11.91 -21.56 21.16
C PRO A 451 -12.20 -22.69 20.18
N ALA A 452 -11.92 -23.93 20.54
CA ALA A 452 -12.16 -25.07 19.65
C ALA A 452 -13.63 -25.30 19.46
N THR A 453 -14.45 -24.73 20.34
CA THR A 453 -15.88 -24.89 20.19
C THR A 453 -16.47 -23.67 19.48
N LEU A 454 -15.61 -22.78 19.00
CA LEU A 454 -16.09 -21.51 18.45
C LEU A 454 -15.65 -21.29 17.02
N ASP A 455 -15.54 -22.38 16.27
CA ASP A 455 -15.15 -22.26 14.90
C ASP A 455 -16.21 -21.50 14.07
N TYR A 456 -17.43 -21.41 14.60
CA TYR A 456 -18.54 -20.72 13.93
C TYR A 456 -18.35 -19.20 13.88
N VAL A 457 -17.49 -18.67 14.76
CA VAL A 457 -17.24 -17.23 14.94
C VAL A 457 -15.75 -16.85 14.78
N VAL A 458 -14.84 -17.66 15.33
CA VAL A 458 -13.39 -17.32 15.35
C VAL A 458 -12.74 -16.81 14.02
N PRO A 459 -12.95 -17.54 12.90
CA PRO A 459 -12.27 -17.15 11.66
C PRO A 459 -12.74 -15.75 11.16
N PHE A 460 -13.96 -15.37 11.50
CA PHE A 460 -14.52 -14.09 11.09
C PHE A 460 -14.00 -12.89 11.90
N LYS A 461 -13.26 -13.15 12.98
CA LYS A 461 -12.80 -12.04 13.81
C LYS A 461 -11.32 -11.70 13.52
N VAL A 462 -10.73 -12.44 12.58
CA VAL A 462 -9.37 -12.21 12.17
C VAL A 462 -9.24 -10.99 11.27
N PHE A 463 -8.31 -10.10 11.61
CA PHE A 463 -7.99 -8.94 10.75
C PHE A 463 -6.62 -9.18 10.08
N GLU A 464 -6.60 -9.34 8.76
CA GLU A 464 -5.34 -9.50 8.03
C GLU A 464 -4.45 -8.27 8.10
N GLY A 465 -5.04 -7.09 8.24
CA GLY A 465 -4.23 -5.89 8.21
C GLY A 465 -3.56 -5.68 6.85
N ASN A 466 -2.36 -5.12 6.92
CA ASN A 466 -1.58 -4.75 5.77
C ASN A 466 -2.30 -3.76 4.86
N ARG A 467 -3.14 -2.92 5.45
CA ARG A 467 -3.91 -1.94 4.68
C ARG A 467 -3.35 -0.51 4.84
N PRO A 468 -2.92 0.13 3.73
CA PRO A 468 -2.09 1.30 3.85
C PRO A 468 -2.88 2.60 4.13
N THR A 469 -2.22 3.54 4.79
CA THR A 469 -2.81 4.84 5.09
C THR A 469 -1.75 5.92 5.11
N ASN A 470 -2.22 7.16 4.92
CA ASN A 470 -1.48 8.33 5.35
C ASN A 470 -2.22 8.98 6.48
N SER A 471 -1.49 9.61 7.38
CA SER A 471 -2.14 10.37 8.44
C SER A 471 -1.61 11.77 8.34
N ILE A 472 -2.51 12.76 8.38
CA ILE A 472 -2.15 14.15 8.34
C ILE A 472 -2.69 14.79 9.61
N LEU A 473 -1.76 15.20 10.47
CA LEU A 473 -2.08 15.92 11.70
C LEU A 473 -1.70 17.38 11.57
N LEU A 474 -2.67 18.26 11.78
CA LEU A 474 -2.45 19.70 11.85
C LEU A 474 -2.66 20.20 13.28
N ARG A 475 -2.13 21.39 13.56
CA ARG A 475 -2.24 21.92 14.89
C ARG A 475 -3.71 22.18 15.10
N GLU A 476 -4.35 22.63 14.02
CA GLU A 476 -5.67 23.24 14.07
C GLU A 476 -6.16 23.58 12.67
N ILE A 477 -7.45 23.40 12.40
CA ILE A 477 -7.96 23.88 11.12
C ILE A 477 -8.20 25.38 11.19
N THR A 478 -7.27 26.14 10.59
CA THR A 478 -7.38 27.59 10.44
C THR A 478 -7.56 27.93 8.94
N PRO A 479 -8.06 29.14 8.60
CA PRO A 479 -8.06 29.51 7.19
C PRO A 479 -6.70 29.21 6.51
N PHE A 480 -5.61 29.60 7.19
CA PHE A 480 -4.28 29.38 6.64
C PHE A 480 -3.96 27.89 6.47
N SER A 481 -4.14 27.09 7.52
CA SER A 481 -3.82 25.66 7.41
C SER A 481 -4.72 24.93 6.39
N LEU A 482 -5.99 25.30 6.34
CA LEU A 482 -6.93 24.75 5.36
C LEU A 482 -6.49 25.10 3.93
N GLY A 483 -6.07 26.36 3.76
CA GLY A 483 -5.56 26.83 2.47
C GLY A 483 -4.41 25.94 2.05
N ALA A 484 -3.52 25.68 2.99
CA ALA A 484 -2.35 24.84 2.74
C ALA A 484 -2.79 23.41 2.42
N LEU A 485 -3.72 22.89 3.19
CA LEU A 485 -4.20 21.53 2.96
C LEU A 485 -4.85 21.39 1.59
N ILE A 486 -5.64 22.37 1.17
CA ILE A 486 -6.25 22.23 -0.16
C ILE A 486 -5.19 22.21 -1.26
N ALA A 487 -4.25 23.14 -1.21
CA ALA A 487 -3.24 23.23 -2.25
C ALA A 487 -2.37 22.01 -2.27
N LEU A 488 -2.21 21.36 -1.10
CA LEU A 488 -1.36 20.19 -1.02
C LEU A 488 -1.89 19.14 -1.98
N TYR A 489 -3.23 19.00 -1.99
CA TYR A 489 -3.90 18.05 -2.87
C TYR A 489 -3.96 18.59 -4.29
N GLU A 490 -4.11 19.91 -4.43
CA GLU A 490 -4.13 20.47 -5.75
C GLU A 490 -2.88 20.04 -6.48
N HIS A 491 -1.75 20.09 -5.77
CA HIS A 491 -0.42 19.80 -6.35
C HIS A 491 -0.06 18.34 -6.45
N LYS A 492 -0.60 17.52 -5.54
CA LYS A 492 -0.62 16.05 -5.75
C LYS A 492 -1.29 15.72 -7.06
N ILE A 493 -2.43 16.38 -7.27
CA ILE A 493 -3.24 16.12 -8.44
C ILE A 493 -2.47 16.55 -9.67
N PHE A 494 -1.80 17.70 -9.57
CA PHE A 494 -0.94 18.14 -10.64
C PHE A 494 0.12 17.11 -10.99
N THR A 495 0.84 16.66 -9.97
CA THR A 495 1.96 15.77 -10.10
C THR A 495 1.53 14.45 -10.69
N GLN A 496 0.37 13.96 -10.27
CA GLN A 496 -0.10 12.71 -10.84
C GLN A 496 -0.43 12.89 -12.33
N GLY A 497 -1.05 14.02 -12.69
CA GLY A 497 -1.37 14.30 -14.10
C GLY A 497 -0.14 14.45 -15.00
N VAL A 498 0.94 15.02 -14.48
CA VAL A 498 2.14 15.18 -15.28
C VAL A 498 2.71 13.79 -15.58
N ILE A 499 2.85 12.98 -14.54
CA ILE A 499 3.40 11.64 -14.68
C ILE A 499 2.54 10.72 -15.54
N LEU A 500 1.22 10.79 -15.39
CA LEU A 500 0.35 9.91 -16.16
C LEU A 500 0.17 10.41 -17.59
N ASN A 501 0.82 11.52 -17.91
CA ASN A 501 0.86 12.05 -19.27
C ASN A 501 -0.50 12.42 -19.79
N ILE A 502 -1.31 13.03 -18.93
CA ILE A 502 -2.65 13.46 -19.35
C ILE A 502 -2.80 14.97 -19.10
N PHE A 503 -3.96 15.51 -19.50
CA PHE A 503 -4.28 16.91 -19.33
C PHE A 503 -5.21 17.09 -18.14
N THR A 504 -4.63 17.59 -17.06
CA THR A 504 -5.26 17.73 -15.78
C THR A 504 -6.26 18.88 -15.72
N PHE A 505 -6.23 19.79 -16.71
CA PHE A 505 -6.98 21.06 -16.58
C PHE A 505 -8.10 21.33 -17.59
N ASP A 506 -8.39 20.38 -18.47
CA ASP A 506 -9.55 20.55 -19.30
C ASP A 506 -10.66 19.61 -18.81
N GLN A 507 -11.75 19.52 -19.56
CA GLN A 507 -12.85 18.67 -19.11
C GLN A 507 -13.85 18.49 -20.22
N TRP A 508 -13.38 18.03 -21.37
CA TRP A 508 -14.23 17.78 -22.51
C TRP A 508 -15.24 16.66 -22.23
N GLY A 509 -15.05 15.94 -21.12
CA GLY A 509 -15.86 14.75 -20.86
C GLY A 509 -17.24 15.08 -20.36
N VAL A 510 -17.47 16.36 -20.10
CA VAL A 510 -18.77 16.83 -19.64
C VAL A 510 -19.71 17.21 -20.82
N GLU A 511 -19.14 17.31 -22.02
CA GLU A 511 -19.89 17.80 -23.17
C GLU A 511 -21.02 16.94 -23.65
N LEU A 512 -20.80 15.64 -23.80
CA LEU A 512 -21.80 14.81 -24.44
C LEU A 512 -23.14 14.81 -23.69
N GLY A 513 -23.10 14.72 -22.38
CA GLY A 513 -24.34 14.74 -21.60
C GLY A 513 -25.10 16.03 -21.69
N LYS A 514 -24.39 17.17 -21.71
CA LYS A 514 -25.06 18.45 -21.94
C LYS A 514 -25.68 18.48 -23.34
N GLN A 515 -24.96 18.00 -24.33
CA GLN A 515 -25.51 18.10 -25.68
C GLN A 515 -26.69 17.13 -25.84
N LEU A 516 -26.61 15.97 -25.20
CA LEU A 516 -27.70 15.00 -25.28
C LEU A 516 -28.92 15.48 -24.50
N ALA A 517 -28.69 16.15 -23.37
CA ALA A 517 -29.79 16.72 -22.60
C ALA A 517 -30.40 17.89 -23.36
N ASN A 518 -29.56 18.62 -24.09
CA ASN A 518 -30.08 19.68 -24.95
C ASN A 518 -31.07 19.20 -26.00
N ARG A 519 -30.79 18.06 -26.63
CA ARG A 519 -31.71 17.49 -27.61
C ARG A 519 -32.98 17.03 -26.93
N ILE A 520 -32.86 16.51 -25.71
CA ILE A 520 -34.01 15.94 -25.00
C ILE A 520 -34.99 16.96 -24.41
N LEU A 521 -34.50 18.02 -23.78
CA LEU A 521 -35.40 19.00 -23.17
C LEU A 521 -36.63 19.38 -24.04
N PRO A 522 -36.40 19.82 -25.30
CA PRO A 522 -37.57 20.24 -26.11
C PRO A 522 -38.61 19.11 -26.32
N GLU A 523 -38.11 17.89 -26.46
CA GLU A 523 -38.97 16.72 -26.56
C GLU A 523 -39.86 16.49 -25.35
N LEU A 524 -39.50 17.09 -24.22
CA LEU A 524 -40.34 16.97 -23.05
C LEU A 524 -41.49 18.00 -23.06
N LYS A 525 -41.42 18.98 -23.94
CA LYS A 525 -42.40 20.08 -23.94
C LYS A 525 -43.68 19.81 -24.76
N ASP A 526 -43.85 18.60 -25.28
CA ASP A 526 -45.12 18.24 -25.93
C ASP A 526 -45.62 16.93 -25.32
N ASP A 527 -46.86 16.54 -25.65
CA ASP A 527 -47.45 15.32 -25.11
C ASP A 527 -47.26 14.14 -26.05
N LYS A 528 -46.29 14.24 -26.95
CA LYS A 528 -46.03 13.23 -27.99
C LYS A 528 -45.16 12.05 -27.56
N GLU A 529 -45.42 10.88 -28.15
CA GLU A 529 -44.52 9.73 -27.99
C GLU A 529 -43.20 10.04 -28.68
N ILE A 530 -42.10 9.84 -27.96
CA ILE A 530 -40.78 10.12 -28.50
C ILE A 530 -40.19 8.83 -29.07
N SER A 531 -39.52 8.89 -30.24
CA SER A 531 -38.84 7.71 -30.79
C SER A 531 -37.53 7.98 -31.54
N SER A 532 -36.97 9.17 -31.31
CA SER A 532 -35.73 9.58 -31.95
C SER A 532 -34.49 8.98 -31.29
N HIS A 533 -34.66 8.23 -30.19
CA HIS A 533 -33.48 7.69 -29.47
C HIS A 533 -33.41 6.17 -29.52
N ASP A 534 -32.49 5.60 -28.75
CA ASP A 534 -32.48 4.14 -28.59
C ASP A 534 -33.76 3.78 -27.83
N SER A 535 -34.10 2.49 -27.81
CA SER A 535 -35.36 2.03 -27.22
C SER A 535 -35.44 2.25 -25.72
N SER A 536 -34.31 2.33 -25.02
CA SER A 536 -34.31 2.57 -23.55
C SER A 536 -34.65 4.03 -23.18
N THR A 537 -33.88 4.95 -23.75
CA THR A 537 -34.16 6.40 -23.66
C THR A 537 -35.60 6.72 -24.09
N ASN A 538 -36.04 6.16 -25.21
CA ASN A 538 -37.42 6.31 -25.66
C ASN A 538 -38.38 5.80 -24.59
N GLY A 539 -38.09 4.60 -24.07
CA GLY A 539 -38.96 3.96 -23.08
C GLY A 539 -39.11 4.80 -21.83
N LEU A 540 -37.98 5.30 -21.34
CA LEU A 540 -38.00 6.08 -20.10
C LEU A 540 -38.68 7.41 -20.31
N ILE A 541 -38.39 8.08 -21.43
CA ILE A 541 -39.04 9.37 -21.73
C ILE A 541 -40.55 9.21 -21.85
N ASN A 542 -40.99 8.15 -22.49
CA ASN A 542 -42.43 7.93 -22.68
C ASN A 542 -43.15 7.54 -21.40
N ARG A 543 -42.49 6.77 -20.55
CA ARG A 543 -43.06 6.43 -19.24
C ARG A 543 -43.17 7.68 -18.37
N TYR A 544 -42.14 8.52 -18.42
CA TYR A 544 -42.20 9.81 -17.74
C TYR A 544 -43.41 10.61 -18.22
N LYS A 545 -43.61 10.71 -19.51
CA LYS A 545 -44.75 11.50 -19.98
C LYS A 545 -46.05 10.93 -19.43
N ALA A 546 -46.12 9.61 -19.35
CA ALA A 546 -47.31 8.92 -18.84
C ALA A 546 -47.50 9.14 -17.37
N TRP A 547 -46.41 9.36 -16.63
CA TRP A 547 -46.53 9.46 -15.15
C TRP A 547 -46.42 10.89 -14.59
N ARG A 548 -46.11 11.86 -15.44
CA ARG A 548 -45.71 13.18 -14.94
C ARG A 548 -46.91 14.00 -14.54
N GLY A 549 -46.63 15.13 -13.89
CA GLY A 549 -47.56 15.63 -12.90
C GLY A 549 -48.11 17.02 -13.01
N MET B 1 -29.49 -22.77 5.83
CA MET B 1 -29.32 -22.43 4.39
C MET B 1 -27.98 -22.94 3.88
N LYS B 2 -27.89 -23.12 2.56
CA LYS B 2 -26.69 -23.65 1.93
C LYS B 2 -25.55 -22.65 1.89
N ASN B 3 -24.34 -23.20 1.80
CA ASN B 3 -23.11 -22.41 1.80
C ASN B 3 -22.28 -22.82 0.62
N ILE B 4 -22.80 -22.65 -0.57
CA ILE B 4 -22.08 -23.09 -1.74
C ILE B 4 -21.01 -22.09 -2.18
N ASN B 5 -19.81 -22.58 -2.43
CA ASN B 5 -18.74 -21.75 -2.97
C ASN B 5 -19.08 -21.48 -4.44
N PRO B 6 -19.46 -20.24 -4.77
CA PRO B 6 -19.91 -20.00 -6.16
C PRO B 6 -18.86 -20.33 -7.23
N THR B 7 -17.59 -20.24 -6.89
CA THR B 7 -16.55 -20.38 -7.90
C THR B 7 -16.36 -21.86 -8.28
N GLN B 8 -16.94 -22.77 -7.50
CA GLN B 8 -16.81 -24.19 -7.81
C GLN B 8 -18.05 -24.76 -8.50
N THR B 9 -18.95 -23.91 -8.98
CA THR B 9 -20.17 -24.40 -9.63
C THR B 9 -19.96 -24.48 -11.14
N ALA B 10 -20.70 -25.38 -11.80
CA ALA B 10 -20.71 -25.41 -13.25
C ALA B 10 -21.23 -24.06 -13.79
N ALA B 11 -22.06 -23.40 -12.99
CA ALA B 11 -22.65 -22.16 -13.44
C ALA B 11 -21.56 -21.08 -13.47
N TRP B 12 -20.72 -21.05 -12.43
CA TRP B 12 -19.62 -20.09 -12.42
C TRP B 12 -18.77 -20.30 -13.66
N GLN B 13 -18.41 -21.55 -13.96
CA GLN B 13 -17.56 -21.83 -15.12
C GLN B 13 -18.19 -21.40 -16.46
N ALA B 14 -19.49 -21.68 -16.65
CA ALA B 14 -20.20 -21.25 -17.88
C ALA B 14 -20.27 -19.71 -18.02
N LEU B 15 -20.29 -19.02 -16.88
CA LEU B 15 -20.22 -17.57 -16.81
C LEU B 15 -18.84 -17.02 -17.20
N GLN B 16 -17.79 -17.73 -16.79
CA GLN B 16 -16.41 -17.36 -17.05
C GLN B 16 -16.18 -17.37 -18.57
N LYS B 17 -16.59 -18.46 -19.20
CA LYS B 17 -16.51 -18.67 -20.65
C LYS B 17 -17.41 -17.69 -21.43
N HIS B 18 -18.61 -17.45 -20.90
CA HIS B 18 -19.52 -16.47 -21.49
C HIS B 18 -18.93 -15.05 -21.49
N PHE B 19 -18.28 -14.70 -20.38
CA PHE B 19 -17.57 -13.42 -20.26
C PHE B 19 -16.42 -13.27 -21.25
N ASP B 20 -15.76 -14.37 -21.56
CA ASP B 20 -14.64 -14.31 -22.48
C ASP B 20 -15.13 -13.98 -23.89
N GLU B 21 -16.36 -14.40 -24.17
CA GLU B 21 -17.03 -14.11 -25.42
C GLU B 21 -17.78 -12.77 -25.40
N MET B 22 -18.09 -12.26 -24.21
CA MET B 22 -18.87 -11.01 -24.06
C MET B 22 -18.01 -9.75 -23.82
N LYS B 23 -16.79 -9.94 -23.33
CA LYS B 23 -16.03 -8.81 -22.75
C LYS B 23 -15.86 -7.56 -23.66
N ASP B 24 -15.98 -7.74 -24.98
CA ASP B 24 -15.76 -6.66 -25.94
C ASP B 24 -17.03 -6.24 -26.69
N VAL B 25 -18.13 -6.95 -26.42
CA VAL B 25 -19.43 -6.61 -26.99
C VAL B 25 -19.90 -5.25 -26.45
N THR B 26 -20.47 -4.42 -27.31
CA THR B 26 -20.92 -3.09 -26.89
C THR B 26 -22.42 -2.97 -26.74
N ILE B 27 -22.82 -2.08 -25.83
CA ILE B 27 -24.22 -1.76 -25.60
C ILE B 27 -24.83 -1.27 -26.92
N ALA B 28 -24.12 -0.45 -27.70
CA ALA B 28 -24.58 -0.02 -29.03
C ALA B 28 -25.00 -1.20 -29.93
N ASP B 29 -24.18 -2.24 -30.00
CA ASP B 29 -24.57 -3.36 -30.85
C ASP B 29 -25.76 -4.11 -30.28
N LEU B 30 -25.85 -4.16 -28.96
CA LEU B 30 -26.91 -4.86 -28.29
C LEU B 30 -28.23 -4.19 -28.63
N PHE B 31 -28.23 -2.85 -28.64
CA PHE B 31 -29.43 -2.10 -29.00
C PHE B 31 -29.73 -2.11 -30.52
N ALA B 32 -28.68 -2.08 -31.35
CA ALA B 32 -28.88 -2.12 -32.82
C ALA B 32 -29.47 -3.44 -33.33
N LYS B 33 -29.20 -4.54 -32.63
CA LYS B 33 -29.59 -5.85 -33.16
C LYS B 33 -31.04 -6.21 -32.81
N ASP B 34 -31.65 -5.44 -31.92
CA ASP B 34 -32.98 -5.76 -31.46
C ASP B 34 -33.69 -4.51 -30.94
N GLY B 35 -34.60 -3.98 -31.75
CA GLY B 35 -35.39 -2.82 -31.37
C GLY B 35 -36.33 -3.00 -30.19
N ASP B 36 -36.52 -4.24 -29.72
CA ASP B 36 -37.43 -4.45 -28.59
C ASP B 36 -36.66 -4.63 -27.28
N ARG B 37 -35.39 -4.21 -27.28
CA ARG B 37 -34.50 -4.54 -26.15
C ARG B 37 -34.98 -3.99 -24.80
N PHE B 38 -35.48 -2.75 -24.80
CA PHE B 38 -35.93 -2.06 -23.61
C PHE B 38 -36.95 -2.93 -22.90
N SER B 39 -37.85 -3.48 -23.70
CA SER B 39 -39.01 -4.15 -23.17
C SER B 39 -38.61 -5.52 -22.68
N LYS B 40 -37.47 -6.00 -23.17
CA LYS B 40 -36.97 -7.32 -22.78
C LYS B 40 -36.06 -7.22 -21.56
N PHE B 41 -35.58 -6.01 -21.26
CA PHE B 41 -34.64 -5.78 -20.15
C PHE B 41 -35.10 -4.71 -19.15
N SER B 42 -36.38 -4.68 -18.84
CA SER B 42 -36.94 -3.77 -17.86
C SER B 42 -38.25 -4.33 -17.29
N ALA B 43 -38.63 -3.86 -16.10
CA ALA B 43 -39.90 -4.29 -15.47
C ALA B 43 -40.31 -3.25 -14.46
N THR B 44 -41.61 -3.20 -14.19
CA THR B 44 -42.19 -2.20 -13.29
C THR B 44 -42.76 -2.84 -12.02
N PHE B 45 -42.38 -2.30 -10.86
CA PHE B 45 -42.93 -2.74 -9.59
C PHE B 45 -44.12 -1.87 -9.24
N ASP B 46 -45.27 -2.52 -9.01
CA ASP B 46 -46.44 -1.87 -8.42
C ASP B 46 -47.01 -0.68 -9.21
N ASP B 47 -46.92 -0.74 -10.53
CA ASP B 47 -47.35 0.37 -11.40
C ASP B 47 -46.75 1.70 -10.98
N GLN B 48 -45.58 1.68 -10.34
CA GLN B 48 -45.04 2.95 -9.89
C GLN B 48 -43.52 3.08 -9.91
N MET B 49 -42.82 1.99 -10.18
CA MET B 49 -41.34 2.03 -10.12
C MET B 49 -40.80 1.22 -11.28
N LEU B 50 -40.44 1.92 -12.35
CA LEU B 50 -39.93 1.26 -13.54
C LEU B 50 -38.45 1.07 -13.33
N VAL B 51 -37.97 -0.15 -13.52
CA VAL B 51 -36.57 -0.45 -13.34
C VAL B 51 -36.02 -0.88 -14.68
N ASP B 52 -35.25 -0.01 -15.34
CA ASP B 52 -34.69 -0.30 -16.67
C ASP B 52 -33.23 -0.77 -16.61
N TYR B 53 -33.00 -2.06 -16.86
CA TYR B 53 -31.64 -2.59 -16.83
C TYR B 53 -31.15 -2.95 -18.23
N SER B 54 -31.69 -2.29 -19.26
CA SER B 54 -31.30 -2.54 -20.65
C SER B 54 -29.96 -1.94 -21.09
N LYS B 55 -29.53 -0.86 -20.48
CA LYS B 55 -28.23 -0.30 -20.89
C LYS B 55 -27.11 -1.01 -20.12
N ASN B 56 -27.11 -2.33 -20.20
CA ASN B 56 -26.11 -3.13 -19.53
C ASN B 56 -25.44 -4.04 -20.53
N ARG B 57 -24.23 -4.47 -20.20
CA ARG B 57 -23.46 -5.30 -21.11
C ARG B 57 -23.87 -6.77 -20.94
N ILE B 58 -25.14 -7.04 -21.25
CA ILE B 58 -25.79 -8.33 -21.04
C ILE B 58 -26.68 -8.75 -22.23
N THR B 59 -26.82 -10.06 -22.43
CA THR B 59 -27.81 -10.60 -23.34
C THR B 59 -28.84 -11.42 -22.55
N GLU B 60 -29.87 -11.90 -23.26
CA GLU B 60 -30.73 -12.95 -22.70
C GLU B 60 -29.84 -14.07 -22.14
N GLU B 61 -28.77 -14.40 -22.86
CA GLU B 61 -27.93 -15.52 -22.44
C GLU B 61 -27.19 -15.27 -21.13
N THR B 62 -26.71 -14.04 -20.95
CA THR B 62 -25.97 -13.67 -19.75
C THR B 62 -26.91 -13.85 -18.55
N LEU B 63 -28.15 -13.43 -18.73
CA LEU B 63 -29.11 -13.48 -17.63
C LEU B 63 -29.47 -14.91 -17.31
N ALA B 64 -29.60 -15.77 -18.32
CA ALA B 64 -29.90 -17.18 -18.07
C ALA B 64 -28.79 -17.81 -17.27
N LYS B 65 -27.53 -17.47 -17.60
CA LYS B 65 -26.44 -18.07 -16.87
C LYS B 65 -26.34 -17.56 -15.45
N LEU B 66 -26.76 -16.30 -15.22
CA LEU B 66 -26.67 -15.71 -13.90
C LEU B 66 -27.77 -16.33 -13.09
N GLN B 67 -28.91 -16.51 -13.72
CA GLN B 67 -29.98 -17.23 -13.03
C GLN B 67 -29.55 -18.64 -12.61
N ASP B 68 -28.84 -19.35 -13.51
CA ASP B 68 -28.30 -20.70 -13.24
C ASP B 68 -27.46 -20.68 -11.97
N LEU B 69 -26.63 -19.64 -11.81
CA LEU B 69 -25.78 -19.48 -10.63
C LEU B 69 -26.60 -19.31 -9.34
N ALA B 70 -27.62 -18.45 -9.38
CA ALA B 70 -28.48 -18.26 -8.21
C ALA B 70 -29.14 -19.61 -7.83
N LYS B 71 -29.57 -20.37 -8.83
CA LYS B 71 -30.15 -21.69 -8.57
C LYS B 71 -29.16 -22.61 -7.88
N GLU B 72 -27.94 -22.70 -8.43
CA GLU B 72 -26.93 -23.59 -7.86
C GLU B 72 -26.55 -23.21 -6.45
N CYS B 73 -26.82 -21.96 -6.08
CA CYS B 73 -26.45 -21.47 -4.77
C CYS B 73 -27.64 -21.54 -3.81
N ASP B 74 -28.77 -22.04 -4.31
CA ASP B 74 -30.04 -22.16 -3.55
C ASP B 74 -30.57 -20.84 -3.01
N LEU B 75 -30.57 -19.82 -3.88
CA LEU B 75 -31.13 -18.52 -3.55
C LEU B 75 -32.55 -18.64 -2.98
N ALA B 76 -33.37 -19.49 -3.60
CA ALA B 76 -34.76 -19.67 -3.16
C ALA B 76 -34.88 -20.11 -1.69
N GLY B 77 -34.11 -21.14 -1.29
CA GLY B 77 -34.07 -21.62 0.10
C GLY B 77 -33.58 -20.57 1.08
N ALA B 78 -32.53 -19.85 0.68
CA ALA B 78 -32.00 -18.77 1.50
C ALA B 78 -33.05 -17.70 1.77
N ILE B 79 -33.81 -17.33 0.74
CA ILE B 79 -34.92 -16.37 0.92
C ILE B 79 -35.96 -16.92 1.88
N LYS B 80 -36.33 -18.18 1.69
CA LYS B 80 -37.27 -18.79 2.62
C LYS B 80 -36.69 -18.83 4.05
N SER B 81 -35.40 -19.07 4.19
CA SER B 81 -34.83 -19.05 5.52
C SER B 81 -34.89 -17.69 6.24
N MET B 82 -34.48 -16.63 5.56
CA MET B 82 -34.55 -15.30 6.18
C MET B 82 -35.98 -14.98 6.63
N PHE B 83 -36.93 -15.09 5.71
CA PHE B 83 -38.31 -14.69 6.00
C PHE B 83 -38.99 -15.50 7.12
N SER B 84 -38.53 -16.73 7.34
CA SER B 84 -39.24 -17.63 8.26
C SER B 84 -38.65 -17.56 9.68
N GLY B 85 -37.59 -16.77 9.85
CA GLY B 85 -36.99 -16.58 11.15
C GLY B 85 -35.88 -17.57 11.46
N GLU B 86 -35.42 -18.28 10.46
CA GLU B 86 -34.26 -19.13 10.67
C GLU B 86 -33.07 -18.26 11.07
N LYS B 87 -32.21 -18.81 11.93
CA LYS B 87 -31.11 -18.03 12.49
C LYS B 87 -29.92 -18.00 11.54
N ILE B 88 -30.13 -17.42 10.37
CA ILE B 88 -29.12 -17.38 9.35
C ILE B 88 -27.89 -16.53 9.71
N ASN B 89 -28.01 -15.61 10.66
CA ASN B 89 -26.83 -14.89 11.15
C ASN B 89 -26.06 -15.86 12.04
N ARG B 90 -25.23 -16.72 11.45
CA ARG B 90 -24.61 -17.81 12.22
C ARG B 90 -23.46 -17.46 13.19
N THR B 91 -22.68 -16.42 12.88
CA THR B 91 -21.56 -16.06 13.74
C THR B 91 -22.03 -15.47 15.09
N GLU B 92 -23.28 -15.02 15.11
CA GLU B 92 -23.85 -14.42 16.31
C GLU B 92 -25.09 -15.21 16.76
N ASN B 93 -25.43 -16.27 16.03
CA ASN B 93 -26.62 -17.08 16.27
C ASN B 93 -27.89 -16.25 16.39
N ARG B 94 -28.25 -15.57 15.32
CA ARG B 94 -29.44 -14.73 15.35
C ARG B 94 -30.28 -14.88 14.11
N ALA B 95 -31.56 -14.61 14.26
CA ALA B 95 -32.44 -14.45 13.14
C ALA B 95 -32.12 -13.13 12.43
N VAL B 96 -32.70 -12.92 11.26
CA VAL B 96 -32.52 -11.68 10.52
C VAL B 96 -33.90 -11.24 10.03
N LEU B 97 -34.57 -10.37 10.78
CA LEU B 97 -35.98 -10.14 10.54
C LEU B 97 -36.41 -8.67 10.46
N HIS B 98 -35.68 -7.87 9.69
CA HIS B 98 -36.19 -6.53 9.43
C HIS B 98 -37.50 -6.64 8.65
N VAL B 99 -37.68 -7.73 7.91
CA VAL B 99 -38.96 -7.98 7.21
C VAL B 99 -40.14 -8.07 8.21
N ALA B 100 -39.88 -8.57 9.41
CA ALA B 100 -40.95 -8.64 10.41
C ALA B 100 -41.34 -7.23 10.88
N LEU B 101 -40.38 -6.32 10.90
CA LEU B 101 -40.63 -4.97 11.45
C LEU B 101 -41.76 -4.26 10.69
N ARG B 102 -41.81 -4.53 9.37
CA ARG B 102 -42.77 -3.94 8.43
C ARG B 102 -43.75 -4.97 7.88
N ASN B 103 -44.01 -6.03 8.65
CA ASN B 103 -44.89 -7.10 8.16
C ASN B 103 -46.33 -6.73 8.46
N ARG B 104 -46.90 -5.89 7.59
CA ARG B 104 -48.24 -5.33 7.80
C ARG B 104 -49.34 -6.39 7.79
N SER B 105 -49.11 -7.50 7.09
CA SER B 105 -50.08 -8.58 7.00
C SER B 105 -50.24 -9.36 8.32
N ASN B 106 -49.24 -9.25 9.19
CA ASN B 106 -49.24 -9.88 10.50
C ASN B 106 -49.21 -11.40 10.51
N THR B 107 -48.78 -12.02 9.42
CA THR B 107 -48.58 -13.47 9.48
C THR B 107 -47.49 -13.74 10.51
N PRO B 108 -47.68 -14.78 11.34
CA PRO B 108 -46.73 -15.06 12.40
C PRO B 108 -45.35 -15.35 11.84
N ILE B 109 -44.34 -14.84 12.52
CA ILE B 109 -42.98 -15.17 12.18
C ILE B 109 -42.37 -15.61 13.48
N LEU B 110 -41.94 -16.86 13.55
CA LEU B 110 -41.48 -17.45 14.80
C LEU B 110 -39.96 -17.40 14.99
N VAL B 111 -39.55 -16.95 16.17
CA VAL B 111 -38.17 -17.08 16.61
C VAL B 111 -38.17 -17.80 17.96
N ASP B 112 -37.47 -18.94 18.04
CA ASP B 112 -37.45 -19.76 19.27
C ASP B 112 -38.89 -20.10 19.64
N GLY B 113 -39.62 -20.54 18.62
CA GLY B 113 -41.01 -20.93 18.72
C GLY B 113 -42.02 -19.84 19.07
N LYS B 114 -41.59 -18.60 19.13
CA LYS B 114 -42.52 -17.53 19.54
C LYS B 114 -42.75 -16.51 18.41
N ASP B 115 -44.00 -16.17 18.18
CA ASP B 115 -44.37 -15.18 17.18
C ASP B 115 -43.80 -13.84 17.61
N VAL B 116 -43.01 -13.21 16.75
CA VAL B 116 -42.47 -11.88 17.04
C VAL B 116 -43.46 -10.74 16.75
N MET B 117 -44.53 -11.02 16.00
CA MET B 117 -45.36 -9.92 15.57
C MET B 117 -45.98 -9.15 16.75
N PRO B 118 -46.47 -9.87 17.78
CA PRO B 118 -47.03 -9.10 18.88
C PRO B 118 -46.12 -8.00 19.44
N GLU B 119 -44.86 -8.33 19.75
CA GLU B 119 -43.96 -7.32 20.31
C GLU B 119 -43.67 -6.19 19.30
N VAL B 120 -43.46 -6.55 18.05
CA VAL B 120 -43.28 -5.57 16.98
C VAL B 120 -44.38 -4.54 17.01
N ASN B 121 -45.63 -5.04 16.94
CA ASN B 121 -46.81 -4.16 16.88
C ASN B 121 -47.01 -3.35 18.15
N ALA B 122 -46.65 -3.94 19.30
CA ALA B 122 -46.73 -3.23 20.58
C ALA B 122 -45.78 -2.01 20.63
N VAL B 123 -44.56 -2.14 20.10
CA VAL B 123 -43.68 -0.97 20.06
C VAL B 123 -44.18 0.12 19.10
N LEU B 124 -44.79 -0.31 18.00
CA LEU B 124 -45.30 0.60 17.01
C LEU B 124 -46.49 1.38 17.57
N GLU B 125 -47.35 0.71 18.32
CA GLU B 125 -48.50 1.38 18.93
C GLU B 125 -48.02 2.41 19.97
N LYS B 126 -46.94 2.08 20.66
CA LYS B 126 -46.33 3.00 21.61
C LYS B 126 -45.61 4.17 20.94
N MET B 127 -45.03 3.94 19.76
CA MET B 127 -44.44 5.05 19.04
C MET B 127 -45.55 5.99 18.56
N LYS B 128 -46.67 5.40 18.15
CA LYS B 128 -47.80 6.18 17.68
C LYS B 128 -48.33 7.13 18.74
N THR B 129 -48.68 6.58 19.90
CA THR B 129 -49.15 7.36 21.03
C THR B 129 -48.16 8.46 21.41
N PHE B 130 -46.90 8.10 21.58
CA PHE B 130 -45.90 9.11 21.96
C PHE B 130 -45.83 10.21 20.89
N SER B 131 -45.72 9.84 19.62
CA SER B 131 -45.56 10.83 18.57
C SER B 131 -46.73 11.84 18.53
N GLU B 132 -47.95 11.33 18.68
CA GLU B 132 -49.13 12.18 18.72
C GLU B 132 -49.11 13.17 19.88
N ALA B 133 -48.57 12.74 21.01
CA ALA B 133 -48.51 13.63 22.15
C ALA B 133 -47.47 14.73 21.90
N ILE B 134 -46.36 14.38 21.24
CA ILE B 134 -45.34 15.36 20.90
C ILE B 134 -45.84 16.31 19.81
N ILE B 135 -46.27 15.74 18.70
CA ILE B 135 -46.67 16.50 17.53
C ILE B 135 -47.84 17.43 17.86
N SER B 136 -48.79 16.95 18.63
CA SER B 136 -49.96 17.74 18.98
C SER B 136 -49.68 18.85 20.00
N GLY B 137 -48.52 18.86 20.65
CA GLY B 137 -48.26 19.91 21.62
C GLY B 137 -48.81 19.61 23.02
N GLU B 138 -49.32 18.41 23.17
CA GLU B 138 -49.93 17.99 24.42
C GLU B 138 -48.83 17.69 25.44
N TRP B 139 -47.73 17.13 24.96
CA TRP B 139 -46.59 16.84 25.82
C TRP B 139 -45.83 18.14 26.01
N LYS B 140 -45.71 18.61 27.26
CA LYS B 140 -45.06 19.91 27.50
C LYS B 140 -43.65 19.71 28.05
N GLY B 141 -42.77 20.67 27.77
CA GLY B 141 -41.41 20.65 28.30
C GLY B 141 -41.41 21.13 29.74
N TYR B 142 -40.25 21.27 30.35
CA TYR B 142 -40.19 21.65 31.77
C TYR B 142 -40.80 22.98 32.13
N THR B 143 -40.99 23.86 31.16
CA THR B 143 -41.65 25.12 31.47
C THR B 143 -43.08 25.16 30.93
N GLY B 144 -43.66 24.02 30.57
CA GLY B 144 -45.04 24.02 30.06
C GLY B 144 -45.26 24.34 28.58
N LYS B 145 -44.19 24.41 27.79
CA LYS B 145 -44.30 24.72 26.36
C LYS B 145 -44.29 23.45 25.49
N ALA B 146 -44.98 23.50 24.36
CA ALA B 146 -44.94 22.39 23.41
C ALA B 146 -43.54 22.25 22.82
N ILE B 147 -43.23 21.04 22.36
CA ILE B 147 -41.93 20.78 21.74
C ILE B 147 -41.84 21.37 20.32
N THR B 148 -40.68 21.96 20.00
CA THR B 148 -40.43 22.54 18.66
C THR B 148 -39.27 21.88 17.89
N ASP B 149 -38.36 21.25 18.62
CA ASP B 149 -37.16 20.67 18.04
C ASP B 149 -36.92 19.26 18.58
N VAL B 150 -36.56 18.37 17.68
CA VAL B 150 -36.23 16.99 18.03
C VAL B 150 -34.80 16.70 17.61
N VAL B 151 -33.95 16.30 18.54
CA VAL B 151 -32.57 15.98 18.22
C VAL B 151 -32.34 14.49 18.42
N ASN B 152 -32.00 13.80 17.32
CA ASN B 152 -31.61 12.39 17.36
C ASN B 152 -30.11 12.30 17.62
N ILE B 153 -29.71 11.44 18.55
CA ILE B 153 -28.31 11.18 18.86
C ILE B 153 -28.02 9.69 18.67
N GLY B 154 -27.26 9.36 17.64
CA GLY B 154 -26.93 7.97 17.34
C GLY B 154 -25.77 7.91 16.39
N ILE B 155 -25.22 6.72 16.16
CA ILE B 155 -24.15 6.51 15.19
C ILE B 155 -24.54 5.38 14.26
N GLY B 156 -23.91 5.35 13.08
CA GLY B 156 -24.15 4.28 12.12
C GLY B 156 -25.64 4.07 11.90
N GLY B 157 -26.12 2.85 12.13
CA GLY B 157 -27.50 2.46 11.86
C GLY B 157 -28.57 3.24 12.61
N SER B 158 -28.16 3.83 13.72
CA SER B 158 -29.00 4.72 14.54
C SER B 158 -29.04 6.16 14.05
N ASP B 159 -28.29 6.45 12.98
CA ASP B 159 -28.22 7.79 12.42
C ASP B 159 -28.52 7.87 10.92
N LEU B 160 -27.93 6.96 10.13
CA LEU B 160 -27.95 7.13 8.67
C LEU B 160 -29.35 7.02 8.09
N GLY B 161 -30.09 6.02 8.58
CA GLY B 161 -31.47 5.77 8.15
C GLY B 161 -32.41 6.91 8.49
N PRO B 162 -32.56 7.19 9.79
CA PRO B 162 -33.40 8.30 10.25
C PRO B 162 -33.15 9.62 9.54
N TYR B 163 -31.88 9.93 9.34
CA TYR B 163 -31.51 11.19 8.71
C TYR B 163 -31.83 11.14 7.22
N MET B 164 -31.41 10.06 6.56
CA MET B 164 -31.61 9.95 5.13
C MET B 164 -33.10 10.06 4.85
N VAL B 165 -33.92 9.40 5.67
CA VAL B 165 -35.34 9.26 5.35
C VAL B 165 -36.11 10.58 5.68
N THR B 166 -35.83 11.18 6.83
CA THR B 166 -36.49 12.45 7.12
C THR B 166 -36.14 13.48 6.02
N GLU B 167 -34.91 13.41 5.49
CA GLU B 167 -34.55 14.32 4.42
C GLU B 167 -35.33 14.02 3.18
N ALA B 168 -35.34 12.74 2.79
CA ALA B 168 -35.96 12.37 1.54
C ALA B 168 -37.46 12.69 1.56
N LEU B 169 -38.05 12.68 2.76
CA LEU B 169 -39.50 12.86 2.90
C LEU B 169 -39.90 14.23 3.51
N ARG B 170 -39.01 15.21 3.44
CA ARG B 170 -39.36 16.54 3.98
C ARG B 170 -40.72 17.08 3.47
N PRO B 171 -41.11 16.81 2.21
CA PRO B 171 -42.43 17.29 1.80
C PRO B 171 -43.56 16.76 2.66
N TYR B 172 -43.32 15.70 3.43
CA TYR B 172 -44.37 15.09 4.25
C TYR B 172 -44.24 15.49 5.72
N LYS B 173 -43.30 16.39 6.02
CA LYS B 173 -43.02 16.78 7.41
C LYS B 173 -44.09 17.67 8.03
N ASN B 174 -44.10 17.69 9.35
CA ASN B 174 -44.91 18.62 10.10
C ASN B 174 -44.05 19.79 10.53
N HIS B 175 -44.48 20.49 11.58
CA HIS B 175 -43.81 21.70 12.02
C HIS B 175 -42.54 21.44 12.78
N LEU B 176 -42.26 20.18 13.12
CA LEU B 176 -41.08 19.91 13.98
C LEU B 176 -39.75 20.08 13.25
N ASN B 177 -38.83 20.80 13.86
CA ASN B 177 -37.50 20.94 13.31
C ASN B 177 -36.62 19.79 13.79
N MET B 178 -36.15 18.99 12.83
CA MET B 178 -35.39 17.80 13.13
C MET B 178 -33.89 18.04 13.06
N HIS B 179 -33.17 17.45 14.02
CA HIS B 179 -31.71 17.50 14.03
C HIS B 179 -31.09 16.10 14.24
N PHE B 180 -29.97 15.87 13.55
CA PHE B 180 -29.26 14.60 13.63
C PHE B 180 -27.79 14.72 14.02
N VAL B 181 -27.47 14.20 15.20
CA VAL B 181 -26.15 14.26 15.77
C VAL B 181 -25.60 12.84 15.74
N SER B 182 -24.34 12.68 15.34
CA SER B 182 -23.73 11.35 15.31
C SER B 182 -22.25 11.35 15.62
N ASN B 183 -21.54 12.39 15.20
CA ASN B 183 -20.07 12.44 15.35
C ASN B 183 -19.70 12.63 16.82
N VAL B 184 -18.66 11.92 17.27
CA VAL B 184 -18.11 12.18 18.61
C VAL B 184 -17.34 13.50 18.65
N ASP B 185 -16.92 14.00 17.48
CA ASP B 185 -16.43 15.37 17.38
C ASP B 185 -17.46 16.34 18.00
N GLY B 186 -17.05 17.06 19.05
CA GLY B 186 -17.95 17.95 19.83
C GLY B 186 -18.63 19.04 19.03
N THR B 187 -17.98 19.46 17.94
CA THR B 187 -18.65 20.30 16.94
C THR B 187 -20.10 19.86 16.66
N HIS B 188 -20.30 18.55 16.54
CA HIS B 188 -21.57 18.06 15.99
C HIS B 188 -22.71 18.40 16.89
N ILE B 189 -22.62 17.98 18.14
CA ILE B 189 -23.61 18.35 19.16
C ILE B 189 -23.66 19.88 19.42
N ALA B 190 -22.50 20.53 19.47
CA ALA B 190 -22.40 21.99 19.74
C ALA B 190 -23.13 22.87 18.74
N GLU B 191 -23.03 22.52 17.47
CA GLU B 191 -23.71 23.29 16.45
C GLU B 191 -25.24 23.14 16.58
N VAL B 192 -25.71 21.99 17.03
CA VAL B 192 -27.13 21.84 17.36
C VAL B 192 -27.56 22.58 18.63
N LEU B 193 -26.78 22.45 19.70
CA LEU B 193 -27.20 22.98 20.99
C LEU B 193 -27.31 24.52 20.99
N LYS B 194 -26.52 25.16 20.15
CA LYS B 194 -26.54 26.62 20.04
C LYS B 194 -27.78 27.14 19.26
N LYS B 195 -28.49 26.25 18.57
CA LYS B 195 -29.65 26.62 17.76
C LYS B 195 -30.97 26.18 18.36
N VAL B 196 -30.93 25.52 19.52
CA VAL B 196 -32.17 24.99 20.10
C VAL B 196 -32.34 25.48 21.54
N ASN B 197 -33.60 25.50 21.99
CA ASN B 197 -33.95 25.97 23.31
C ASN B 197 -34.23 24.76 24.20
N PRO B 198 -33.57 24.69 25.37
CA PRO B 198 -33.78 23.58 26.30
C PRO B 198 -35.25 23.32 26.69
N GLU B 199 -36.10 24.35 26.64
CA GLU B 199 -37.47 24.18 27.10
C GLU B 199 -38.42 23.59 26.07
N THR B 200 -38.00 23.58 24.80
CA THR B 200 -38.85 23.11 23.73
C THR B 200 -38.18 22.05 22.86
N THR B 201 -37.08 21.49 23.36
CA THR B 201 -36.28 20.51 22.63
C THR B 201 -36.36 19.12 23.24
N LEU B 202 -36.67 18.15 22.39
CA LEU B 202 -36.73 16.74 22.81
C LEU B 202 -35.57 15.94 22.21
N PHE B 203 -34.81 15.24 23.05
CA PHE B 203 -33.71 14.38 22.59
C PHE B 203 -34.10 12.90 22.47
N LEU B 204 -33.57 12.23 21.44
CA LEU B 204 -33.79 10.79 21.25
C LEU B 204 -32.43 10.16 21.29
N VAL B 205 -32.15 9.38 22.33
CA VAL B 205 -30.86 8.71 22.44
C VAL B 205 -31.04 7.31 21.88
N ALA B 206 -30.44 7.08 20.71
CA ALA B 206 -30.64 5.83 19.96
C ALA B 206 -29.45 4.95 20.15
N SER B 207 -29.59 3.88 20.93
CA SER B 207 -28.46 2.96 21.20
C SER B 207 -28.95 1.74 21.93
N LYS B 208 -28.80 0.57 21.33
CA LYS B 208 -29.38 -0.64 21.96
C LYS B 208 -28.75 -0.90 23.34
N THR B 209 -27.43 -0.82 23.43
CA THR B 209 -26.77 -1.11 24.70
C THR B 209 -26.90 0.08 25.65
N PHE B 210 -27.03 1.26 25.06
CA PHE B 210 -27.04 2.50 25.84
C PHE B 210 -25.69 2.71 26.55
N THR B 211 -24.66 2.12 25.96
CA THR B 211 -23.31 2.33 26.41
C THR B 211 -22.40 2.78 25.26
N THR B 212 -22.92 2.82 24.03
CA THR B 212 -22.10 3.21 22.85
C THR B 212 -21.33 4.53 23.11
N GLN B 213 -20.02 4.52 22.91
CA GLN B 213 -19.21 5.60 23.42
C GLN B 213 -19.56 6.94 22.81
N GLU B 214 -19.69 7.00 21.49
CA GLU B 214 -19.93 8.26 20.82
C GLU B 214 -21.28 8.80 21.24
N THR B 215 -22.29 7.94 21.13
CA THR B 215 -23.66 8.30 21.39
C THR B 215 -23.88 8.75 22.83
N MET B 216 -23.28 8.03 23.78
CA MET B 216 -23.46 8.39 25.18
C MET B 216 -22.61 9.61 25.56
N THR B 217 -21.48 9.79 24.87
CA THR B 217 -20.71 11.01 25.05
C THR B 217 -21.57 12.19 24.60
N ASN B 218 -22.22 12.06 23.44
CA ASN B 218 -23.07 13.13 22.96
C ASN B 218 -24.29 13.34 23.87
N ALA B 219 -24.99 12.24 24.20
CA ALA B 219 -26.18 12.30 25.06
C ALA B 219 -25.87 13.02 26.38
N HIS B 220 -24.66 12.79 26.90
CA HIS B 220 -24.28 13.30 28.20
C HIS B 220 -23.94 14.77 28.13
N SER B 221 -23.32 15.18 27.02
CA SER B 221 -23.09 16.59 26.74
C SER B 221 -24.43 17.32 26.58
N ALA B 222 -25.41 16.66 25.99
CA ALA B 222 -26.74 17.26 25.93
C ALA B 222 -27.41 17.39 27.31
N ARG B 223 -27.29 16.33 28.11
CA ARG B 223 -27.86 16.33 29.48
C ARG B 223 -27.25 17.47 30.30
N ASP B 224 -25.95 17.60 30.18
CA ASP B 224 -25.21 18.65 30.84
C ASP B 224 -25.73 20.07 30.49
N TRP B 225 -25.91 20.33 29.19
CA TRP B 225 -26.41 21.61 28.68
C TRP B 225 -27.85 21.79 29.15
N PHE B 226 -28.63 20.71 29.11
CA PHE B 226 -30.00 20.73 29.59
C PHE B 226 -30.09 21.12 31.06
N LEU B 227 -29.30 20.48 31.91
CA LEU B 227 -29.38 20.75 33.36
C LEU B 227 -28.86 22.14 33.69
N LYS B 228 -27.95 22.64 32.87
CA LYS B 228 -27.41 23.98 33.09
C LYS B 228 -28.48 25.02 32.84
N ALA B 229 -29.55 24.64 32.13
CA ALA B 229 -30.72 25.51 31.99
C ALA B 229 -31.84 25.15 32.98
N ALA B 230 -32.23 23.86 33.02
CA ALA B 230 -33.36 23.40 33.83
C ALA B 230 -33.11 23.40 35.35
N GLY B 231 -31.89 23.09 35.76
CA GLY B 231 -31.52 23.13 37.18
C GLY B 231 -31.92 21.92 38.03
N ASP B 232 -32.49 20.89 37.42
CA ASP B 232 -33.00 19.75 38.18
C ASP B 232 -33.23 18.56 37.26
N GLU B 233 -32.58 17.43 37.58
CA GLU B 233 -32.70 16.20 36.78
C GLU B 233 -34.11 15.63 36.70
N LYS B 234 -35.03 16.10 37.53
CA LYS B 234 -36.41 15.60 37.45
C LYS B 234 -37.07 15.97 36.11
N HIS B 235 -36.54 17.02 35.45
CA HIS B 235 -37.05 17.42 34.15
C HIS B 235 -36.47 16.65 32.97
N VAL B 236 -35.44 15.83 33.20
CA VAL B 236 -34.88 14.98 32.14
C VAL B 236 -35.96 14.14 31.45
N ALA B 237 -36.88 13.58 32.24
CA ALA B 237 -37.88 12.68 31.70
C ALA B 237 -38.81 13.36 30.69
N LYS B 238 -38.88 14.68 30.74
CA LYS B 238 -39.73 15.42 29.79
C LYS B 238 -38.99 15.78 28.51
N HIS B 239 -37.68 15.56 28.51
CA HIS B 239 -36.88 16.03 27.40
C HIS B 239 -35.95 15.00 26.75
N PHE B 240 -35.90 13.79 27.30
CA PHE B 240 -35.07 12.70 26.78
C PHE B 240 -35.85 11.40 26.76
N THR B 241 -35.82 10.72 25.62
CA THR B 241 -36.33 9.38 25.50
C THR B 241 -35.19 8.52 24.97
N ALA B 242 -35.37 7.21 25.00
CA ALA B 242 -34.33 6.28 24.61
C ALA B 242 -34.85 5.30 23.60
N LEU B 243 -34.02 4.99 22.62
CA LEU B 243 -34.34 3.94 21.67
C LEU B 243 -33.35 2.87 22.04
N SER B 244 -33.80 1.92 22.86
CA SER B 244 -32.84 1.07 23.60
C SER B 244 -33.55 -0.12 24.24
N THR B 245 -32.77 -1.07 24.78
CA THR B 245 -33.32 -2.17 25.57
C THR B 245 -32.69 -2.26 26.97
N ASN B 246 -31.78 -1.34 27.27
CA ASN B 246 -31.13 -1.32 28.56
C ASN B 246 -31.89 -0.44 29.58
N ALA B 247 -32.99 -0.96 30.12
CA ALA B 247 -33.82 -0.21 31.09
C ALA B 247 -33.06 0.34 32.31
N LYS B 248 -32.15 -0.46 32.85
CA LYS B 248 -31.36 -0.01 33.99
C LYS B 248 -30.58 1.26 33.64
N ALA B 249 -29.78 1.21 32.57
CA ALA B 249 -29.00 2.41 32.17
C ALA B 249 -29.88 3.59 31.78
N VAL B 250 -31.00 3.31 31.11
CA VAL B 250 -31.93 4.35 30.67
C VAL B 250 -32.53 5.08 31.88
N GLY B 251 -33.05 4.31 32.83
CA GLY B 251 -33.65 4.87 34.03
C GLY B 251 -32.64 5.71 34.80
N GLU B 252 -31.44 5.16 35.00
CA GLU B 252 -30.34 5.88 35.65
C GLU B 252 -30.00 7.22 34.97
N PHE B 253 -30.14 7.30 33.65
CA PHE B 253 -29.91 8.54 32.90
C PHE B 253 -30.91 9.60 33.33
N GLY B 254 -32.08 9.18 33.81
CA GLY B 254 -33.14 10.11 34.23
C GLY B 254 -34.35 10.04 33.31
N ILE B 255 -34.31 9.10 32.38
CA ILE B 255 -35.40 8.92 31.44
C ILE B 255 -36.46 7.97 32.03
N ASP B 256 -37.73 8.32 31.86
CA ASP B 256 -38.83 7.43 32.24
C ASP B 256 -38.78 6.19 31.35
N THR B 257 -38.49 5.05 31.94
CA THR B 257 -38.45 3.82 31.17
C THR B 257 -39.77 3.53 30.42
N ALA B 258 -40.83 4.27 30.73
CA ALA B 258 -42.03 4.25 29.90
C ALA B 258 -41.74 4.78 28.48
N ASN B 259 -40.68 5.58 28.37
CA ASN B 259 -40.20 6.12 27.09
C ASN B 259 -38.91 5.45 26.69
N MET B 260 -38.83 4.16 26.95
CA MET B 260 -37.85 3.34 26.28
C MET B 260 -38.57 2.54 25.21
N PHE B 261 -38.21 2.84 23.96
CA PHE B 261 -38.76 2.16 22.81
C PHE B 261 -37.76 1.09 22.40
N GLU B 262 -38.18 -0.16 22.41
CA GLU B 262 -37.22 -1.23 22.19
C GLU B 262 -37.27 -1.92 20.83
N PHE B 263 -36.26 -2.74 20.58
CA PHE B 263 -36.14 -3.56 19.38
C PHE B 263 -35.37 -4.82 19.76
N TRP B 264 -35.01 -5.64 18.78
CA TRP B 264 -34.58 -7.02 19.09
C TRP B 264 -33.31 -7.38 18.36
N ASP B 265 -32.61 -8.39 18.85
CA ASP B 265 -31.28 -8.63 18.31
C ASP B 265 -31.34 -9.13 16.87
N TRP B 266 -32.52 -9.49 16.38
CA TRP B 266 -32.63 -9.86 14.97
C TRP B 266 -32.90 -8.63 14.09
N VAL B 267 -32.72 -7.43 14.68
CA VAL B 267 -32.77 -6.15 13.98
C VAL B 267 -31.36 -5.59 13.90
N GLY B 268 -30.73 -5.68 12.73
CA GLY B 268 -29.40 -5.14 12.55
C GLY B 268 -29.46 -3.63 12.50
N GLY B 269 -28.43 -2.97 13.04
CA GLY B 269 -28.31 -1.51 12.99
C GLY B 269 -28.63 -0.94 11.61
N ARG B 270 -27.97 -1.48 10.59
CA ARG B 270 -28.09 -0.98 9.22
C ARG B 270 -29.40 -1.43 8.55
N TYR B 271 -30.22 -2.13 9.31
CA TYR B 271 -31.61 -2.42 8.92
C TYR B 271 -32.64 -1.98 9.95
N SER B 272 -32.31 -0.96 10.75
CA SER B 272 -33.12 -0.65 11.92
C SER B 272 -34.10 0.51 11.81
N LEU B 273 -34.07 1.27 10.72
CA LEU B 273 -34.97 2.45 10.59
C LEU B 273 -36.45 2.08 10.61
N TRP B 274 -36.73 0.82 10.28
CA TRP B 274 -38.10 0.29 10.29
C TRP B 274 -38.54 -0.02 11.71
N SER B 275 -37.62 0.02 12.66
CA SER B 275 -37.97 -0.25 14.06
C SER B 275 -38.15 1.02 14.91
N ALA B 276 -38.22 0.82 16.22
CA ALA B 276 -38.08 1.87 17.21
C ALA B 276 -37.05 2.95 16.85
N ILE B 277 -35.96 2.53 16.22
CA ILE B 277 -34.91 3.44 15.81
C ILE B 277 -35.43 4.52 14.86
N GLY B 278 -36.55 4.26 14.21
CA GLY B 278 -37.13 5.21 13.29
C GLY B 278 -38.04 6.23 13.97
N LEU B 279 -38.06 6.28 15.31
CA LEU B 279 -38.95 7.17 16.05
C LEU B 279 -38.91 8.58 15.50
N SER B 280 -37.72 9.09 15.20
CA SER B 280 -37.56 10.44 14.64
C SER B 280 -38.27 10.59 13.28
N ILE B 281 -38.25 9.56 12.44
CA ILE B 281 -39.07 9.56 11.22
C ILE B 281 -40.58 9.72 11.55
N VAL B 282 -41.06 8.94 12.52
CA VAL B 282 -42.46 9.03 12.97
C VAL B 282 -42.74 10.47 13.47
N LEU B 283 -41.81 11.02 14.23
CA LEU B 283 -41.99 12.36 14.81
C LEU B 283 -42.00 13.45 13.74
N SER B 284 -41.17 13.26 12.71
CA SER B 284 -41.04 14.28 11.64
C SER B 284 -42.18 14.30 10.63
N ILE B 285 -42.64 13.12 10.22
CA ILE B 285 -43.67 13.02 9.16
C ILE B 285 -44.99 12.43 9.63
N GLY B 286 -45.05 12.02 10.91
CA GLY B 286 -46.27 11.44 11.51
C GLY B 286 -46.31 9.91 11.43
N PHE B 287 -47.06 9.26 12.32
CA PHE B 287 -47.19 7.81 12.31
C PHE B 287 -47.86 7.24 11.08
N ASP B 288 -48.93 7.87 10.59
CA ASP B 288 -49.57 7.51 9.30
C ASP B 288 -48.55 7.35 8.18
N ASN B 289 -47.70 8.35 8.00
CA ASN B 289 -46.71 8.28 6.93
C ASN B 289 -45.65 7.20 7.21
N PHE B 290 -45.25 7.07 8.47
CA PHE B 290 -44.27 6.03 8.81
C PHE B 290 -44.82 4.67 8.43
N VAL B 291 -46.11 4.49 8.63
CA VAL B 291 -46.78 3.23 8.26
C VAL B 291 -46.82 3.05 6.75
N GLU B 292 -46.94 4.14 6.01
CA GLU B 292 -46.78 4.08 4.56
C GLU B 292 -45.36 3.70 4.18
N LEU B 293 -44.36 4.26 4.87
CA LEU B 293 -42.98 3.79 4.67
C LEU B 293 -42.94 2.27 4.88
N LEU B 294 -43.42 1.80 6.04
CA LEU B 294 -43.44 0.36 6.29
C LEU B 294 -44.11 -0.45 5.19
N SER B 295 -45.30 -0.03 4.76
CA SER B 295 -46.08 -0.80 3.78
C SER B 295 -45.39 -0.93 2.42
N GLY B 296 -44.59 0.08 2.07
CA GLY B 296 -43.84 0.09 0.82
C GLY B 296 -42.73 -0.94 0.86
N ALA B 297 -42.03 -1.02 2.00
CA ALA B 297 -41.05 -2.06 2.22
C ALA B 297 -41.69 -3.47 2.17
N HIS B 298 -42.89 -3.59 2.76
CA HIS B 298 -43.63 -4.88 2.80
C HIS B 298 -44.08 -5.34 1.41
N ALA B 299 -44.52 -4.39 0.58
CA ALA B 299 -44.88 -4.70 -0.80
C ALA B 299 -43.65 -5.20 -1.57
N MET B 300 -42.50 -4.57 -1.37
CA MET B 300 -41.26 -5.06 -1.98
C MET B 300 -40.88 -6.44 -1.38
N ASP B 301 -41.04 -6.61 -0.08
CA ASP B 301 -40.83 -7.90 0.55
C ASP B 301 -41.66 -8.98 -0.12
N LYS B 302 -42.93 -8.70 -0.36
CA LYS B 302 -43.79 -9.67 -1.01
C LYS B 302 -43.25 -9.97 -2.40
N HIS B 303 -42.83 -8.91 -3.11
CA HIS B 303 -42.27 -9.03 -4.47
C HIS B 303 -41.03 -9.92 -4.48
N PHE B 304 -40.10 -9.65 -3.58
CA PHE B 304 -38.86 -10.40 -3.49
C PHE B 304 -39.10 -11.88 -3.11
N SER B 305 -39.98 -12.11 -2.13
CA SER B 305 -40.29 -13.46 -1.68
C SER B 305 -41.22 -14.28 -2.58
N THR B 306 -41.95 -13.66 -3.51
CA THR B 306 -42.91 -14.44 -4.27
C THR B 306 -42.82 -14.38 -5.80
N THR B 307 -42.04 -13.44 -6.34
CA THR B 307 -41.88 -13.33 -7.79
C THR B 307 -40.84 -14.27 -8.37
N PRO B 308 -41.17 -14.91 -9.53
CA PRO B 308 -40.17 -15.75 -10.21
C PRO B 308 -38.87 -14.98 -10.43
N ALA B 309 -37.75 -15.69 -10.34
CA ALA B 309 -36.47 -15.03 -10.36
C ALA B 309 -36.33 -14.16 -11.60
N GLU B 310 -36.82 -14.62 -12.74
CA GLU B 310 -36.66 -13.89 -14.01
C GLU B 310 -37.31 -12.50 -14.03
N LYS B 311 -38.15 -12.20 -13.05
CA LYS B 311 -38.82 -10.90 -13.00
C LYS B 311 -38.70 -10.28 -11.61
N ASN B 312 -37.76 -10.84 -10.87
CA ASN B 312 -37.60 -10.45 -9.48
C ASN B 312 -36.50 -9.36 -9.43
N LEU B 313 -36.91 -8.11 -9.23
CA LEU B 313 -36.01 -6.94 -9.43
C LEU B 313 -34.76 -6.92 -8.56
N PRO B 314 -34.88 -7.23 -7.24
CA PRO B 314 -33.69 -7.29 -6.41
C PRO B 314 -32.72 -8.34 -6.93
N VAL B 315 -33.25 -9.46 -7.40
CA VAL B 315 -32.43 -10.55 -7.92
C VAL B 315 -31.73 -10.10 -9.21
N LEU B 316 -32.48 -9.50 -10.12
CA LEU B 316 -31.90 -9.07 -11.40
C LEU B 316 -30.77 -8.07 -11.20
N LEU B 317 -31.00 -7.04 -10.38
CA LEU B 317 -29.98 -6.05 -10.05
C LEU B 317 -28.78 -6.71 -9.39
N ALA B 318 -29.06 -7.64 -8.49
CA ALA B 318 -27.99 -8.32 -7.75
C ALA B 318 -27.11 -9.12 -8.71
N LEU B 319 -27.74 -9.90 -9.58
CA LEU B 319 -27.02 -10.67 -10.61
C LEU B 319 -26.22 -9.76 -11.56
N ILE B 320 -26.82 -8.66 -11.97
CA ILE B 320 -26.12 -7.77 -12.91
C ILE B 320 -24.90 -7.21 -12.21
N GLY B 321 -25.07 -6.88 -10.93
CA GLY B 321 -23.98 -6.33 -10.13
C GLY B 321 -22.86 -7.33 -9.98
N ILE B 322 -23.22 -8.58 -9.74
CA ILE B 322 -22.24 -9.65 -9.70
C ILE B 322 -21.49 -9.79 -11.03
N TRP B 323 -22.20 -9.67 -12.16
CA TRP B 323 -21.53 -9.72 -13.48
C TRP B 323 -20.41 -8.67 -13.51
N TYR B 324 -20.67 -7.46 -13.02
CA TYR B 324 -19.61 -6.43 -13.06
C TYR B 324 -18.60 -6.59 -11.92
N ASN B 325 -19.07 -6.95 -10.74
CA ASN B 325 -18.18 -7.11 -9.59
C ASN B 325 -17.17 -8.24 -9.78
N ASN B 326 -17.65 -9.37 -10.28
CA ASN B 326 -16.84 -10.58 -10.27
C ASN B 326 -16.30 -10.95 -11.61
N PHE B 327 -16.97 -10.55 -12.68
CA PHE B 327 -16.48 -10.89 -14.00
C PHE B 327 -15.76 -9.72 -14.69
N PHE B 328 -16.33 -8.53 -14.64
CA PHE B 328 -15.59 -7.36 -15.11
C PHE B 328 -14.52 -6.92 -14.14
N GLY B 329 -14.76 -7.14 -12.85
CA GLY B 329 -13.80 -6.72 -11.84
C GLY B 329 -13.89 -5.24 -11.53
N ALA B 330 -15.03 -4.61 -11.79
CA ALA B 330 -15.22 -3.22 -11.34
C ALA B 330 -15.35 -3.18 -9.82
N GLU B 331 -14.67 -2.23 -9.19
CA GLU B 331 -14.63 -2.15 -7.75
C GLU B 331 -15.84 -1.44 -7.15
N THR B 332 -16.50 -0.58 -7.94
CA THR B 332 -17.49 0.32 -7.36
C THR B 332 -18.87 0.31 -8.01
N GLU B 333 -19.86 0.86 -7.31
CA GLU B 333 -21.16 1.14 -7.90
C GLU B 333 -21.51 2.56 -7.48
N ALA B 334 -22.04 3.39 -8.38
CA ALA B 334 -22.51 4.72 -7.97
C ALA B 334 -24.00 4.75 -7.98
N ILE B 335 -24.55 5.35 -6.94
CA ILE B 335 -25.98 5.55 -6.78
C ILE B 335 -26.20 7.05 -6.92
N LEU B 336 -26.99 7.43 -7.94
CA LEU B 336 -27.11 8.82 -8.37
C LEU B 336 -28.58 9.23 -8.48
N PRO B 337 -29.18 9.65 -7.36
CA PRO B 337 -30.59 10.06 -7.44
C PRO B 337 -30.74 11.50 -7.92
N TYR B 338 -31.52 11.70 -8.96
CA TYR B 338 -31.82 13.03 -9.46
C TYR B 338 -32.94 13.62 -8.61
N ASP B 339 -32.58 13.92 -7.37
CA ASP B 339 -33.50 14.38 -6.35
C ASP B 339 -32.68 14.86 -5.18
N GLN B 340 -32.71 16.17 -4.98
CA GLN B 340 -31.97 16.84 -3.91
C GLN B 340 -32.34 16.31 -2.53
N TYR B 341 -33.62 16.01 -2.31
CA TYR B 341 -34.08 15.46 -1.03
C TYR B 341 -33.44 14.13 -0.67
N MET B 342 -33.03 13.38 -1.69
CA MET B 342 -32.38 12.10 -1.48
C MET B 342 -30.87 12.21 -1.43
N HIS B 343 -30.37 13.35 -0.99
CA HIS B 343 -28.94 13.57 -1.05
C HIS B 343 -28.14 12.68 -0.09
N ARG B 344 -28.82 11.97 0.81
CA ARG B 344 -28.12 11.10 1.75
C ARG B 344 -28.36 9.63 1.43
N PHE B 345 -29.05 9.39 0.32
CA PHE B 345 -29.42 8.05 -0.10
C PHE B 345 -28.18 7.17 -0.34
N ALA B 346 -27.21 7.70 -1.10
CA ALA B 346 -26.01 6.91 -1.42
C ALA B 346 -25.27 6.62 -0.13
N ALA B 347 -25.13 7.64 0.73
CA ALA B 347 -24.38 7.51 1.99
C ALA B 347 -25.01 6.43 2.85
N TYR B 348 -26.34 6.36 2.82
CA TYR B 348 -27.07 5.38 3.61
C TYR B 348 -26.62 4.01 3.19
N PHE B 349 -26.51 3.82 1.87
CA PHE B 349 -26.15 2.51 1.37
C PHE B 349 -24.66 2.17 1.39
N GLN B 350 -23.81 3.16 1.70
CA GLN B 350 -22.44 2.82 2.01
C GLN B 350 -22.44 1.90 3.23
N GLN B 351 -23.17 2.21 4.28
CA GLN B 351 -23.35 1.22 5.35
C GLN B 351 -24.13 -0.04 4.90
N GLY B 352 -25.35 0.15 4.44
CA GLY B 352 -26.24 -0.97 4.18
C GLY B 352 -25.59 -1.99 3.29
N ASN B 353 -24.85 -1.52 2.28
CA ASN B 353 -24.16 -2.41 1.38
C ASN B 353 -22.80 -2.86 1.89
N MET B 354 -21.94 -1.88 2.19
CA MET B 354 -20.54 -2.19 2.46
C MET B 354 -20.30 -2.88 3.82
N GLU B 355 -20.91 -2.40 4.89
CA GLU B 355 -20.82 -3.13 6.16
C GLU B 355 -21.44 -4.55 6.05
N SER B 356 -22.35 -4.73 5.08
CA SER B 356 -23.01 -6.02 4.93
C SER B 356 -22.09 -7.01 4.23
N ASN B 357 -21.69 -6.66 3.01
CA ASN B 357 -20.96 -7.59 2.15
C ASN B 357 -19.49 -7.29 2.02
N GLY B 358 -19.01 -6.27 2.74
CA GLY B 358 -17.56 -6.05 2.82
C GLY B 358 -16.90 -7.07 3.71
N LYS B 359 -16.74 -8.29 3.19
CA LYS B 359 -16.37 -9.47 3.99
C LYS B 359 -15.39 -10.34 3.22
N TYR B 360 -14.59 -11.15 3.92
CA TYR B 360 -13.58 -11.97 3.23
C TYR B 360 -13.48 -13.44 3.68
N VAL B 361 -14.29 -13.83 4.65
CA VAL B 361 -14.37 -15.23 5.05
C VAL B 361 -15.74 -15.78 4.69
N ASP B 362 -15.76 -16.88 3.94
CA ASP B 362 -17.03 -17.46 3.46
C ASP B 362 -17.81 -18.21 4.55
N ARG B 363 -19.07 -18.54 4.30
CA ARG B 363 -19.93 -19.15 5.33
C ARG B 363 -19.43 -20.48 5.93
N ASN B 364 -18.50 -21.16 5.25
CA ASN B 364 -17.79 -22.34 5.79
C ASN B 364 -16.51 -22.05 6.59
N GLY B 365 -16.22 -20.78 6.85
CA GLY B 365 -15.01 -20.43 7.62
C GLY B 365 -13.75 -20.32 6.79
N ASN B 366 -13.87 -20.44 5.46
CA ASN B 366 -12.72 -20.31 4.56
C ASN B 366 -12.56 -18.91 3.95
N VAL B 367 -11.33 -18.41 3.93
CA VAL B 367 -11.02 -17.16 3.24
C VAL B 367 -11.38 -17.27 1.76
N VAL B 368 -12.08 -16.26 1.25
CA VAL B 368 -12.41 -16.21 -0.18
C VAL B 368 -11.19 -15.86 -1.03
N ASP B 369 -11.18 -16.36 -2.26
CA ASP B 369 -10.19 -15.93 -3.27
C ASP B 369 -10.90 -15.28 -4.48
N TYR B 370 -12.02 -14.61 -4.23
CA TYR B 370 -12.79 -13.94 -5.25
C TYR B 370 -13.35 -12.65 -4.63
N GLN B 371 -13.96 -11.80 -5.42
CA GLN B 371 -14.41 -10.48 -4.96
C GLN B 371 -15.69 -10.54 -4.19
N THR B 372 -15.76 -9.80 -3.10
CA THR B 372 -17.03 -9.67 -2.39
C THR B 372 -17.65 -8.27 -2.59
N GLY B 373 -18.16 -7.65 -1.54
CA GLY B 373 -18.92 -6.40 -1.68
C GLY B 373 -18.22 -5.32 -2.49
N PRO B 374 -18.99 -4.60 -3.32
CA PRO B 374 -18.39 -3.45 -3.98
C PRO B 374 -18.36 -2.22 -3.07
N ILE B 375 -17.57 -1.23 -3.48
CA ILE B 375 -17.51 0.09 -2.82
C ILE B 375 -18.61 0.98 -3.40
N ILE B 376 -19.46 1.51 -2.52
CA ILE B 376 -20.58 2.32 -2.91
C ILE B 376 -20.25 3.80 -2.72
N TRP B 377 -20.67 4.63 -3.68
CA TRP B 377 -20.55 6.09 -3.58
C TRP B 377 -21.59 6.82 -4.45
N GLY B 378 -21.70 8.14 -4.31
CA GLY B 378 -22.55 8.91 -5.20
C GLY B 378 -22.94 10.26 -4.65
N GLU B 379 -23.39 11.15 -5.53
CA GLU B 379 -24.08 12.38 -5.12
C GLU B 379 -25.34 12.52 -5.97
N PRO B 380 -26.35 13.27 -5.47
CA PRO B 380 -27.55 13.49 -6.29
C PRO B 380 -27.25 14.19 -7.62
N GLY B 381 -28.00 13.87 -8.67
CA GLY B 381 -27.98 14.68 -9.90
C GLY B 381 -28.70 15.99 -9.60
N THR B 382 -28.36 17.09 -10.25
CA THR B 382 -27.33 17.15 -11.28
C THR B 382 -25.94 17.45 -10.69
N ASN B 383 -25.86 17.72 -9.38
CA ASN B 383 -24.57 18.06 -8.74
C ASN B 383 -23.38 17.17 -9.13
N GLY B 384 -23.54 15.85 -9.05
CA GLY B 384 -22.43 14.92 -9.28
C GLY B 384 -21.92 14.99 -10.69
N GLN B 385 -22.85 15.25 -11.60
CA GLN B 385 -22.57 15.50 -12.99
C GLN B 385 -21.51 16.59 -13.24
N HIS B 386 -21.58 17.68 -12.46
CA HIS B 386 -20.59 18.76 -12.55
C HIS B 386 -19.41 18.54 -11.61
N ALA B 387 -19.32 17.36 -11.00
CA ALA B 387 -18.19 17.09 -10.11
C ALA B 387 -17.32 15.97 -10.63
N PHE B 388 -17.92 14.81 -10.85
CA PHE B 388 -17.12 13.62 -11.11
C PHE B 388 -17.49 12.84 -12.37
N TYR B 389 -18.53 13.26 -13.09
CA TYR B 389 -18.97 12.48 -14.26
C TYR B 389 -17.91 12.39 -15.36
N GLN B 390 -16.99 13.37 -15.38
CA GLN B 390 -15.86 13.36 -16.33
C GLN B 390 -15.12 12.04 -16.30
N LEU B 391 -14.93 11.50 -15.09
CA LEU B 391 -14.18 10.26 -14.94
C LEU B 391 -15.04 9.07 -15.29
N ILE B 392 -16.33 9.14 -14.98
CA ILE B 392 -17.25 8.08 -15.39
C ILE B 392 -17.39 8.01 -16.94
N HIS B 393 -17.35 9.16 -17.61
CA HIS B 393 -17.44 9.14 -19.08
C HIS B 393 -16.06 8.90 -19.69
N GLN B 394 -15.02 9.47 -19.11
CA GLN B 394 -13.74 9.44 -19.83
C GLN B 394 -12.52 8.94 -19.05
N GLY B 395 -12.74 8.34 -17.89
CA GLY B 395 -11.65 7.78 -17.10
C GLY B 395 -11.26 6.39 -17.59
N THR B 396 -10.54 5.65 -16.74
CA THR B 396 -10.10 4.30 -17.07
C THR B 396 -10.64 3.26 -16.09
N LYS B 397 -11.56 3.66 -15.22
CA LYS B 397 -12.30 2.75 -14.34
C LYS B 397 -13.74 2.66 -14.83
N MET B 398 -14.29 1.46 -14.94
CA MET B 398 -15.70 1.30 -15.30
C MET B 398 -16.57 1.50 -14.07
N VAL B 399 -17.54 2.42 -14.14
CA VAL B 399 -18.43 2.66 -13.03
C VAL B 399 -19.93 2.44 -13.35
N PRO B 400 -20.43 1.19 -13.18
CA PRO B 400 -21.87 0.96 -13.26
C PRO B 400 -22.61 1.96 -12.36
N CYS B 401 -23.62 2.65 -12.90
CA CYS B 401 -24.38 3.61 -12.11
C CYS B 401 -25.86 3.25 -12.13
N ASP B 402 -26.52 3.46 -10.99
CA ASP B 402 -27.96 3.44 -10.93
C ASP B 402 -28.44 4.89 -10.86
N PHE B 403 -29.02 5.38 -11.96
CA PHE B 403 -29.63 6.70 -11.98
C PHE B 403 -31.04 6.53 -11.50
N ILE B 404 -31.50 7.43 -10.64
CA ILE B 404 -32.83 7.30 -10.04
C ILE B 404 -33.55 8.65 -10.13
N ALA B 405 -34.83 8.67 -10.47
CA ALA B 405 -35.58 9.93 -10.57
C ALA B 405 -37.06 9.71 -10.46
N PRO B 406 -37.77 10.67 -9.85
CA PRO B 406 -39.22 10.66 -9.84
C PRO B 406 -39.77 11.48 -11.02
N ALA B 407 -40.94 11.10 -11.50
CA ALA B 407 -41.53 11.79 -12.64
C ALA B 407 -42.30 13.02 -12.14
N ILE B 408 -42.65 13.01 -10.85
CA ILE B 408 -43.31 14.18 -10.19
C ILE B 408 -42.40 14.76 -9.11
N THR B 409 -42.28 16.08 -9.09
CA THR B 409 -41.56 16.78 -8.03
C THR B 409 -42.51 17.35 -7.01
N HIS B 410 -42.09 17.45 -5.75
CA HIS B 410 -42.93 18.10 -4.73
C HIS B 410 -42.73 19.62 -4.73
N ASN B 411 -41.77 20.10 -5.51
CA ASN B 411 -41.50 21.53 -5.61
C ASN B 411 -41.59 22.00 -7.07
N PRO B 412 -42.80 22.01 -7.63
CA PRO B 412 -42.88 22.38 -9.05
C PRO B 412 -42.47 23.83 -9.23
N LEU B 413 -41.62 24.10 -10.21
CA LEU B 413 -41.10 25.45 -10.38
C LEU B 413 -40.69 25.63 -11.82
N SER B 414 -41.44 26.45 -12.55
CA SER B 414 -41.27 26.62 -13.98
C SER B 414 -40.83 25.34 -14.66
N ASP B 415 -39.67 25.35 -15.29
CA ASP B 415 -39.25 24.15 -16.03
C ASP B 415 -38.08 23.43 -15.34
N HIS B 416 -37.88 23.71 -14.06
CA HIS B 416 -36.86 23.04 -13.27
C HIS B 416 -36.96 21.51 -13.39
N HIS B 417 -38.13 20.93 -13.13
CA HIS B 417 -38.19 19.46 -13.18
C HIS B 417 -37.87 18.88 -14.57
N GLN B 418 -38.48 19.45 -15.60
CA GLN B 418 -38.20 19.00 -16.96
C GLN B 418 -36.70 19.06 -17.24
N LYS B 419 -36.02 20.10 -16.78
CA LYS B 419 -34.56 20.17 -16.99
C LYS B 419 -33.86 19.06 -16.23
N LEU B 420 -34.24 18.87 -14.96
CA LEU B 420 -33.65 17.84 -14.12
C LEU B 420 -33.73 16.49 -14.85
N LEU B 421 -34.94 16.12 -15.26
CA LEU B 421 -35.17 14.85 -15.93
C LEU B 421 -34.46 14.71 -17.27
N SER B 422 -34.31 15.81 -18.01
CA SER B 422 -33.60 15.75 -19.30
C SER B 422 -32.13 15.31 -19.07
N ASN B 423 -31.55 15.75 -17.96
CA ASN B 423 -30.23 15.27 -17.59
C ASN B 423 -30.20 13.75 -17.24
N PHE B 424 -31.15 13.33 -16.40
CA PHE B 424 -31.37 11.92 -16.02
C PHE B 424 -31.48 10.99 -17.24
N PHE B 425 -32.29 11.37 -18.22
CA PHE B 425 -32.38 10.61 -19.47
C PHE B 425 -31.06 10.62 -20.25
N ALA B 426 -30.50 11.81 -20.45
CA ALA B 426 -29.37 12.06 -21.36
C ALA B 426 -28.08 11.38 -20.93
N GLN B 427 -27.86 11.34 -19.62
CA GLN B 427 -26.58 10.87 -19.09
C GLN B 427 -26.38 9.36 -19.34
N THR B 428 -27.45 8.57 -19.18
CA THR B 428 -27.31 7.13 -19.43
C THR B 428 -27.20 6.87 -20.92
N GLU B 429 -27.96 7.63 -21.70
CA GLU B 429 -27.81 7.62 -23.16
C GLU B 429 -26.34 7.89 -23.60
N ALA B 430 -25.74 8.96 -23.08
CA ALA B 430 -24.32 9.28 -23.32
C ALA B 430 -23.35 8.19 -22.89
N LEU B 431 -23.59 7.63 -21.70
CA LEU B 431 -22.70 6.62 -21.16
C LEU B 431 -22.77 5.33 -21.97
N ALA B 432 -23.98 4.93 -22.40
CA ALA B 432 -24.11 3.70 -23.19
C ALA B 432 -23.53 3.78 -24.60
N PHE B 433 -23.78 4.92 -25.27
CA PHE B 433 -23.54 5.01 -26.69
C PHE B 433 -22.33 5.86 -27.08
N GLY B 434 -21.96 6.86 -26.29
CA GLY B 434 -20.75 7.64 -26.58
C GLY B 434 -20.89 8.50 -27.83
N LYS B 435 -19.74 8.89 -28.40
CA LYS B 435 -19.67 9.81 -29.52
C LYS B 435 -18.35 9.53 -30.24
N SER B 436 -18.44 9.06 -31.49
CA SER B 436 -17.26 8.61 -32.23
C SER B 436 -16.40 9.80 -32.72
N ARG B 437 -15.19 9.48 -33.19
CA ARG B 437 -14.32 10.49 -33.73
C ARG B 437 -14.93 11.06 -35.01
N GLU B 438 -15.60 10.20 -35.78
CA GLU B 438 -16.23 10.61 -37.04
C GLU B 438 -17.28 11.69 -36.83
N VAL B 439 -18.09 11.50 -35.78
CA VAL B 439 -19.13 12.43 -35.41
C VAL B 439 -18.51 13.74 -34.97
N VAL B 440 -17.46 13.66 -34.16
CA VAL B 440 -16.73 14.83 -33.71
C VAL B 440 -16.14 15.61 -34.90
N GLU B 441 -15.64 14.90 -35.89
CA GLU B 441 -15.03 15.56 -37.04
C GLU B 441 -16.07 16.24 -37.90
N GLN B 442 -17.21 15.57 -38.07
CA GLN B 442 -18.35 16.11 -38.80
C GLN B 442 -18.90 17.41 -38.19
N GLU B 443 -18.89 17.51 -36.86
CA GLU B 443 -19.39 18.71 -36.21
C GLU B 443 -18.55 19.92 -36.60
N TYR B 444 -17.24 19.73 -36.74
CA TYR B 444 -16.37 20.84 -37.15
C TYR B 444 -16.59 21.18 -38.63
N ARG B 445 -16.65 20.15 -39.47
CA ARG B 445 -16.93 20.33 -40.88
C ARG B 445 -18.19 21.13 -41.10
N ASP B 446 -19.20 20.91 -40.29
CA ASP B 446 -20.46 21.61 -40.50
C ASP B 446 -20.33 23.05 -40.03
N GLN B 447 -19.26 23.35 -39.29
CA GLN B 447 -18.94 24.73 -38.95
C GLN B 447 -18.19 25.37 -40.13
N GLY B 448 -17.95 24.54 -41.15
CA GLY B 448 -17.09 24.90 -42.25
C GLY B 448 -15.62 24.90 -41.86
N LYS B 449 -15.27 24.19 -40.78
CA LYS B 449 -13.87 24.11 -40.33
C LYS B 449 -13.20 22.81 -40.77
N ASP B 450 -11.88 22.82 -40.91
CA ASP B 450 -11.13 21.62 -41.29
C ASP B 450 -10.60 20.85 -40.08
N PRO B 451 -11.24 19.71 -39.73
CA PRO B 451 -10.87 19.03 -38.49
C PRO B 451 -9.39 18.57 -38.50
N ALA B 452 -8.76 18.52 -39.68
CA ALA B 452 -7.34 18.15 -39.80
C ALA B 452 -6.42 19.17 -39.15
N THR B 453 -6.92 20.39 -39.00
CA THR B 453 -6.16 21.45 -38.35
C THR B 453 -6.46 21.49 -36.88
N LEU B 454 -7.27 20.56 -36.40
CA LEU B 454 -7.72 20.57 -35.01
C LEU B 454 -7.22 19.42 -34.13
N ASP B 455 -6.11 18.80 -34.51
CA ASP B 455 -5.52 17.69 -33.76
C ASP B 455 -5.31 17.94 -32.28
N TYR B 456 -5.11 19.19 -31.89
CA TYR B 456 -4.80 19.53 -30.52
C TYR B 456 -6.02 19.32 -29.60
N VAL B 457 -7.18 19.10 -30.22
CA VAL B 457 -8.42 18.97 -29.46
C VAL B 457 -9.33 17.80 -29.86
N VAL B 458 -9.41 17.48 -31.16
CA VAL B 458 -10.40 16.49 -31.63
C VAL B 458 -10.38 15.16 -30.84
N PRO B 459 -9.20 14.57 -30.66
CA PRO B 459 -9.06 13.29 -29.96
C PRO B 459 -9.66 13.26 -28.55
N PHE B 460 -9.68 14.43 -27.91
CA PHE B 460 -10.14 14.60 -26.53
C PHE B 460 -11.65 14.72 -26.39
N LYS B 461 -12.35 14.89 -27.53
CA LYS B 461 -13.80 15.04 -27.53
C LYS B 461 -14.54 13.73 -27.87
N VAL B 462 -13.77 12.65 -28.05
CA VAL B 462 -14.33 11.33 -28.35
C VAL B 462 -14.73 10.58 -27.08
N PHE B 463 -15.97 10.11 -27.08
CA PHE B 463 -16.56 9.37 -25.97
C PHE B 463 -16.72 7.92 -26.43
N GLU B 464 -16.00 7.01 -25.80
CA GLU B 464 -16.11 5.66 -26.33
C GLU B 464 -17.32 4.90 -25.80
N GLY B 465 -18.05 5.51 -24.86
CA GLY B 465 -19.28 4.89 -24.38
C GLY B 465 -19.11 3.47 -23.83
N ASN B 466 -20.12 2.62 -24.04
CA ASN B 466 -20.13 1.24 -23.54
C ASN B 466 -19.98 1.18 -22.02
N ARG B 467 -20.48 2.21 -21.34
CA ARG B 467 -20.49 2.25 -19.89
C ARG B 467 -21.91 1.98 -19.37
N PRO B 468 -22.05 0.93 -18.52
CA PRO B 468 -23.40 0.44 -18.16
C PRO B 468 -24.11 1.26 -17.10
N THR B 469 -25.44 1.28 -17.15
CA THR B 469 -26.25 1.90 -16.15
C THR B 469 -27.59 1.19 -16.02
N ASN B 470 -28.19 1.41 -14.85
CA ASN B 470 -29.58 1.12 -14.60
C ASN B 470 -30.29 2.46 -14.43
N SER B 471 -31.57 2.55 -14.79
CA SER B 471 -32.34 3.78 -14.59
C SER B 471 -33.59 3.38 -13.88
N ILE B 472 -33.85 3.99 -12.73
CA ILE B 472 -35.05 3.68 -11.93
C ILE B 472 -35.97 4.90 -11.91
N LEU B 473 -37.08 4.82 -12.65
CA LEU B 473 -38.03 5.92 -12.73
C LEU B 473 -39.19 5.60 -11.82
N LEU B 474 -39.54 6.53 -10.93
CA LEU B 474 -40.68 6.34 -10.06
C LEU B 474 -41.72 7.38 -10.41
N ARG B 475 -42.98 7.12 -10.11
CA ARG B 475 -43.98 8.14 -10.31
C ARG B 475 -43.61 9.37 -9.48
N GLU B 476 -43.22 9.12 -8.24
CA GLU B 476 -43.10 10.15 -7.22
C GLU B 476 -42.38 9.53 -6.01
N ILE B 477 -41.63 10.34 -5.27
CA ILE B 477 -40.99 9.84 -4.05
C ILE B 477 -41.99 10.06 -2.94
N THR B 478 -42.61 8.98 -2.51
CA THR B 478 -43.57 8.99 -1.40
C THR B 478 -43.04 8.13 -0.23
N PRO B 479 -43.68 8.23 0.94
CA PRO B 479 -43.18 7.33 1.98
C PRO B 479 -43.25 5.88 1.49
N PHE B 480 -44.34 5.55 0.79
CA PHE B 480 -44.50 4.20 0.25
C PHE B 480 -43.44 3.89 -0.81
N SER B 481 -43.34 4.73 -1.84
CA SER B 481 -42.37 4.47 -2.91
C SER B 481 -40.95 4.38 -2.35
N LEU B 482 -40.61 5.28 -1.44
CA LEU B 482 -39.29 5.22 -0.80
C LEU B 482 -39.11 3.94 0.05
N GLY B 483 -40.19 3.48 0.71
CA GLY B 483 -40.09 2.26 1.51
C GLY B 483 -39.68 1.11 0.62
N ALA B 484 -40.25 1.08 -0.57
CA ALA B 484 -40.04 -0.01 -1.51
C ALA B 484 -38.66 0.08 -2.14
N LEU B 485 -38.20 1.30 -2.37
CA LEU B 485 -36.88 1.53 -2.95
C LEU B 485 -35.74 1.11 -2.03
N ILE B 486 -35.84 1.49 -0.76
CA ILE B 486 -34.86 1.06 0.22
C ILE B 486 -34.83 -0.48 0.29
N ALA B 487 -36.01 -1.10 0.39
CA ALA B 487 -36.13 -2.55 0.48
C ALA B 487 -35.60 -3.29 -0.77
N LEU B 488 -35.75 -2.68 -1.96
CA LEU B 488 -35.19 -3.22 -3.19
C LEU B 488 -33.69 -3.44 -3.06
N TYR B 489 -33.00 -2.41 -2.58
CA TYR B 489 -31.57 -2.49 -2.36
C TYR B 489 -31.20 -3.42 -1.19
N GLU B 490 -31.99 -3.41 -0.12
CA GLU B 490 -31.73 -4.34 0.98
C GLU B 490 -31.73 -5.78 0.46
N HIS B 491 -32.71 -6.11 -0.39
CA HIS B 491 -32.79 -7.46 -0.95
C HIS B 491 -31.83 -7.74 -2.08
N LYS B 492 -31.37 -6.70 -2.76
CA LYS B 492 -30.27 -6.87 -3.72
C LYS B 492 -29.03 -7.33 -2.94
N ILE B 493 -28.73 -6.61 -1.86
CA ILE B 493 -27.60 -6.88 -0.98
C ILE B 493 -27.67 -8.30 -0.37
N PHE B 494 -28.86 -8.72 0.05
CA PHE B 494 -29.08 -10.08 0.50
C PHE B 494 -28.73 -11.12 -0.57
N THR B 495 -29.30 -10.96 -1.76
CA THR B 495 -29.01 -11.85 -2.87
C THR B 495 -27.54 -12.01 -3.22
N GLN B 496 -26.83 -10.90 -3.34
CA GLN B 496 -25.39 -10.92 -3.52
C GLN B 496 -24.66 -11.65 -2.39
N GLY B 497 -25.03 -11.34 -1.14
CA GLY B 497 -24.57 -12.07 0.02
C GLY B 497 -24.76 -13.57 -0.12
N VAL B 498 -25.96 -14.00 -0.50
CA VAL B 498 -26.24 -15.42 -0.59
C VAL B 498 -25.33 -16.06 -1.61
N ILE B 499 -25.37 -15.53 -2.83
CA ILE B 499 -24.56 -16.06 -3.92
C ILE B 499 -23.04 -16.08 -3.62
N LEU B 500 -22.54 -15.00 -3.03
CA LEU B 500 -21.10 -14.84 -2.77
C LEU B 500 -20.63 -15.64 -1.54
N ASN B 501 -21.58 -16.33 -0.91
CA ASN B 501 -21.26 -17.25 0.20
C ASN B 501 -20.64 -16.56 1.37
N ILE B 502 -21.16 -15.39 1.74
CA ILE B 502 -20.64 -14.68 2.90
C ILE B 502 -21.74 -14.38 3.90
N PHE B 503 -21.38 -13.75 5.00
CA PHE B 503 -22.35 -13.45 6.02
C PHE B 503 -22.74 -11.99 5.93
N THR B 504 -23.95 -11.75 5.46
CA THR B 504 -24.41 -10.40 5.15
C THR B 504 -24.77 -9.59 6.40
N PHE B 505 -24.96 -10.27 7.54
CA PHE B 505 -25.64 -9.62 8.65
C PHE B 505 -24.84 -9.40 9.91
N ASP B 506 -23.56 -9.74 9.87
CA ASP B 506 -22.70 -9.42 10.98
C ASP B 506 -21.70 -8.36 10.54
N GLN B 507 -20.84 -7.96 11.47
CA GLN B 507 -19.90 -6.86 11.24
C GLN B 507 -18.79 -6.94 12.28
N TRP B 508 -17.97 -8.00 12.18
CA TRP B 508 -16.88 -8.21 13.11
C TRP B 508 -15.70 -7.30 12.77
N GLY B 509 -15.72 -6.74 11.55
CA GLY B 509 -14.66 -5.83 11.10
C GLY B 509 -14.60 -4.50 11.83
N VAL B 510 -15.62 -4.19 12.64
CA VAL B 510 -15.63 -2.94 13.42
C VAL B 510 -14.92 -3.06 14.78
N GLU B 511 -14.58 -4.26 15.18
CA GLU B 511 -14.11 -4.46 16.56
C GLU B 511 -12.67 -3.96 16.81
N LEU B 512 -11.75 -4.28 15.91
CA LEU B 512 -10.34 -3.97 16.13
C LEU B 512 -10.12 -2.48 16.37
N GLY B 513 -10.65 -1.65 15.47
CA GLY B 513 -10.58 -0.20 15.65
C GLY B 513 -10.99 0.20 17.05
N LYS B 514 -12.04 -0.42 17.54
CA LYS B 514 -12.60 -0.03 18.82
C LYS B 514 -11.68 -0.40 19.97
N GLN B 515 -11.15 -1.63 19.97
CA GLN B 515 -10.24 -2.02 21.05
C GLN B 515 -8.93 -1.23 21.03
N LEU B 516 -8.45 -0.85 19.85
CA LEU B 516 -7.23 -0.08 19.81
C LEU B 516 -7.48 1.36 20.26
N ALA B 517 -8.66 1.91 19.96
CA ALA B 517 -8.95 3.26 20.46
C ALA B 517 -9.17 3.25 21.98
N ASN B 518 -9.77 2.19 22.49
CA ASN B 518 -9.89 2.04 23.95
C ASN B 518 -8.56 2.04 24.66
N ARG B 519 -7.53 1.44 24.04
CA ARG B 519 -6.19 1.38 24.65
C ARG B 519 -5.53 2.74 24.59
N ILE B 520 -5.84 3.46 23.53
CA ILE B 520 -5.20 4.73 23.28
C ILE B 520 -5.77 5.88 24.10
N LEU B 521 -7.08 5.85 24.39
CA LEU B 521 -7.71 6.99 25.09
C LEU B 521 -7.06 7.34 26.44
N PRO B 522 -6.89 6.35 27.33
CA PRO B 522 -6.28 6.77 28.61
C PRO B 522 -4.87 7.32 28.44
N GLU B 523 -4.14 6.91 27.40
CA GLU B 523 -2.79 7.41 27.11
C GLU B 523 -2.77 8.85 26.61
N LEU B 524 -3.93 9.35 26.19
CA LEU B 524 -4.06 10.72 25.72
C LEU B 524 -4.18 11.72 26.87
N LYS B 525 -4.33 11.24 28.11
CA LYS B 525 -4.70 12.12 29.26
C LYS B 525 -3.53 12.84 29.92
N ASP B 526 -2.39 12.17 30.03
CA ASP B 526 -1.21 12.67 30.72
C ASP B 526 -0.32 13.37 29.72
N ASP B 527 0.81 13.85 30.21
CA ASP B 527 1.79 14.45 29.32
C ASP B 527 2.94 13.50 28.97
N LYS B 528 2.93 12.29 29.52
CA LYS B 528 3.98 11.32 29.20
C LYS B 528 4.11 11.08 27.69
N GLU B 529 5.37 11.00 27.24
CA GLU B 529 5.67 10.58 25.89
C GLU B 529 5.21 9.14 25.70
N ILE B 530 4.62 8.84 24.57
CA ILE B 530 4.09 7.49 24.36
C ILE B 530 5.05 6.63 23.54
N SER B 531 5.31 5.40 24.00
CA SER B 531 6.15 4.47 23.26
C SER B 531 5.60 3.05 23.24
N SER B 532 4.30 2.91 23.53
CA SER B 532 3.64 1.60 23.60
C SER B 532 3.16 1.00 22.27
N HIS B 533 3.30 1.73 21.17
CA HIS B 533 2.85 1.24 19.88
C HIS B 533 3.98 1.22 18.89
N ASP B 534 3.64 0.97 17.63
CA ASP B 534 4.60 1.12 16.54
C ASP B 534 5.12 2.58 16.47
N SER B 535 6.29 2.77 15.85
CA SER B 535 6.87 4.11 15.76
C SER B 535 5.94 5.21 15.21
N SER B 536 4.97 4.84 14.39
CA SER B 536 4.13 5.85 13.73
C SER B 536 2.99 6.26 14.62
N THR B 537 2.29 5.27 15.20
CA THR B 537 1.28 5.57 16.19
C THR B 537 1.89 6.40 17.33
N ASN B 538 3.07 6.03 17.81
CA ASN B 538 3.77 6.83 18.80
C ASN B 538 4.02 8.25 18.29
N GLY B 539 4.54 8.36 17.07
CA GLY B 539 4.95 9.66 16.55
C GLY B 539 3.76 10.60 16.46
N LEU B 540 2.63 10.09 15.97
CA LEU B 540 1.45 10.93 15.80
C LEU B 540 0.85 11.32 17.16
N ILE B 541 0.78 10.37 18.07
CA ILE B 541 0.28 10.63 19.43
C ILE B 541 1.13 11.70 20.08
N ASN B 542 2.46 11.57 20.00
CA ASN B 542 3.35 12.53 20.64
C ASN B 542 3.31 13.94 20.00
N ARG B 543 3.20 13.99 18.67
CA ARG B 543 3.07 15.26 17.99
C ARG B 543 1.81 15.95 18.46
N TYR B 544 0.73 15.18 18.59
CA TYR B 544 -0.52 15.67 19.10
C TYR B 544 -0.35 16.27 20.51
N LYS B 545 0.43 15.63 21.38
CA LYS B 545 0.60 16.17 22.75
C LYS B 545 1.39 17.48 22.73
N ALA B 546 2.34 17.57 21.79
CA ALA B 546 3.16 18.78 21.65
C ALA B 546 2.28 19.95 21.20
N TRP B 547 1.29 19.63 20.39
CA TRP B 547 0.53 20.64 19.64
C TRP B 547 -0.85 20.97 20.22
N ARG B 548 -1.33 20.17 21.19
CA ARG B 548 -2.72 20.29 21.64
C ARG B 548 -3.00 21.48 22.54
N GLY B 549 -1.96 22.25 22.82
CA GLY B 549 -1.99 23.22 23.91
C GLY B 549 -1.20 22.65 25.07
N MET C 1 3.67 -1.84 -79.15
CA MET C 1 3.97 -0.40 -79.43
C MET C 1 5.10 -0.26 -80.44
N LYS C 2 5.11 0.84 -81.17
CA LYS C 2 6.04 1.04 -82.28
C LYS C 2 7.46 1.40 -81.81
N ASN C 3 8.45 1.16 -82.66
CA ASN C 3 9.85 1.44 -82.37
C ASN C 3 10.47 2.29 -83.46
N ILE C 4 10.00 3.52 -83.56
CA ILE C 4 10.38 4.43 -84.63
C ILE C 4 11.66 5.15 -84.25
N ASN C 5 12.67 5.09 -85.13
CA ASN C 5 13.85 5.92 -84.97
C ASN C 5 13.47 7.40 -85.19
N PRO C 6 13.52 8.21 -84.12
CA PRO C 6 13.06 9.59 -84.21
C PRO C 6 13.81 10.43 -85.25
N THR C 7 15.04 10.04 -85.57
CA THR C 7 15.91 10.83 -86.41
C THR C 7 15.63 10.57 -87.88
N GLN C 8 14.82 9.56 -88.16
CA GLN C 8 14.42 9.24 -89.51
C GLN C 8 13.00 9.74 -89.80
N THR C 9 12.44 10.55 -88.93
CA THR C 9 11.10 11.05 -89.21
C THR C 9 11.16 12.41 -89.92
N ALA C 10 10.08 12.75 -90.60
CA ALA C 10 9.96 14.05 -91.24
C ALA C 10 9.96 15.12 -90.15
N ALA C 11 9.25 14.82 -89.05
CA ALA C 11 9.09 15.74 -87.94
C ALA C 11 10.45 16.18 -87.41
N TRP C 12 11.35 15.20 -87.27
CA TRP C 12 12.70 15.50 -86.81
C TRP C 12 13.38 16.45 -87.80
N GLN C 13 13.19 16.23 -89.10
CA GLN C 13 13.81 17.10 -90.12
C GLN C 13 13.32 18.54 -89.93
N ALA C 14 12.01 18.70 -89.76
CA ALA C 14 11.41 20.00 -89.54
C ALA C 14 11.93 20.64 -88.27
N LEU C 15 12.11 19.85 -87.20
CA LEU C 15 12.63 20.39 -85.95
C LEU C 15 14.07 20.89 -86.09
N GLN C 16 14.83 20.25 -86.97
CA GLN C 16 16.26 20.55 -87.17
C GLN C 16 16.38 21.87 -87.93
N LYS C 17 15.46 22.06 -88.86
CA LYS C 17 15.40 23.25 -89.68
C LYS C 17 14.97 24.39 -88.75
N HIS C 18 13.91 24.15 -87.98
CA HIS C 18 13.42 25.11 -86.96
C HIS C 18 14.49 25.50 -85.96
N PHE C 19 15.29 24.54 -85.52
CA PHE C 19 16.32 24.85 -84.55
C PHE C 19 17.34 25.87 -85.12
N ASP C 20 17.70 25.71 -86.39
CA ASP C 20 18.66 26.63 -87.02
C ASP C 20 18.14 28.05 -87.02
N GLU C 21 16.83 28.20 -87.17
CA GLU C 21 16.22 29.53 -87.13
C GLU C 21 16.08 29.99 -85.70
N MET C 22 15.86 29.05 -84.78
CA MET C 22 15.59 29.35 -83.38
C MET C 22 16.81 29.49 -82.48
N LYS C 23 17.96 28.99 -82.90
CA LYS C 23 19.08 28.80 -81.97
C LYS C 23 19.52 30.08 -81.23
N ASP C 24 19.33 31.24 -81.86
CA ASP C 24 19.81 32.49 -81.27
C ASP C 24 18.68 33.41 -80.73
N VAL C 25 17.43 33.05 -81.00
CA VAL C 25 16.28 33.79 -80.47
C VAL C 25 16.37 33.93 -78.96
N THR C 26 15.96 35.09 -78.43
CA THR C 26 16.04 35.29 -76.99
C THR C 26 14.69 35.24 -76.31
N ILE C 27 14.69 34.76 -75.07
CA ILE C 27 13.48 34.73 -74.26
C ILE C 27 12.89 36.14 -74.08
N ALA C 28 13.74 37.13 -73.88
CA ALA C 28 13.27 38.52 -73.77
C ALA C 28 12.50 38.97 -75.02
N ASP C 29 12.96 38.61 -76.21
CA ASP C 29 12.21 38.98 -77.42
C ASP C 29 10.86 38.26 -77.48
N LEU C 30 10.80 37.02 -77.00
CA LEU C 30 9.53 36.26 -77.06
C LEU C 30 8.46 36.89 -76.19
N PHE C 31 8.88 37.38 -75.02
CA PHE C 31 7.96 38.06 -74.14
C PHE C 31 7.63 39.47 -74.67
N ALA C 32 8.61 40.11 -75.31
CA ALA C 32 8.40 41.45 -75.89
C ALA C 32 7.32 41.48 -76.97
N LYS C 33 7.18 40.40 -77.71
CA LYS C 33 6.24 40.40 -78.81
C LYS C 33 4.84 39.90 -78.49
N ASP C 34 4.56 39.63 -77.21
CA ASP C 34 3.24 39.11 -76.78
C ASP C 34 3.02 39.24 -75.26
N GLY C 35 2.19 40.22 -74.87
CA GLY C 35 1.78 40.42 -73.48
C GLY C 35 1.04 39.26 -72.83
N ASP C 36 0.49 38.36 -73.64
CA ASP C 36 -0.18 37.19 -73.10
C ASP C 36 0.66 35.91 -73.24
N ARG C 37 1.98 36.04 -73.27
CA ARG C 37 2.81 34.84 -73.47
C ARG C 37 2.65 33.82 -72.36
N PHE C 38 2.59 34.29 -71.12
CA PHE C 38 2.38 33.42 -69.94
C PHE C 38 1.20 32.48 -70.16
N SER C 39 0.07 33.05 -70.57
CA SER C 39 -1.18 32.33 -70.66
C SER C 39 -1.18 31.30 -71.81
N LYS C 40 -0.29 31.48 -72.79
CA LYS C 40 -0.27 30.59 -73.92
C LYS C 40 0.70 29.46 -73.69
N PHE C 41 1.49 29.58 -72.63
CA PHE C 41 2.55 28.59 -72.32
C PHE C 41 2.55 28.14 -70.85
N SER C 42 1.35 27.92 -70.30
CA SER C 42 1.20 27.35 -68.96
C SER C 42 -0.15 26.66 -68.84
N ALA C 43 -0.25 25.75 -67.89
CA ALA C 43 -1.48 24.98 -67.68
C ALA C 43 -1.53 24.65 -66.21
N THR C 44 -2.73 24.44 -65.66
CA THR C 44 -2.81 24.09 -64.25
C THR C 44 -3.42 22.70 -64.11
N PHE C 45 -2.82 21.86 -63.27
CA PHE C 45 -3.39 20.54 -63.01
C PHE C 45 -4.28 20.56 -61.77
N ASP C 46 -5.51 20.05 -61.93
CA ASP C 46 -6.44 19.83 -60.82
C ASP C 46 -6.64 21.06 -59.92
N ASP C 47 -6.50 22.25 -60.50
CA ASP C 47 -6.64 23.48 -59.72
C ASP C 47 -5.73 23.63 -58.47
N GLN C 48 -4.54 23.02 -58.55
CA GLN C 48 -3.56 23.09 -57.44
C GLN C 48 -2.10 23.01 -57.87
N MET C 49 -1.86 22.84 -59.17
CA MET C 49 -0.49 22.77 -59.67
C MET C 49 -0.35 23.56 -60.98
N LEU C 50 0.17 24.78 -60.88
CA LEU C 50 0.43 25.59 -62.03
C LEU C 50 1.76 25.19 -62.61
N VAL C 51 1.74 24.77 -63.87
CA VAL C 51 2.96 24.52 -64.60
C VAL C 51 3.18 25.61 -65.65
N ASP C 52 4.19 26.44 -65.40
CA ASP C 52 4.51 27.56 -66.27
C ASP C 52 5.75 27.26 -67.08
N TYR C 53 5.55 26.90 -68.35
CA TYR C 53 6.65 26.63 -69.29
C TYR C 53 6.90 27.81 -70.27
N SER C 54 6.51 29.02 -69.84
CA SER C 54 6.64 30.18 -70.72
C SER C 54 8.06 30.75 -70.83
N LYS C 55 8.90 30.56 -69.80
CA LYS C 55 10.28 31.06 -69.85
C LYS C 55 11.22 30.10 -70.56
N ASN C 56 10.86 29.73 -71.78
CA ASN C 56 11.61 28.76 -72.57
C ASN C 56 11.81 29.27 -73.97
N ARG C 57 12.87 28.79 -74.61
CA ARG C 57 13.26 29.24 -75.94
C ARG C 57 12.43 28.47 -76.97
N ILE C 58 11.13 28.75 -76.95
CA ILE C 58 10.16 28.02 -77.76
C ILE C 58 9.04 28.95 -78.20
N THR C 59 8.44 28.65 -79.36
CA THR C 59 7.30 29.43 -79.82
C THR C 59 6.10 28.49 -80.01
N GLU C 60 4.95 29.04 -80.41
CA GLU C 60 3.78 28.21 -80.73
C GLU C 60 4.19 27.19 -81.81
N GLU C 61 5.05 27.61 -82.73
CA GLU C 61 5.53 26.73 -83.80
C GLU C 61 6.46 25.63 -83.23
N THR C 62 7.38 25.98 -82.34
CA THR C 62 8.24 24.95 -81.73
C THR C 62 7.38 23.84 -81.14
N LEU C 63 6.41 24.23 -80.31
CA LEU C 63 5.51 23.29 -79.70
C LEU C 63 4.82 22.41 -80.72
N ALA C 64 4.42 23.00 -81.84
CA ALA C 64 3.72 22.28 -82.90
C ALA C 64 4.58 21.20 -83.53
N LYS C 65 5.85 21.54 -83.81
CA LYS C 65 6.80 20.62 -84.43
C LYS C 65 7.19 19.48 -83.49
N LEU C 66 7.35 19.80 -82.21
CA LEU C 66 7.63 18.80 -81.19
C LEU C 66 6.45 17.88 -81.06
N GLN C 67 5.23 18.44 -81.11
CA GLN C 67 4.01 17.59 -81.09
C GLN C 67 3.90 16.67 -82.30
N ASP C 68 4.27 17.16 -83.48
CA ASP C 68 4.27 16.34 -84.69
C ASP C 68 5.16 15.14 -84.46
N LEU C 69 6.35 15.37 -83.92
CA LEU C 69 7.29 14.29 -83.63
C LEU C 69 6.66 13.22 -82.71
N ALA C 70 5.96 13.65 -81.68
CA ALA C 70 5.35 12.70 -80.73
C ALA C 70 4.34 11.86 -81.48
N LYS C 71 3.54 12.53 -82.29
CA LYS C 71 2.57 11.89 -83.17
C LYS C 71 3.23 10.87 -84.11
N GLU C 72 4.35 11.23 -84.74
CA GLU C 72 5.02 10.34 -85.68
C GLU C 72 5.63 9.14 -84.96
N CYS C 73 5.85 9.27 -83.66
CA CYS C 73 6.48 8.20 -82.90
C CYS C 73 5.42 7.32 -82.25
N ASP C 74 4.16 7.67 -82.50
CA ASP C 74 2.98 7.01 -81.93
C ASP C 74 2.91 7.04 -80.42
N LEU C 75 2.96 8.24 -79.85
CA LEU C 75 2.96 8.36 -78.40
C LEU C 75 1.66 7.86 -77.82
N ALA C 76 0.53 8.19 -78.43
CA ALA C 76 -0.75 7.81 -77.85
C ALA C 76 -0.83 6.29 -77.74
N GLY C 77 -0.39 5.59 -78.79
CA GLY C 77 -0.31 4.15 -78.77
C GLY C 77 0.50 3.61 -77.60
N ALA C 78 1.70 4.15 -77.44
CA ALA C 78 2.59 3.74 -76.39
C ALA C 78 1.96 3.93 -75.02
N ILE C 79 1.23 5.02 -74.83
CA ILE C 79 0.59 5.30 -73.57
C ILE C 79 -0.54 4.29 -73.36
N LYS C 80 -1.32 4.04 -74.40
CA LYS C 80 -2.37 3.00 -74.29
C LYS C 80 -1.77 1.64 -73.96
N SER C 81 -0.59 1.35 -74.51
CA SER C 81 0.08 0.06 -74.28
C SER C 81 0.42 -0.16 -72.80
N MET C 82 1.03 0.85 -72.18
CA MET C 82 1.36 0.81 -70.75
C MET C 82 0.12 0.62 -69.87
N PHE C 83 -0.86 1.50 -70.01
CA PHE C 83 -2.03 1.47 -69.13
C PHE C 83 -2.90 0.21 -69.26
N SER C 84 -2.74 -0.54 -70.33
CA SER C 84 -3.57 -1.72 -70.54
C SER C 84 -2.81 -3.02 -70.28
N GLY C 85 -1.57 -2.91 -69.80
CA GLY C 85 -0.81 -4.09 -69.38
C GLY C 85 -0.06 -4.83 -70.47
N GLU C 86 0.18 -4.16 -71.59
CA GLU C 86 1.00 -4.72 -72.64
C GLU C 86 2.42 -4.90 -72.09
N LYS C 87 3.10 -5.96 -72.48
CA LYS C 87 4.42 -6.22 -71.96
C LYS C 87 5.48 -5.40 -72.69
N ILE C 88 5.51 -4.09 -72.42
CA ILE C 88 6.30 -3.15 -73.22
C ILE C 88 7.76 -3.22 -72.81
N ASN C 89 8.00 -3.78 -71.63
CA ASN C 89 9.34 -4.15 -71.21
C ASN C 89 9.83 -5.46 -71.90
N ARG C 90 10.29 -5.33 -73.14
CA ARG C 90 10.55 -6.48 -73.98
C ARG C 90 11.82 -7.25 -73.68
N THR C 91 12.83 -6.59 -73.15
CA THR C 91 14.06 -7.30 -72.84
C THR C 91 13.87 -8.27 -71.66
N GLU C 92 12.87 -8.04 -70.83
CA GLU C 92 12.53 -8.94 -69.71
C GLU C 92 11.13 -9.54 -69.89
N ASN C 93 10.47 -9.17 -70.97
CA ASN C 93 9.09 -9.59 -71.20
C ASN C 93 8.16 -9.34 -70.01
N ARG C 94 8.08 -8.10 -69.54
CA ARG C 94 7.16 -7.75 -68.46
C ARG C 94 6.21 -6.62 -68.82
N ALA C 95 5.08 -6.57 -68.13
CA ALA C 95 4.25 -5.39 -68.12
C ALA C 95 4.92 -4.25 -67.32
N VAL C 96 4.32 -3.07 -67.35
CA VAL C 96 4.88 -1.92 -66.64
C VAL C 96 3.64 -1.27 -66.02
N LEU C 97 3.41 -1.55 -64.74
CA LEU C 97 2.11 -1.25 -64.19
C LEU C 97 2.10 -0.55 -62.83
N HIS C 98 3.08 0.34 -62.59
CA HIS C 98 3.01 1.17 -61.39
C HIS C 98 1.72 1.96 -61.33
N VAL C 99 1.07 2.17 -62.47
CA VAL C 99 -0.20 2.91 -62.47
C VAL C 99 -1.31 2.00 -61.89
N ALA C 100 -1.10 0.68 -61.94
CA ALA C 100 -1.96 -0.28 -61.23
C ALA C 100 -1.83 -0.15 -59.71
N LEU C 101 -0.62 0.06 -59.21
CA LEU C 101 -0.40 0.13 -57.78
C LEU C 101 -1.26 1.22 -57.15
N ARG C 102 -1.55 2.27 -57.91
CA ARG C 102 -2.28 3.40 -57.35
C ARG C 102 -3.62 3.57 -58.04
N ASN C 103 -4.08 2.53 -58.70
CA ASN C 103 -5.31 2.61 -59.46
C ASN C 103 -6.53 2.58 -58.54
N ARG C 104 -6.82 3.73 -57.91
CA ARG C 104 -7.92 3.84 -56.93
C ARG C 104 -9.29 3.49 -57.48
N SER C 105 -9.48 3.69 -58.78
CA SER C 105 -10.76 3.43 -59.43
C SER C 105 -11.01 1.91 -59.56
N ASN C 106 -9.95 1.12 -59.49
CA ASN C 106 -10.06 -0.35 -59.59
C ASN C 106 -10.44 -0.95 -60.93
N THR C 107 -10.53 -0.12 -61.97
CA THR C 107 -10.62 -0.61 -63.33
C THR C 107 -9.75 -1.87 -63.51
N PRO C 108 -10.36 -2.97 -63.97
CA PRO C 108 -9.61 -4.19 -64.26
C PRO C 108 -8.39 -3.97 -65.17
N ILE C 109 -7.23 -4.46 -64.76
CA ILE C 109 -6.06 -4.38 -65.60
C ILE C 109 -5.45 -5.77 -65.68
N LEU C 110 -5.57 -6.40 -66.84
CA LEU C 110 -5.24 -7.82 -66.94
C LEU C 110 -3.84 -8.03 -67.46
N VAL C 111 -3.08 -8.91 -66.83
CA VAL C 111 -1.85 -9.40 -67.43
C VAL C 111 -1.85 -10.93 -67.38
N ASP C 112 -1.42 -11.55 -68.48
CA ASP C 112 -1.53 -13.00 -68.61
C ASP C 112 -2.95 -13.42 -68.22
N GLY C 113 -3.94 -12.70 -68.72
CA GLY C 113 -5.35 -13.02 -68.50
C GLY C 113 -5.96 -12.78 -67.12
N LYS C 114 -5.18 -12.24 -66.20
CA LYS C 114 -5.61 -12.10 -64.78
C LYS C 114 -5.58 -10.65 -64.28
N ASP C 115 -6.71 -10.14 -63.82
CA ASP C 115 -6.77 -8.83 -63.17
C ASP C 115 -5.76 -8.69 -62.03
N VAL C 116 -4.88 -7.68 -62.13
CA VAL C 116 -3.88 -7.42 -61.10
C VAL C 116 -4.44 -6.72 -59.86
N MET C 117 -5.60 -6.08 -59.99
CA MET C 117 -6.13 -5.26 -58.90
C MET C 117 -6.34 -5.99 -57.55
N PRO C 118 -6.91 -7.22 -57.57
CA PRO C 118 -7.09 -8.00 -56.34
C PRO C 118 -5.82 -8.14 -55.47
N GLU C 119 -4.74 -8.64 -56.04
CA GLU C 119 -3.47 -8.77 -55.34
C GLU C 119 -2.87 -7.42 -54.90
N VAL C 120 -3.03 -6.37 -55.71
CA VAL C 120 -2.63 -5.01 -55.32
C VAL C 120 -3.41 -4.55 -54.10
N ASN C 121 -4.73 -4.70 -54.17
CA ASN C 121 -5.57 -4.32 -53.05
C ASN C 121 -5.36 -5.12 -51.77
N ALA C 122 -4.84 -6.35 -51.90
CA ALA C 122 -4.69 -7.25 -50.75
C ALA C 122 -3.46 -6.87 -49.98
N VAL C 123 -2.39 -6.54 -50.72
CA VAL C 123 -1.20 -6.02 -50.08
C VAL C 123 -1.52 -4.66 -49.40
N LEU C 124 -2.35 -3.83 -50.03
CA LEU C 124 -2.72 -2.53 -49.44
C LEU C 124 -3.43 -2.72 -48.10
N GLU C 125 -4.44 -3.58 -48.09
CA GLU C 125 -5.16 -3.95 -46.88
C GLU C 125 -4.23 -4.51 -45.79
N LYS C 126 -3.29 -5.36 -46.18
CA LYS C 126 -2.33 -5.90 -45.23
C LYS C 126 -1.44 -4.78 -44.66
N MET C 127 -1.03 -3.83 -45.51
CA MET C 127 -0.15 -2.77 -45.04
C MET C 127 -0.90 -1.89 -44.07
N LYS C 128 -2.18 -1.69 -44.34
CA LYS C 128 -3.06 -0.92 -43.47
C LYS C 128 -3.23 -1.51 -42.06
N THR C 129 -3.49 -2.80 -41.93
CA THR C 129 -3.71 -3.35 -40.59
C THR C 129 -2.38 -3.51 -39.83
N PHE C 130 -1.31 -3.88 -40.55
CA PHE C 130 0.01 -3.93 -39.91
C PHE C 130 0.42 -2.56 -39.37
N SER C 131 0.23 -1.51 -40.17
CA SER C 131 0.61 -0.15 -39.75
C SER C 131 -0.22 0.33 -38.56
N GLU C 132 -1.50 0.00 -38.56
CA GLU C 132 -2.32 0.35 -37.40
C GLU C 132 -1.83 -0.35 -36.12
N ALA C 133 -1.37 -1.59 -36.27
CA ALA C 133 -0.87 -2.36 -35.13
C ALA C 133 0.39 -1.67 -34.56
N ILE C 134 1.23 -1.18 -35.45
CA ILE C 134 2.52 -0.61 -35.07
C ILE C 134 2.28 0.79 -34.48
N ILE C 135 1.56 1.61 -35.22
CA ILE C 135 1.29 3.00 -34.83
C ILE C 135 0.49 3.13 -33.54
N SER C 136 -0.50 2.27 -33.35
CA SER C 136 -1.36 2.34 -32.18
C SER C 136 -0.61 1.90 -30.91
N GLY C 137 0.46 1.13 -31.08
CA GLY C 137 1.21 0.57 -29.94
C GLY C 137 0.72 -0.81 -29.53
N GLU C 138 -0.26 -1.31 -30.28
CA GLU C 138 -0.77 -2.68 -30.15
C GLU C 138 0.31 -3.74 -30.37
N TRP C 139 1.14 -3.56 -31.39
CA TRP C 139 2.22 -4.51 -31.65
C TRP C 139 3.36 -4.24 -30.67
N LYS C 140 3.65 -5.21 -29.79
CA LYS C 140 4.68 -5.04 -28.77
C LYS C 140 6.00 -5.67 -29.19
N GLY C 141 7.09 -5.02 -28.82
CA GLY C 141 8.43 -5.61 -28.92
C GLY C 141 8.58 -6.78 -27.96
N TYR C 142 9.71 -7.49 -28.06
CA TYR C 142 9.93 -8.74 -27.30
C TYR C 142 10.00 -8.50 -25.80
N THR C 143 9.82 -7.24 -25.40
CA THR C 143 9.91 -6.82 -24.01
C THR C 143 8.57 -6.20 -23.58
N GLY C 144 7.56 -6.33 -24.43
CA GLY C 144 6.23 -5.81 -24.14
C GLY C 144 6.08 -4.31 -24.41
N LYS C 145 7.10 -3.67 -24.97
CA LYS C 145 7.08 -2.22 -25.22
C LYS C 145 6.59 -1.79 -26.63
N ALA C 146 6.00 -0.62 -26.77
CA ALA C 146 5.64 -0.13 -28.10
C ALA C 146 6.86 0.13 -28.97
N ILE C 147 6.64 0.02 -30.27
CA ILE C 147 7.62 0.42 -31.28
C ILE C 147 7.78 1.95 -31.32
N THR C 148 9.02 2.43 -31.33
CA THR C 148 9.28 3.87 -31.39
C THR C 148 10.08 4.30 -32.63
N ASP C 149 10.76 3.33 -33.26
CA ASP C 149 11.68 3.58 -34.36
C ASP C 149 11.45 2.55 -35.45
N VAL C 150 11.40 3.00 -36.68
CA VAL C 150 11.31 2.11 -37.83
C VAL C 150 12.53 2.31 -38.69
N VAL C 151 13.29 1.23 -38.90
CA VAL C 151 14.51 1.32 -39.69
C VAL C 151 14.32 0.56 -41.01
N ASN C 152 14.17 1.32 -42.12
CA ASN C 152 14.11 0.75 -43.48
C ASN C 152 15.51 0.36 -43.95
N ILE C 153 15.63 -0.83 -44.51
CA ILE C 153 16.90 -1.30 -45.07
C ILE C 153 16.67 -1.73 -46.51
N GLY C 154 17.36 -1.07 -47.44
CA GLY C 154 17.05 -1.23 -48.86
C GLY C 154 18.02 -0.49 -49.74
N ILE C 155 18.09 -0.90 -50.99
CA ILE C 155 19.01 -0.30 -51.92
C ILE C 155 18.26 0.24 -53.13
N GLY C 156 18.81 1.26 -53.78
CA GLY C 156 18.19 1.82 -54.99
C GLY C 156 16.73 2.20 -54.81
N GLY C 157 15.87 1.54 -55.58
CA GLY C 157 14.43 1.74 -55.52
C GLY C 157 13.73 1.38 -54.22
N SER C 158 14.39 0.58 -53.38
CA SER C 158 13.83 0.26 -52.06
C SER C 158 14.17 1.30 -50.99
N ASP C 159 14.93 2.34 -51.36
CA ASP C 159 15.38 3.36 -50.41
C ASP C 159 14.99 4.81 -50.81
N LEU C 160 15.31 5.21 -52.04
CA LEU C 160 15.22 6.63 -52.43
C LEU C 160 13.81 7.20 -52.29
N GLY C 161 12.83 6.40 -52.69
CA GLY C 161 11.45 6.85 -52.73
C GLY C 161 10.92 6.94 -51.33
N PRO C 162 11.06 5.84 -50.55
CA PRO C 162 10.59 5.91 -49.18
C PRO C 162 11.28 7.05 -48.36
N TYR C 163 12.59 7.19 -48.48
CA TYR C 163 13.29 8.32 -47.84
C TYR C 163 12.83 9.70 -48.34
N MET C 164 12.72 9.90 -49.67
CA MET C 164 12.29 11.20 -50.22
C MET C 164 10.90 11.60 -49.74
N VAL C 165 9.97 10.65 -49.82
CA VAL C 165 8.58 10.93 -49.50
C VAL C 165 8.30 11.18 -48.02
N THR C 166 8.90 10.36 -47.15
CA THR C 166 8.70 10.53 -45.71
C THR C 166 9.30 11.84 -45.26
N GLU C 167 10.44 12.19 -45.85
CA GLU C 167 11.05 13.49 -45.63
C GLU C 167 10.19 14.65 -46.15
N ALA C 168 9.57 14.46 -47.33
CA ALA C 168 8.82 15.53 -48.01
C ALA C 168 7.49 15.75 -47.36
N LEU C 169 6.98 14.69 -46.76
CA LEU C 169 5.68 14.73 -46.09
C LEU C 169 5.82 14.66 -44.54
N ARG C 170 6.99 15.05 -44.04
CA ARG C 170 7.21 15.16 -42.58
C ARG C 170 6.11 15.88 -41.80
N PRO C 171 5.49 16.93 -42.38
CA PRO C 171 4.42 17.62 -41.62
C PRO C 171 3.23 16.71 -41.39
N TYR C 172 3.22 15.58 -42.07
CA TYR C 172 2.13 14.62 -41.94
C TYR C 172 2.48 13.42 -41.05
N LYS C 173 3.70 13.38 -40.51
CA LYS C 173 4.17 12.22 -39.74
C LYS C 173 3.46 12.05 -38.40
N ASN C 174 3.58 10.85 -37.86
CA ASN C 174 3.21 10.55 -36.48
C ASN C 174 4.47 10.46 -35.65
N HIS C 175 4.37 9.89 -34.46
CA HIS C 175 5.48 9.89 -33.50
C HIS C 175 6.68 9.00 -33.88
N LEU C 176 6.52 8.13 -34.86
CA LEU C 176 7.58 7.19 -35.19
C LEU C 176 8.86 7.83 -35.76
N ASN C 177 10.00 7.49 -35.20
CA ASN C 177 11.26 7.97 -35.76
C ASN C 177 11.73 7.05 -36.87
N MET C 178 11.90 7.63 -38.06
CA MET C 178 12.16 6.89 -39.28
C MET C 178 13.63 6.97 -39.64
N HIS C 179 14.23 5.83 -39.98
CA HIS C 179 15.65 5.74 -40.32
C HIS C 179 15.79 4.96 -41.62
N PHE C 180 16.66 5.42 -42.51
CA PHE C 180 16.80 4.80 -43.82
C PHE C 180 18.22 4.37 -44.08
N VAL C 181 18.42 3.04 -44.14
CA VAL C 181 19.74 2.48 -44.34
C VAL C 181 19.85 1.93 -45.76
N SER C 182 21.00 2.14 -46.40
CA SER C 182 21.17 1.71 -47.78
C SER C 182 22.59 1.35 -48.19
N ASN C 183 23.56 2.18 -47.84
CA ASN C 183 24.95 1.92 -48.15
C ASN C 183 25.43 0.60 -47.53
N VAL C 184 26.27 -0.16 -48.24
CA VAL C 184 26.90 -1.34 -47.65
C VAL C 184 28.07 -0.95 -46.73
N ASP C 185 28.61 0.25 -46.94
CA ASP C 185 29.58 0.84 -46.02
C ASP C 185 29.02 0.77 -44.60
N GLY C 186 29.63 -0.04 -43.76
CA GLY C 186 29.12 -0.30 -42.41
C GLY C 186 28.72 0.92 -41.58
N THR C 187 29.35 2.05 -41.85
CA THR C 187 28.96 3.31 -41.22
C THR C 187 27.44 3.57 -41.20
N HIS C 188 26.75 3.21 -42.28
CA HIS C 188 25.35 3.57 -42.42
C HIS C 188 24.49 2.87 -41.36
N ILE C 189 24.61 1.54 -41.27
CA ILE C 189 23.81 0.79 -40.29
C ILE C 189 24.31 1.09 -38.89
N ALA C 190 25.61 1.24 -38.74
CA ALA C 190 26.21 1.47 -37.42
C ALA C 190 25.73 2.80 -36.80
N GLU C 191 25.50 3.79 -37.65
CA GLU C 191 25.08 5.10 -37.13
C GLU C 191 23.61 5.08 -36.75
N VAL C 192 22.83 4.22 -37.40
CA VAL C 192 21.46 4.04 -36.94
C VAL C 192 21.39 3.18 -35.67
N LEU C 193 22.16 2.09 -35.61
CA LEU C 193 22.10 1.16 -34.48
C LEU C 193 22.51 1.79 -33.15
N LYS C 194 23.48 2.70 -33.19
CA LYS C 194 23.91 3.38 -31.97
C LYS C 194 22.83 4.34 -31.45
N LYS C 195 21.77 4.55 -32.22
CA LYS C 195 20.71 5.52 -31.86
C LYS C 195 19.38 4.89 -31.46
N VAL C 196 19.21 3.60 -31.77
CA VAL C 196 17.94 2.94 -31.53
C VAL C 196 18.04 1.82 -30.47
N ASN C 197 16.89 1.47 -29.91
CA ASN C 197 16.77 0.48 -28.85
C ASN C 197 16.25 -0.85 -29.41
N PRO C 198 17.01 -1.94 -29.21
CA PRO C 198 16.52 -3.25 -29.67
C PRO C 198 15.08 -3.56 -29.23
N GLU C 199 14.66 -3.06 -28.08
CA GLU C 199 13.32 -3.39 -27.56
C GLU C 199 12.18 -2.69 -28.27
N THR C 200 12.51 -1.67 -29.03
CA THR C 200 11.48 -0.77 -29.57
C THR C 200 11.74 -0.41 -31.04
N THR C 201 12.69 -1.10 -31.67
CA THR C 201 13.00 -0.87 -33.07
C THR C 201 12.39 -1.94 -33.99
N LEU C 202 11.70 -1.46 -35.03
CA LEU C 202 11.19 -2.30 -36.11
C LEU C 202 11.99 -2.05 -37.39
N PHE C 203 12.47 -3.13 -38.01
CA PHE C 203 13.26 -3.09 -39.24
C PHE C 203 12.42 -3.60 -40.40
N LEU C 204 12.51 -2.92 -41.53
CA LEU C 204 11.99 -3.45 -42.78
C LEU C 204 13.16 -3.87 -43.67
N VAL C 205 13.11 -5.10 -44.15
CA VAL C 205 14.11 -5.56 -45.09
C VAL C 205 13.42 -5.56 -46.46
N ALA C 206 13.82 -4.57 -47.27
CA ALA C 206 13.22 -4.34 -48.58
C ALA C 206 14.12 -4.89 -49.66
N SER C 207 13.66 -5.94 -50.32
CA SER C 207 14.46 -6.65 -51.30
C SER C 207 13.62 -7.78 -51.87
N LYS C 208 13.26 -7.67 -53.15
CA LYS C 208 12.42 -8.67 -53.82
C LYS C 208 13.02 -10.07 -53.63
N THR C 209 14.00 -10.45 -54.45
CA THR C 209 14.83 -11.58 -54.08
C THR C 209 15.22 -11.16 -52.70
N PHE C 210 15.31 -12.09 -51.76
CA PHE C 210 15.70 -11.71 -50.42
C PHE C 210 17.18 -11.98 -50.28
N THR C 211 17.93 -11.69 -51.34
CA THR C 211 19.34 -12.06 -51.36
C THR C 211 20.33 -10.94 -51.78
N THR C 212 19.85 -9.70 -51.87
CA THR C 212 20.66 -8.57 -52.32
C THR C 212 21.86 -8.34 -51.39
N GLN C 213 23.06 -8.35 -51.95
CA GLN C 213 24.28 -8.30 -51.13
C GLN C 213 24.24 -7.19 -50.08
N GLU C 214 24.17 -5.95 -50.55
CA GLU C 214 24.15 -4.80 -49.64
C GLU C 214 23.07 -4.93 -48.57
N THR C 215 21.84 -5.13 -49.04
CA THR C 215 20.68 -5.13 -48.17
C THR C 215 20.73 -6.26 -47.15
N MET C 216 21.14 -7.45 -47.60
CA MET C 216 21.25 -8.59 -46.68
C MET C 216 22.46 -8.46 -45.75
N THR C 217 23.55 -7.88 -46.23
CA THR C 217 24.68 -7.63 -45.35
C THR C 217 24.21 -6.75 -44.19
N ASN C 218 23.52 -5.64 -44.51
CA ASN C 218 22.95 -4.76 -43.49
C ASN C 218 21.93 -5.49 -42.63
N ALA C 219 21.00 -6.21 -43.27
CA ALA C 219 19.94 -6.92 -42.58
C ALA C 219 20.49 -7.91 -41.54
N HIS C 220 21.48 -8.71 -41.92
CA HIS C 220 22.14 -9.59 -40.97
C HIS C 220 22.94 -8.84 -39.90
N SER C 221 23.67 -7.79 -40.27
CA SER C 221 24.31 -6.94 -39.25
C SER C 221 23.29 -6.42 -38.21
N ALA C 222 22.11 -6.07 -38.69
CA ALA C 222 21.02 -5.67 -37.79
C ALA C 222 20.58 -6.84 -36.88
N ARG C 223 20.31 -7.99 -37.48
CA ARG C 223 19.88 -9.18 -36.77
C ARG C 223 20.90 -9.55 -35.66
N ASP C 224 22.17 -9.71 -36.01
CA ASP C 224 23.22 -9.98 -35.01
C ASP C 224 23.15 -9.00 -33.84
N TRP C 225 23.03 -7.71 -34.15
CA TRP C 225 22.91 -6.69 -33.11
C TRP C 225 21.65 -6.92 -32.27
N PHE C 226 20.57 -7.29 -32.94
CA PHE C 226 19.33 -7.55 -32.23
C PHE C 226 19.46 -8.76 -31.27
N LEU C 227 20.04 -9.85 -31.77
CA LEU C 227 20.17 -11.09 -30.97
C LEU C 227 21.19 -11.01 -29.83
N LYS C 228 22.23 -10.20 -29.99
CA LYS C 228 23.13 -9.92 -28.88
C LYS C 228 22.37 -9.35 -27.68
N ALA C 229 21.22 -8.73 -27.94
CA ALA C 229 20.44 -8.14 -26.87
C ALA C 229 19.26 -9.03 -26.50
N ALA C 230 18.49 -9.46 -27.48
CA ALA C 230 17.24 -10.17 -27.21
C ALA C 230 17.45 -11.63 -26.82
N GLY C 231 18.56 -12.22 -27.26
CA GLY C 231 18.93 -13.56 -26.83
C GLY C 231 18.38 -14.65 -27.72
N ASP C 232 17.06 -14.84 -27.65
CA ASP C 232 16.38 -15.89 -28.39
C ASP C 232 15.96 -15.41 -29.77
N GLU C 233 16.12 -16.26 -30.78
CA GLU C 233 15.80 -15.85 -32.14
C GLU C 233 14.33 -15.93 -32.49
N LYS C 234 13.49 -16.34 -31.55
CA LYS C 234 12.05 -16.33 -31.80
C LYS C 234 11.56 -14.90 -31.72
N HIS C 235 12.31 -14.05 -31.04
CA HIS C 235 12.00 -12.65 -30.91
C HIS C 235 12.20 -11.88 -32.24
N VAL C 236 12.99 -12.44 -33.15
CA VAL C 236 13.28 -11.76 -34.41
C VAL C 236 11.99 -11.33 -35.12
N ALA C 237 10.99 -12.22 -35.10
CA ALA C 237 9.68 -12.00 -35.74
C ALA C 237 8.83 -10.86 -35.16
N LYS C 238 9.25 -10.30 -34.03
CA LYS C 238 8.55 -9.16 -33.42
C LYS C 238 9.18 -7.86 -33.91
N HIS C 239 10.40 -7.97 -34.42
CA HIS C 239 11.18 -6.80 -34.79
C HIS C 239 11.63 -6.68 -36.25
N PHE C 240 11.20 -7.60 -37.11
CA PHE C 240 11.64 -7.63 -38.49
C PHE C 240 10.49 -8.02 -39.40
N THR C 241 10.19 -7.17 -40.38
CA THR C 241 9.25 -7.50 -41.45
C THR C 241 10.02 -7.43 -42.77
N ALA C 242 9.43 -7.95 -43.83
CA ALA C 242 10.12 -7.94 -45.10
C ALA C 242 9.20 -7.46 -46.20
N LEU C 243 9.79 -6.70 -47.11
CA LEU C 243 9.07 -6.29 -48.30
C LEU C 243 9.70 -7.08 -49.43
N SER C 244 9.12 -8.23 -49.74
CA SER C 244 9.68 -9.10 -50.77
C SER C 244 8.81 -10.30 -51.16
N THR C 245 9.46 -11.23 -51.85
CA THR C 245 8.79 -12.23 -52.67
C THR C 245 9.21 -13.65 -52.22
N ASN C 246 10.36 -13.73 -51.55
CA ASN C 246 11.03 -14.98 -51.24
C ASN C 246 10.66 -15.59 -49.87
N ALA C 247 9.49 -16.22 -49.81
CA ALA C 247 8.93 -16.72 -48.55
C ALA C 247 9.90 -17.52 -47.69
N LYS C 248 10.61 -18.45 -48.30
CA LYS C 248 11.45 -19.35 -47.51
C LYS C 248 12.63 -18.61 -46.89
N ALA C 249 13.34 -17.82 -47.70
CA ALA C 249 14.54 -17.12 -47.19
C ALA C 249 14.17 -16.06 -46.15
N VAL C 250 12.92 -15.61 -46.21
CA VAL C 250 12.37 -14.64 -45.27
C VAL C 250 12.05 -15.34 -43.94
N GLY C 251 11.40 -16.50 -44.04
CA GLY C 251 11.20 -17.38 -42.89
C GLY C 251 12.49 -17.79 -42.20
N GLU C 252 13.53 -18.10 -42.98
CA GLU C 252 14.81 -18.51 -42.39
C GLU C 252 15.57 -17.38 -41.73
N PHE C 253 15.19 -16.14 -42.07
CA PHE C 253 15.76 -14.99 -41.40
C PHE C 253 15.17 -14.91 -39.99
N GLY C 254 13.99 -15.49 -39.81
CA GLY C 254 13.31 -15.46 -38.52
C GLY C 254 12.06 -14.60 -38.60
N ILE C 255 11.78 -14.07 -39.78
CA ILE C 255 10.59 -13.25 -39.97
C ILE C 255 9.40 -14.17 -40.14
N ASP C 256 8.29 -13.77 -39.55
CA ASP C 256 7.04 -14.46 -39.75
C ASP C 256 6.51 -14.01 -41.11
N THR C 257 6.28 -14.99 -41.99
CA THR C 257 5.90 -14.72 -43.40
C THR C 257 4.50 -14.12 -43.53
N ALA C 258 3.76 -14.06 -42.43
CA ALA C 258 2.55 -13.24 -42.41
C ALA C 258 2.94 -11.77 -42.66
N ASN C 259 4.19 -11.44 -42.34
CA ASN C 259 4.72 -10.08 -42.48
C ASN C 259 5.66 -9.99 -43.68
N MET C 260 5.37 -10.77 -44.73
CA MET C 260 6.04 -10.58 -46.01
C MET C 260 5.05 -9.82 -46.90
N PHE C 261 5.37 -8.55 -47.17
CA PHE C 261 4.53 -7.69 -48.01
C PHE C 261 5.13 -7.75 -49.41
N GLU C 262 4.36 -8.25 -50.36
CA GLU C 262 4.91 -8.47 -51.70
C GLU C 262 4.41 -7.51 -52.79
N PHE C 263 5.07 -7.60 -53.93
CA PHE C 263 4.78 -6.79 -55.10
C PHE C 263 5.24 -7.65 -56.27
N TRP C 264 5.09 -7.15 -57.49
CA TRP C 264 5.16 -8.01 -58.67
C TRP C 264 6.17 -7.55 -59.67
N ASP C 265 6.53 -8.43 -60.61
CA ASP C 265 7.59 -8.11 -61.58
C ASP C 265 7.29 -6.93 -62.55
N TRP C 266 6.02 -6.56 -62.71
CA TRP C 266 5.71 -5.34 -63.45
C TRP C 266 5.80 -4.05 -62.58
N VAL C 267 6.37 -4.19 -61.38
CA VAL C 267 6.68 -3.08 -60.52
C VAL C 267 8.18 -2.87 -60.59
N GLY C 268 8.61 -1.81 -61.27
CA GLY C 268 10.05 -1.55 -61.38
C GLY C 268 10.57 -0.98 -60.06
N GLY C 269 11.80 -1.30 -59.69
CA GLY C 269 12.36 -0.74 -58.46
C GLY C 269 12.12 0.76 -58.37
N ARG C 270 12.62 1.49 -59.37
CA ARG C 270 12.55 2.95 -59.40
C ARG C 270 11.13 3.53 -59.58
N TYR C 271 10.14 2.63 -59.61
CA TYR C 271 8.73 2.99 -59.60
C TYR C 271 7.97 2.17 -58.53
N SER C 272 8.62 1.81 -57.44
CA SER C 272 7.99 0.91 -56.46
C SER C 272 7.50 1.54 -55.16
N LEU C 273 7.81 2.82 -54.94
CA LEU C 273 7.39 3.42 -53.67
C LEU C 273 5.87 3.28 -53.48
N TRP C 274 5.14 3.10 -54.59
CA TRP C 274 3.68 3.02 -54.61
C TRP C 274 3.17 1.66 -54.12
N SER C 275 4.07 0.69 -54.05
CA SER C 275 3.77 -0.66 -53.62
C SER C 275 4.15 -0.94 -52.15
N ALA C 276 4.32 -2.23 -51.84
CA ALA C 276 4.74 -2.69 -50.51
C ALA C 276 6.03 -2.00 -50.10
N ILE C 277 6.84 -1.65 -51.09
CA ILE C 277 8.09 -0.93 -50.88
C ILE C 277 7.81 0.38 -50.12
N GLY C 278 6.57 0.87 -50.22
CA GLY C 278 6.21 2.13 -49.56
C GLY C 278 5.83 1.96 -48.10
N LEU C 279 5.98 0.75 -47.56
CA LEU C 279 5.56 0.48 -46.17
C LEU C 279 6.08 1.53 -45.18
N SER C 280 7.36 1.87 -45.22
CA SER C 280 7.86 2.90 -44.33
C SER C 280 7.05 4.21 -44.46
N ILE C 281 6.61 4.55 -45.67
CA ILE C 281 5.78 5.74 -45.84
C ILE C 281 4.48 5.62 -45.04
N VAL C 282 3.78 4.50 -45.24
CA VAL C 282 2.56 4.17 -44.52
C VAL C 282 2.81 4.22 -43.01
N LEU C 283 3.95 3.70 -42.55
CA LEU C 283 4.22 3.69 -41.10
C LEU C 283 4.45 5.10 -40.55
N SER C 284 5.04 5.98 -41.37
CA SER C 284 5.44 7.32 -40.96
C SER C 284 4.28 8.29 -40.95
N ILE C 285 3.47 8.28 -42.01
CA ILE C 285 2.37 9.24 -42.11
C ILE C 285 0.94 8.62 -42.06
N GLY C 286 0.86 7.30 -41.86
CA GLY C 286 -0.43 6.63 -41.71
C GLY C 286 -0.96 6.17 -43.06
N PHE C 287 -1.74 5.08 -43.05
CA PHE C 287 -2.34 4.53 -44.27
C PHE C 287 -3.25 5.49 -45.02
N ASP C 288 -3.99 6.32 -44.30
CA ASP C 288 -4.91 7.26 -44.98
C ASP C 288 -4.12 8.24 -45.83
N ASN C 289 -3.07 8.83 -45.26
CA ASN C 289 -2.22 9.72 -46.05
C ASN C 289 -1.58 8.98 -47.23
N PHE C 290 -1.14 7.74 -47.01
CA PHE C 290 -0.62 6.92 -48.11
C PHE C 290 -1.60 6.78 -49.26
N VAL C 291 -2.87 6.57 -48.93
CA VAL C 291 -3.90 6.53 -49.94
C VAL C 291 -4.00 7.90 -50.64
N GLU C 292 -3.80 8.97 -49.88
CA GLU C 292 -3.83 10.28 -50.49
C GLU C 292 -2.71 10.45 -51.54
N LEU C 293 -1.50 10.02 -51.20
CA LEU C 293 -0.38 9.91 -52.14
C LEU C 293 -0.78 9.15 -53.41
N LEU C 294 -1.27 7.93 -53.23
CA LEU C 294 -1.68 7.14 -54.37
C LEU C 294 -2.72 7.87 -55.21
N SER C 295 -3.70 8.49 -54.57
CA SER C 295 -4.76 9.19 -55.28
C SER C 295 -4.25 10.40 -56.02
N GLY C 296 -3.16 11.01 -55.55
CA GLY C 296 -2.55 12.13 -56.29
C GLY C 296 -1.99 11.62 -57.59
N ALA C 297 -1.18 10.58 -57.49
CA ALA C 297 -0.58 9.95 -58.64
C ALA C 297 -1.66 9.49 -59.61
N HIS C 298 -2.79 9.06 -59.06
CA HIS C 298 -3.82 8.43 -59.87
C HIS C 298 -4.47 9.47 -60.79
N ALA C 299 -4.82 10.61 -60.18
CA ALA C 299 -5.35 11.74 -60.92
C ALA C 299 -4.35 12.18 -62.01
N MET C 300 -3.06 12.15 -61.69
CA MET C 300 -2.04 12.50 -62.68
C MET C 300 -1.97 11.43 -63.76
N ASP C 301 -2.22 10.18 -63.39
CA ASP C 301 -2.32 9.11 -64.40
C ASP C 301 -3.48 9.35 -65.35
N LYS C 302 -4.64 9.72 -64.79
CA LYS C 302 -5.85 10.01 -65.59
C LYS C 302 -5.60 11.19 -66.56
N HIS C 303 -5.03 12.27 -66.04
CA HIS C 303 -4.59 13.39 -66.87
C HIS C 303 -3.64 12.92 -67.97
N PHE C 304 -2.61 12.17 -67.61
CA PHE C 304 -1.62 11.79 -68.60
C PHE C 304 -2.26 10.96 -69.70
N SER C 305 -3.22 10.12 -69.34
CA SER C 305 -3.75 9.14 -70.30
C SER C 305 -5.01 9.59 -71.03
N THR C 306 -5.59 10.72 -70.65
CA THR C 306 -6.81 11.15 -71.32
C THR C 306 -6.84 12.61 -71.84
N THR C 307 -5.74 13.34 -71.69
CA THR C 307 -5.69 14.74 -72.11
C THR C 307 -5.06 14.90 -73.51
N PRO C 308 -5.66 15.73 -74.37
CA PRO C 308 -5.03 15.96 -75.67
C PRO C 308 -3.59 16.41 -75.48
N ALA C 309 -2.70 16.01 -76.39
CA ALA C 309 -1.27 16.29 -76.26
C ALA C 309 -0.94 17.76 -75.98
N GLU C 310 -1.68 18.66 -76.61
CA GLU C 310 -1.50 20.10 -76.46
C GLU C 310 -1.75 20.64 -75.05
N LYS C 311 -2.50 19.90 -74.24
CA LYS C 311 -2.81 20.34 -72.88
C LYS C 311 -2.20 19.40 -71.82
N ASN C 312 -1.38 18.46 -72.27
CA ASN C 312 -0.94 17.35 -71.44
C ASN C 312 0.40 17.66 -70.83
N LEU C 313 0.42 17.85 -69.52
CA LEU C 313 1.62 18.43 -68.88
C LEU C 313 2.86 17.55 -68.99
N PRO C 314 2.76 16.25 -68.66
CA PRO C 314 3.93 15.38 -68.85
C PRO C 314 4.47 15.40 -70.29
N VAL C 315 3.57 15.40 -71.27
CA VAL C 315 3.94 15.46 -72.70
C VAL C 315 4.69 16.77 -73.01
N LEU C 316 4.08 17.89 -72.66
CA LEU C 316 4.67 19.21 -72.86
C LEU C 316 6.06 19.28 -72.26
N LEU C 317 6.21 18.80 -71.03
CA LEU C 317 7.50 18.86 -70.37
C LEU C 317 8.49 17.96 -71.06
N ALA C 318 8.04 16.77 -71.42
CA ALA C 318 8.88 15.81 -72.11
C ALA C 318 9.42 16.45 -73.39
N LEU C 319 8.55 17.15 -74.13
CA LEU C 319 8.92 17.71 -75.45
C LEU C 319 9.93 18.84 -75.37
N ILE C 320 9.69 19.76 -74.43
CA ILE C 320 10.60 20.84 -74.12
C ILE C 320 11.95 20.29 -73.72
N GLY C 321 11.94 19.29 -72.83
CA GLY C 321 13.21 18.62 -72.50
C GLY C 321 13.94 18.03 -73.70
N ILE C 322 13.20 17.51 -74.65
CA ILE C 322 13.82 16.94 -75.85
C ILE C 322 14.42 18.03 -76.75
N TRP C 323 13.77 19.20 -76.79
CA TRP C 323 14.26 20.37 -77.52
C TRP C 323 15.67 20.75 -77.03
N TYR C 324 15.87 20.79 -75.71
CA TYR C 324 17.19 21.12 -75.13
C TYR C 324 18.20 19.98 -75.17
N ASN C 325 17.75 18.78 -74.83
CA ASN C 325 18.59 17.57 -74.85
C ASN C 325 19.08 17.23 -76.27
N ASN C 326 18.18 17.28 -77.24
CA ASN C 326 18.53 16.79 -78.56
C ASN C 326 18.84 17.82 -79.61
N PHE C 327 18.47 19.07 -79.37
CA PHE C 327 18.71 20.10 -80.39
C PHE C 327 19.72 21.10 -79.89
N PHE C 328 19.53 21.62 -78.69
CA PHE C 328 20.56 22.42 -78.07
C PHE C 328 21.74 21.59 -77.61
N GLY C 329 21.49 20.33 -77.30
CA GLY C 329 22.54 19.42 -76.86
C GLY C 329 22.99 19.65 -75.42
N ALA C 330 22.12 20.22 -74.59
CA ALA C 330 22.42 20.39 -73.16
C ALA C 330 22.45 19.04 -72.46
N GLU C 331 23.49 18.79 -71.68
CA GLU C 331 23.66 17.47 -71.08
C GLU C 331 22.85 17.26 -69.82
N THR C 332 22.46 18.33 -69.12
CA THR C 332 21.82 18.20 -67.79
C THR C 332 20.46 18.89 -67.61
N GLU C 333 19.75 18.51 -66.54
CA GLU C 333 18.56 19.21 -66.06
C GLU C 333 18.67 19.35 -64.56
N ALA C 334 18.43 20.55 -64.07
CA ALA C 334 18.52 20.81 -62.65
C ALA C 334 17.10 20.87 -62.11
N ILE C 335 16.85 20.17 -61.01
CA ILE C 335 15.53 20.19 -60.38
C ILE C 335 15.68 20.86 -59.03
N LEU C 336 14.91 21.94 -58.84
CA LEU C 336 15.22 22.92 -57.83
C LEU C 336 13.98 23.31 -57.02
N PRO C 337 13.66 22.50 -56.00
CA PRO C 337 12.48 22.69 -55.13
C PRO C 337 12.74 23.70 -54.05
N TYR C 338 11.93 24.75 -54.02
CA TYR C 338 12.08 25.77 -53.00
C TYR C 338 11.34 25.26 -51.77
N ASP C 339 11.92 24.26 -51.13
CA ASP C 339 11.25 23.55 -50.05
C ASP C 339 12.20 22.55 -49.41
N GLN C 340 12.57 22.82 -48.16
CA GLN C 340 13.58 22.02 -47.47
C GLN C 340 13.16 20.56 -47.35
N TYR C 341 11.88 20.32 -47.08
CA TYR C 341 11.37 18.97 -46.87
C TYR C 341 11.66 18.12 -48.08
N MET C 342 11.63 18.76 -49.25
CA MET C 342 11.92 18.12 -50.52
C MET C 342 13.41 17.99 -50.87
N HIS C 343 14.27 18.09 -49.87
CA HIS C 343 15.71 18.01 -50.13
C HIS C 343 16.19 16.77 -50.87
N ARG C 344 15.35 15.72 -50.91
CA ARG C 344 15.76 14.47 -51.55
C ARG C 344 15.03 14.22 -52.87
N PHE C 345 14.18 15.15 -53.29
CA PHE C 345 13.43 15.05 -54.55
C PHE C 345 14.31 14.90 -55.81
N ALA C 346 15.28 15.79 -55.98
CA ALA C 346 16.16 15.70 -57.14
C ALA C 346 16.89 14.35 -57.18
N ALA C 347 17.41 13.91 -56.03
CA ALA C 347 18.19 12.66 -55.93
C ALA C 347 17.32 11.46 -56.30
N TYR C 348 16.07 11.47 -55.84
CA TYR C 348 15.13 10.48 -56.28
C TYR C 348 15.16 10.37 -57.81
N PHE C 349 14.90 11.50 -58.49
CA PHE C 349 14.84 11.42 -59.96
C PHE C 349 16.14 11.14 -60.68
N GLN C 350 17.27 11.25 -60.00
CA GLN C 350 18.49 10.71 -60.61
C GLN C 350 18.37 9.22 -60.98
N GLN C 351 17.75 8.41 -60.10
CA GLN C 351 17.49 7.02 -60.42
C GLN C 351 16.30 6.94 -61.35
N GLY C 352 15.22 7.60 -60.93
CA GLY C 352 13.97 7.58 -61.70
C GLY C 352 14.16 7.93 -63.17
N ASN C 353 15.02 8.92 -63.44
CA ASN C 353 15.26 9.39 -64.82
C ASN C 353 16.43 8.70 -65.44
N MET C 354 17.59 8.84 -64.82
CA MET C 354 18.83 8.38 -65.42
C MET C 354 18.93 6.85 -65.56
N GLU C 355 18.31 6.11 -64.63
CA GLU C 355 18.34 4.65 -64.73
C GLU C 355 17.32 4.16 -65.74
N SER C 356 16.28 4.95 -65.97
CA SER C 356 15.27 4.63 -66.96
C SER C 356 15.74 4.88 -68.39
N ASN C 357 16.31 6.07 -68.63
CA ASN C 357 16.57 6.53 -70.02
C ASN C 357 18.04 6.72 -70.31
N GLY C 358 18.88 6.46 -69.33
CA GLY C 358 20.31 6.40 -69.58
C GLY C 358 20.66 5.14 -70.35
N LYS C 359 20.31 5.09 -71.65
CA LYS C 359 20.44 3.90 -72.50
C LYS C 359 21.04 4.31 -73.84
N TYR C 360 21.58 3.33 -74.57
CA TYR C 360 22.27 3.57 -75.84
C TYR C 360 21.92 2.57 -76.96
N VAL C 361 21.04 1.60 -76.68
CA VAL C 361 20.56 0.70 -77.73
C VAL C 361 19.06 0.85 -77.88
N ASP C 362 18.58 1.13 -79.09
CA ASP C 362 17.17 1.40 -79.28
C ASP C 362 16.30 0.14 -79.29
N ARG C 363 14.98 0.30 -79.35
CA ARG C 363 14.11 -0.84 -79.23
C ARG C 363 14.33 -1.90 -80.34
N ASN C 364 14.77 -1.49 -81.53
CA ASN C 364 15.17 -2.44 -82.57
C ASN C 364 16.50 -3.15 -82.37
N GLY C 365 17.22 -2.85 -81.31
CA GLY C 365 18.45 -3.56 -81.03
C GLY C 365 19.65 -2.86 -81.64
N ASN C 366 19.43 -1.64 -82.14
CA ASN C 366 20.50 -0.87 -82.79
C ASN C 366 21.03 0.26 -81.95
N VAL C 367 22.35 0.34 -81.87
CA VAL C 367 23.03 1.41 -81.13
C VAL C 367 22.59 2.77 -81.66
N VAL C 368 22.32 3.70 -80.76
CA VAL C 368 21.84 5.03 -81.17
C VAL C 368 23.00 5.92 -81.56
N ASP C 369 22.68 6.91 -82.38
CA ASP C 369 23.66 7.94 -82.76
C ASP C 369 23.12 9.33 -82.42
N TYR C 370 22.10 9.36 -81.56
CA TYR C 370 21.56 10.59 -81.02
C TYR C 370 21.61 10.54 -79.49
N GLN C 371 21.24 11.64 -78.83
CA GLN C 371 21.24 11.71 -77.37
C GLN C 371 20.04 11.02 -76.76
N THR C 372 20.28 10.34 -75.65
CA THR C 372 19.21 9.84 -74.81
C THR C 372 19.12 10.62 -73.49
N GLY C 373 18.78 9.91 -72.41
CA GLY C 373 18.47 10.52 -71.13
C GLY C 373 19.42 11.60 -70.69
N PRO C 374 18.89 12.70 -70.15
CA PRO C 374 19.75 13.73 -69.57
C PRO C 374 20.29 13.31 -68.19
N ILE C 375 21.27 14.07 -67.71
CA ILE C 375 21.77 13.93 -66.36
C ILE C 375 20.96 14.88 -65.47
N ILE C 376 20.45 14.32 -64.36
CA ILE C 376 19.62 15.06 -63.40
C ILE C 376 20.41 15.45 -62.14
N TRP C 377 20.25 16.68 -61.68
CA TRP C 377 20.91 17.09 -60.44
C TRP C 377 20.13 18.23 -59.81
N GLY C 378 20.53 18.63 -58.61
CA GLY C 378 19.84 19.71 -57.93
C GLY C 378 19.89 19.69 -56.41
N GLU C 379 19.56 20.84 -55.83
CA GLU C 379 19.47 21.03 -54.41
C GLU C 379 18.30 21.99 -54.23
N PRO C 380 17.55 21.83 -53.12
CA PRO C 380 16.45 22.72 -52.78
C PRO C 380 16.96 24.18 -52.70
N GLY C 381 16.11 25.12 -53.11
CA GLY C 381 16.37 26.55 -52.94
C GLY C 381 15.94 26.90 -51.53
N THR C 382 16.50 27.95 -50.96
CA THR C 382 17.60 28.74 -51.55
C THR C 382 18.98 28.09 -51.37
N ASN C 383 19.04 26.91 -50.79
CA ASN C 383 20.34 26.28 -50.59
C ASN C 383 21.17 26.31 -51.89
N GLY C 384 20.67 25.64 -52.94
CA GLY C 384 21.38 25.56 -54.25
C GLY C 384 21.80 26.90 -54.81
N GLN C 385 20.91 27.87 -54.65
CA GLN C 385 21.11 29.26 -55.05
C GLN C 385 22.46 29.82 -54.68
N HIS C 386 22.90 29.53 -53.46
CA HIS C 386 24.15 30.06 -52.93
C HIS C 386 25.27 29.05 -53.11
N ALA C 387 24.96 27.99 -53.84
CA ALA C 387 25.98 27.00 -54.12
C ALA C 387 26.45 27.15 -55.58
N PHE C 388 25.55 26.98 -56.51
CA PHE C 388 25.99 26.78 -57.87
C PHE C 388 25.27 27.64 -58.90
N TYR C 389 24.43 28.57 -58.50
CA TYR C 389 23.70 29.34 -59.52
C TYR C 389 24.65 30.22 -60.32
N GLN C 390 25.77 30.62 -59.71
CA GLN C 390 26.82 31.34 -60.41
C GLN C 390 27.02 30.74 -61.81
N LEU C 391 27.23 29.41 -61.90
CA LEU C 391 27.40 28.74 -63.19
C LEU C 391 26.13 28.74 -64.07
N ILE C 392 24.98 28.49 -63.46
CA ILE C 392 23.69 28.59 -64.17
C ILE C 392 23.52 29.99 -64.82
N HIS C 393 23.83 31.08 -64.10
CA HIS C 393 23.71 32.46 -64.67
C HIS C 393 24.81 32.89 -65.65
N GLN C 394 26.05 32.46 -65.42
CA GLN C 394 27.17 33.11 -66.07
C GLN C 394 28.25 32.15 -66.52
N GLY C 395 27.90 30.87 -66.67
CA GLY C 395 28.86 29.83 -67.09
C GLY C 395 28.69 29.59 -68.57
N THR C 396 29.24 28.50 -69.06
CA THR C 396 29.26 28.25 -70.50
C THR C 396 28.45 26.99 -70.88
N LYS C 397 27.77 26.42 -69.90
CA LYS C 397 26.90 25.28 -70.12
C LYS C 397 25.47 25.71 -69.85
N MET C 398 24.56 25.38 -70.76
CA MET C 398 23.16 25.71 -70.56
C MET C 398 22.54 24.66 -69.68
N VAL C 399 21.85 25.10 -68.61
CA VAL C 399 21.17 24.18 -67.69
C VAL C 399 19.67 24.52 -67.55
N PRO C 400 18.82 23.86 -68.33
CA PRO C 400 17.38 24.06 -68.09
C PRO C 400 17.02 23.69 -66.66
N CYS C 401 16.28 24.56 -65.95
CA CYS C 401 15.89 24.35 -64.55
C CYS C 401 14.38 24.25 -64.31
N ASP C 402 13.96 23.22 -63.57
CA ASP C 402 12.61 23.12 -63.03
C ASP C 402 12.58 23.68 -61.62
N PHE C 403 11.96 24.85 -61.47
CA PHE C 403 11.80 25.49 -60.17
C PHE C 403 10.44 25.13 -59.64
N ILE C 404 10.38 24.68 -58.39
CA ILE C 404 9.12 24.21 -57.78
C ILE C 404 8.96 24.81 -56.39
N ALA C 405 7.76 25.29 -56.06
CA ALA C 405 7.49 25.91 -54.76
C ALA C 405 6.02 25.73 -54.37
N PRO C 406 5.71 25.68 -53.05
CA PRO C 406 4.31 25.74 -52.71
C PRO C 406 3.90 27.14 -52.27
N ALA C 407 2.62 27.49 -52.46
CA ALA C 407 2.14 28.81 -52.04
C ALA C 407 1.97 28.89 -50.53
N ILE C 408 1.74 27.73 -49.93
CA ILE C 408 1.55 27.60 -48.47
C ILE C 408 2.64 26.79 -47.82
N THR C 409 3.08 27.20 -46.64
CA THR C 409 4.10 26.46 -45.91
C THR C 409 3.51 25.80 -44.70
N HIS C 410 4.10 24.67 -44.28
CA HIS C 410 3.67 23.98 -43.06
C HIS C 410 4.37 24.56 -41.84
N ASN C 411 5.35 25.44 -42.08
CA ASN C 411 6.09 26.09 -40.98
C ASN C 411 6.07 27.62 -41.10
N PRO C 412 4.91 28.24 -40.91
CA PRO C 412 4.89 29.70 -40.97
C PRO C 412 5.71 30.31 -39.85
N LEU C 413 6.60 31.24 -40.20
CA LEU C 413 7.38 32.00 -39.22
C LEU C 413 7.61 33.35 -39.85
N SER C 414 7.40 34.42 -39.09
CA SER C 414 7.44 35.80 -39.58
C SER C 414 7.18 35.93 -41.08
N ASP C 415 8.18 36.38 -41.84
CA ASP C 415 8.06 36.47 -43.30
C ASP C 415 9.00 35.50 -44.07
N HIS C 416 9.46 34.45 -43.41
CA HIS C 416 10.36 33.48 -44.06
C HIS C 416 9.83 33.02 -45.43
N HIS C 417 8.55 32.68 -45.49
CA HIS C 417 7.99 32.11 -46.68
C HIS C 417 7.85 33.10 -47.82
N GLN C 418 7.57 34.36 -47.51
CA GLN C 418 7.50 35.37 -48.55
C GLN C 418 8.90 35.64 -49.07
N LYS C 419 9.90 35.58 -48.18
CA LYS C 419 11.26 35.70 -48.65
C LYS C 419 11.66 34.50 -49.53
N LEU C 420 11.31 33.30 -49.10
CA LEU C 420 11.59 32.09 -49.91
C LEU C 420 10.98 32.23 -51.30
N LEU C 421 9.73 32.62 -51.36
CA LEU C 421 9.09 32.75 -52.65
C LEU C 421 9.64 33.89 -53.53
N SER C 422 10.04 35.01 -52.93
CA SER C 422 10.61 36.13 -53.71
C SER C 422 11.86 35.67 -54.44
N ASN C 423 12.62 34.78 -53.80
CA ASN C 423 13.73 34.12 -54.46
C ASN C 423 13.26 33.20 -55.58
N PHE C 424 12.24 32.38 -55.28
CA PHE C 424 11.62 31.51 -56.28
C PHE C 424 11.19 32.31 -57.54
N PHE C 425 10.57 33.48 -57.32
CA PHE C 425 10.11 34.27 -58.47
C PHE C 425 11.25 34.92 -59.21
N ALA C 426 12.13 35.55 -58.43
CA ALA C 426 13.27 36.34 -58.91
C ALA C 426 14.24 35.59 -59.79
N GLN C 427 14.61 34.36 -59.39
CA GLN C 427 15.69 33.64 -60.07
C GLN C 427 15.36 33.30 -61.51
N THR C 428 14.11 32.94 -61.79
CA THR C 428 13.76 32.59 -63.15
C THR C 428 13.64 33.85 -64.00
N GLU C 429 13.17 34.94 -63.38
CA GLU C 429 13.19 36.24 -64.02
C GLU C 429 14.65 36.61 -64.40
N ALA C 430 15.58 36.46 -63.45
CA ALA C 430 16.98 36.75 -63.74
C ALA C 430 17.49 35.87 -64.87
N LEU C 431 17.15 34.58 -64.79
CA LEU C 431 17.70 33.65 -65.75
C LEU C 431 17.20 34.01 -67.17
N ALA C 432 15.91 34.31 -67.30
CA ALA C 432 15.33 34.67 -68.60
C ALA C 432 15.88 35.97 -69.22
N PHE C 433 15.97 37.02 -68.40
CA PHE C 433 16.12 38.38 -68.94
C PHE C 433 17.48 39.00 -68.76
N GLY C 434 18.17 38.62 -67.70
CA GLY C 434 19.55 39.10 -67.52
C GLY C 434 19.59 40.60 -67.19
N LYS C 435 20.67 41.27 -67.60
CA LYS C 435 20.93 42.64 -67.18
C LYS C 435 22.09 43.12 -68.00
N SER C 436 21.82 44.14 -68.82
CA SER C 436 22.74 44.60 -69.87
C SER C 436 23.93 45.36 -69.31
N ARG C 437 24.95 45.58 -70.14
CA ARG C 437 26.11 46.39 -69.72
C ARG C 437 25.69 47.84 -69.39
N GLU C 438 24.70 48.33 -70.11
CA GLU C 438 24.11 49.64 -69.91
C GLU C 438 23.52 49.85 -68.51
N VAL C 439 22.78 48.84 -68.02
CA VAL C 439 22.24 48.88 -66.67
C VAL C 439 23.37 48.91 -65.62
N VAL C 440 24.34 48.01 -65.76
CA VAL C 440 25.55 47.98 -64.91
C VAL C 440 26.37 49.30 -64.86
N GLU C 441 26.50 49.96 -66.02
CA GLU C 441 27.19 51.23 -66.09
C GLU C 441 26.36 52.32 -65.44
N GLN C 442 25.04 52.22 -65.58
CA GLN C 442 24.17 53.25 -65.01
C GLN C 442 24.19 53.21 -63.49
N GLU C 443 24.17 52.01 -62.94
CA GLU C 443 24.27 51.84 -61.48
C GLU C 443 25.53 52.54 -60.99
N TYR C 444 26.63 52.39 -61.72
CA TYR C 444 27.88 53.06 -61.36
C TYR C 444 27.79 54.57 -61.50
N ARG C 445 26.97 55.04 -62.44
CA ARG C 445 26.81 56.47 -62.62
C ARG C 445 26.04 57.07 -61.48
N ASP C 446 25.06 56.33 -60.97
CA ASP C 446 24.24 56.80 -59.88
C ASP C 446 25.07 57.03 -58.61
N GLN C 447 26.26 56.44 -58.55
CA GLN C 447 27.18 56.64 -57.41
C GLN C 447 28.22 57.74 -57.67
N GLY C 448 28.01 58.52 -58.74
CA GLY C 448 28.96 59.54 -59.15
C GLY C 448 30.15 59.04 -59.96
N LYS C 449 30.24 57.73 -60.19
CA LYS C 449 31.41 57.17 -60.84
C LYS C 449 31.33 57.23 -62.35
N ASP C 450 32.49 57.33 -62.99
CA ASP C 450 32.58 57.23 -64.43
C ASP C 450 32.87 55.79 -64.81
N PRO C 451 31.90 55.11 -65.44
CA PRO C 451 32.02 53.71 -65.83
C PRO C 451 33.23 53.44 -66.74
N ALA C 452 33.70 54.45 -67.46
CA ALA C 452 34.85 54.25 -68.35
C ALA C 452 36.09 53.92 -67.54
N THR C 453 36.06 54.18 -66.24
CA THR C 453 37.21 53.82 -65.40
C THR C 453 37.05 52.47 -64.69
N LEU C 454 35.94 51.77 -64.97
CA LEU C 454 35.60 50.55 -64.23
C LEU C 454 35.62 49.30 -65.12
N ASP C 455 36.47 49.32 -66.12
CA ASP C 455 36.62 48.22 -67.05
C ASP C 455 37.05 46.94 -66.34
N TYR C 456 37.71 47.10 -65.20
CA TYR C 456 38.22 45.96 -64.45
C TYR C 456 37.10 45.16 -63.77
N VAL C 457 35.88 45.67 -63.79
CA VAL C 457 34.81 44.98 -63.09
C VAL C 457 33.52 44.93 -63.93
N VAL C 458 33.18 46.03 -64.59
CA VAL C 458 31.91 46.14 -65.32
C VAL C 458 31.49 44.95 -66.22
N PRO C 459 32.40 44.48 -67.06
CA PRO C 459 32.09 43.45 -68.03
C PRO C 459 31.69 42.18 -67.28
N PHE C 460 32.19 42.03 -66.06
CA PHE C 460 31.96 40.81 -65.31
C PHE C 460 30.60 40.80 -64.64
N LYS C 461 29.95 41.96 -64.61
CA LYS C 461 28.65 42.11 -63.92
C LYS C 461 27.46 41.99 -64.87
N VAL C 462 27.76 41.69 -66.13
CA VAL C 462 26.71 41.60 -67.16
C VAL C 462 26.08 40.20 -67.15
N PHE C 463 24.74 40.13 -67.19
CA PHE C 463 24.05 38.84 -67.28
C PHE C 463 23.38 38.76 -68.63
N GLU C 464 23.77 37.78 -69.42
CA GLU C 464 23.24 37.68 -70.76
C GLU C 464 21.83 37.10 -70.76
N GLY C 465 21.46 36.41 -69.69
CA GLY C 465 20.13 35.84 -69.59
C GLY C 465 19.96 34.80 -70.66
N ASN C 466 18.73 34.72 -71.17
CA ASN C 466 18.30 33.72 -72.17
C ASN C 466 18.49 32.28 -71.65
N ARG C 467 18.30 32.10 -70.34
CA ARG C 467 18.45 30.79 -69.70
C ARG C 467 17.09 30.29 -69.25
N PRO C 468 16.64 29.16 -69.83
CA PRO C 468 15.28 28.67 -69.75
C PRO C 468 14.98 28.05 -68.39
N THR C 469 13.70 28.10 -68.00
CA THR C 469 13.22 27.49 -66.77
C THR C 469 11.74 27.12 -66.91
N ASN C 470 11.32 26.15 -66.11
CA ASN C 470 9.90 25.97 -65.85
C ASN C 470 9.67 26.31 -64.40
N SER C 471 8.51 26.87 -64.12
CA SER C 471 8.14 27.10 -62.73
C SER C 471 6.92 26.25 -62.46
N ILE C 472 6.95 25.53 -61.35
CA ILE C 472 5.81 24.73 -60.95
C ILE C 472 5.38 25.23 -59.61
N LEU C 473 4.24 25.89 -59.58
CA LEU C 473 3.70 26.44 -58.35
C LEU C 473 2.51 25.61 -57.86
N LEU C 474 2.64 25.08 -56.65
CA LEU C 474 1.51 24.33 -56.11
C LEU C 474 0.92 25.10 -54.96
N ARG C 475 -0.31 24.75 -54.61
CA ARG C 475 -0.93 25.37 -53.45
C ARG C 475 -0.11 25.10 -52.18
N GLU C 476 0.30 23.84 -52.01
CA GLU C 476 0.85 23.34 -50.77
C GLU C 476 1.36 21.91 -51.07
N ILE C 477 2.44 21.49 -50.42
CA ILE C 477 2.91 20.13 -50.61
C ILE C 477 2.14 19.23 -49.64
N THR C 478 1.18 18.47 -50.19
CA THR C 478 0.32 17.52 -49.44
C THR C 478 0.58 16.12 -50.02
N PRO C 479 0.09 15.04 -49.36
CA PRO C 479 0.35 13.71 -49.91
C PRO C 479 -0.12 13.59 -51.35
N PHE C 480 -1.34 14.04 -51.58
CA PHE C 480 -1.94 14.10 -52.90
C PHE C 480 -1.06 14.91 -53.87
N SER C 481 -0.71 16.14 -53.51
CA SER C 481 -0.02 17.00 -54.50
C SER C 481 1.36 16.44 -54.81
N LEU C 482 1.99 15.88 -53.80
CA LEU C 482 3.27 15.19 -53.97
C LEU C 482 3.10 13.95 -54.87
N GLY C 483 2.03 13.18 -54.67
CA GLY C 483 1.72 12.03 -55.53
C GLY C 483 1.60 12.43 -56.99
N ALA C 484 0.81 13.47 -57.23
CA ALA C 484 0.67 14.00 -58.57
C ALA C 484 2.01 14.53 -59.17
N LEU C 485 2.81 15.23 -58.36
CA LEU C 485 4.11 15.72 -58.84
C LEU C 485 5.08 14.61 -59.26
N ILE C 486 5.24 13.60 -58.41
CA ILE C 486 6.08 12.46 -58.77
C ILE C 486 5.61 11.77 -60.05
N ALA C 487 4.30 11.61 -60.20
CA ALA C 487 3.75 10.95 -61.37
C ALA C 487 3.90 11.83 -62.61
N LEU C 488 3.82 13.15 -62.44
CA LEU C 488 4.05 14.07 -63.54
C LEU C 488 5.42 13.74 -64.15
N TYR C 489 6.43 13.60 -63.31
CA TYR C 489 7.77 13.28 -63.81
C TYR C 489 7.92 11.85 -64.37
N GLU C 490 7.38 10.87 -63.66
CA GLU C 490 7.33 9.51 -64.17
C GLU C 490 6.88 9.46 -65.64
N HIS C 491 5.78 10.15 -65.93
CA HIS C 491 5.24 10.24 -67.27
C HIS C 491 5.99 11.16 -68.24
N LYS C 492 6.65 12.18 -67.73
CA LYS C 492 7.59 12.92 -68.57
C LYS C 492 8.62 11.93 -69.08
N ILE C 493 9.22 11.20 -68.15
CA ILE C 493 10.29 10.23 -68.43
C ILE C 493 9.83 9.16 -69.40
N PHE C 494 8.59 8.70 -69.22
CA PHE C 494 7.99 7.69 -70.08
C PHE C 494 7.88 8.22 -71.50
N THR C 495 7.33 9.44 -71.65
CA THR C 495 7.20 10.07 -72.95
C THR C 495 8.56 10.19 -73.62
N GLN C 496 9.57 10.67 -72.89
CA GLN C 496 10.90 10.79 -73.47
C GLN C 496 11.47 9.46 -73.99
N GLY C 497 11.32 8.38 -73.23
CA GLY C 497 11.74 7.06 -73.72
C GLY C 497 10.98 6.59 -74.96
N VAL C 498 9.68 6.92 -75.05
CA VAL C 498 8.90 6.48 -76.22
C VAL C 498 9.52 7.11 -77.47
N ILE C 499 9.59 8.44 -77.44
CA ILE C 499 10.05 9.20 -78.57
C ILE C 499 11.50 8.91 -78.93
N LEU C 500 12.36 8.72 -77.93
CA LEU C 500 13.76 8.45 -78.20
C LEU C 500 14.04 6.96 -78.55
N ASN C 501 12.96 6.20 -78.74
CA ASN C 501 13.05 4.80 -79.17
C ASN C 501 13.88 3.88 -78.29
N ILE C 502 13.73 4.02 -76.97
CA ILE C 502 14.49 3.21 -76.03
C ILE C 502 13.61 2.48 -75.02
N PHE C 503 14.22 1.58 -74.26
CA PHE C 503 13.49 0.82 -73.21
C PHE C 503 13.72 1.46 -71.87
N THR C 504 12.64 2.02 -71.33
CA THR C 504 12.73 2.90 -70.18
C THR C 504 12.71 2.13 -68.86
N PHE C 505 12.35 0.86 -68.92
CA PHE C 505 11.99 0.12 -67.71
C PHE C 505 12.89 -1.04 -67.35
N ASP C 506 13.99 -1.21 -68.10
CA ASP C 506 14.97 -2.22 -67.73
C ASP C 506 16.24 -1.54 -67.28
N GLN C 507 17.24 -2.33 -66.89
CA GLN C 507 18.51 -1.77 -66.42
C GLN C 507 19.69 -2.73 -66.51
N TRP C 508 20.00 -3.16 -67.73
CA TRP C 508 21.07 -4.12 -67.94
C TRP C 508 22.43 -3.51 -67.69
N GLY C 509 22.47 -2.20 -67.46
CA GLY C 509 23.73 -1.53 -67.21
C GLY C 509 24.26 -1.73 -65.81
N VAL C 510 23.44 -2.30 -64.93
CA VAL C 510 23.90 -2.57 -63.56
C VAL C 510 24.78 -3.83 -63.44
N GLU C 511 24.68 -4.75 -64.41
CA GLU C 511 25.27 -6.09 -64.32
C GLU C 511 26.78 -6.17 -64.26
N LEU C 512 27.44 -5.61 -65.26
CA LEU C 512 28.90 -5.70 -65.34
C LEU C 512 29.57 -5.43 -64.00
N GLY C 513 29.19 -4.31 -63.38
CA GLY C 513 29.74 -3.86 -62.11
C GLY C 513 29.64 -4.86 -60.97
N LYS C 514 28.44 -5.39 -60.73
CA LYS C 514 28.29 -6.44 -59.71
C LYS C 514 29.16 -7.63 -60.07
N GLN C 515 29.05 -8.12 -61.29
CA GLN C 515 29.73 -9.36 -61.60
C GLN C 515 31.26 -9.22 -61.43
N LEU C 516 31.81 -8.05 -61.75
CA LEU C 516 33.22 -7.78 -61.48
C LEU C 516 33.49 -7.59 -59.97
N ALA C 517 32.49 -7.16 -59.21
CA ALA C 517 32.64 -7.03 -57.76
C ALA C 517 32.66 -8.42 -57.13
N ASN C 518 31.77 -9.30 -57.58
CA ASN C 518 31.81 -10.72 -57.20
C ASN C 518 33.18 -11.39 -57.38
N ARG C 519 33.82 -11.15 -58.52
CA ARG C 519 35.15 -11.69 -58.76
C ARG C 519 36.17 -11.08 -57.80
N ILE C 520 35.99 -9.80 -57.49
CA ILE C 520 36.97 -9.10 -56.68
C ILE C 520 36.85 -9.43 -55.17
N LEU C 521 35.63 -9.67 -54.69
CA LEU C 521 35.43 -9.87 -53.26
C LEU C 521 36.35 -10.99 -52.68
N PRO C 522 36.32 -12.20 -53.26
CA PRO C 522 37.20 -13.22 -52.70
C PRO C 522 38.67 -12.84 -52.67
N GLU C 523 39.13 -12.04 -53.64
CA GLU C 523 40.57 -11.71 -53.74
C GLU C 523 41.01 -10.78 -52.62
N LEU C 524 40.03 -10.22 -51.91
CA LEU C 524 40.33 -9.30 -50.84
C LEU C 524 40.57 -10.00 -49.49
N LYS C 525 40.05 -11.24 -49.33
CA LYS C 525 40.22 -11.98 -48.07
C LYS C 525 41.68 -12.26 -47.67
N ASP C 526 42.45 -12.90 -48.55
CA ASP C 526 43.83 -13.29 -48.24
C ASP C 526 44.80 -12.13 -48.32
N ASP C 527 46.09 -12.43 -48.18
CA ASP C 527 47.14 -11.41 -48.21
C ASP C 527 48.02 -11.50 -49.44
N LYS C 528 47.68 -12.40 -50.36
CA LYS C 528 48.44 -12.59 -51.60
C LYS C 528 48.31 -11.42 -52.57
N GLU C 529 49.45 -10.97 -53.10
CA GLU C 529 49.49 -9.95 -54.14
C GLU C 529 48.56 -10.36 -55.27
N ILE C 530 47.73 -9.41 -55.73
CA ILE C 530 46.77 -9.69 -56.80
C ILE C 530 47.29 -9.22 -58.15
N SER C 531 47.10 -10.05 -59.16
CA SER C 531 47.56 -9.73 -60.50
C SER C 531 46.61 -10.28 -61.56
N SER C 532 45.38 -10.55 -61.18
CA SER C 532 44.38 -11.11 -62.09
C SER C 532 43.65 -10.10 -63.02
N HIS C 533 44.01 -8.83 -62.91
CA HIS C 533 43.33 -7.77 -63.65
C HIS C 533 44.36 -6.93 -64.36
N ASP C 534 43.87 -5.88 -65.01
CA ASP C 534 44.70 -4.80 -65.56
C ASP C 534 45.62 -4.19 -64.49
N SER C 535 46.64 -3.46 -64.90
CA SER C 535 47.60 -2.96 -63.92
C SER C 535 46.97 -2.02 -62.92
N SER C 536 45.94 -1.29 -63.31
CA SER C 536 45.36 -0.29 -62.42
C SER C 536 44.62 -0.96 -61.28
N THR C 537 43.63 -1.76 -61.62
CA THR C 537 42.91 -2.54 -60.64
C THR C 537 43.85 -3.33 -59.72
N ASN C 538 44.81 -4.08 -60.29
CA ASN C 538 45.79 -4.78 -59.46
C ASN C 538 46.43 -3.84 -58.43
N GLY C 539 46.93 -2.71 -58.91
CA GLY C 539 47.75 -1.82 -58.11
C GLY C 539 46.99 -1.21 -56.95
N LEU C 540 45.71 -0.90 -57.21
CA LEU C 540 44.81 -0.34 -56.20
C LEU C 540 44.49 -1.42 -55.16
N ILE C 541 44.14 -2.62 -55.65
CA ILE C 541 43.92 -3.76 -54.78
C ILE C 541 45.11 -3.98 -53.83
N ASN C 542 46.32 -4.11 -54.38
CA ASN C 542 47.49 -4.41 -53.57
C ASN C 542 47.86 -3.27 -52.64
N ARG C 543 47.67 -2.03 -53.09
CA ARG C 543 47.90 -0.90 -52.21
C ARG C 543 46.92 -0.94 -51.05
N TYR C 544 45.67 -1.28 -51.35
CA TYR C 544 44.69 -1.50 -50.31
C TYR C 544 45.22 -2.49 -49.24
N LYS C 545 45.57 -3.71 -49.67
CA LYS C 545 46.09 -4.74 -48.75
C LYS C 545 47.29 -4.21 -47.97
N ALA C 546 48.17 -3.49 -48.65
CA ALA C 546 49.32 -2.91 -47.95
C ALA C 546 48.91 -1.92 -46.89
N TRP C 547 47.77 -1.26 -47.08
CA TRP C 547 47.37 -0.12 -46.22
C TRP C 547 46.27 -0.45 -45.20
N ARG C 548 45.55 -1.55 -45.44
CA ARG C 548 44.37 -1.87 -44.63
C ARG C 548 44.70 -2.18 -43.16
N GLY C 549 45.98 -2.24 -42.85
CA GLY C 549 46.46 -2.60 -41.52
C GLY C 549 47.88 -3.14 -41.60
N MET D 1 48.90 38.47 -62.23
CA MET D 1 49.39 37.31 -63.04
C MET D 1 49.06 37.51 -64.51
N LYS D 2 49.50 36.56 -65.36
CA LYS D 2 49.30 36.67 -66.81
C LYS D 2 47.88 36.23 -67.18
N ASN D 3 47.35 36.79 -68.28
CA ASN D 3 45.97 36.55 -68.70
C ASN D 3 45.94 36.03 -70.13
N ILE D 4 46.45 34.82 -70.33
CA ILE D 4 46.62 34.27 -71.66
C ILE D 4 45.38 33.50 -72.10
N ASN D 5 44.84 33.86 -73.26
CA ASN D 5 43.72 33.13 -73.81
C ASN D 5 44.23 31.77 -74.26
N PRO D 6 43.74 30.68 -73.63
CA PRO D 6 44.32 29.37 -73.87
C PRO D 6 44.11 28.85 -75.29
N THR D 7 43.06 29.29 -75.97
CA THR D 7 42.81 28.85 -77.32
C THR D 7 43.77 29.48 -78.33
N GLN D 8 44.43 30.56 -77.93
CA GLN D 8 45.46 31.19 -78.75
C GLN D 8 46.85 30.85 -78.25
N THR D 9 47.15 29.56 -78.17
CA THR D 9 48.47 29.11 -77.80
C THR D 9 48.87 27.98 -78.75
N ALA D 10 50.17 27.82 -78.99
CA ALA D 10 50.70 26.70 -79.77
C ALA D 10 50.24 25.40 -79.17
N ALA D 11 50.17 25.37 -77.84
CA ALA D 11 49.85 24.14 -77.10
C ALA D 11 48.42 23.71 -77.40
N TRP D 12 47.51 24.69 -77.41
CA TRP D 12 46.12 24.41 -77.77
C TRP D 12 46.01 23.85 -79.19
N GLN D 13 46.76 24.46 -80.10
CA GLN D 13 46.83 23.97 -81.48
C GLN D 13 47.36 22.54 -81.48
N ALA D 14 48.45 22.30 -80.76
CA ALA D 14 49.02 20.95 -80.67
C ALA D 14 48.00 19.96 -80.08
N LEU D 15 47.23 20.41 -79.10
CA LEU D 15 46.24 19.55 -78.44
C LEU D 15 45.07 19.20 -79.34
N GLN D 16 44.62 20.18 -80.12
CA GLN D 16 43.47 19.99 -80.99
C GLN D 16 43.78 18.89 -82.02
N LYS D 17 45.00 18.89 -82.53
CA LYS D 17 45.45 17.94 -83.55
C LYS D 17 45.77 16.58 -82.91
N HIS D 18 46.25 16.62 -81.66
CA HIS D 18 46.44 15.41 -80.86
C HIS D 18 45.07 14.82 -80.57
N PHE D 19 44.11 15.66 -80.20
CA PHE D 19 42.75 15.17 -79.96
C PHE D 19 42.16 14.40 -81.14
N ASP D 20 42.39 14.92 -82.34
CA ASP D 20 41.83 14.32 -83.55
C ASP D 20 42.44 12.93 -83.82
N GLU D 21 43.68 12.76 -83.38
CA GLU D 21 44.39 11.49 -83.47
C GLU D 21 44.01 10.55 -82.33
N MET D 22 43.48 11.09 -81.25
CA MET D 22 43.22 10.32 -80.03
C MET D 22 41.75 9.93 -79.83
N LYS D 23 40.84 10.68 -80.43
CA LYS D 23 39.43 10.65 -80.04
C LYS D 23 38.83 9.25 -79.89
N ASP D 24 39.38 8.29 -80.61
CA ASP D 24 38.84 6.94 -80.64
C ASP D 24 39.74 5.89 -79.99
N VAL D 25 40.91 6.30 -79.50
CA VAL D 25 41.78 5.37 -78.79
C VAL D 25 41.01 4.89 -77.57
N THR D 26 41.05 3.58 -77.28
CA THR D 26 40.30 3.03 -76.13
C THR D 26 41.20 2.76 -74.95
N ILE D 27 40.66 2.91 -73.75
CA ILE D 27 41.43 2.70 -72.51
C ILE D 27 41.96 1.28 -72.50
N ALA D 28 41.14 0.36 -72.99
CA ALA D 28 41.53 -1.05 -73.13
C ALA D 28 42.83 -1.23 -73.91
N ASP D 29 42.96 -0.56 -75.06
CA ASP D 29 44.20 -0.61 -75.86
C ASP D 29 45.42 -0.06 -75.15
N LEU D 30 45.23 1.01 -74.39
CA LEU D 30 46.35 1.67 -73.71
C LEU D 30 46.91 0.80 -72.61
N PHE D 31 46.05 -0.04 -72.04
CA PHE D 31 46.48 -0.98 -71.02
C PHE D 31 47.13 -2.22 -71.64
N ALA D 32 46.53 -2.74 -72.71
CA ALA D 32 47.13 -3.87 -73.44
C ALA D 32 48.52 -3.59 -74.04
N LYS D 33 48.83 -2.35 -74.41
CA LYS D 33 50.16 -2.09 -74.98
C LYS D 33 51.24 -1.70 -73.96
N ASP D 34 50.87 -1.53 -72.70
CA ASP D 34 51.88 -1.28 -71.65
C ASP D 34 51.45 -1.87 -70.32
N GLY D 35 52.16 -2.93 -69.90
CA GLY D 35 51.89 -3.64 -68.65
C GLY D 35 52.25 -2.85 -67.40
N ASP D 36 52.97 -1.75 -67.56
CA ASP D 36 53.31 -0.89 -66.43
C ASP D 36 52.61 0.47 -66.53
N ARG D 37 51.40 0.48 -67.05
CA ARG D 37 50.66 1.74 -67.20
C ARG D 37 50.33 2.34 -65.83
N PHE D 38 49.74 1.52 -64.96
CA PHE D 38 49.36 1.97 -63.61
C PHE D 38 50.45 2.81 -62.97
N SER D 39 51.68 2.33 -62.99
CA SER D 39 52.76 3.04 -62.30
C SER D 39 53.26 4.27 -63.05
N LYS D 40 53.03 4.33 -64.35
CA LYS D 40 53.42 5.53 -65.11
C LYS D 40 52.38 6.64 -64.96
N PHE D 41 51.17 6.28 -64.54
CA PHE D 41 50.02 7.19 -64.42
C PHE D 41 49.38 7.24 -63.02
N SER D 42 50.22 7.26 -61.99
CA SER D 42 49.75 7.34 -60.60
C SER D 42 50.84 7.91 -59.73
N ALA D 43 50.45 8.55 -58.65
CA ALA D 43 51.39 9.09 -57.67
C ALA D 43 50.77 9.06 -56.28
N THR D 44 51.59 9.07 -55.24
CA THR D 44 51.03 9.01 -53.89
C THR D 44 51.45 10.25 -53.13
N PHE D 45 50.53 10.88 -52.44
CA PHE D 45 50.84 12.07 -51.65
C PHE D 45 51.07 11.66 -50.19
N ASP D 46 52.18 12.13 -49.62
CA ASP D 46 52.51 11.97 -48.20
C ASP D 46 52.22 10.55 -47.66
N ASP D 47 52.60 9.55 -48.45
CA ASP D 47 52.42 8.12 -48.11
C ASP D 47 51.03 7.75 -47.58
N GLN D 48 49.98 8.46 -48.01
CA GLN D 48 48.64 8.09 -47.54
C GLN D 48 47.49 8.32 -48.53
N MET D 49 47.76 8.89 -49.69
CA MET D 49 46.70 9.17 -50.68
C MET D 49 47.18 8.72 -52.06
N LEU D 50 46.72 7.57 -52.54
CA LEU D 50 47.10 7.18 -53.89
C LEU D 50 46.09 7.76 -54.87
N VAL D 51 46.59 8.48 -55.86
CA VAL D 51 45.77 9.06 -56.93
C VAL D 51 46.12 8.38 -58.24
N ASP D 52 45.24 7.54 -58.70
CA ASP D 52 45.48 6.74 -59.89
C ASP D 52 44.67 7.32 -61.05
N TYR D 53 45.35 7.89 -62.03
CA TYR D 53 44.70 8.52 -63.18
C TYR D 53 44.99 7.76 -64.47
N SER D 54 45.42 6.51 -64.31
CA SER D 54 45.77 5.66 -65.44
C SER D 54 44.56 5.25 -66.26
N LYS D 55 43.40 5.10 -65.62
CA LYS D 55 42.17 4.72 -66.34
C LYS D 55 41.53 5.90 -67.10
N ASN D 56 42.37 6.64 -67.81
CA ASN D 56 41.96 7.82 -68.57
C ASN D 56 42.31 7.68 -70.06
N ARG D 57 41.55 8.34 -70.93
CA ARG D 57 41.87 8.37 -72.35
C ARG D 57 43.02 9.34 -72.66
N ILE D 58 44.22 8.96 -72.21
CA ILE D 58 45.41 9.81 -72.27
C ILE D 58 46.68 8.95 -72.44
N THR D 59 47.68 9.50 -73.14
CA THR D 59 48.99 8.86 -73.24
C THR D 59 50.02 9.78 -72.61
N GLU D 60 51.28 9.34 -72.64
CA GLU D 60 52.38 10.20 -72.21
C GLU D 60 52.45 11.46 -73.07
N GLU D 61 52.13 11.33 -74.36
CA GLU D 61 52.16 12.46 -75.26
C GLU D 61 51.09 13.47 -74.84
N THR D 62 49.88 12.98 -74.54
CA THR D 62 48.80 13.87 -74.12
C THR D 62 49.20 14.72 -72.92
N LEU D 63 49.77 14.08 -71.91
CA LEU D 63 50.14 14.80 -70.69
C LEU D 63 51.21 15.83 -70.98
N ALA D 64 52.17 15.46 -71.82
CA ALA D 64 53.21 16.38 -72.25
C ALA D 64 52.59 17.62 -72.91
N LYS D 65 51.55 17.39 -73.70
CA LYS D 65 50.90 18.49 -74.41
C LYS D 65 49.99 19.34 -73.50
N LEU D 66 49.39 18.69 -72.50
CA LEU D 66 48.63 19.42 -71.48
C LEU D 66 49.58 20.22 -70.61
N GLN D 67 50.76 19.66 -70.31
CA GLN D 67 51.78 20.37 -69.56
C GLN D 67 52.27 21.60 -70.30
N ASP D 68 52.50 21.46 -71.61
CA ASP D 68 52.85 22.60 -72.46
C ASP D 68 51.85 23.76 -72.30
N LEU D 69 50.56 23.43 -72.32
CA LEU D 69 49.51 24.41 -72.15
C LEU D 69 49.60 25.10 -70.78
N ALA D 70 49.76 24.32 -69.72
CA ALA D 70 49.95 24.93 -68.41
C ALA D 70 51.15 25.87 -68.47
N LYS D 71 52.21 25.41 -69.13
CA LYS D 71 53.43 26.22 -69.10
C LYS D 71 53.23 27.46 -69.96
N GLU D 72 52.57 27.31 -71.10
CA GLU D 72 52.30 28.45 -71.96
C GLU D 72 51.38 29.49 -71.30
N CYS D 73 50.56 29.06 -70.34
CA CYS D 73 49.63 29.97 -69.64
C CYS D 73 50.19 30.53 -68.34
N ASP D 74 51.49 30.30 -68.12
CA ASP D 74 52.22 30.73 -66.93
C ASP D 74 51.54 30.29 -65.65
N LEU D 75 51.21 29.01 -65.58
CA LEU D 75 50.62 28.42 -64.38
C LEU D 75 51.53 28.67 -63.20
N ALA D 76 52.83 28.47 -63.41
CA ALA D 76 53.83 28.65 -62.35
C ALA D 76 53.69 30.02 -61.67
N GLY D 77 53.62 31.09 -62.48
CA GLY D 77 53.53 32.46 -61.95
C GLY D 77 52.20 32.72 -61.26
N ALA D 78 51.15 32.08 -61.77
CA ALA D 78 49.86 32.23 -61.15
C ALA D 78 49.97 31.73 -59.71
N ILE D 79 50.61 30.58 -59.53
CA ILE D 79 50.75 29.94 -58.22
C ILE D 79 51.52 30.80 -57.26
N LYS D 80 52.65 31.35 -57.71
CA LYS D 80 53.45 32.31 -56.92
C LYS D 80 52.63 33.53 -56.49
N SER D 81 51.77 34.02 -57.40
CA SER D 81 50.95 35.18 -57.13
C SER D 81 49.93 34.95 -55.99
N MET D 82 49.22 33.83 -56.06
CA MET D 82 48.29 33.48 -55.00
C MET D 82 49.04 33.40 -53.67
N PHE D 83 50.11 32.60 -53.63
CA PHE D 83 50.78 32.28 -52.37
C PHE D 83 51.49 33.48 -51.71
N SER D 84 51.92 34.45 -52.52
CA SER D 84 52.60 35.64 -52.03
C SER D 84 51.62 36.75 -51.65
N GLY D 85 50.33 36.48 -51.79
CA GLY D 85 49.32 37.48 -51.44
C GLY D 85 49.12 38.62 -52.45
N GLU D 86 49.50 38.41 -53.69
CA GLU D 86 49.18 39.37 -54.76
C GLU D 86 47.66 39.36 -54.96
N LYS D 87 47.10 40.54 -55.18
CA LYS D 87 45.65 40.69 -55.24
C LYS D 87 45.12 40.17 -56.56
N ILE D 88 45.18 38.85 -56.72
CA ILE D 88 44.86 38.27 -58.00
C ILE D 88 43.35 38.31 -58.29
N ASN D 89 42.55 38.50 -57.24
CA ASN D 89 41.11 38.68 -57.42
C ASN D 89 40.86 40.12 -57.83
N ARG D 90 41.06 40.40 -59.12
CA ARG D 90 41.12 41.78 -59.63
C ARG D 90 39.77 42.50 -59.69
N THR D 91 38.68 41.79 -59.94
CA THR D 91 37.39 42.47 -60.10
C THR D 91 36.93 43.02 -58.75
N GLU D 92 37.40 42.39 -57.68
CA GLU D 92 37.04 42.80 -56.33
C GLU D 92 38.20 43.51 -55.61
N ASN D 93 39.36 43.53 -56.26
CA ASN D 93 40.60 44.05 -55.68
C ASN D 93 40.99 43.38 -54.35
N ARG D 94 41.20 42.07 -54.38
CA ARG D 94 41.49 41.33 -53.16
C ARG D 94 42.56 40.28 -53.38
N ALA D 95 43.30 39.98 -52.32
CA ALA D 95 44.20 38.83 -52.30
C ALA D 95 43.34 37.58 -52.20
N VAL D 96 43.96 36.42 -52.40
CA VAL D 96 43.23 35.17 -52.29
C VAL D 96 44.11 34.26 -51.44
N LEU D 97 43.85 34.27 -50.14
CA LEU D 97 44.75 33.64 -49.19
C LEU D 97 44.09 32.63 -48.22
N HIS D 98 43.16 31.81 -48.68
CA HIS D 98 42.77 30.67 -47.84
C HIS D 98 43.98 29.80 -47.43
N VAL D 99 45.08 29.85 -48.20
CA VAL D 99 46.27 29.09 -47.82
C VAL D 99 46.97 29.73 -46.61
N ALA D 100 46.62 30.97 -46.29
CA ALA D 100 47.22 31.61 -45.13
C ALA D 100 46.60 31.03 -43.87
N LEU D 101 45.31 30.71 -43.98
CA LEU D 101 44.54 30.23 -42.85
C LEU D 101 45.10 28.95 -42.26
N ARG D 102 45.63 28.07 -43.10
CA ARG D 102 46.23 26.83 -42.62
C ARG D 102 47.77 26.84 -42.72
N ASN D 103 48.36 28.02 -42.87
CA ASN D 103 49.81 28.13 -43.01
C ASN D 103 50.53 27.80 -41.69
N ARG D 104 50.50 26.52 -41.33
CA ARG D 104 51.07 26.04 -40.05
C ARG D 104 52.55 26.48 -39.87
N SER D 105 53.23 26.71 -40.98
CA SER D 105 54.63 27.11 -40.93
C SER D 105 54.82 28.57 -40.50
N ASN D 106 53.76 29.39 -40.56
CA ASN D 106 53.86 30.79 -40.14
C ASN D 106 54.91 31.62 -40.89
N THR D 107 55.32 31.12 -42.05
CA THR D 107 56.08 31.88 -43.03
C THR D 107 55.29 33.15 -43.41
N PRO D 108 55.91 34.33 -43.30
CA PRO D 108 55.17 35.57 -43.53
C PRO D 108 54.47 35.57 -44.89
N ILE D 109 53.25 36.08 -44.93
CA ILE D 109 52.51 36.26 -46.17
C ILE D 109 51.94 37.67 -46.10
N LEU D 110 52.37 38.52 -47.01
CA LEU D 110 51.99 39.95 -46.91
C LEU D 110 50.88 40.32 -47.88
N VAL D 111 50.01 41.21 -47.43
CA VAL D 111 49.06 41.88 -48.33
C VAL D 111 49.04 43.34 -47.92
N ASP D 112 49.20 44.25 -48.90
CA ASP D 112 49.40 45.66 -48.60
C ASP D 112 50.61 45.74 -47.67
N GLY D 113 51.65 44.98 -48.03
CA GLY D 113 52.87 44.86 -47.24
C GLY D 113 52.76 44.34 -45.81
N LYS D 114 51.57 43.91 -45.39
CA LYS D 114 51.38 43.50 -43.99
C LYS D 114 51.18 41.99 -43.80
N ASP D 115 51.93 41.40 -42.86
CA ASP D 115 51.83 39.96 -42.57
C ASP D 115 50.43 39.58 -42.06
N VAL D 116 49.77 38.68 -42.77
CA VAL D 116 48.45 38.24 -42.33
C VAL D 116 48.53 37.16 -41.23
N MET D 117 49.68 36.53 -41.06
CA MET D 117 49.77 35.39 -40.14
C MET D 117 49.35 35.70 -38.70
N PRO D 118 49.92 36.78 -38.10
CA PRO D 118 49.57 37.10 -36.73
C PRO D 118 48.08 37.13 -36.48
N GLU D 119 47.29 37.69 -37.41
CA GLU D 119 45.85 37.84 -37.19
C GLU D 119 45.09 36.51 -37.42
N VAL D 120 45.61 35.70 -38.34
CA VAL D 120 45.10 34.35 -38.55
C VAL D 120 45.24 33.55 -37.26
N ASN D 121 46.42 33.58 -36.66
CA ASN D 121 46.68 32.88 -35.40
C ASN D 121 45.99 33.45 -34.16
N ALA D 122 45.87 34.76 -34.06
CA ALA D 122 45.10 35.32 -32.96
C ALA D 122 43.64 34.80 -32.99
N VAL D 123 43.05 34.66 -34.19
CA VAL D 123 41.67 34.13 -34.27
C VAL D 123 41.57 32.63 -33.95
N LEU D 124 42.53 31.87 -34.47
CA LEU D 124 42.69 30.47 -34.11
C LEU D 124 42.81 30.31 -32.58
N GLU D 125 43.59 31.18 -31.94
CA GLU D 125 43.74 31.14 -30.47
C GLU D 125 42.42 31.48 -29.75
N LYS D 126 41.68 32.43 -30.29
CA LYS D 126 40.36 32.72 -29.77
C LYS D 126 39.43 31.52 -29.93
N MET D 127 39.47 30.86 -31.08
CA MET D 127 38.64 29.67 -31.31
C MET D 127 38.97 28.53 -30.32
N LYS D 128 40.26 28.31 -30.08
CA LYS D 128 40.72 27.30 -29.13
C LYS D 128 40.11 27.51 -27.74
N THR D 129 40.39 28.65 -27.12
CA THR D 129 39.95 28.90 -25.75
C THR D 129 38.42 28.92 -25.65
N PHE D 130 37.75 29.36 -26.72
CA PHE D 130 36.30 29.46 -26.69
C PHE D 130 35.72 28.08 -26.79
N SER D 131 36.23 27.26 -27.73
CA SER D 131 35.73 25.89 -27.87
C SER D 131 35.93 25.11 -26.57
N GLU D 132 37.09 25.26 -25.95
CA GLU D 132 37.32 24.62 -24.67
C GLU D 132 36.24 24.98 -23.63
N ALA D 133 35.84 26.25 -23.59
CA ALA D 133 34.85 26.70 -22.61
C ALA D 133 33.50 26.08 -22.86
N ILE D 134 33.13 25.92 -24.13
CA ILE D 134 31.85 25.32 -24.45
C ILE D 134 31.88 23.80 -24.19
N ILE D 135 32.89 23.15 -24.78
CA ILE D 135 33.09 21.68 -24.72
C ILE D 135 33.32 21.19 -23.27
N SER D 136 34.12 21.92 -22.50
CA SER D 136 34.38 21.56 -21.09
C SER D 136 33.15 21.73 -20.24
N GLY D 137 32.12 22.41 -20.75
CA GLY D 137 30.98 22.76 -19.93
C GLY D 137 31.20 23.92 -18.96
N GLU D 138 32.36 24.59 -19.01
CA GLU D 138 32.58 25.73 -18.11
C GLU D 138 31.71 26.94 -18.47
N TRP D 139 31.50 27.14 -19.78
CA TRP D 139 30.56 28.14 -20.28
C TRP D 139 29.14 27.61 -20.08
N LYS D 140 28.38 28.30 -19.24
CA LYS D 140 27.03 27.91 -18.89
C LYS D 140 26.00 28.73 -19.66
N GLY D 141 24.80 28.19 -19.80
CA GLY D 141 23.71 28.92 -20.38
C GLY D 141 23.07 29.83 -19.34
N TYR D 142 22.06 30.58 -19.75
CA TYR D 142 21.38 31.49 -18.84
C TYR D 142 20.71 30.84 -17.61
N THR D 143 20.63 29.51 -17.54
CA THR D 143 20.14 28.89 -16.31
C THR D 143 21.22 28.12 -15.55
N GLY D 144 22.48 28.31 -15.92
CA GLY D 144 23.59 27.65 -15.24
C GLY D 144 23.90 26.26 -15.79
N LYS D 145 23.32 25.89 -16.93
CA LYS D 145 23.57 24.57 -17.53
C LYS D 145 24.65 24.56 -18.62
N ALA D 146 25.42 23.47 -18.72
CA ALA D 146 26.36 23.29 -19.86
C ALA D 146 25.61 23.21 -21.19
N ILE D 147 26.28 23.63 -22.25
CA ILE D 147 25.73 23.62 -23.61
C ILE D 147 25.68 22.18 -24.12
N THR D 148 24.52 21.77 -24.65
CA THR D 148 24.40 20.44 -25.26
C THR D 148 24.30 20.46 -26.80
N ASP D 149 23.87 21.60 -27.35
CA ASP D 149 23.59 21.70 -28.79
C ASP D 149 24.23 22.94 -29.42
N VAL D 150 24.78 22.77 -30.62
CA VAL D 150 25.32 23.90 -31.36
C VAL D 150 24.56 24.00 -32.68
N VAL D 151 24.00 25.17 -32.96
CA VAL D 151 23.27 25.38 -34.22
C VAL D 151 24.02 26.45 -35.04
N ASN D 152 24.60 26.05 -36.16
CA ASN D 152 25.24 26.99 -37.07
C ASN D 152 24.15 27.59 -37.93
N ILE D 153 24.20 28.90 -38.17
CA ILE D 153 23.23 29.54 -39.06
C ILE D 153 24.01 30.31 -40.10
N GLY D 154 23.95 29.84 -41.34
CA GLY D 154 24.73 30.45 -42.41
C GLY D 154 24.26 29.86 -43.72
N ILE D 155 24.66 30.44 -44.83
CA ILE D 155 24.25 29.91 -46.12
C ILE D 155 25.46 29.86 -47.02
N GLY D 156 25.40 29.07 -48.09
CA GLY D 156 26.51 28.91 -49.00
C GLY D 156 27.79 28.51 -48.28
N GLY D 157 28.80 29.36 -48.36
CA GLY D 157 30.13 29.06 -47.87
C GLY D 157 30.21 28.99 -46.37
N SER D 158 29.27 29.64 -45.70
CA SER D 158 29.16 29.54 -44.26
C SER D 158 28.33 28.33 -43.85
N ASP D 159 27.88 27.52 -44.79
CA ASP D 159 27.09 26.37 -44.37
C ASP D 159 27.70 25.05 -44.82
N LEU D 160 28.14 24.99 -46.08
CA LEU D 160 28.38 23.71 -46.73
C LEU D 160 29.61 23.00 -46.22
N GLY D 161 30.66 23.78 -45.96
CA GLY D 161 31.94 23.23 -45.56
C GLY D 161 31.85 22.71 -44.13
N PRO D 162 31.29 23.54 -43.23
CA PRO D 162 31.15 23.13 -41.82
C PRO D 162 30.23 21.91 -41.68
N TYR D 163 29.11 21.88 -42.40
CA TYR D 163 28.27 20.71 -42.40
C TYR D 163 29.01 19.48 -42.95
N MET D 164 29.61 19.59 -44.15
CA MET D 164 30.24 18.45 -44.80
C MET D 164 31.42 17.88 -44.00
N VAL D 165 32.16 18.78 -43.36
CA VAL D 165 33.34 18.36 -42.64
C VAL D 165 32.99 17.74 -41.28
N THR D 166 32.05 18.33 -40.54
CA THR D 166 31.60 17.71 -39.28
C THR D 166 30.96 16.35 -39.57
N GLU D 167 30.32 16.24 -40.73
CA GLU D 167 29.72 15.00 -41.16
C GLU D 167 30.81 13.99 -41.54
N ALA D 168 31.80 14.43 -42.34
CA ALA D 168 32.90 13.56 -42.77
C ALA D 168 33.77 13.07 -41.60
N LEU D 169 33.90 13.91 -40.58
CA LEU D 169 34.75 13.60 -39.43
C LEU D 169 33.97 13.22 -38.17
N ARG D 170 32.78 12.65 -38.34
CA ARG D 170 31.97 12.24 -37.18
C ARG D 170 32.71 11.28 -36.22
N PRO D 171 33.56 10.37 -36.75
CA PRO D 171 34.21 9.48 -35.78
C PRO D 171 35.01 10.26 -34.74
N TYR D 172 35.38 11.49 -35.08
CA TYR D 172 36.24 12.30 -34.22
C TYR D 172 35.47 13.25 -33.31
N LYS D 173 34.14 13.15 -33.31
CA LYS D 173 33.33 14.16 -32.64
C LYS D 173 33.29 13.96 -31.12
N ASN D 174 32.91 15.01 -30.40
CA ASN D 174 32.64 14.97 -28.95
C ASN D 174 31.15 14.81 -28.70
N HIS D 175 30.67 15.21 -27.53
CA HIS D 175 29.25 14.99 -27.19
C HIS D 175 28.25 15.99 -27.78
N LEU D 176 28.74 17.07 -28.38
CA LEU D 176 27.81 18.13 -28.77
C LEU D 176 27.02 17.68 -29.95
N ASN D 177 25.72 17.93 -29.90
CA ASN D 177 24.86 17.75 -31.05
C ASN D 177 24.90 18.96 -31.98
N MET D 178 25.38 18.73 -33.18
CA MET D 178 25.50 19.77 -34.20
C MET D 178 24.28 19.89 -35.12
N HIS D 179 23.80 21.13 -35.32
CA HIS D 179 22.72 21.45 -36.24
C HIS D 179 23.11 22.55 -37.25
N PHE D 180 22.69 22.39 -38.50
CA PHE D 180 23.06 23.34 -39.54
C PHE D 180 21.84 23.88 -40.28
N VAL D 181 21.44 25.10 -39.95
CA VAL D 181 20.36 25.82 -40.59
C VAL D 181 20.94 26.74 -41.67
N SER D 182 20.41 26.64 -42.89
CA SER D 182 20.78 27.53 -43.98
C SER D 182 19.60 28.11 -44.73
N ASN D 183 18.63 27.27 -45.09
CA ASN D 183 17.54 27.69 -45.97
C ASN D 183 16.78 28.81 -45.29
N VAL D 184 16.29 29.80 -46.06
CA VAL D 184 15.37 30.79 -45.52
C VAL D 184 13.97 30.18 -45.37
N ASP D 185 13.70 29.11 -46.12
CA ASP D 185 12.52 28.30 -45.87
C ASP D 185 12.40 28.08 -44.36
N GLY D 186 11.32 28.57 -43.76
CA GLY D 186 11.07 28.43 -42.33
C GLY D 186 11.15 27.03 -41.77
N THR D 187 10.95 25.99 -42.59
CA THR D 187 11.04 24.65 -42.01
C THR D 187 12.43 24.36 -41.47
N HIS D 188 13.45 24.95 -42.08
CA HIS D 188 14.82 24.61 -41.68
C HIS D 188 15.09 24.95 -40.22
N ILE D 189 14.89 26.21 -39.85
CA ILE D 189 15.04 26.59 -38.46
C ILE D 189 13.97 25.93 -37.57
N ALA D 190 12.72 25.93 -38.01
CA ALA D 190 11.61 25.30 -37.29
C ALA D 190 11.92 23.88 -36.84
N GLU D 191 12.42 23.06 -37.76
CA GLU D 191 12.75 21.67 -37.41
C GLU D 191 13.84 21.54 -36.33
N VAL D 192 14.79 22.46 -36.35
CA VAL D 192 15.88 22.50 -35.39
C VAL D 192 15.40 22.97 -34.03
N LEU D 193 14.57 24.02 -34.03
CA LEU D 193 14.10 24.61 -32.79
C LEU D 193 13.16 23.69 -32.02
N LYS D 194 12.46 22.80 -32.71
CA LYS D 194 11.61 21.88 -31.99
C LYS D 194 12.41 20.75 -31.31
N LYS D 195 13.71 20.65 -31.58
CA LYS D 195 14.54 19.58 -31.01
C LYS D 195 15.50 20.04 -29.94
N VAL D 196 15.53 21.34 -29.67
CA VAL D 196 16.58 21.88 -28.83
C VAL D 196 15.98 22.71 -27.71
N ASN D 197 16.72 22.84 -26.62
CA ASN D 197 16.22 23.51 -25.43
C ASN D 197 16.96 24.85 -25.33
N PRO D 198 16.22 25.94 -25.11
CA PRO D 198 16.84 27.27 -25.07
C PRO D 198 17.96 27.41 -24.03
N GLU D 199 17.81 26.77 -22.88
CA GLU D 199 18.83 26.92 -21.84
C GLU D 199 20.14 26.18 -22.09
N THR D 200 20.15 25.27 -23.07
CA THR D 200 21.38 24.53 -23.38
C THR D 200 21.85 24.62 -24.86
N THR D 201 21.34 25.59 -25.61
CA THR D 201 21.68 25.71 -27.02
C THR D 201 22.58 26.92 -27.31
N LEU D 202 23.65 26.70 -28.09
CA LEU D 202 24.53 27.78 -28.53
C LEU D 202 24.25 28.00 -30.01
N PHE D 203 23.95 29.22 -30.42
CA PHE D 203 23.86 29.51 -31.87
C PHE D 203 25.10 30.22 -32.39
N LEU D 204 25.55 29.84 -33.60
CA LEU D 204 26.59 30.58 -34.29
C LEU D 204 25.94 31.29 -35.48
N VAL D 205 26.06 32.60 -35.54
CA VAL D 205 25.51 33.33 -36.68
C VAL D 205 26.68 33.58 -37.64
N ALA D 206 26.72 32.82 -38.73
CA ALA D 206 27.85 32.83 -39.66
C ALA D 206 27.49 33.67 -40.88
N SER D 207 27.97 34.91 -40.90
CA SER D 207 27.71 35.82 -42.01
C SER D 207 28.86 36.78 -42.22
N LYS D 208 29.54 36.65 -43.34
CA LYS D 208 30.72 37.49 -43.66
C LYS D 208 30.48 38.99 -43.50
N THR D 209 29.22 39.45 -43.56
CA THR D 209 28.80 40.88 -43.43
C THR D 209 27.75 41.17 -42.33
N PHE D 210 27.01 40.14 -41.93
CA PHE D 210 25.92 40.29 -40.96
C PHE D 210 24.66 41.01 -41.52
N THR D 211 24.51 41.00 -42.84
CA THR D 211 23.38 41.63 -43.52
C THR D 211 22.62 40.62 -44.37
N THR D 212 23.26 39.48 -44.64
CA THR D 212 22.70 38.40 -45.47
C THR D 212 21.26 38.05 -45.08
N GLN D 213 20.33 38.21 -46.03
CA GLN D 213 18.92 38.14 -45.69
C GLN D 213 18.52 36.83 -45.04
N GLU D 214 18.86 35.72 -45.66
CA GLU D 214 18.45 34.40 -45.17
C GLU D 214 18.94 34.16 -43.76
N THR D 215 20.23 34.45 -43.54
CA THR D 215 20.87 34.16 -42.28
C THR D 215 20.37 35.06 -41.15
N MET D 216 20.26 36.35 -41.43
CA MET D 216 19.71 37.28 -40.45
C MET D 216 18.23 37.01 -40.21
N THR D 217 17.50 36.55 -41.23
CA THR D 217 16.10 36.20 -40.96
C THR D 217 16.07 35.00 -40.04
N ASN D 218 16.97 34.04 -40.31
CA ASN D 218 17.06 32.85 -39.50
C ASN D 218 17.56 33.17 -38.12
N ALA D 219 18.52 34.09 -38.02
CA ALA D 219 19.06 34.51 -36.72
C ALA D 219 18.02 35.17 -35.81
N HIS D 220 17.19 36.03 -36.40
CA HIS D 220 16.17 36.72 -35.62
C HIS D 220 15.06 35.79 -35.15
N SER D 221 14.76 34.77 -35.95
CA SER D 221 13.75 33.80 -35.56
C SER D 221 14.26 32.99 -34.37
N ALA D 222 15.55 32.67 -34.39
CA ALA D 222 16.21 31.98 -33.30
C ALA D 222 16.21 32.86 -32.06
N ARG D 223 16.52 34.13 -32.25
CA ARG D 223 16.52 35.07 -31.12
C ARG D 223 15.15 35.22 -30.48
N ASP D 224 14.10 35.39 -31.29
CA ASP D 224 12.73 35.58 -30.77
C ASP D 224 12.38 34.35 -29.95
N TRP D 225 12.66 33.20 -30.54
CA TRP D 225 12.46 31.93 -29.91
C TRP D 225 13.14 31.85 -28.55
N PHE D 226 14.39 32.27 -28.51
CA PHE D 226 15.17 32.24 -27.30
C PHE D 226 14.61 33.20 -26.25
N LEU D 227 14.29 34.42 -26.66
CA LEU D 227 13.77 35.44 -25.72
C LEU D 227 12.40 35.10 -25.15
N LYS D 228 11.55 34.42 -25.91
CA LYS D 228 10.28 33.93 -25.38
C LYS D 228 10.51 33.11 -24.13
N ALA D 229 11.66 32.44 -24.03
CA ALA D 229 11.90 31.59 -22.88
C ALA D 229 12.77 32.27 -21.81
N ALA D 230 13.76 33.03 -22.25
CA ALA D 230 14.73 33.61 -21.33
C ALA D 230 14.29 34.96 -20.77
N GLY D 231 13.32 35.59 -21.44
CA GLY D 231 12.78 36.87 -21.00
C GLY D 231 13.73 38.06 -21.16
N ASP D 232 14.76 38.10 -20.33
CA ASP D 232 15.71 39.21 -20.35
C ASP D 232 16.66 39.04 -21.50
N GLU D 233 16.95 40.14 -22.19
CA GLU D 233 17.78 40.07 -23.36
C GLU D 233 19.29 40.11 -23.08
N LYS D 234 19.65 40.33 -21.81
CA LYS D 234 21.05 40.24 -21.38
C LYS D 234 21.56 38.80 -21.53
N HIS D 235 20.64 37.85 -21.54
CA HIS D 235 20.97 36.43 -21.65
C HIS D 235 21.44 35.99 -23.04
N VAL D 236 21.11 36.78 -24.07
CA VAL D 236 21.53 36.49 -25.46
C VAL D 236 23.05 36.23 -25.58
N ALA D 237 23.85 36.99 -24.84
CA ALA D 237 25.30 36.86 -24.97
C ALA D 237 25.87 35.54 -24.41
N LYS D 238 24.99 34.71 -23.83
CA LYS D 238 25.40 33.42 -23.33
C LYS D 238 25.09 32.36 -24.36
N HIS D 239 24.32 32.73 -25.39
CA HIS D 239 23.74 31.75 -26.28
C HIS D 239 23.88 32.06 -27.76
N PHE D 240 24.53 33.18 -28.08
CA PHE D 240 24.68 33.65 -29.46
C PHE D 240 26.10 34.20 -29.68
N THR D 241 26.85 33.55 -30.58
CA THR D 241 28.13 34.08 -31.04
C THR D 241 28.02 34.38 -32.54
N ALA D 242 28.98 35.15 -33.07
CA ALA D 242 28.93 35.65 -34.43
C ALA D 242 30.27 35.39 -35.12
N LEU D 243 30.19 34.95 -36.37
CA LEU D 243 31.35 34.74 -37.20
C LEU D 243 31.21 35.79 -38.33
N SER D 244 31.81 36.96 -38.10
CA SER D 244 31.70 38.14 -38.99
C SER D 244 32.61 39.29 -38.57
N THR D 245 32.40 40.44 -39.24
CA THR D 245 33.22 41.66 -39.08
C THR D 245 32.38 42.87 -38.59
N ASN D 246 31.05 42.78 -38.71
CA ASN D 246 30.19 43.88 -38.33
C ASN D 246 30.01 44.02 -36.81
N ALA D 247 31.01 44.59 -36.16
CA ALA D 247 30.92 44.69 -34.71
C ALA D 247 29.63 45.41 -34.32
N LYS D 248 29.20 46.38 -35.12
CA LYS D 248 28.01 47.15 -34.76
C LYS D 248 26.73 46.29 -34.78
N ALA D 249 26.43 45.69 -35.93
CA ALA D 249 25.26 44.81 -36.06
C ALA D 249 25.29 43.72 -34.99
N VAL D 250 26.48 43.16 -34.77
CA VAL D 250 26.67 42.06 -33.84
C VAL D 250 26.35 42.52 -32.40
N GLY D 251 27.03 43.59 -31.96
CA GLY D 251 26.66 44.28 -30.71
C GLY D 251 25.15 44.51 -30.58
N GLU D 252 24.55 45.05 -31.65
CA GLU D 252 23.11 45.37 -31.65
C GLU D 252 22.19 44.15 -31.50
N PHE D 253 22.67 43.01 -32.00
CA PHE D 253 21.91 41.78 -31.97
C PHE D 253 21.78 41.37 -30.50
N GLY D 254 22.77 41.77 -29.71
CA GLY D 254 22.85 41.38 -28.30
C GLY D 254 24.05 40.49 -28.06
N ILE D 255 24.88 40.35 -29.07
CA ILE D 255 26.07 39.53 -29.02
C ILE D 255 27.26 40.35 -28.47
N ASP D 256 27.83 39.81 -27.40
CA ASP D 256 29.11 40.28 -26.86
C ASP D 256 30.19 40.26 -27.94
N THR D 257 30.65 41.44 -28.37
CA THR D 257 31.70 41.51 -29.39
C THR D 257 33.02 40.81 -29.02
N ALA D 258 33.20 40.40 -27.77
CA ALA D 258 34.25 39.43 -27.48
C ALA D 258 33.91 38.09 -28.14
N ASN D 259 32.64 37.87 -28.48
CA ASN D 259 32.25 36.63 -29.14
C ASN D 259 32.05 36.77 -30.65
N MET D 260 32.80 37.70 -31.25
CA MET D 260 32.82 37.83 -32.71
C MET D 260 34.13 37.29 -33.25
N PHE D 261 34.05 36.22 -34.03
CA PHE D 261 35.21 35.60 -34.62
C PHE D 261 35.32 36.04 -36.06
N GLU D 262 36.39 36.75 -36.33
CA GLU D 262 36.54 37.47 -37.58
C GLU D 262 37.35 36.70 -38.61
N PHE D 263 37.13 37.07 -39.88
CA PHE D 263 37.97 36.62 -40.97
C PHE D 263 38.10 37.81 -41.92
N TRP D 264 38.64 37.59 -43.11
CA TRP D 264 39.11 38.71 -43.94
C TRP D 264 38.65 38.57 -45.39
N ASP D 265 38.59 39.69 -46.12
CA ASP D 265 38.00 39.64 -47.47
C ASP D 265 38.80 38.79 -48.47
N TRP D 266 40.05 38.47 -48.14
CA TRP D 266 40.82 37.50 -48.93
C TRP D 266 40.51 36.04 -48.58
N VAL D 267 39.47 35.83 -47.77
CA VAL D 267 38.89 34.50 -47.52
C VAL D 267 37.57 34.40 -48.28
N GLY D 268 37.57 33.76 -49.43
CA GLY D 268 36.33 33.60 -50.19
C GLY D 268 35.38 32.68 -49.43
N GLY D 269 34.08 32.95 -49.54
CA GLY D 269 33.08 32.16 -48.82
C GLY D 269 33.29 30.68 -49.00
N ARG D 270 33.45 30.25 -50.25
CA ARG D 270 33.55 28.83 -50.59
C ARG D 270 34.94 28.28 -50.28
N TYR D 271 35.78 29.11 -49.67
CA TYR D 271 37.12 28.71 -49.22
C TYR D 271 37.30 29.04 -47.74
N SER D 272 36.21 29.08 -46.97
CA SER D 272 36.30 29.67 -45.63
C SER D 272 36.19 28.71 -44.43
N LEU D 273 36.09 27.42 -44.65
CA LEU D 273 35.87 26.50 -43.53
C LEU D 273 37.15 26.46 -42.66
N TRP D 274 38.27 26.88 -43.26
CA TRP D 274 39.58 26.95 -42.61
C TRP D 274 39.70 28.16 -41.70
N SER D 275 38.70 29.05 -41.74
CA SER D 275 38.73 30.29 -40.97
C SER D 275 37.82 30.20 -39.77
N ALA D 276 37.51 31.35 -39.20
CA ALA D 276 36.58 31.44 -38.10
C ALA D 276 35.23 30.81 -38.49
N ILE D 277 34.94 30.79 -39.79
CA ILE D 277 33.73 30.11 -40.30
C ILE D 277 33.76 28.64 -39.87
N GLY D 278 34.97 28.13 -39.66
CA GLY D 278 35.13 26.74 -39.20
C GLY D 278 34.87 26.52 -37.70
N LEU D 279 34.28 27.49 -37.00
CA LEU D 279 34.05 27.34 -35.56
C LEU D 279 33.21 26.12 -35.21
N SER D 280 32.12 25.88 -35.94
CA SER D 280 31.28 24.70 -35.68
C SER D 280 32.08 23.39 -35.82
N ILE D 281 33.15 23.42 -36.61
CA ILE D 281 33.99 22.24 -36.79
C ILE D 281 34.79 22.05 -35.51
N VAL D 282 35.44 23.13 -35.08
CA VAL D 282 36.14 23.19 -33.80
C VAL D 282 35.27 22.76 -32.63
N LEU D 283 34.03 23.17 -32.62
CA LEU D 283 33.12 22.75 -31.55
C LEU D 283 32.80 21.26 -31.64
N SER D 284 32.66 20.73 -32.85
CA SER D 284 32.27 19.33 -32.99
C SER D 284 33.39 18.36 -32.68
N ILE D 285 34.61 18.68 -33.11
CA ILE D 285 35.69 17.71 -33.07
C ILE D 285 36.88 18.14 -32.23
N GLY D 286 36.81 19.36 -31.69
CA GLY D 286 37.90 19.90 -30.89
C GLY D 286 38.95 20.62 -31.73
N PHE D 287 39.66 21.54 -31.08
CA PHE D 287 40.67 22.35 -31.71
C PHE D 287 41.87 21.55 -32.25
N ASP D 288 42.38 20.58 -31.47
CA ASP D 288 43.48 19.70 -31.93
C ASP D 288 43.16 18.96 -33.24
N ASN D 289 41.95 18.43 -33.37
CA ASN D 289 41.51 17.84 -34.65
C ASN D 289 41.39 18.88 -35.77
N PHE D 290 40.84 20.06 -35.44
CA PHE D 290 40.78 21.15 -36.42
C PHE D 290 42.20 21.52 -36.84
N VAL D 291 43.14 21.56 -35.91
CA VAL D 291 44.53 21.85 -36.30
C VAL D 291 45.09 20.76 -37.24
N GLU D 292 44.56 19.54 -37.14
CA GLU D 292 45.07 18.46 -38.00
C GLU D 292 44.49 18.63 -39.41
N LEU D 293 43.25 19.10 -39.48
CA LEU D 293 42.62 19.38 -40.76
C LEU D 293 43.43 20.45 -41.50
N LEU D 294 43.78 21.52 -40.79
CA LEU D 294 44.63 22.59 -41.31
C LEU D 294 46.01 22.09 -41.74
N SER D 295 46.54 21.17 -40.95
CA SER D 295 47.82 20.56 -41.21
C SER D 295 47.78 19.72 -42.50
N GLY D 296 46.69 19.01 -42.74
CA GLY D 296 46.55 18.21 -43.95
C GLY D 296 46.53 19.15 -45.15
N ALA D 297 45.76 20.23 -45.03
CA ALA D 297 45.59 21.13 -46.16
C ALA D 297 46.92 21.84 -46.42
N HIS D 298 47.65 22.11 -45.36
CA HIS D 298 48.94 22.80 -45.46
C HIS D 298 50.00 21.93 -46.17
N ALA D 299 49.94 20.62 -45.95
CA ALA D 299 50.88 19.72 -46.62
C ALA D 299 50.57 19.61 -48.11
N MET D 300 49.28 19.68 -48.44
CA MET D 300 48.85 19.73 -49.84
C MET D 300 49.23 21.06 -50.50
N ASP D 301 49.14 22.16 -49.76
CA ASP D 301 49.56 23.48 -50.24
C ASP D 301 51.04 23.50 -50.56
N LYS D 302 51.83 22.92 -49.67
CA LYS D 302 53.25 22.71 -49.92
C LYS D 302 53.48 21.79 -51.14
N HIS D 303 52.76 20.67 -51.22
CA HIS D 303 52.81 19.87 -52.44
C HIS D 303 52.57 20.72 -53.70
N PHE D 304 51.47 21.49 -53.72
CA PHE D 304 51.02 22.19 -54.93
C PHE D 304 52.00 23.30 -55.34
N SER D 305 52.57 23.99 -54.36
CA SER D 305 53.41 25.16 -54.60
C SER D 305 54.87 24.87 -54.83
N THR D 306 55.30 23.63 -54.56
CA THR D 306 56.72 23.26 -54.76
C THR D 306 56.95 22.02 -55.63
N THR D 307 55.96 21.21 -55.88
CA THR D 307 56.18 20.03 -56.70
C THR D 307 56.32 20.44 -58.19
N PRO D 308 57.22 19.76 -58.93
CA PRO D 308 57.26 19.94 -60.40
C PRO D 308 55.94 19.51 -61.03
N ALA D 309 55.53 20.19 -62.10
CA ALA D 309 54.19 19.98 -62.67
C ALA D 309 53.91 18.51 -63.03
N GLU D 310 54.95 17.78 -63.42
CA GLU D 310 54.78 16.39 -63.89
C GLU D 310 54.41 15.45 -62.77
N LYS D 311 54.71 15.85 -61.53
CA LYS D 311 54.33 15.06 -60.35
C LYS D 311 53.36 15.79 -59.42
N ASN D 312 52.71 16.85 -59.91
CA ASN D 312 51.89 17.72 -59.09
C ASN D 312 50.42 17.36 -59.24
N LEU D 313 49.89 16.68 -58.23
CA LEU D 313 48.60 16.07 -58.31
C LEU D 313 47.44 17.03 -58.61
N PRO D 314 47.38 18.19 -57.93
CA PRO D 314 46.32 19.12 -58.36
C PRO D 314 46.41 19.42 -59.88
N VAL D 315 47.62 19.71 -60.38
CA VAL D 315 47.81 20.08 -61.79
C VAL D 315 47.45 18.96 -62.74
N LEU D 316 47.99 17.77 -62.50
CA LEU D 316 47.64 16.60 -63.29
C LEU D 316 46.13 16.38 -63.38
N LEU D 317 45.45 16.50 -62.26
CA LEU D 317 44.00 16.32 -62.26
C LEU D 317 43.30 17.44 -63.02
N ALA D 318 43.83 18.65 -62.92
CA ALA D 318 43.20 19.80 -63.56
C ALA D 318 43.40 19.69 -65.04
N LEU D 319 44.54 19.15 -65.45
CA LEU D 319 44.86 19.04 -66.89
C LEU D 319 44.00 17.98 -67.55
N ILE D 320 43.84 16.85 -66.89
CA ILE D 320 42.98 15.78 -67.38
C ILE D 320 41.53 16.25 -67.45
N GLY D 321 41.14 17.08 -66.50
CA GLY D 321 39.79 17.64 -66.51
C GLY D 321 39.56 18.48 -67.77
N ILE D 322 40.57 19.25 -68.13
CA ILE D 322 40.46 20.15 -69.27
C ILE D 322 40.39 19.36 -70.57
N TRP D 323 41.26 18.35 -70.70
CA TRP D 323 41.15 17.40 -71.79
C TRP D 323 39.70 17.01 -72.04
N TYR D 324 39.00 16.60 -70.99
CA TYR D 324 37.59 16.21 -71.16
C TYR D 324 36.61 17.38 -71.33
N ASN D 325 36.80 18.44 -70.54
CA ASN D 325 35.92 19.60 -70.55
C ASN D 325 35.98 20.30 -71.91
N ASN D 326 37.20 20.49 -72.39
CA ASN D 326 37.46 21.36 -73.51
C ASN D 326 37.75 20.65 -74.82
N PHE D 327 38.14 19.38 -74.80
CA PHE D 327 38.40 18.70 -76.07
C PHE D 327 37.34 17.63 -76.39
N PHE D 328 37.06 16.76 -75.42
CA PHE D 328 35.91 15.86 -75.50
C PHE D 328 34.56 16.61 -75.39
N GLY D 329 34.53 17.73 -74.68
CA GLY D 329 33.27 18.50 -74.47
C GLY D 329 32.24 17.89 -73.50
N ALA D 330 32.70 17.08 -72.55
CA ALA D 330 31.80 16.60 -71.50
C ALA D 330 31.46 17.76 -70.57
N GLU D 331 30.18 17.90 -70.21
CA GLU D 331 29.73 19.02 -69.38
C GLU D 331 29.94 18.78 -67.88
N THR D 332 29.95 17.52 -67.46
CA THR D 332 29.97 17.21 -66.02
C THR D 332 31.18 16.44 -65.52
N GLU D 333 31.33 16.43 -64.19
CA GLU D 333 32.22 15.51 -63.51
C GLU D 333 31.43 14.97 -62.33
N ALA D 334 31.49 13.64 -62.13
CA ALA D 334 30.92 13.01 -60.96
C ALA D 334 32.01 12.80 -59.91
N ILE D 335 31.67 13.05 -58.65
CA ILE D 335 32.55 12.87 -57.49
C ILE D 335 31.87 11.83 -56.60
N LEU D 336 32.52 10.69 -56.40
CA LEU D 336 31.84 9.50 -55.87
C LEU D 336 32.62 8.86 -54.74
N PRO D 337 32.51 9.42 -53.53
CA PRO D 337 33.21 8.86 -52.38
C PRO D 337 32.53 7.60 -51.86
N TYR D 338 33.27 6.51 -51.78
CA TYR D 338 32.74 5.27 -51.21
C TYR D 338 32.92 5.33 -49.70
N ASP D 339 32.12 6.21 -49.09
CA ASP D 339 32.24 6.61 -47.70
C ASP D 339 31.02 7.46 -47.33
N GLN D 340 30.12 6.85 -46.56
CA GLN D 340 28.86 7.46 -46.16
C GLN D 340 29.06 8.73 -45.33
N TYR D 341 30.09 8.76 -44.50
CA TYR D 341 30.32 9.98 -43.73
C TYR D 341 30.56 11.16 -44.68
N MET D 342 30.98 10.86 -45.91
CA MET D 342 31.31 11.91 -46.88
C MET D 342 30.15 12.23 -47.80
N HIS D 343 28.93 12.02 -47.31
CA HIS D 343 27.74 12.16 -48.13
C HIS D 343 27.48 13.60 -48.59
N ARG D 344 28.21 14.59 -48.08
CA ARG D 344 28.02 15.97 -48.54
C ARG D 344 29.25 16.54 -49.26
N PHE D 345 30.23 15.67 -49.56
CA PHE D 345 31.50 16.06 -50.21
C PHE D 345 31.26 16.55 -51.69
N ALA D 346 30.47 15.83 -52.47
CA ALA D 346 30.15 16.29 -53.85
C ALA D 346 29.38 17.64 -53.80
N ALA D 347 28.42 17.75 -52.88
CA ALA D 347 27.65 18.98 -52.71
C ALA D 347 28.54 20.17 -52.38
N TYR D 348 29.48 19.97 -51.45
CA TYR D 348 30.46 21.01 -51.12
C TYR D 348 31.15 21.54 -52.38
N PHE D 349 31.60 20.63 -53.24
CA PHE D 349 32.33 21.06 -54.42
C PHE D 349 31.46 21.54 -55.58
N GLN D 350 30.15 21.43 -55.47
CA GLN D 350 29.28 22.14 -56.40
C GLN D 350 29.50 23.65 -56.24
N GLN D 351 29.63 24.11 -54.99
CA GLN D 351 29.93 25.50 -54.77
C GLN D 351 31.38 25.74 -55.16
N GLY D 352 32.27 24.90 -54.62
CA GLY D 352 33.70 25.20 -54.62
C GLY D 352 34.20 25.24 -56.03
N ASN D 353 33.61 24.39 -56.87
CA ASN D 353 34.05 24.31 -58.24
C ASN D 353 33.21 25.23 -59.09
N MET D 354 31.90 25.02 -59.02
CA MET D 354 30.99 25.64 -59.95
C MET D 354 30.88 27.15 -59.72
N GLU D 355 30.79 27.56 -58.46
CA GLU D 355 30.75 29.00 -58.20
C GLU D 355 32.11 29.67 -58.52
N SER D 356 33.20 28.91 -58.45
CA SER D 356 34.51 29.44 -58.80
C SER D 356 34.65 29.67 -60.32
N ASN D 357 34.44 28.60 -61.09
CA ASN D 357 34.81 28.59 -62.50
C ASN D 357 33.68 28.60 -63.49
N GLY D 358 32.45 28.76 -62.99
CA GLY D 358 31.28 28.89 -63.86
C GLY D 358 31.20 30.34 -64.28
N LYS D 359 32.03 30.66 -65.26
CA LYS D 359 32.32 32.05 -65.63
C LYS D 359 32.34 32.15 -67.17
N TYR D 360 32.07 33.34 -67.70
CA TYR D 360 32.08 33.51 -69.17
C TYR D 360 32.87 34.69 -69.71
N VAL D 361 33.32 35.57 -68.82
CA VAL D 361 34.21 36.65 -69.20
C VAL D 361 35.66 36.40 -68.76
N ASP D 362 36.60 36.43 -69.71
CA ASP D 362 38.02 36.17 -69.41
C ASP D 362 38.70 37.32 -68.67
N ARG D 363 39.97 37.10 -68.28
CA ARG D 363 40.64 38.03 -67.38
C ARG D 363 41.00 39.36 -68.05
N ASN D 364 41.06 39.34 -69.38
CA ASN D 364 41.16 40.55 -70.22
C ASN D 364 39.83 41.28 -70.43
N GLY D 365 38.73 40.73 -69.91
CA GLY D 365 37.45 41.42 -70.07
C GLY D 365 36.66 41.01 -71.30
N ASN D 366 37.10 39.95 -71.97
CA ASN D 366 36.42 39.49 -73.17
C ASN D 366 35.62 38.23 -72.92
N VAL D 367 34.40 38.22 -73.44
CA VAL D 367 33.57 37.03 -73.47
C VAL D 367 34.27 35.83 -74.11
N VAL D 368 34.28 34.72 -73.39
CA VAL D 368 34.96 33.52 -73.92
C VAL D 368 34.16 32.85 -75.03
N ASP D 369 34.87 32.13 -75.89
CA ASP D 369 34.17 31.30 -76.85
C ASP D 369 34.58 29.86 -76.68
N TYR D 370 34.91 29.47 -75.47
CA TYR D 370 35.29 28.11 -75.20
C TYR D 370 34.67 27.73 -73.87
N GLN D 371 34.86 26.49 -73.44
CA GLN D 371 34.15 25.99 -72.26
C GLN D 371 34.87 26.37 -70.99
N THR D 372 34.14 26.82 -69.98
CA THR D 372 34.76 27.03 -68.67
C THR D 372 34.40 25.89 -67.73
N GLY D 373 34.24 26.19 -66.45
CA GLY D 373 34.02 25.16 -65.42
C GLY D 373 32.94 24.11 -65.72
N PRO D 374 33.20 22.85 -65.32
CA PRO D 374 32.15 21.82 -65.43
C PRO D 374 31.07 21.85 -64.33
N ILE D 375 29.98 21.14 -64.57
CA ILE D 375 28.96 20.90 -63.55
C ILE D 375 29.43 19.71 -62.70
N ILE D 376 29.56 19.92 -61.40
CA ILE D 376 29.90 18.86 -60.47
C ILE D 376 28.61 18.24 -59.93
N TRP D 377 28.58 16.92 -59.75
CA TRP D 377 27.48 16.25 -59.08
C TRP D 377 27.92 14.90 -58.50
N GLY D 378 26.99 14.17 -57.90
CA GLY D 378 27.26 12.82 -57.41
C GLY D 378 26.69 12.50 -56.02
N GLU D 379 26.78 11.22 -55.67
CA GLU D 379 26.41 10.72 -54.35
C GLU D 379 27.47 9.72 -53.90
N PRO D 380 27.60 9.51 -52.57
CA PRO D 380 28.53 8.51 -52.04
C PRO D 380 28.23 7.10 -52.55
N GLY D 381 29.25 6.32 -52.85
CA GLY D 381 29.01 4.88 -53.17
C GLY D 381 28.74 4.14 -51.86
N THR D 382 27.91 3.09 -51.85
CA THR D 382 27.29 2.52 -53.05
C THR D 382 25.93 3.13 -53.39
N ASN D 383 25.52 4.17 -52.67
CA ASN D 383 24.22 4.80 -52.89
C ASN D 383 23.98 5.21 -54.36
N GLY D 384 24.89 6.02 -54.90
CA GLY D 384 24.79 6.49 -56.30
C GLY D 384 24.85 5.35 -57.28
N GLN D 385 25.65 4.34 -56.94
CA GLN D 385 25.81 3.15 -57.74
C GLN D 385 24.46 2.55 -58.12
N HIS D 386 23.56 2.47 -57.16
CA HIS D 386 22.21 1.90 -57.40
C HIS D 386 21.16 2.92 -57.79
N ALA D 387 21.61 4.10 -58.15
CA ALA D 387 20.68 5.14 -58.52
C ALA D 387 20.93 5.53 -59.96
N PHE D 388 22.16 5.93 -60.29
CA PHE D 388 22.44 6.55 -61.59
C PHE D 388 23.53 5.95 -62.50
N TYR D 389 24.27 4.96 -62.01
CA TYR D 389 25.39 4.41 -62.79
C TYR D 389 24.97 3.80 -64.11
N GLN D 390 23.71 3.38 -64.22
CA GLN D 390 23.16 2.94 -65.49
C GLN D 390 23.51 3.94 -66.60
N LEU D 391 23.30 5.23 -66.34
CA LEU D 391 23.53 6.23 -67.37
C LEU D 391 25.02 6.35 -67.59
N ILE D 392 25.79 6.28 -66.52
CA ILE D 392 27.26 6.39 -66.63
C ILE D 392 27.89 5.21 -67.43
N HIS D 393 27.28 4.02 -67.38
CA HIS D 393 27.80 2.87 -68.14
C HIS D 393 27.27 2.82 -69.57
N GLN D 394 25.97 3.04 -69.72
CA GLN D 394 25.29 2.78 -70.96
C GLN D 394 24.44 3.96 -71.49
N GLY D 395 24.72 5.17 -71.03
CA GLY D 395 24.01 6.32 -71.56
C GLY D 395 24.76 6.88 -72.76
N THR D 396 24.39 8.11 -73.17
CA THR D 396 25.04 8.77 -74.30
C THR D 396 25.79 10.04 -73.88
N LYS D 397 26.09 10.16 -72.59
CA LYS D 397 26.91 11.26 -72.11
C LYS D 397 28.11 10.68 -71.40
N MET D 398 29.30 11.18 -71.72
CA MET D 398 30.49 10.74 -71.01
C MET D 398 30.57 11.48 -69.69
N VAL D 399 30.76 10.74 -68.60
CA VAL D 399 30.84 11.34 -67.29
C VAL D 399 32.11 10.86 -66.63
N PRO D 400 33.19 11.66 -66.72
CA PRO D 400 34.42 11.34 -66.02
C PRO D 400 34.11 11.30 -64.55
N CYS D 401 34.60 10.28 -63.84
CA CYS D 401 34.28 10.09 -62.42
C CYS D 401 35.54 10.03 -61.59
N ASP D 402 35.46 10.66 -60.42
CA ASP D 402 36.49 10.57 -59.39
C ASP D 402 35.96 9.65 -58.28
N PHE D 403 36.43 8.40 -58.28
CA PHE D 403 36.13 7.45 -57.21
C PHE D 403 37.10 7.64 -56.08
N ILE D 404 36.57 7.63 -54.87
CA ILE D 404 37.34 7.88 -53.65
C ILE D 404 36.99 6.88 -52.53
N ALA D 405 37.99 6.28 -51.90
CA ALA D 405 37.70 5.35 -50.79
C ALA D 405 38.86 5.26 -49.83
N PRO D 406 38.58 5.00 -48.53
CA PRO D 406 39.59 4.76 -47.53
C PRO D 406 39.84 3.25 -47.39
N ALA D 407 41.07 2.85 -47.17
CA ALA D 407 41.35 1.41 -46.97
C ALA D 407 40.87 0.95 -45.59
N ILE D 408 40.83 1.91 -44.65
CA ILE D 408 40.32 1.67 -43.28
C ILE D 408 39.00 2.40 -42.95
N THR D 409 38.03 1.64 -42.48
CA THR D 409 36.77 2.20 -41.97
C THR D 409 36.84 2.45 -40.46
N HIS D 410 36.04 3.42 -40.00
CA HIS D 410 35.93 3.69 -38.58
C HIS D 410 34.78 2.88 -37.96
N ASN D 411 34.08 2.12 -38.80
CA ASN D 411 32.99 1.27 -38.34
C ASN D 411 33.13 -0.14 -38.89
N PRO D 412 34.18 -0.86 -38.46
CA PRO D 412 34.39 -2.23 -38.93
C PRO D 412 33.24 -3.14 -38.49
N LEU D 413 32.57 -3.75 -39.44
CA LEU D 413 31.45 -4.64 -39.15
C LEU D 413 31.45 -5.78 -40.16
N SER D 414 31.55 -7.02 -39.69
CA SER D 414 31.65 -8.17 -40.58
C SER D 414 32.57 -7.85 -41.72
N ASP D 415 32.06 -8.08 -42.91
CA ASP D 415 32.79 -7.82 -44.13
C ASP D 415 32.18 -6.66 -44.93
N HIS D 416 31.49 -5.75 -44.23
CA HIS D 416 30.93 -4.55 -44.91
C HIS D 416 31.99 -3.87 -45.74
N HIS D 417 33.14 -3.60 -45.13
CA HIS D 417 34.15 -2.80 -45.80
C HIS D 417 34.82 -3.46 -47.02
N GLN D 418 35.04 -4.77 -46.97
CA GLN D 418 35.63 -5.42 -48.13
C GLN D 418 34.59 -5.43 -49.22
N LYS D 419 33.33 -5.62 -48.85
CA LYS D 419 32.26 -5.52 -49.82
C LYS D 419 32.20 -4.12 -50.44
N LEU D 420 32.22 -3.10 -49.59
CA LEU D 420 32.26 -1.72 -50.06
C LEU D 420 33.42 -1.50 -51.03
N LEU D 421 34.62 -1.88 -50.63
CA LEU D 421 35.80 -1.66 -51.46
C LEU D 421 35.81 -2.45 -52.78
N SER D 422 35.09 -3.59 -52.81
CA SER D 422 35.06 -4.42 -54.00
C SER D 422 34.27 -3.72 -55.08
N ASN D 423 33.33 -2.89 -54.65
CA ASN D 423 32.51 -2.10 -55.57
C ASN D 423 33.33 -0.94 -56.15
N PHE D 424 34.03 -0.24 -55.27
CA PHE D 424 35.01 0.79 -55.61
C PHE D 424 36.01 0.37 -56.70
N PHE D 425 36.60 -0.83 -56.56
CA PHE D 425 37.60 -1.28 -57.53
C PHE D 425 36.90 -1.72 -58.80
N ALA D 426 35.81 -2.47 -58.62
CA ALA D 426 35.12 -3.08 -59.74
C ALA D 426 34.47 -2.06 -60.68
N GLN D 427 34.01 -0.95 -60.12
CA GLN D 427 33.31 0.03 -60.95
C GLN D 427 34.22 0.66 -62.00
N THR D 428 35.41 1.06 -61.60
CA THR D 428 36.30 1.74 -62.53
C THR D 428 36.89 0.74 -63.54
N GLU D 429 37.12 -0.48 -63.08
CA GLU D 429 37.44 -1.58 -64.00
C GLU D 429 36.34 -1.72 -65.05
N ALA D 430 35.12 -1.87 -64.60
CA ALA D 430 33.99 -1.99 -65.51
C ALA D 430 33.95 -0.80 -66.50
N LEU D 431 34.00 0.42 -65.96
CA LEU D 431 33.82 1.63 -66.77
C LEU D 431 34.88 1.71 -67.86
N ALA D 432 36.13 1.44 -67.48
CA ALA D 432 37.27 1.44 -68.37
C ALA D 432 37.19 0.39 -69.49
N PHE D 433 36.88 -0.85 -69.14
CA PHE D 433 37.08 -1.99 -70.06
C PHE D 433 35.84 -2.61 -70.70
N GLY D 434 34.68 -2.38 -70.10
CA GLY D 434 33.43 -2.82 -70.72
C GLY D 434 33.27 -4.32 -70.84
N LYS D 435 32.35 -4.72 -71.71
CA LYS D 435 32.06 -6.12 -71.94
C LYS D 435 31.47 -6.33 -73.35
N SER D 436 32.26 -6.93 -74.23
CA SER D 436 31.95 -7.11 -75.66
C SER D 436 30.72 -7.98 -75.92
N ARG D 437 30.13 -7.85 -77.10
CA ARG D 437 29.00 -8.72 -77.46
C ARG D 437 29.43 -10.18 -77.39
N GLU D 438 30.70 -10.43 -77.72
CA GLU D 438 31.23 -11.79 -77.78
C GLU D 438 31.29 -12.42 -76.38
N VAL D 439 31.58 -11.61 -75.35
CA VAL D 439 31.63 -12.13 -73.99
C VAL D 439 30.21 -12.41 -73.50
N VAL D 440 29.27 -11.52 -73.84
CA VAL D 440 27.88 -11.70 -73.46
C VAL D 440 27.39 -13.04 -74.03
N GLU D 441 27.69 -13.27 -75.31
CA GLU D 441 27.22 -14.46 -76.01
C GLU D 441 27.90 -15.72 -75.50
N GLN D 442 29.19 -15.62 -75.24
CA GLN D 442 29.94 -16.73 -74.64
C GLN D 442 29.33 -17.11 -73.30
N GLU D 443 28.98 -16.10 -72.50
CA GLU D 443 28.34 -16.34 -71.20
C GLU D 443 27.07 -17.19 -71.32
N TYR D 444 26.32 -17.02 -72.41
CA TYR D 444 25.09 -17.80 -72.59
C TYR D 444 25.42 -19.23 -73.04
N ARG D 445 26.44 -19.35 -73.89
CA ARG D 445 26.96 -20.66 -74.30
C ARG D 445 27.44 -21.50 -73.13
N ASP D 446 28.22 -20.87 -72.25
CA ASP D 446 28.64 -21.48 -70.99
C ASP D 446 27.48 -22.20 -70.31
N GLN D 447 26.29 -21.58 -70.36
CA GLN D 447 25.08 -22.11 -69.71
C GLN D 447 24.29 -23.08 -70.61
N GLY D 448 24.87 -23.46 -71.74
CA GLY D 448 24.19 -24.35 -72.69
C GLY D 448 23.07 -23.72 -73.51
N LYS D 449 23.01 -22.39 -73.55
CA LYS D 449 22.01 -21.71 -74.39
C LYS D 449 22.59 -21.21 -75.71
N ASP D 450 21.70 -21.08 -76.70
CA ASP D 450 22.06 -20.59 -78.03
C ASP D 450 21.83 -19.09 -78.09
N PRO D 451 22.93 -18.31 -78.07
CA PRO D 451 22.87 -16.85 -78.03
C PRO D 451 22.11 -16.27 -79.22
N ALA D 452 22.09 -16.99 -80.33
CA ALA D 452 21.37 -16.55 -81.50
C ALA D 452 19.85 -16.59 -81.33
N THR D 453 19.35 -17.14 -80.23
CA THR D 453 17.91 -17.09 -80.02
C THR D 453 17.53 -16.01 -79.05
N LEU D 454 18.52 -15.22 -78.63
CA LEU D 454 18.34 -14.28 -77.53
C LEU D 454 18.69 -12.86 -77.99
N ASP D 455 18.46 -12.62 -79.26
CA ASP D 455 18.70 -11.31 -79.83
C ASP D 455 17.81 -10.23 -79.17
N TYR D 456 16.68 -10.64 -78.62
CA TYR D 456 15.81 -9.71 -77.88
C TYR D 456 16.47 -9.15 -76.60
N VAL D 457 17.56 -9.78 -76.14
CA VAL D 457 18.17 -9.29 -74.91
C VAL D 457 19.65 -9.00 -75.09
N VAL D 458 20.34 -9.81 -75.91
CA VAL D 458 21.80 -9.76 -75.97
C VAL D 458 22.41 -8.36 -76.24
N PRO D 459 21.92 -7.67 -77.29
CA PRO D 459 22.55 -6.36 -77.59
C PRO D 459 22.47 -5.36 -76.43
N PHE D 460 21.47 -5.52 -75.56
CA PHE D 460 21.28 -4.62 -74.44
C PHE D 460 22.23 -4.88 -73.26
N LYS D 461 22.94 -6.00 -73.29
CA LYS D 461 23.81 -6.36 -72.18
C LYS D 461 25.24 -5.99 -72.51
N VAL D 462 25.45 -5.40 -73.68
CA VAL D 462 26.81 -5.03 -74.10
C VAL D 462 27.31 -3.78 -73.40
N PHE D 463 28.57 -3.74 -72.99
CA PHE D 463 29.08 -2.50 -72.39
C PHE D 463 30.19 -2.01 -73.27
N GLU D 464 30.03 -0.84 -73.88
CA GLU D 464 31.10 -0.39 -74.76
C GLU D 464 32.33 0.11 -74.01
N GLY D 465 32.20 0.41 -72.72
CA GLY D 465 33.38 0.84 -71.95
C GLY D 465 34.03 2.11 -72.49
N ASN D 466 35.35 2.24 -72.26
CA ASN D 466 36.13 3.40 -72.66
C ASN D 466 35.70 4.64 -71.89
N ARG D 467 35.28 4.43 -70.65
CA ARG D 467 34.80 5.51 -69.82
C ARG D 467 35.82 5.80 -68.74
N PRO D 468 36.28 7.06 -68.65
CA PRO D 468 37.41 7.43 -67.81
C PRO D 468 37.07 7.70 -66.35
N THR D 469 38.00 7.31 -65.48
CA THR D 469 37.83 7.56 -64.07
C THR D 469 39.17 7.86 -63.48
N ASN D 470 39.15 8.61 -62.39
CA ASN D 470 40.26 8.62 -61.46
C ASN D 470 39.86 7.79 -60.27
N SER D 471 40.87 7.22 -59.61
CA SER D 471 40.67 6.53 -58.34
C SER D 471 41.63 7.11 -57.34
N ILE D 472 41.07 7.53 -56.20
CA ILE D 472 41.84 8.06 -55.11
C ILE D 472 41.63 7.14 -53.91
N LEU D 473 42.67 6.39 -53.57
CA LEU D 473 42.61 5.49 -52.42
C LEU D 473 43.37 6.13 -51.27
N LEU D 474 42.71 6.27 -50.13
CA LEU D 474 43.43 6.77 -48.95
C LEU D 474 43.55 5.68 -47.86
N ARG D 475 44.60 5.77 -47.04
CA ARG D 475 44.74 4.86 -45.90
C ARG D 475 43.44 4.95 -45.09
N GLU D 476 43.00 6.17 -44.81
CA GLU D 476 41.89 6.38 -43.89
C GLU D 476 41.45 7.82 -43.94
N ILE D 477 40.16 8.06 -43.68
CA ILE D 477 39.66 9.44 -43.61
C ILE D 477 39.85 9.98 -42.23
N THR D 478 40.90 10.80 -42.04
CA THR D 478 41.22 11.47 -40.80
C THR D 478 41.12 12.97 -41.02
N PRO D 479 41.10 13.78 -39.94
CA PRO D 479 41.16 15.24 -40.14
C PRO D 479 42.28 15.63 -41.11
N PHE D 480 43.50 15.14 -40.89
CA PHE D 480 44.65 15.45 -41.76
C PHE D 480 44.40 15.06 -43.24
N SER D 481 43.86 13.86 -43.46
CA SER D 481 43.81 13.31 -44.78
C SER D 481 42.68 13.98 -45.57
N LEU D 482 41.57 14.23 -44.89
CA LEU D 482 40.48 15.00 -45.46
C LEU D 482 40.89 16.44 -45.78
N GLY D 483 41.69 17.05 -44.89
CA GLY D 483 42.23 18.40 -45.16
C GLY D 483 43.01 18.40 -46.47
N ALA D 484 43.90 17.42 -46.61
CA ALA D 484 44.70 17.23 -47.81
C ALA D 484 43.82 17.05 -49.04
N LEU D 485 42.74 16.30 -48.90
CA LEU D 485 41.89 15.94 -50.01
C LEU D 485 41.04 17.13 -50.48
N ILE D 486 40.47 17.88 -49.54
CA ILE D 486 39.77 19.13 -49.88
C ILE D 486 40.71 20.08 -50.66
N ALA D 487 41.91 20.28 -50.15
CA ALA D 487 42.87 21.21 -50.76
C ALA D 487 43.31 20.74 -52.13
N LEU D 488 43.45 19.43 -52.29
CA LEU D 488 43.68 18.82 -53.59
C LEU D 488 42.72 19.38 -54.63
N TYR D 489 41.43 19.34 -54.33
CA TYR D 489 40.43 19.81 -55.26
C TYR D 489 40.44 21.35 -55.34
N GLU D 490 40.66 22.04 -54.23
CA GLU D 490 40.80 23.50 -54.32
C GLU D 490 41.88 23.92 -55.34
N HIS D 491 43.03 23.24 -55.32
CA HIS D 491 44.14 23.59 -56.22
C HIS D 491 44.00 23.17 -57.68
N LYS D 492 43.16 22.15 -57.91
CA LYS D 492 42.73 21.73 -59.24
C LYS D 492 41.86 22.83 -59.84
N ILE D 493 40.91 23.29 -59.04
CA ILE D 493 40.04 24.39 -59.42
C ILE D 493 40.84 25.66 -59.72
N PHE D 494 41.72 26.03 -58.81
CA PHE D 494 42.63 27.14 -59.08
C PHE D 494 43.28 26.95 -60.45
N THR D 495 43.90 25.80 -60.62
CA THR D 495 44.70 25.53 -61.80
C THR D 495 43.89 25.62 -63.08
N GLN D 496 42.65 25.10 -63.04
CA GLN D 496 41.77 25.16 -64.19
C GLN D 496 41.33 26.58 -64.52
N GLY D 497 41.01 27.38 -63.50
CA GLY D 497 40.74 28.79 -63.73
C GLY D 497 41.94 29.58 -64.27
N VAL D 498 43.16 29.21 -63.87
CA VAL D 498 44.34 29.90 -64.39
C VAL D 498 44.40 29.72 -65.90
N ILE D 499 44.36 28.46 -66.35
CA ILE D 499 44.52 28.13 -67.74
C ILE D 499 43.33 28.61 -68.58
N LEU D 500 42.12 28.48 -68.06
CA LEU D 500 40.91 28.92 -68.77
C LEU D 500 40.77 30.45 -68.79
N ASN D 501 41.69 31.13 -68.12
CA ASN D 501 41.80 32.57 -68.21
C ASN D 501 40.61 33.28 -67.62
N ILE D 502 40.05 32.76 -66.53
CA ILE D 502 38.87 33.35 -65.89
C ILE D 502 39.20 33.75 -64.46
N PHE D 503 38.33 34.51 -63.81
CA PHE D 503 38.54 34.82 -62.42
C PHE D 503 37.81 33.82 -61.53
N THR D 504 38.60 32.99 -60.87
CA THR D 504 38.11 31.86 -60.07
C THR D 504 37.56 32.27 -58.69
N PHE D 505 37.81 33.51 -58.28
CA PHE D 505 37.58 33.89 -56.89
C PHE D 505 36.54 34.96 -56.62
N ASP D 506 35.84 35.43 -57.68
CA ASP D 506 34.70 36.34 -57.49
C ASP D 506 33.42 35.58 -57.79
N GLN D 507 32.28 36.25 -57.66
CA GLN D 507 31.00 35.59 -57.90
C GLN D 507 29.92 36.64 -58.19
N TRP D 508 30.17 37.44 -59.23
CA TRP D 508 29.31 38.55 -59.60
C TRP D 508 27.96 38.07 -60.05
N GLY D 509 27.92 36.79 -60.47
CA GLY D 509 26.70 36.17 -60.95
C GLY D 509 25.63 35.86 -59.91
N VAL D 510 25.89 36.15 -58.64
CA VAL D 510 24.87 35.97 -57.60
C VAL D 510 24.00 37.22 -57.38
N GLU D 511 24.39 38.34 -57.98
CA GLU D 511 23.72 39.62 -57.63
C GLU D 511 22.36 39.89 -58.25
N LEU D 512 22.17 39.56 -59.53
CA LEU D 512 20.88 39.83 -60.17
C LEU D 512 19.72 39.23 -59.38
N GLY D 513 19.80 37.94 -59.05
CA GLY D 513 18.73 37.29 -58.30
C GLY D 513 18.34 38.04 -57.03
N LYS D 514 19.34 38.50 -56.29
CA LYS D 514 19.11 39.17 -55.02
C LYS D 514 18.46 40.48 -55.27
N GLN D 515 18.86 41.14 -56.35
CA GLN D 515 18.25 42.43 -56.60
C GLN D 515 16.81 42.29 -57.13
N LEU D 516 16.55 41.27 -57.94
CA LEU D 516 15.19 41.02 -58.34
C LEU D 516 14.29 40.53 -57.20
N ALA D 517 14.83 39.73 -56.27
CA ALA D 517 14.05 39.27 -55.10
C ALA D 517 13.66 40.44 -54.21
N ASN D 518 14.61 41.36 -54.08
CA ASN D 518 14.44 42.56 -53.31
C ASN D 518 13.28 43.42 -53.82
N ARG D 519 13.08 43.46 -55.14
CA ARG D 519 11.99 44.23 -55.68
C ARG D 519 10.70 43.49 -55.43
N ILE D 520 10.78 42.17 -55.46
CA ILE D 520 9.56 41.36 -55.44
C ILE D 520 8.97 41.15 -54.05
N LEU D 521 9.81 41.15 -53.03
CA LEU D 521 9.34 40.89 -51.64
C LEU D 521 8.25 41.85 -51.20
N PRO D 522 8.44 43.16 -51.41
CA PRO D 522 7.36 44.05 -50.98
C PRO D 522 6.06 43.83 -51.75
N GLU D 523 6.13 43.39 -53.00
CA GLU D 523 4.93 43.22 -53.81
C GLU D 523 4.13 42.01 -53.31
N LEU D 524 4.81 41.12 -52.58
CA LEU D 524 4.13 39.97 -51.98
C LEU D 524 3.35 40.29 -50.70
N LYS D 525 3.62 41.44 -50.08
CA LYS D 525 3.02 41.75 -48.76
C LYS D 525 1.60 42.32 -48.85
N ASP D 526 1.27 43.02 -49.92
CA ASP D 526 -0.06 43.60 -49.99
C ASP D 526 -0.99 42.72 -50.78
N ASP D 527 -2.20 43.22 -51.01
CA ASP D 527 -3.18 42.48 -51.76
C ASP D 527 -3.29 42.93 -53.22
N LYS D 528 -2.32 43.70 -53.69
CA LYS D 528 -2.40 44.26 -55.04
C LYS D 528 -2.16 43.25 -56.16
N GLU D 529 -2.92 43.34 -57.24
CA GLU D 529 -2.60 42.56 -58.44
C GLU D 529 -1.29 43.11 -59.00
N ILE D 530 -0.36 42.22 -59.35
CA ILE D 530 0.97 42.69 -59.77
C ILE D 530 1.14 42.69 -61.28
N SER D 531 1.69 43.77 -61.83
CA SER D 531 1.85 43.85 -63.29
C SER D 531 3.19 44.43 -63.67
N SER D 532 4.13 44.42 -62.76
CA SER D 532 5.35 45.21 -62.93
C SER D 532 6.47 44.41 -63.58
N HIS D 533 6.20 43.17 -63.94
CA HIS D 533 7.21 42.35 -64.55
C HIS D 533 6.69 41.84 -65.88
N ASP D 534 7.43 40.91 -66.47
CA ASP D 534 7.00 40.15 -67.62
C ASP D 534 5.75 39.34 -67.23
N SER D 535 5.00 38.89 -68.21
CA SER D 535 3.72 38.20 -67.90
C SER D 535 3.88 36.94 -67.05
N SER D 536 5.03 36.26 -67.18
CA SER D 536 5.21 35.01 -66.45
C SER D 536 5.43 35.29 -64.95
N THR D 537 6.38 36.15 -64.62
CA THR D 537 6.56 36.60 -63.25
C THR D 537 5.27 37.18 -62.66
N ASN D 538 4.58 38.04 -63.40
CA ASN D 538 3.30 38.54 -62.94
C ASN D 538 2.32 37.39 -62.69
N GLY D 539 2.21 36.49 -63.66
CA GLY D 539 1.27 35.38 -63.56
C GLY D 539 1.55 34.50 -62.36
N LEU D 540 2.82 34.23 -62.11
CA LEU D 540 3.23 33.39 -61.00
C LEU D 540 2.93 34.09 -59.66
N ILE D 541 3.32 35.36 -59.54
CA ILE D 541 3.05 36.11 -58.32
C ILE D 541 1.54 36.21 -58.06
N ASN D 542 0.77 36.46 -59.09
CA ASN D 542 -0.71 36.57 -58.91
C ASN D 542 -1.37 35.24 -58.60
N ARG D 543 -0.88 34.14 -59.17
CA ARG D 543 -1.37 32.83 -58.71
C ARG D 543 -1.05 32.59 -57.24
N TYR D 544 0.16 32.92 -56.82
CA TYR D 544 0.49 32.74 -55.42
C TYR D 544 -0.45 33.50 -54.48
N LYS D 545 -0.82 34.74 -54.85
CA LYS D 545 -1.64 35.53 -53.93
C LYS D 545 -3.02 34.93 -53.82
N ALA D 546 -3.50 34.34 -54.92
CA ALA D 546 -4.81 33.70 -54.96
C ALA D 546 -4.82 32.43 -54.13
N TRP D 547 -3.67 31.76 -54.03
CA TRP D 547 -3.56 30.44 -53.41
C TRP D 547 -2.90 30.41 -52.03
N ARG D 548 -2.48 31.56 -51.52
CA ARG D 548 -1.72 31.61 -50.26
C ARG D 548 -2.55 31.54 -48.99
N GLY D 549 -3.85 31.70 -49.14
CA GLY D 549 -4.73 32.01 -48.02
C GLY D 549 -5.83 32.91 -48.59
N MET E 1 -18.44 5.19 59.95
CA MET E 1 -19.53 4.18 59.70
C MET E 1 -20.21 3.73 60.99
N LYS E 2 -21.36 3.07 60.86
CA LYS E 2 -22.11 2.65 62.04
C LYS E 2 -21.43 1.47 62.78
N ASN E 3 -21.52 1.49 64.11
CA ASN E 3 -20.96 0.44 64.97
C ASN E 3 -22.07 -0.24 65.77
N ILE E 4 -22.92 -0.97 65.07
CA ILE E 4 -24.11 -1.52 65.69
C ILE E 4 -23.87 -2.91 66.28
N ASN E 5 -24.11 -3.05 67.59
CA ASN E 5 -24.06 -4.34 68.24
C ASN E 5 -25.09 -5.28 67.61
N PRO E 6 -24.65 -6.34 66.89
CA PRO E 6 -25.64 -7.13 66.17
C PRO E 6 -26.63 -7.82 67.09
N THR E 7 -26.22 -8.09 68.34
CA THR E 7 -27.08 -8.86 69.24
C THR E 7 -28.25 -8.03 69.77
N GLN E 8 -28.06 -6.72 69.90
CA GLN E 8 -29.11 -5.85 70.41
C GLN E 8 -30.13 -5.43 69.33
N THR E 9 -30.09 -6.07 68.17
CA THR E 9 -31.00 -5.71 67.08
C THR E 9 -32.23 -6.59 67.08
N ALA E 10 -33.28 -6.11 66.44
CA ALA E 10 -34.53 -6.86 66.27
C ALA E 10 -34.26 -8.04 65.33
N ALA E 11 -33.48 -7.79 64.27
CA ALA E 11 -33.09 -8.81 63.32
C ALA E 11 -32.41 -10.00 64.01
N TRP E 12 -31.61 -9.72 65.03
CA TRP E 12 -30.88 -10.78 65.71
C TRP E 12 -31.82 -11.72 66.46
N GLN E 13 -32.80 -11.14 67.16
CA GLN E 13 -33.77 -11.91 67.91
C GLN E 13 -34.64 -12.74 67.00
N ALA E 14 -35.04 -12.15 65.87
CA ALA E 14 -35.86 -12.88 64.90
C ALA E 14 -35.06 -14.09 64.40
N LEU E 15 -33.76 -13.91 64.24
CA LEU E 15 -32.90 -15.02 63.80
C LEU E 15 -32.76 -16.15 64.83
N GLN E 16 -32.54 -15.78 66.08
CA GLN E 16 -32.49 -16.75 67.18
C GLN E 16 -33.75 -17.63 67.16
N LYS E 17 -34.89 -16.97 67.03
CA LYS E 17 -36.18 -17.63 67.06
C LYS E 17 -36.33 -18.52 65.84
N HIS E 18 -35.80 -18.08 64.71
CA HIS E 18 -35.90 -18.83 63.48
C HIS E 18 -34.97 -20.04 63.56
N PHE E 19 -33.79 -19.84 64.13
CA PHE E 19 -32.87 -20.95 64.33
C PHE E 19 -33.53 -22.05 65.14
N ASP E 20 -34.13 -21.66 66.25
CA ASP E 20 -34.76 -22.64 67.11
C ASP E 20 -35.75 -23.52 66.31
N GLU E 21 -36.36 -22.97 65.28
CA GLU E 21 -37.29 -23.76 64.46
C GLU E 21 -36.62 -24.54 63.36
N MET E 22 -35.50 -24.01 62.88
CA MET E 22 -34.77 -24.55 61.74
C MET E 22 -33.76 -25.63 62.15
N LYS E 23 -33.42 -25.63 63.44
CA LYS E 23 -32.24 -26.33 63.92
C LYS E 23 -32.17 -27.80 63.52
N ASP E 24 -33.33 -28.46 63.38
CA ASP E 24 -33.35 -29.88 63.04
C ASP E 24 -33.79 -30.15 61.61
N VAL E 25 -34.08 -29.09 60.86
CA VAL E 25 -34.49 -29.23 59.48
C VAL E 25 -33.37 -29.79 58.64
N THR E 26 -33.78 -30.60 57.68
CA THR E 26 -32.91 -31.41 56.86
C THR E 26 -32.79 -30.82 55.44
N ILE E 27 -31.58 -30.88 54.89
CA ILE E 27 -31.31 -30.44 53.51
C ILE E 27 -32.10 -31.31 52.54
N ALA E 28 -32.13 -32.62 52.78
CA ALA E 28 -32.99 -33.53 52.01
C ALA E 28 -34.43 -33.02 51.87
N ASP E 29 -35.02 -32.56 52.97
CA ASP E 29 -36.43 -32.17 52.98
C ASP E 29 -36.63 -30.91 52.18
N LEU E 30 -35.65 -30.03 52.28
CA LEU E 30 -35.74 -28.72 51.63
C LEU E 30 -35.76 -28.93 50.13
N PHE E 31 -35.00 -29.91 49.67
CA PHE E 31 -34.96 -30.26 48.24
C PHE E 31 -36.23 -30.98 47.81
N ALA E 32 -36.73 -31.85 48.69
CA ALA E 32 -37.88 -32.67 48.37
C ALA E 32 -39.12 -31.81 48.23
N LYS E 33 -39.16 -30.67 48.90
CA LYS E 33 -40.35 -29.82 48.92
C LYS E 33 -40.38 -28.86 47.73
N ASP E 34 -39.22 -28.57 47.16
CA ASP E 34 -39.15 -27.67 46.00
C ASP E 34 -38.19 -28.16 44.91
N GLY E 35 -38.76 -28.54 43.77
CA GLY E 35 -37.98 -29.01 42.64
C GLY E 35 -37.13 -27.91 42.04
N ASP E 36 -37.45 -26.65 42.34
CA ASP E 36 -36.71 -25.54 41.79
C ASP E 36 -35.77 -24.96 42.83
N ARG E 37 -35.40 -25.74 43.85
CA ARG E 37 -34.50 -25.20 44.90
C ARG E 37 -33.16 -24.66 44.37
N PHE E 38 -32.53 -25.38 43.45
CA PHE E 38 -31.22 -24.97 42.92
C PHE E 38 -31.29 -23.61 42.28
N SER E 39 -32.33 -23.37 41.47
CA SER E 39 -32.39 -22.11 40.72
C SER E 39 -32.75 -20.98 41.65
N LYS E 40 -33.49 -21.28 42.71
CA LYS E 40 -33.74 -20.29 43.77
C LYS E 40 -32.56 -19.92 44.68
N PHE E 41 -31.54 -20.76 44.76
CA PHE E 41 -30.42 -20.52 45.69
C PHE E 41 -29.04 -20.56 45.04
N SER E 42 -28.97 -20.02 43.83
CA SER E 42 -27.71 -19.89 43.10
C SER E 42 -27.73 -18.70 42.16
N ALA E 43 -26.55 -18.18 41.84
CA ALA E 43 -26.44 -17.08 40.90
C ALA E 43 -25.05 -17.15 40.31
N THR E 44 -24.89 -16.54 39.13
CA THR E 44 -23.64 -16.58 38.38
C THR E 44 -23.08 -15.17 38.25
N PHE E 45 -21.77 -15.02 38.50
CA PHE E 45 -21.05 -13.79 38.31
C PHE E 45 -20.40 -13.79 36.94
N ASP E 46 -20.65 -12.72 36.19
CA ASP E 46 -19.92 -12.45 34.91
C ASP E 46 -19.94 -13.59 33.92
N ASP E 47 -21.01 -14.37 33.97
CA ASP E 47 -21.22 -15.51 33.10
C ASP E 47 -20.06 -16.48 33.11
N GLN E 48 -19.33 -16.56 34.23
CA GLN E 48 -18.25 -17.52 34.34
C GLN E 48 -18.03 -18.15 35.72
N MET E 49 -18.69 -17.61 36.75
CA MET E 49 -18.57 -18.16 38.13
C MET E 49 -19.94 -18.40 38.76
N LEU E 50 -20.44 -19.62 38.60
CA LEU E 50 -21.64 -20.12 39.25
C LEU E 50 -21.41 -20.42 40.74
N VAL E 51 -22.04 -19.65 41.63
CA VAL E 51 -22.03 -19.91 43.06
C VAL E 51 -23.35 -20.54 43.46
N ASP E 52 -23.33 -21.82 43.82
CA ASP E 52 -24.55 -22.58 44.15
C ASP E 52 -24.60 -22.75 45.67
N TYR E 53 -25.50 -22.02 46.35
CA TYR E 53 -25.57 -22.09 47.82
C TYR E 53 -26.81 -22.84 48.27
N SER E 54 -27.30 -23.75 47.41
CA SER E 54 -28.54 -24.48 47.66
C SER E 54 -28.45 -25.64 48.67
N LYS E 55 -27.26 -26.22 48.82
CA LYS E 55 -27.08 -27.38 49.70
C LYS E 55 -26.77 -26.88 51.07
N ASN E 56 -27.59 -25.94 51.53
CA ASN E 56 -27.40 -25.30 52.82
C ASN E 56 -28.63 -25.40 53.70
N ARG E 57 -28.44 -25.33 55.02
CA ARG E 57 -29.56 -25.43 55.95
C ARG E 57 -30.25 -24.09 56.13
N ILE E 58 -30.88 -23.64 55.04
CA ILE E 58 -31.51 -22.31 54.96
C ILE E 58 -32.75 -22.41 54.09
N THR E 59 -33.69 -21.48 54.34
CA THR E 59 -34.86 -21.29 53.50
C THR E 59 -34.88 -19.83 53.03
N GLU E 60 -35.85 -19.50 52.18
CA GLU E 60 -36.00 -18.12 51.69
C GLU E 60 -36.21 -17.22 52.89
N GLU E 61 -36.96 -17.71 53.86
CA GLU E 61 -37.14 -17.00 55.10
C GLU E 61 -35.82 -16.75 55.83
N THR E 62 -34.97 -17.78 55.88
CA THR E 62 -33.67 -17.63 56.56
C THR E 62 -32.90 -16.48 55.95
N LEU E 63 -32.74 -16.51 54.62
CA LEU E 63 -32.04 -15.43 53.90
C LEU E 63 -32.68 -14.05 54.16
N ALA E 64 -34.00 -13.98 54.24
CA ALA E 64 -34.67 -12.70 54.46
C ALA E 64 -34.38 -12.14 55.85
N LYS E 65 -34.36 -12.99 56.87
CA LYS E 65 -34.05 -12.51 58.21
C LYS E 65 -32.59 -12.09 58.30
N LEU E 66 -31.72 -12.77 57.54
CA LEU E 66 -30.28 -12.45 57.49
C LEU E 66 -30.12 -11.09 56.81
N GLN E 67 -30.76 -10.94 55.65
CA GLN E 67 -30.74 -9.65 54.97
C GLN E 67 -31.19 -8.54 55.92
N ASP E 68 -32.26 -8.79 56.68
CA ASP E 68 -32.72 -7.82 57.70
C ASP E 68 -31.58 -7.39 58.61
N LEU E 69 -30.69 -8.33 58.94
CA LEU E 69 -29.63 -8.05 59.90
C LEU E 69 -28.54 -7.21 59.23
N ALA E 70 -28.17 -7.58 58.01
CA ALA E 70 -27.25 -6.73 57.24
C ALA E 70 -27.78 -5.29 57.14
N LYS E 71 -29.10 -5.12 56.98
CA LYS E 71 -29.69 -3.79 56.88
C LYS E 71 -29.63 -3.08 58.23
N GLU E 72 -29.95 -3.76 59.34
CA GLU E 72 -29.88 -3.06 60.63
C GLU E 72 -28.47 -2.62 60.99
N CYS E 73 -27.48 -3.36 60.51
CA CYS E 73 -26.08 -3.03 60.76
C CYS E 73 -25.52 -2.00 59.76
N ASP E 74 -26.36 -1.54 58.84
CA ASP E 74 -25.97 -0.58 57.79
C ASP E 74 -24.79 -1.05 56.91
N LEU E 75 -24.87 -2.28 56.42
CA LEU E 75 -23.85 -2.81 55.50
C LEU E 75 -23.70 -1.91 54.25
N ALA E 76 -24.81 -1.43 53.72
CA ALA E 76 -24.80 -0.51 52.58
C ALA E 76 -23.88 0.69 52.82
N GLY E 77 -24.04 1.37 53.96
CA GLY E 77 -23.20 2.52 54.30
C GLY E 77 -21.75 2.13 54.43
N ALA E 78 -21.51 1.06 55.19
CA ALA E 78 -20.19 0.49 55.36
C ALA E 78 -19.45 0.27 54.05
N ILE E 79 -20.11 -0.36 53.08
CA ILE E 79 -19.51 -0.59 51.78
C ILE E 79 -19.09 0.75 51.17
N LYS E 80 -20.03 1.70 51.12
CA LYS E 80 -19.76 3.04 50.57
C LYS E 80 -18.54 3.68 51.22
N SER E 81 -18.45 3.58 52.56
CA SER E 81 -17.35 4.18 53.28
C SER E 81 -16.00 3.60 52.90
N MET E 82 -15.92 2.28 52.75
CA MET E 82 -14.63 1.68 52.39
C MET E 82 -14.20 2.12 50.99
N PHE E 83 -15.10 1.95 50.05
CA PHE E 83 -14.83 2.29 48.67
C PHE E 83 -14.48 3.76 48.45
N SER E 84 -14.93 4.64 49.35
CA SER E 84 -14.74 6.09 49.17
C SER E 84 -13.50 6.63 49.85
N GLY E 85 -12.83 5.81 50.65
CA GLY E 85 -11.62 6.31 51.31
C GLY E 85 -11.81 6.82 52.73
N GLU E 86 -13.01 6.65 53.28
CA GLU E 86 -13.20 6.90 54.72
C GLU E 86 -12.22 6.05 55.54
N LYS E 87 -11.63 6.64 56.57
CA LYS E 87 -10.68 5.95 57.44
C LYS E 87 -11.38 5.01 58.44
N ILE E 88 -11.89 3.89 57.92
CA ILE E 88 -12.67 2.92 58.69
C ILE E 88 -11.81 2.07 59.64
N ASN E 89 -10.51 2.07 59.42
CA ASN E 89 -9.56 1.50 60.35
C ASN E 89 -9.25 2.56 61.39
N ARG E 90 -10.08 2.63 62.42
CA ARG E 90 -9.97 3.73 63.40
C ARG E 90 -8.88 3.54 64.44
N THR E 91 -8.50 2.28 64.70
CA THR E 91 -7.54 2.02 65.75
C THR E 91 -6.19 2.51 65.26
N GLU E 92 -6.00 2.49 63.95
CA GLU E 92 -4.78 2.99 63.33
C GLU E 92 -5.02 4.28 62.52
N ASN E 93 -6.28 4.66 62.34
CA ASN E 93 -6.67 5.87 61.59
C ASN E 93 -6.15 5.81 60.18
N ARG E 94 -6.73 4.91 59.40
CA ARG E 94 -6.25 4.65 58.05
C ARG E 94 -7.40 4.33 57.18
N ALA E 95 -7.27 4.64 55.89
CA ALA E 95 -8.31 4.24 54.93
C ALA E 95 -8.09 2.77 54.59
N VAL E 96 -9.06 2.14 53.95
CA VAL E 96 -8.91 0.73 53.55
C VAL E 96 -9.20 0.60 52.06
N LEU E 97 -8.12 0.57 51.28
CA LEU E 97 -8.20 0.85 49.83
C LEU E 97 -7.42 -0.11 48.89
N HIS E 98 -7.33 -1.38 49.27
CA HIS E 98 -6.94 -2.40 48.30
C HIS E 98 -7.78 -2.26 47.02
N VAL E 99 -9.04 -1.85 47.14
CA VAL E 99 -9.83 -1.72 45.92
C VAL E 99 -9.28 -0.59 45.02
N ALA E 100 -8.70 0.44 45.61
CA ALA E 100 -7.97 1.44 44.82
C ALA E 100 -6.89 0.78 43.94
N LEU E 101 -6.26 -0.28 44.44
CA LEU E 101 -5.13 -0.90 43.74
C LEU E 101 -5.50 -1.49 42.36
N ARG E 102 -6.71 -2.01 42.28
CA ARG E 102 -7.22 -2.62 41.07
C ARG E 102 -8.40 -1.82 40.50
N ASN E 103 -8.43 -0.52 40.81
CA ASN E 103 -9.38 0.40 40.20
C ASN E 103 -9.02 0.75 38.75
N ARG E 104 -9.36 -0.15 37.82
CA ARG E 104 -8.97 0.05 36.42
C ARG E 104 -9.77 1.19 35.78
N SER E 105 -10.97 1.47 36.28
CA SER E 105 -11.77 2.57 35.75
C SER E 105 -11.15 3.92 36.15
N ASN E 106 -10.28 3.90 37.14
CA ASN E 106 -9.51 5.08 37.51
C ASN E 106 -10.33 6.24 38.11
N THR E 107 -11.58 5.95 38.47
CA THR E 107 -12.41 6.84 39.30
C THR E 107 -11.58 7.40 40.47
N PRO E 108 -11.59 8.73 40.67
CA PRO E 108 -10.75 9.25 41.73
C PRO E 108 -11.16 8.74 43.10
N ILE E 109 -10.17 8.54 43.94
CA ILE E 109 -10.35 8.06 45.31
C ILE E 109 -9.32 8.82 46.11
N LEU E 110 -9.80 9.65 47.02
CA LEU E 110 -8.98 10.65 47.66
C LEU E 110 -8.75 10.28 49.10
N VAL E 111 -7.53 10.48 49.59
CA VAL E 111 -7.29 10.44 51.01
C VAL E 111 -6.39 11.61 51.37
N ASP E 112 -6.69 12.25 52.50
CA ASP E 112 -6.02 13.49 52.86
C ASP E 112 -6.12 14.48 51.69
N GLY E 113 -7.27 14.52 51.04
CA GLY E 113 -7.52 15.45 49.93
C GLY E 113 -6.59 15.33 48.73
N LYS E 114 -6.30 14.10 48.32
CA LYS E 114 -5.36 13.83 47.22
C LYS E 114 -5.67 12.49 46.57
N ASP E 115 -6.15 12.51 45.32
CA ASP E 115 -6.43 11.28 44.57
C ASP E 115 -5.23 10.34 44.67
N VAL E 116 -5.49 9.09 45.06
CA VAL E 116 -4.42 8.09 45.14
C VAL E 116 -4.13 7.40 43.78
N MET E 117 -5.10 7.43 42.87
CA MET E 117 -4.93 6.73 41.58
C MET E 117 -3.62 7.04 40.85
N PRO E 118 -3.28 8.34 40.71
CA PRO E 118 -1.99 8.69 40.07
C PRO E 118 -0.80 7.89 40.60
N GLU E 119 -0.63 7.83 41.91
CA GLU E 119 0.52 7.12 42.48
C GLU E 119 0.38 5.58 42.36
N VAL E 120 -0.85 5.09 42.23
CA VAL E 120 -1.10 3.66 42.11
C VAL E 120 -0.69 3.24 40.70
N ASN E 121 -1.13 4.03 39.74
CA ASN E 121 -0.74 3.87 38.36
C ASN E 121 0.78 4.07 38.09
N ALA E 122 1.41 5.02 38.78
CA ALA E 122 2.86 5.18 38.68
C ALA E 122 3.61 3.89 39.04
N VAL E 123 3.28 3.31 40.20
CA VAL E 123 3.98 2.11 40.65
C VAL E 123 3.72 0.96 39.67
N LEU E 124 2.51 0.89 39.15
CA LEU E 124 2.17 -0.13 38.16
C LEU E 124 3.05 0.00 36.90
N GLU E 125 3.20 1.23 36.40
CA GLU E 125 4.01 1.44 35.21
C GLU E 125 5.47 1.08 35.46
N LYS E 126 5.94 1.34 36.67
CA LYS E 126 7.29 0.97 37.05
C LYS E 126 7.46 -0.57 37.11
N MET E 127 6.39 -1.28 37.44
CA MET E 127 6.47 -2.75 37.55
C MET E 127 6.37 -3.34 36.16
N LYS E 128 5.56 -2.69 35.34
CA LYS E 128 5.50 -3.02 33.93
C LYS E 128 6.87 -2.95 33.24
N THR E 129 7.53 -1.79 33.30
CA THR E 129 8.80 -1.68 32.57
C THR E 129 9.97 -2.43 33.22
N PHE E 130 9.98 -2.54 34.54
CA PHE E 130 11.01 -3.32 35.19
C PHE E 130 10.83 -4.78 34.76
N SER E 131 9.59 -5.26 34.77
CA SER E 131 9.40 -6.67 34.53
C SER E 131 9.80 -7.01 33.08
N GLU E 132 9.40 -6.17 32.14
CA GLU E 132 9.78 -6.37 30.74
C GLU E 132 11.30 -6.46 30.63
N ALA E 133 12.02 -5.57 31.31
CA ALA E 133 13.47 -5.65 31.32
C ALA E 133 14.00 -7.02 31.79
N ILE E 134 13.47 -7.53 32.91
CA ILE E 134 13.94 -8.79 33.46
C ILE E 134 13.59 -9.98 32.56
N ILE E 135 12.33 -10.01 32.12
CA ILE E 135 11.82 -11.10 31.30
C ILE E 135 12.51 -11.17 29.93
N SER E 136 12.77 -10.01 29.31
CA SER E 136 13.33 -9.94 27.96
C SER E 136 14.81 -10.28 27.96
N GLY E 137 15.44 -10.25 29.13
CA GLY E 137 16.86 -10.56 29.20
C GLY E 137 17.70 -9.32 28.98
N GLU E 138 17.03 -8.17 28.90
CA GLU E 138 17.71 -6.89 28.78
C GLU E 138 18.43 -6.52 30.07
N TRP E 139 17.77 -6.74 31.21
CA TRP E 139 18.38 -6.48 32.50
C TRP E 139 19.36 -7.61 32.80
N LYS E 140 20.64 -7.27 32.92
CA LYS E 140 21.69 -8.26 33.11
C LYS E 140 22.22 -8.32 34.55
N GLY E 141 22.64 -9.51 34.97
CA GLY E 141 23.33 -9.68 36.25
C GLY E 141 24.76 -9.21 36.12
N TYR E 142 25.54 -9.31 37.19
CA TYR E 142 26.84 -8.66 37.25
C TYR E 142 27.94 -9.31 36.40
N THR E 143 27.60 -10.40 35.71
CA THR E 143 28.53 -11.01 34.78
C THR E 143 28.00 -10.93 33.37
N GLY E 144 26.93 -10.16 33.18
CA GLY E 144 26.38 -9.91 31.86
C GLY E 144 25.36 -10.91 31.38
N LYS E 145 24.82 -11.71 32.30
CA LYS E 145 23.88 -12.77 31.94
C LYS E 145 22.45 -12.35 32.26
N ALA E 146 21.48 -12.90 31.52
CA ALA E 146 20.06 -12.64 31.83
C ALA E 146 19.63 -13.37 33.12
N ILE E 147 18.70 -12.76 33.85
CA ILE E 147 18.15 -13.35 35.07
C ILE E 147 17.34 -14.64 34.78
N THR E 148 17.58 -15.69 35.58
CA THR E 148 16.88 -16.96 35.41
C THR E 148 16.00 -17.30 36.61
N ASP E 149 16.37 -16.79 37.77
CA ASP E 149 15.64 -17.11 39.01
C ASP E 149 15.22 -15.86 39.76
N VAL E 150 13.99 -15.87 40.26
CA VAL E 150 13.47 -14.77 41.08
C VAL E 150 13.12 -15.25 42.49
N VAL E 151 13.79 -14.68 43.48
CA VAL E 151 13.58 -15.07 44.88
C VAL E 151 12.84 -13.98 45.66
N ASN E 152 11.59 -14.24 46.01
CA ASN E 152 10.83 -13.33 46.86
C ASN E 152 11.15 -13.57 48.32
N ILE E 153 11.45 -12.50 49.05
CA ILE E 153 11.68 -12.61 50.51
C ILE E 153 10.69 -11.72 51.26
N GLY E 154 9.84 -12.35 52.06
CA GLY E 154 8.79 -11.63 52.78
C GLY E 154 8.02 -12.58 53.67
N ILE E 155 7.20 -12.04 54.57
CA ILE E 155 6.40 -12.88 55.43
C ILE E 155 4.94 -12.39 55.53
N GLY E 156 4.06 -13.23 56.03
CA GLY E 156 2.65 -12.94 56.07
C GLY E 156 2.17 -12.38 54.75
N GLY E 157 1.71 -11.14 54.79
CA GLY E 157 1.05 -10.51 53.63
C GLY E 157 1.99 -10.36 52.45
N SER E 158 3.28 -10.30 52.75
CA SER E 158 4.29 -10.17 51.73
C SER E 158 4.70 -11.52 51.12
N ASP E 159 4.16 -12.62 51.64
CA ASP E 159 4.50 -13.95 51.13
C ASP E 159 3.30 -14.76 50.61
N LEU E 160 2.24 -14.88 51.39
CA LEU E 160 1.21 -15.86 51.05
C LEU E 160 0.57 -15.60 49.70
N GLY E 161 0.26 -14.34 49.42
CA GLY E 161 -0.44 -14.00 48.16
C GLY E 161 0.41 -14.29 46.95
N PRO E 162 1.57 -13.64 46.87
CA PRO E 162 2.43 -13.88 45.72
C PRO E 162 2.67 -15.37 45.48
N TYR E 163 2.95 -16.14 46.53
CA TYR E 163 3.12 -17.58 46.35
C TYR E 163 1.84 -18.29 45.88
N MET E 164 0.72 -18.01 46.54
CA MET E 164 -0.55 -18.64 46.17
C MET E 164 -0.92 -18.36 44.70
N VAL E 165 -0.81 -17.09 44.30
CA VAL E 165 -1.18 -16.65 42.94
C VAL E 165 -0.23 -17.20 41.86
N THR E 166 1.09 -17.14 42.10
CA THR E 166 2.03 -17.65 41.09
C THR E 166 1.85 -19.15 40.86
N GLU E 167 1.50 -19.85 41.93
CA GLU E 167 1.31 -21.28 41.92
C GLU E 167 -0.02 -21.55 41.18
N ALA E 168 -1.06 -20.80 41.55
CA ALA E 168 -2.38 -20.94 40.96
C ALA E 168 -2.40 -20.65 39.46
N LEU E 169 -1.51 -19.77 39.00
CA LEU E 169 -1.50 -19.31 37.62
C LEU E 169 -0.27 -19.79 36.87
N ARG E 170 0.30 -20.90 37.36
CA ARG E 170 1.45 -21.51 36.74
C ARG E 170 1.27 -21.74 35.24
N PRO E 171 0.05 -22.02 34.78
CA PRO E 171 -0.02 -22.21 33.32
C PRO E 171 0.31 -20.93 32.53
N TYR E 172 0.20 -19.78 33.17
CA TYR E 172 0.44 -18.51 32.49
C TYR E 172 1.88 -18.02 32.65
N LYS E 173 2.74 -18.88 33.21
CA LYS E 173 4.10 -18.49 33.58
C LYS E 173 5.09 -18.47 32.39
N ASN E 174 6.08 -17.59 32.49
CA ASN E 174 7.16 -17.53 31.52
C ASN E 174 8.30 -18.42 32.05
N HIS E 175 9.49 -18.22 31.49
CA HIS E 175 10.67 -19.07 31.79
C HIS E 175 11.28 -18.89 33.17
N LEU E 176 10.89 -17.84 33.89
CA LEU E 176 11.54 -17.52 35.13
C LEU E 176 11.17 -18.52 36.26
N ASN E 177 12.16 -18.97 37.01
CA ASN E 177 11.93 -19.82 38.18
C ASN E 177 11.73 -18.99 39.43
N MET E 178 10.55 -19.10 40.04
CA MET E 178 10.16 -18.31 41.21
C MET E 178 10.38 -19.06 42.53
N HIS E 179 10.95 -18.37 43.51
CA HIS E 179 11.20 -18.97 44.83
C HIS E 179 10.68 -18.03 45.90
N PHE E 180 10.05 -18.59 46.92
CA PHE E 180 9.42 -17.79 47.94
C PHE E 180 9.96 -18.17 49.29
N VAL E 181 10.75 -17.26 49.86
CA VAL E 181 11.34 -17.46 51.17
C VAL E 181 10.62 -16.59 52.19
N SER E 182 10.19 -17.18 53.32
CA SER E 182 9.42 -16.45 54.30
C SER E 182 9.82 -16.71 55.75
N ASN E 183 10.14 -17.97 56.09
CA ASN E 183 10.46 -18.38 57.48
C ASN E 183 11.81 -17.83 57.88
N VAL E 184 11.95 -17.37 59.13
CA VAL E 184 13.25 -17.02 59.69
C VAL E 184 14.10 -18.26 59.98
N ASP E 185 13.44 -19.42 60.07
CA ASP E 185 14.16 -20.69 60.10
C ASP E 185 15.10 -20.67 58.90
N GLY E 186 16.41 -20.70 59.20
CA GLY E 186 17.43 -20.66 58.17
C GLY E 186 17.25 -21.65 57.03
N THR E 187 16.64 -22.81 57.30
CA THR E 187 16.53 -23.78 56.22
C THR E 187 15.80 -23.17 55.01
N HIS E 188 14.90 -22.23 55.24
CA HIS E 188 14.12 -21.72 54.13
C HIS E 188 14.95 -21.03 53.04
N ILE E 189 15.83 -20.13 53.46
CA ILE E 189 16.69 -19.43 52.52
C ILE E 189 17.86 -20.34 52.09
N ALA E 190 18.32 -21.18 53.00
CA ALA E 190 19.42 -22.07 52.67
C ALA E 190 19.06 -23.04 51.54
N GLU E 191 17.82 -23.52 51.54
CA GLU E 191 17.40 -24.49 50.54
C GLU E 191 17.25 -23.83 49.18
N VAL E 192 17.03 -22.51 49.18
CA VAL E 192 16.90 -21.75 47.95
C VAL E 192 18.29 -21.39 47.40
N LEU E 193 19.18 -20.93 48.27
CA LEU E 193 20.50 -20.48 47.85
C LEU E 193 21.37 -21.57 47.26
N LYS E 194 21.22 -22.81 47.73
CA LYS E 194 22.02 -23.92 47.19
C LYS E 194 21.53 -24.41 45.82
N LYS E 195 20.42 -23.82 45.35
CA LYS E 195 19.78 -24.17 44.09
C LYS E 195 19.92 -23.08 43.02
N VAL E 196 20.45 -21.92 43.39
CA VAL E 196 20.48 -20.81 42.45
C VAL E 196 21.89 -20.28 42.29
N ASN E 197 22.10 -19.59 41.18
CA ASN E 197 23.35 -18.96 40.85
C ASN E 197 23.27 -17.45 41.08
N PRO E 198 24.24 -16.90 41.81
CA PRO E 198 24.25 -15.47 42.16
C PRO E 198 24.39 -14.54 40.96
N GLU E 199 24.92 -15.04 39.85
CA GLU E 199 25.05 -14.13 38.71
C GLU E 199 23.79 -14.04 37.87
N THR E 200 22.75 -14.79 38.23
CA THR E 200 21.51 -14.79 37.45
C THR E 200 20.25 -14.80 38.33
N THR E 201 20.42 -14.53 39.61
CA THR E 201 19.30 -14.55 40.53
C THR E 201 18.95 -13.13 40.96
N LEU E 202 17.65 -12.80 40.91
CA LEU E 202 17.14 -11.50 41.33
C LEU E 202 16.35 -11.68 42.62
N PHE E 203 16.66 -10.87 43.65
CA PHE E 203 15.92 -10.92 44.91
C PHE E 203 15.01 -9.73 45.06
N LEU E 204 13.77 -9.99 45.43
CA LEU E 204 12.81 -8.97 45.83
C LEU E 204 12.72 -9.02 47.36
N VAL E 205 13.02 -7.92 48.03
CA VAL E 205 12.90 -7.87 49.50
C VAL E 205 11.62 -7.13 49.88
N ALA E 206 10.58 -7.90 50.25
CA ALA E 206 9.23 -7.36 50.45
C ALA E 206 8.95 -7.10 51.93
N SER E 207 9.03 -5.82 52.31
CA SER E 207 8.91 -5.45 53.70
C SER E 207 8.19 -4.10 53.83
N LYS E 208 6.87 -4.14 54.10
CA LYS E 208 6.01 -2.92 54.19
C LYS E 208 6.67 -1.74 54.92
N THR E 209 7.89 -1.98 55.42
CA THR E 209 8.51 -1.12 56.42
C THR E 209 10.04 -1.20 56.36
N PHE E 210 10.56 -2.29 55.80
CA PHE E 210 12.01 -2.61 55.66
C PHE E 210 12.80 -2.79 56.97
N THR E 211 12.08 -3.22 58.01
CA THR E 211 12.59 -3.34 59.38
C THR E 211 12.39 -4.76 59.91
N THR E 212 11.30 -5.40 59.45
CA THR E 212 10.87 -6.76 59.80
C THR E 212 12.00 -7.78 60.02
N GLN E 213 12.09 -8.30 61.25
CA GLN E 213 13.23 -9.09 61.67
C GLN E 213 13.48 -10.29 60.74
N GLU E 214 12.45 -11.09 60.52
CA GLU E 214 12.57 -12.28 59.71
C GLU E 214 12.98 -11.94 58.28
N THR E 215 12.23 -11.05 57.65
CA THR E 215 12.49 -10.66 56.27
C THR E 215 13.91 -10.11 56.11
N MET E 216 14.31 -9.20 57.00
CA MET E 216 15.66 -8.61 56.95
C MET E 216 16.81 -9.53 57.35
N THR E 217 16.54 -10.45 58.27
CA THR E 217 17.52 -11.49 58.57
C THR E 217 17.74 -12.32 57.32
N ASN E 218 16.62 -12.60 56.63
CA ASN E 218 16.66 -13.35 55.37
C ASN E 218 17.32 -12.55 54.25
N ALA E 219 17.12 -11.23 54.27
CA ALA E 219 17.70 -10.36 53.26
C ALA E 219 19.22 -10.25 53.38
N HIS E 220 19.73 -10.09 54.60
CA HIS E 220 21.19 -9.98 54.81
C HIS E 220 21.90 -11.30 54.58
N SER E 221 21.20 -12.40 54.86
CA SER E 221 21.77 -13.72 54.59
C SER E 221 21.96 -13.84 53.09
N ALA E 222 20.97 -13.35 52.35
CA ALA E 222 20.97 -13.39 50.90
C ALA E 222 22.10 -12.52 50.38
N ARG E 223 22.24 -11.33 50.95
CA ARG E 223 23.29 -10.39 50.55
C ARG E 223 24.70 -10.92 50.80
N ASP E 224 24.95 -11.45 52.00
CA ASP E 224 26.28 -12.02 52.29
C ASP E 224 26.64 -13.13 51.30
N TRP E 225 25.64 -13.91 50.90
CA TRP E 225 25.85 -15.02 50.00
C TRP E 225 26.22 -14.45 48.63
N PHE E 226 25.51 -13.42 48.22
CA PHE E 226 25.74 -12.78 46.93
C PHE E 226 27.16 -12.16 46.82
N LEU E 227 27.59 -11.45 47.86
CA LEU E 227 28.92 -10.82 47.88
C LEU E 227 30.08 -11.77 48.09
N LYS E 228 29.80 -13.01 48.46
CA LYS E 228 30.86 -13.99 48.54
C LYS E 228 31.28 -14.38 47.14
N ALA E 229 30.33 -14.28 46.20
CA ALA E 229 30.61 -14.54 44.79
C ALA E 229 30.96 -13.27 43.99
N ALA E 230 30.13 -12.24 44.11
CA ALA E 230 30.28 -11.01 43.31
C ALA E 230 31.45 -10.12 43.71
N GLY E 231 31.86 -10.21 44.97
CA GLY E 231 32.96 -9.42 45.48
C GLY E 231 32.55 -8.00 45.78
N ASP E 232 32.17 -7.24 44.77
CA ASP E 232 31.94 -5.81 44.93
C ASP E 232 30.50 -5.53 45.29
N GLU E 233 30.29 -4.68 46.28
CA GLU E 233 28.93 -4.37 46.72
C GLU E 233 28.20 -3.37 45.83
N LYS E 234 28.91 -2.80 44.85
CA LYS E 234 28.24 -2.01 43.81
C LYS E 234 27.32 -2.91 42.97
N HIS E 235 27.66 -4.19 42.91
CA HIS E 235 26.90 -5.21 42.17
C HIS E 235 25.54 -5.59 42.77
N VAL E 236 25.30 -5.20 44.02
CA VAL E 236 24.06 -5.51 44.70
C VAL E 236 22.89 -4.89 43.94
N ALA E 237 23.15 -3.74 43.30
CA ALA E 237 22.09 -3.01 42.61
C ALA E 237 21.48 -3.76 41.44
N LYS E 238 22.22 -4.73 40.90
CA LYS E 238 21.72 -5.44 39.71
C LYS E 238 20.88 -6.63 40.15
N HIS E 239 20.87 -6.92 41.45
CA HIS E 239 20.34 -8.19 41.95
C HIS E 239 19.31 -8.14 43.07
N PHE E 240 19.07 -6.94 43.60
CA PHE E 240 18.20 -6.75 44.76
C PHE E 240 17.27 -5.54 44.54
N THR E 241 15.97 -5.78 44.50
CA THR E 241 14.99 -4.71 44.47
C THR E 241 14.23 -4.74 45.80
N ALA E 242 13.52 -3.64 46.11
CA ALA E 242 12.78 -3.52 47.38
C ALA E 242 11.30 -3.22 47.15
N LEU E 243 10.45 -3.93 47.89
CA LEU E 243 9.02 -3.71 47.87
C LEU E 243 8.60 -3.08 49.20
N SER E 244 9.16 -1.91 49.54
CA SER E 244 8.90 -1.25 50.84
C SER E 244 8.65 0.26 50.73
N THR E 245 9.18 1.01 51.71
CA THR E 245 8.94 2.45 51.82
C THR E 245 10.15 3.26 52.38
N ASN E 246 11.06 2.58 53.09
CA ASN E 246 12.21 3.25 53.69
C ASN E 246 13.40 3.31 52.74
N ALA E 247 13.60 4.47 52.12
CA ALA E 247 14.63 4.60 51.09
C ALA E 247 16.07 4.59 51.63
N LYS E 248 16.32 5.19 52.79
CA LYS E 248 17.66 5.17 53.39
C LYS E 248 18.15 3.72 53.62
N ALA E 249 17.46 2.98 54.49
CA ALA E 249 17.69 1.54 54.67
C ALA E 249 17.96 0.83 53.34
N VAL E 250 17.11 1.08 52.34
CA VAL E 250 17.19 0.44 51.03
C VAL E 250 18.50 0.78 50.29
N GLY E 251 18.83 2.06 50.25
CA GLY E 251 20.08 2.55 49.69
C GLY E 251 21.30 2.06 50.46
N GLU E 252 21.20 2.05 51.79
CA GLU E 252 22.26 1.54 52.65
C GLU E 252 22.48 0.04 52.45
N PHE E 253 21.39 -0.65 52.08
CA PHE E 253 21.45 -2.08 51.77
C PHE E 253 22.25 -2.35 50.46
N GLY E 254 22.37 -1.33 49.62
CA GLY E 254 23.07 -1.45 48.33
C GLY E 254 22.09 -1.47 47.18
N ILE E 255 20.82 -1.21 47.49
CA ILE E 255 19.78 -1.19 46.50
C ILE E 255 19.66 0.20 45.90
N ASP E 256 19.71 0.26 44.58
CA ASP E 256 19.38 1.48 43.85
C ASP E 256 17.90 1.83 44.03
N THR E 257 17.64 2.96 44.70
CA THR E 257 16.27 3.36 45.11
C THR E 257 15.29 3.65 43.96
N ALA E 258 15.81 3.81 42.74
CA ALA E 258 14.99 3.71 41.55
C ALA E 258 14.32 2.31 41.49
N ASN E 259 14.92 1.35 42.20
CA ASN E 259 14.38 -0.01 42.34
C ASN E 259 13.55 -0.26 43.61
N MET E 260 13.04 0.81 44.21
CA MET E 260 12.10 0.67 45.31
C MET E 260 10.68 0.84 44.78
N PHE E 261 9.89 -0.23 44.81
CA PHE E 261 8.49 -0.21 44.39
C PHE E 261 7.60 0.00 45.63
N GLU E 262 6.83 1.07 45.63
CA GLU E 262 6.17 1.43 46.89
C GLU E 262 4.69 1.12 46.92
N PHE E 263 4.18 1.02 48.14
CA PHE E 263 2.74 0.92 48.40
C PHE E 263 2.47 1.80 49.63
N TRP E 264 1.24 1.82 50.14
CA TRP E 264 0.83 2.84 51.10
C TRP E 264 0.13 2.24 52.31
N ASP E 265 -0.04 3.04 53.37
CA ASP E 265 -0.56 2.49 54.62
C ASP E 265 -2.03 2.06 54.57
N TRP E 266 -2.73 2.39 53.49
CA TRP E 266 -4.10 1.94 53.30
C TRP E 266 -4.19 0.59 52.56
N VAL E 267 -3.02 0.00 52.30
CA VAL E 267 -2.91 -1.36 51.76
C VAL E 267 -2.55 -2.30 52.91
N GLY E 268 -3.54 -3.07 53.39
CA GLY E 268 -3.23 -4.02 54.45
C GLY E 268 -2.34 -5.13 53.91
N GLY E 269 -1.36 -5.55 54.72
CA GLY E 269 -0.48 -6.65 54.32
C GLY E 269 -1.25 -7.83 53.72
N ARG E 270 -2.28 -8.29 54.42
CA ARG E 270 -3.11 -9.40 53.94
C ARG E 270 -4.04 -9.03 52.76
N TYR E 271 -3.99 -7.78 52.29
CA TYR E 271 -4.77 -7.38 51.10
C TYR E 271 -3.84 -6.80 50.00
N SER E 272 -2.56 -7.14 50.10
CA SER E 272 -1.55 -6.38 49.38
C SER E 272 -0.99 -6.97 48.08
N LEU E 273 -1.45 -8.16 47.69
CA LEU E 273 -0.87 -8.83 46.53
C LEU E 273 -1.20 -8.02 45.27
N TRP E 274 -2.21 -7.15 45.37
CA TRP E 274 -2.61 -6.31 44.24
C TRP E 274 -1.72 -5.08 44.05
N SER E 275 -0.81 -4.87 44.99
CA SER E 275 0.03 -3.68 45.04
C SER E 275 1.42 -4.05 44.54
N ALA E 276 2.42 -3.23 44.85
CA ALA E 276 3.80 -3.56 44.50
C ALA E 276 4.24 -4.92 45.07
N ILE E 277 3.53 -5.40 46.09
CA ILE E 277 3.84 -6.67 46.73
C ILE E 277 3.69 -7.79 45.70
N GLY E 278 2.84 -7.56 44.69
CA GLY E 278 2.63 -8.53 43.63
C GLY E 278 3.69 -8.55 42.52
N LEU E 279 4.78 -7.84 42.75
CA LEU E 279 5.82 -7.76 41.73
C LEU E 279 6.19 -9.15 41.22
N SER E 280 6.41 -10.10 42.15
CA SER E 280 6.74 -11.48 41.73
C SER E 280 5.68 -12.15 40.86
N ILE E 281 4.42 -11.76 41.02
CA ILE E 281 3.39 -12.26 40.12
C ILE E 281 3.64 -11.67 38.73
N VAL E 282 3.77 -10.35 38.66
CA VAL E 282 4.11 -9.66 37.43
C VAL E 282 5.27 -10.36 36.73
N LEU E 283 6.35 -10.55 37.49
CA LEU E 283 7.57 -11.13 36.96
C LEU E 283 7.33 -12.55 36.49
N SER E 284 6.43 -13.25 37.17
CA SER E 284 6.15 -14.65 36.86
C SER E 284 5.27 -14.83 35.64
N ILE E 285 4.14 -14.12 35.62
CA ILE E 285 3.19 -14.33 34.54
C ILE E 285 3.14 -13.13 33.57
N GLY E 286 3.98 -12.13 33.83
CA GLY E 286 3.99 -10.92 33.01
C GLY E 286 2.92 -9.92 33.38
N PHE E 287 3.09 -8.69 32.89
CA PHE E 287 2.21 -7.58 33.25
C PHE E 287 0.78 -7.71 32.73
N ASP E 288 0.60 -8.11 31.47
CA ASP E 288 -0.75 -8.28 30.89
C ASP E 288 -1.62 -9.23 31.71
N ASN E 289 -1.06 -10.37 32.12
CA ASN E 289 -1.74 -11.26 33.04
C ASN E 289 -2.04 -10.64 34.42
N PHE E 290 -1.11 -9.84 34.95
CA PHE E 290 -1.36 -9.13 36.23
C PHE E 290 -2.52 -8.13 36.12
N VAL E 291 -2.61 -7.39 35.01
CA VAL E 291 -3.77 -6.51 34.78
C VAL E 291 -5.06 -7.33 34.68
N GLU E 292 -4.99 -8.51 34.08
CA GLU E 292 -6.15 -9.40 34.07
C GLU E 292 -6.55 -9.77 35.52
N LEU E 293 -5.56 -10.06 36.37
CA LEU E 293 -5.81 -10.34 37.77
C LEU E 293 -6.49 -9.12 38.44
N LEU E 294 -5.91 -7.95 38.25
CA LEU E 294 -6.53 -6.70 38.71
C LEU E 294 -7.95 -6.46 38.16
N SER E 295 -8.19 -6.84 36.91
CA SER E 295 -9.48 -6.59 36.27
C SER E 295 -10.58 -7.51 36.76
N GLY E 296 -10.25 -8.76 37.07
CA GLY E 296 -11.22 -9.66 37.68
C GLY E 296 -11.66 -9.18 39.06
N ALA E 297 -10.72 -8.70 39.85
CA ALA E 297 -11.01 -8.18 41.19
C ALA E 297 -11.83 -6.90 41.12
N HIS E 298 -11.50 -6.06 40.13
CA HIS E 298 -12.23 -4.82 39.87
C HIS E 298 -13.66 -5.11 39.50
N ALA E 299 -13.89 -6.16 38.72
CA ALA E 299 -15.22 -6.61 38.31
C ALA E 299 -16.01 -7.22 39.48
N MET E 300 -15.33 -7.94 40.36
CA MET E 300 -15.96 -8.34 41.63
C MET E 300 -16.28 -7.13 42.54
N ASP E 301 -15.35 -6.16 42.62
CA ASP E 301 -15.55 -4.91 43.38
C ASP E 301 -16.82 -4.16 42.91
N LYS E 302 -17.01 -4.12 41.60
CA LYS E 302 -18.18 -3.54 40.99
C LYS E 302 -19.44 -4.30 41.41
N HIS E 303 -19.39 -5.64 41.29
CA HIS E 303 -20.51 -6.51 41.66
C HIS E 303 -20.90 -6.28 43.13
N PHE E 304 -19.90 -6.16 43.98
CA PHE E 304 -20.13 -6.01 45.42
C PHE E 304 -20.77 -4.65 45.77
N SER E 305 -20.25 -3.60 45.15
CA SER E 305 -20.62 -2.22 45.49
C SER E 305 -21.92 -1.74 44.85
N THR E 306 -22.44 -2.49 43.88
CA THR E 306 -23.60 -2.01 43.12
C THR E 306 -24.75 -3.00 43.02
N THR E 307 -24.54 -4.25 43.44
CA THR E 307 -25.60 -5.27 43.30
C THR E 307 -26.51 -5.28 44.52
N PRO E 308 -27.84 -5.30 44.29
CA PRO E 308 -28.76 -5.42 45.42
C PRO E 308 -28.49 -6.70 46.25
N ALA E 309 -28.60 -6.54 47.58
CA ALA E 309 -28.13 -7.54 48.53
C ALA E 309 -28.61 -8.98 48.26
N GLU E 310 -29.86 -9.13 47.85
CA GLU E 310 -30.43 -10.44 47.52
C GLU E 310 -29.72 -11.19 46.37
N LYS E 311 -28.84 -10.50 45.65
CA LYS E 311 -28.15 -11.06 44.48
C LYS E 311 -26.65 -10.82 44.60
N ASN E 312 -26.24 -10.33 45.75
CA ASN E 312 -24.88 -9.93 45.96
C ASN E 312 -24.16 -11.15 46.56
N LEU E 313 -23.24 -11.72 45.80
CA LEU E 313 -22.65 -13.01 46.19
C LEU E 313 -21.75 -12.97 47.42
N PRO E 314 -20.88 -11.96 47.54
CA PRO E 314 -20.10 -11.82 48.78
C PRO E 314 -20.98 -11.68 50.02
N VAL E 315 -22.09 -10.97 49.88
CA VAL E 315 -23.01 -10.76 50.97
C VAL E 315 -23.76 -12.03 51.34
N LEU E 316 -24.27 -12.74 50.34
CA LEU E 316 -24.97 -14.00 50.56
C LEU E 316 -24.08 -15.03 51.27
N LEU E 317 -22.80 -15.08 50.85
CA LEU E 317 -21.87 -16.06 51.41
C LEU E 317 -21.60 -15.65 52.83
N ALA E 318 -21.42 -14.35 53.05
CA ALA E 318 -21.17 -13.85 54.40
C ALA E 318 -22.33 -14.19 55.32
N LEU E 319 -23.55 -13.91 54.88
CA LEU E 319 -24.72 -14.17 55.71
C LEU E 319 -24.83 -15.66 56.03
N ILE E 320 -24.73 -16.52 55.02
CA ILE E 320 -24.69 -17.98 55.26
C ILE E 320 -23.56 -18.38 56.25
N GLY E 321 -22.38 -17.76 56.10
CA GLY E 321 -21.29 -18.07 56.99
C GLY E 321 -21.69 -17.74 58.42
N ILE E 322 -22.44 -16.64 58.56
CA ILE E 322 -22.83 -16.12 59.88
C ILE E 322 -23.86 -17.04 60.56
N TRP E 323 -24.88 -17.44 59.82
CA TRP E 323 -25.85 -18.42 60.27
C TRP E 323 -25.11 -19.57 60.99
N TYR E 324 -24.06 -20.12 60.38
CA TYR E 324 -23.38 -21.29 60.97
C TYR E 324 -22.48 -20.90 62.14
N ASN E 325 -21.68 -19.87 61.92
CA ASN E 325 -20.76 -19.35 62.90
C ASN E 325 -21.45 -18.95 64.20
N ASN E 326 -22.55 -18.19 64.08
CA ASN E 326 -23.18 -17.57 65.26
C ASN E 326 -24.45 -18.25 65.70
N PHE E 327 -25.08 -18.99 64.81
CA PHE E 327 -26.34 -19.65 65.16
C PHE E 327 -26.23 -21.15 65.37
N PHE E 328 -25.60 -21.86 64.46
CA PHE E 328 -25.22 -23.26 64.73
C PHE E 328 -24.00 -23.36 65.66
N GLY E 329 -23.14 -22.36 65.65
CA GLY E 329 -21.94 -22.41 66.48
C GLY E 329 -20.84 -23.34 65.95
N ALA E 330 -20.81 -23.57 64.62
CA ALA E 330 -19.65 -24.21 64.03
C ALA E 330 -18.43 -23.30 64.18
N GLU E 331 -17.29 -23.87 64.56
CA GLU E 331 -16.05 -23.09 64.67
C GLU E 331 -15.33 -22.87 63.34
N THR E 332 -15.54 -23.74 62.35
CA THR E 332 -14.65 -23.71 61.19
C THR E 332 -15.32 -23.63 59.82
N GLU E 333 -14.54 -23.22 58.82
CA GLU E 333 -14.95 -23.28 57.42
C GLU E 333 -13.85 -23.94 56.66
N ALA E 334 -14.15 -24.99 55.90
CA ALA E 334 -13.12 -25.56 55.05
C ALA E 334 -13.29 -25.05 53.61
N ILE E 335 -12.19 -24.63 53.01
CA ILE E 335 -12.19 -24.21 51.62
C ILE E 335 -11.52 -25.35 50.81
N LEU E 336 -12.23 -25.93 49.87
CA LEU E 336 -11.70 -27.11 49.20
C LEU E 336 -11.63 -26.98 47.67
N PRO E 337 -10.55 -26.36 47.13
CA PRO E 337 -10.44 -26.26 45.67
C PRO E 337 -10.04 -27.58 44.98
N TYR E 338 -10.84 -27.98 44.00
CA TYR E 338 -10.51 -29.18 43.22
C TYR E 338 -9.63 -28.75 42.06
N ASP E 339 -8.38 -28.43 42.41
CA ASP E 339 -7.41 -27.82 41.52
C ASP E 339 -6.08 -27.80 42.27
N GLN E 340 -5.21 -28.69 41.88
CA GLN E 340 -3.90 -28.80 42.47
C GLN E 340 -3.16 -27.44 42.47
N TYR E 341 -3.26 -26.68 41.38
CA TYR E 341 -2.52 -25.41 41.25
C TYR E 341 -2.92 -24.49 42.37
N MET E 342 -4.14 -24.64 42.86
CA MET E 342 -4.65 -23.82 43.96
C MET E 342 -4.35 -24.37 45.37
N HIS E 343 -3.30 -25.17 45.49
CA HIS E 343 -3.01 -25.83 46.78
C HIS E 343 -2.72 -24.88 47.92
N ARG E 344 -2.47 -23.61 47.62
CA ARG E 344 -2.16 -22.64 48.66
C ARG E 344 -3.29 -21.65 48.92
N PHE E 345 -4.44 -21.92 48.30
CA PHE E 345 -5.57 -21.00 48.38
C PHE E 345 -6.15 -20.96 49.79
N ALA E 346 -6.37 -22.13 50.39
CA ALA E 346 -6.89 -22.18 51.78
C ALA E 346 -5.94 -21.52 52.75
N ALA E 347 -4.65 -21.78 52.59
CA ALA E 347 -3.63 -21.12 53.44
C ALA E 347 -3.66 -19.59 53.35
N TYR E 348 -3.96 -19.07 52.16
CA TYR E 348 -3.93 -17.64 51.91
C TYR E 348 -5.07 -17.04 52.71
N PHE E 349 -6.20 -17.71 52.72
CA PHE E 349 -7.38 -17.21 53.42
C PHE E 349 -7.38 -17.40 54.94
N GLN E 350 -6.45 -18.20 55.43
CA GLN E 350 -6.21 -18.30 56.86
C GLN E 350 -5.75 -16.95 57.36
N GLN E 351 -4.82 -16.29 56.63
CA GLN E 351 -4.48 -14.95 57.00
C GLN E 351 -5.63 -13.99 56.66
N GLY E 352 -6.04 -13.99 55.40
CA GLY E 352 -7.03 -13.04 54.94
C GLY E 352 -8.23 -12.96 55.85
N ASN E 353 -8.76 -14.13 56.22
CA ASN E 353 -9.97 -14.22 57.04
C ASN E 353 -9.63 -14.12 58.54
N MET E 354 -8.72 -14.98 59.00
CA MET E 354 -8.51 -15.12 60.45
C MET E 354 -7.79 -13.94 61.06
N GLU E 355 -6.87 -13.35 60.31
CA GLU E 355 -6.20 -12.20 60.85
C GLU E 355 -7.12 -10.96 60.80
N SER E 356 -8.07 -10.95 59.85
CA SER E 356 -9.06 -9.87 59.79
C SER E 356 -10.07 -9.94 60.94
N ASN E 357 -10.81 -11.05 60.99
CA ASN E 357 -11.98 -11.19 61.86
C ASN E 357 -11.83 -12.01 63.17
N GLY E 358 -10.60 -12.46 63.46
CA GLY E 358 -10.23 -13.11 64.73
C GLY E 358 -10.00 -12.04 65.79
N LYS E 359 -11.11 -11.45 66.25
CA LYS E 359 -11.08 -10.29 67.12
C LYS E 359 -12.03 -10.49 68.28
N TYR E 360 -11.86 -9.76 69.36
CA TYR E 360 -12.83 -9.93 70.46
C TYR E 360 -13.33 -8.66 71.13
N VAL E 361 -12.86 -7.51 70.65
CA VAL E 361 -13.30 -6.21 71.15
C VAL E 361 -14.03 -5.49 70.02
N ASP E 362 -15.30 -5.11 70.22
CA ASP E 362 -16.10 -4.50 69.14
C ASP E 362 -15.66 -3.07 68.73
N ARG E 363 -16.28 -2.50 67.69
CA ARG E 363 -15.81 -1.19 67.17
C ARG E 363 -16.05 -0.06 68.18
N ASN E 364 -17.05 -0.22 69.04
CA ASN E 364 -17.30 0.69 70.17
C ASN E 364 -16.32 0.49 71.35
N GLY E 365 -15.47 -0.53 71.24
CA GLY E 365 -14.42 -0.76 72.25
C GLY E 365 -14.84 -1.70 73.36
N ASN E 366 -15.98 -2.36 73.18
CA ASN E 366 -16.50 -3.27 74.20
C ASN E 366 -16.23 -4.74 73.89
N VAL E 367 -15.83 -5.51 74.90
CA VAL E 367 -15.64 -6.94 74.69
C VAL E 367 -16.94 -7.51 74.12
N VAL E 368 -16.86 -8.36 73.09
CA VAL E 368 -18.03 -9.06 72.55
C VAL E 368 -18.43 -10.24 73.41
N ASP E 369 -19.70 -10.60 73.36
CA ASP E 369 -20.14 -11.86 73.97
C ASP E 369 -20.76 -12.76 72.90
N TYR E 370 -20.21 -12.71 71.69
CA TYR E 370 -20.69 -13.56 70.61
C TYR E 370 -19.53 -14.02 69.74
N GLN E 371 -19.79 -14.93 68.81
CA GLN E 371 -18.73 -15.49 68.01
C GLN E 371 -18.29 -14.52 66.91
N THR E 372 -16.97 -14.30 66.81
CA THR E 372 -16.45 -13.58 65.67
C THR E 372 -15.95 -14.54 64.58
N GLY E 373 -14.81 -14.24 63.97
CA GLY E 373 -14.39 -14.99 62.81
C GLY E 373 -14.13 -16.48 63.07
N PRO E 374 -14.38 -17.32 62.05
CA PRO E 374 -14.21 -18.76 62.13
C PRO E 374 -12.79 -19.19 61.82
N ILE E 375 -12.45 -20.43 62.14
CA ILE E 375 -11.20 -21.02 61.74
C ILE E 375 -11.27 -21.50 60.26
N ILE E 376 -10.36 -21.00 59.41
CA ILE E 376 -10.30 -21.43 58.02
C ILE E 376 -9.27 -22.57 57.84
N TRP E 377 -9.68 -23.61 57.12
CA TRP E 377 -8.75 -24.69 56.75
C TRP E 377 -9.14 -25.40 55.45
N GLY E 378 -8.24 -26.26 54.95
CA GLY E 378 -8.54 -27.09 53.79
C GLY E 378 -7.31 -27.55 53.03
N GLU E 379 -7.49 -28.52 52.14
CA GLU E 379 -6.49 -28.97 51.17
C GLU E 379 -7.25 -29.12 49.88
N PRO E 380 -6.57 -28.98 48.73
CA PRO E 380 -7.30 -29.21 47.48
C PRO E 380 -7.82 -30.64 47.34
N GLY E 381 -8.98 -30.80 46.71
CA GLY E 381 -9.46 -32.14 46.31
C GLY E 381 -8.71 -32.58 45.06
N THR E 382 -8.54 -33.89 44.89
CA THR E 382 -9.10 -34.91 45.78
C THR E 382 -8.26 -35.26 47.03
N ASN E 383 -7.10 -34.63 47.21
CA ASN E 383 -6.18 -35.00 48.29
C ASN E 383 -6.90 -35.08 49.62
N GLY E 384 -7.61 -34.00 49.96
CA GLY E 384 -8.35 -33.90 51.21
C GLY E 384 -9.35 -35.03 51.39
N GLN E 385 -9.85 -35.56 50.29
CA GLN E 385 -10.81 -36.65 50.40
C GLN E 385 -10.23 -37.85 51.16
N HIS E 386 -8.93 -38.00 51.08
CA HIS E 386 -8.28 -39.21 51.59
C HIS E 386 -7.53 -38.88 52.87
N ALA E 387 -7.81 -37.70 53.40
CA ALA E 387 -7.22 -37.32 54.66
C ALA E 387 -8.29 -37.13 55.71
N PHE E 388 -9.14 -36.13 55.53
CA PHE E 388 -9.99 -35.68 56.63
C PHE E 388 -11.48 -35.70 56.35
N TYR E 389 -11.92 -36.04 55.14
CA TYR E 389 -13.40 -36.07 54.88
C TYR E 389 -14.16 -37.11 55.69
N GLN E 390 -13.46 -38.14 56.18
CA GLN E 390 -14.03 -39.08 57.16
C GLN E 390 -14.70 -38.27 58.28
N LEU E 391 -13.99 -37.30 58.83
CA LEU E 391 -14.54 -36.48 59.91
C LEU E 391 -15.67 -35.61 59.41
N ILE E 392 -15.48 -35.03 58.22
CA ILE E 392 -16.49 -34.13 57.67
C ILE E 392 -17.81 -34.84 57.51
N HIS E 393 -17.76 -36.12 57.14
CA HIS E 393 -18.94 -36.92 56.87
C HIS E 393 -19.50 -37.57 58.14
N GLN E 394 -18.60 -38.04 58.97
CA GLN E 394 -19.05 -38.94 60.02
C GLN E 394 -18.60 -38.56 61.42
N GLY E 395 -18.00 -37.39 61.60
CA GLY E 395 -17.57 -36.96 62.92
C GLY E 395 -18.69 -36.25 63.69
N THR E 396 -18.31 -35.56 64.77
CA THR E 396 -19.30 -34.88 65.60
C THR E 396 -19.10 -33.37 65.51
N LYS E 397 -18.43 -32.94 64.46
CA LYS E 397 -18.24 -31.51 64.23
C LYS E 397 -18.75 -31.16 62.86
N MET E 398 -19.59 -30.13 62.83
CA MET E 398 -20.14 -29.63 61.57
C MET E 398 -19.15 -28.65 60.95
N VAL E 399 -18.75 -28.96 59.73
CA VAL E 399 -17.80 -28.13 59.00
C VAL E 399 -18.42 -27.71 57.68
N PRO E 400 -18.99 -26.47 57.63
CA PRO E 400 -19.44 -25.99 56.31
C PRO E 400 -18.25 -25.97 55.35
N CYS E 401 -18.47 -26.45 54.12
CA CYS E 401 -17.44 -26.51 53.09
C CYS E 401 -17.75 -25.69 51.83
N ASP E 402 -16.75 -24.93 51.37
CA ASP E 402 -16.79 -24.37 50.01
C ASP E 402 -16.03 -25.29 49.05
N PHE E 403 -16.79 -25.94 48.18
CA PHE E 403 -16.20 -26.74 47.12
C PHE E 403 -15.99 -25.84 45.90
N ILE E 404 -14.77 -25.80 45.37
CA ILE E 404 -14.47 -24.98 44.20
C ILE E 404 -13.88 -25.80 43.04
N ALA E 405 -14.32 -25.56 41.81
CA ALA E 405 -13.74 -26.29 40.67
C ALA E 405 -13.98 -25.61 39.32
N PRO E 406 -13.02 -25.72 38.39
CA PRO E 406 -13.17 -25.22 37.01
C PRO E 406 -13.64 -26.30 36.02
N ALA E 407 -14.48 -25.90 35.06
CA ALA E 407 -14.99 -26.81 34.02
C ALA E 407 -13.87 -27.22 33.10
N ILE E 408 -12.90 -26.34 32.96
CA ILE E 408 -11.76 -26.57 32.06
C ILE E 408 -10.44 -26.66 32.84
N THR E 409 -9.62 -27.64 32.48
CA THR E 409 -8.29 -27.78 33.07
C THR E 409 -7.22 -27.27 32.09
N HIS E 410 -6.10 -26.71 32.61
CA HIS E 410 -4.96 -26.40 31.73
C HIS E 410 -4.06 -27.60 31.46
N ASN E 411 -4.39 -28.75 32.05
CA ASN E 411 -3.62 -29.94 31.79
C ASN E 411 -4.51 -31.09 31.37
N PRO E 412 -5.21 -30.96 30.22
CA PRO E 412 -6.09 -32.07 29.85
C PRO E 412 -5.28 -33.37 29.71
N LEU E 413 -5.82 -34.46 30.23
CA LEU E 413 -5.12 -35.74 30.21
C LEU E 413 -6.10 -36.89 30.36
N SER E 414 -6.26 -37.68 29.30
CA SER E 414 -7.35 -38.66 29.21
C SER E 414 -8.59 -38.21 30.00
N ASP E 415 -9.04 -39.02 30.96
CA ASP E 415 -10.27 -38.71 31.67
C ASP E 415 -10.08 -38.18 33.09
N HIS E 416 -8.87 -37.69 33.37
CA HIS E 416 -8.52 -37.09 34.65
C HIS E 416 -9.47 -36.02 35.10
N HIS E 417 -9.80 -35.10 34.20
CA HIS E 417 -10.57 -33.96 34.66
C HIS E 417 -12.00 -34.33 34.99
N GLN E 418 -12.59 -35.17 34.14
CA GLN E 418 -13.92 -35.69 34.38
C GLN E 418 -13.98 -36.50 35.67
N LYS E 419 -12.89 -37.18 36.02
CA LYS E 419 -12.85 -37.93 37.28
C LYS E 419 -12.76 -36.93 38.42
N LEU E 420 -11.88 -35.96 38.26
CA LEU E 420 -11.79 -34.90 39.23
C LEU E 420 -13.16 -34.29 39.49
N LEU E 421 -13.88 -33.88 38.43
CA LEU E 421 -15.17 -33.21 38.63
C LEU E 421 -16.27 -34.11 39.16
N SER E 422 -16.17 -35.42 38.90
CA SER E 422 -17.19 -36.33 39.37
C SER E 422 -17.08 -36.40 40.89
N ASN E 423 -15.86 -36.27 41.44
CA ASN E 423 -15.69 -36.23 42.88
C ASN E 423 -16.21 -34.91 43.45
N PHE E 424 -16.05 -33.84 42.68
CA PHE E 424 -16.53 -32.53 43.07
C PHE E 424 -18.05 -32.56 43.21
N PHE E 425 -18.76 -33.13 42.24
CA PHE E 425 -20.22 -33.16 42.33
C PHE E 425 -20.68 -34.10 43.44
N ALA E 426 -20.08 -35.29 43.48
CA ALA E 426 -20.51 -36.36 44.35
C ALA E 426 -20.32 -36.06 45.82
N GLN E 427 -19.25 -35.37 46.17
CA GLN E 427 -18.97 -35.12 47.58
C GLN E 427 -20.00 -34.21 48.26
N THR E 428 -20.44 -33.17 47.54
CA THR E 428 -21.49 -32.27 48.09
C THR E 428 -22.84 -32.98 48.07
N GLU E 429 -23.02 -33.86 47.11
CA GLU E 429 -24.22 -34.66 47.10
C GLU E 429 -24.23 -35.57 48.33
N ALA E 430 -23.08 -36.19 48.61
CA ALA E 430 -22.98 -37.13 49.72
C ALA E 430 -23.22 -36.41 51.05
N LEU E 431 -22.52 -35.29 51.25
CA LEU E 431 -22.66 -34.50 52.47
C LEU E 431 -24.09 -34.13 52.74
N ALA E 432 -24.83 -33.72 51.73
CA ALA E 432 -26.20 -33.22 51.95
C ALA E 432 -27.21 -34.35 52.22
N PHE E 433 -27.10 -35.46 51.51
CA PHE E 433 -28.21 -36.40 51.53
C PHE E 433 -27.89 -37.71 52.23
N GLY E 434 -26.61 -38.01 52.36
CA GLY E 434 -26.21 -39.16 53.14
C GLY E 434 -26.67 -40.49 52.60
N LYS E 435 -26.89 -41.43 53.50
CA LYS E 435 -27.18 -42.82 53.16
C LYS E 435 -27.77 -43.56 54.37
N SER E 436 -29.03 -43.98 54.26
CA SER E 436 -29.72 -44.66 55.39
C SER E 436 -29.18 -46.08 55.63
N ARG E 437 -29.51 -46.60 56.80
CA ARG E 437 -29.25 -47.98 57.18
C ARG E 437 -29.91 -48.93 56.19
N GLU E 438 -31.17 -48.63 55.86
CA GLU E 438 -31.91 -49.35 54.82
C GLU E 438 -31.10 -49.53 53.53
N VAL E 439 -30.49 -48.46 53.03
CA VAL E 439 -29.73 -48.56 51.78
C VAL E 439 -28.48 -49.45 52.01
N VAL E 440 -27.81 -49.25 53.14
CA VAL E 440 -26.66 -50.08 53.50
C VAL E 440 -27.02 -51.56 53.51
N GLU E 441 -28.15 -51.90 54.13
CA GLU E 441 -28.65 -53.29 54.19
C GLU E 441 -29.05 -53.80 52.80
N GLN E 442 -29.76 -52.98 52.03
CA GLN E 442 -30.08 -53.37 50.65
C GLN E 442 -28.83 -53.76 49.85
N GLU E 443 -27.76 -52.99 49.93
CA GLU E 443 -26.55 -53.25 49.14
C GLU E 443 -25.91 -54.61 49.50
N TYR E 444 -25.99 -54.95 50.78
CA TYR E 444 -25.50 -56.22 51.29
C TYR E 444 -26.29 -57.43 50.78
N ARG E 445 -27.61 -57.27 50.65
CA ARG E 445 -28.46 -58.34 50.11
C ARG E 445 -28.23 -58.55 48.62
N ASP E 446 -27.91 -57.45 47.91
CA ASP E 446 -27.59 -57.52 46.49
C ASP E 446 -26.26 -58.24 46.29
N GLN E 447 -25.46 -58.32 47.34
CA GLN E 447 -24.28 -59.20 47.38
C GLN E 447 -24.65 -60.57 47.96
N GLY E 448 -25.95 -60.86 48.03
CA GLY E 448 -26.44 -62.13 48.60
C GLY E 448 -26.24 -62.30 50.10
N LYS E 449 -25.75 -61.25 50.77
CA LYS E 449 -25.44 -61.33 52.21
C LYS E 449 -26.62 -61.04 53.13
N ASP E 450 -26.48 -61.46 54.38
CA ASP E 450 -27.52 -61.37 55.39
C ASP E 450 -27.21 -60.26 56.38
N PRO E 451 -27.91 -59.11 56.25
CA PRO E 451 -27.62 -57.94 57.09
C PRO E 451 -27.91 -58.20 58.57
N ALA E 452 -28.84 -59.11 58.85
CA ALA E 452 -29.10 -59.57 60.23
C ALA E 452 -27.85 -60.17 60.86
N THR E 453 -26.92 -60.65 60.05
CA THR E 453 -25.69 -61.20 60.59
C THR E 453 -24.51 -60.22 60.56
N LEU E 454 -24.72 -58.98 60.16
CA LEU E 454 -23.60 -58.05 59.96
C LEU E 454 -23.64 -56.86 60.89
N ASP E 455 -24.27 -57.04 62.04
CA ASP E 455 -24.47 -55.95 62.97
C ASP E 455 -23.16 -55.39 63.50
N TYR E 456 -22.06 -56.10 63.26
CA TYR E 456 -20.76 -55.62 63.70
C TYR E 456 -20.18 -54.59 62.73
N VAL E 457 -20.85 -54.37 61.61
CA VAL E 457 -20.34 -53.47 60.58
C VAL E 457 -21.43 -52.51 60.08
N VAL E 458 -22.65 -53.01 59.92
CA VAL E 458 -23.72 -52.24 59.31
C VAL E 458 -23.91 -50.81 59.85
N PRO E 459 -24.10 -50.66 61.18
CA PRO E 459 -24.39 -49.34 61.77
C PRO E 459 -23.30 -48.31 61.52
N PHE E 460 -22.09 -48.78 61.22
CA PHE E 460 -20.98 -47.85 60.98
C PHE E 460 -20.97 -47.30 59.55
N LYS E 461 -21.79 -47.86 58.67
CA LYS E 461 -21.82 -47.45 57.27
C LYS E 461 -22.98 -46.49 56.98
N VAL E 462 -23.65 -46.08 58.03
CA VAL E 462 -24.71 -45.10 57.87
C VAL E 462 -24.12 -43.70 57.81
N PHE E 463 -24.68 -42.90 56.90
CA PHE E 463 -24.25 -41.53 56.72
C PHE E 463 -25.48 -40.69 57.04
N GLU E 464 -25.35 -39.83 58.05
CA GLU E 464 -26.46 -38.99 58.51
C GLU E 464 -26.82 -37.91 57.50
N GLY E 465 -25.81 -37.41 56.80
CA GLY E 465 -26.01 -36.33 55.85
C GLY E 465 -26.28 -35.03 56.59
N ASN E 466 -27.06 -34.15 55.95
CA ASN E 466 -27.43 -32.85 56.48
C ASN E 466 -26.22 -31.98 56.76
N ARG E 467 -25.19 -32.18 55.94
CA ARG E 467 -23.96 -31.41 56.09
C ARG E 467 -23.83 -30.40 54.96
N PRO E 468 -23.75 -29.09 55.33
CA PRO E 468 -23.92 -28.00 54.36
C PRO E 468 -22.68 -27.73 53.53
N THR E 469 -22.87 -27.35 52.27
CA THR E 469 -21.77 -26.93 51.41
C THR E 469 -22.22 -25.87 50.42
N ASN E 470 -21.24 -25.11 49.93
CA ASN E 470 -21.36 -24.22 48.78
C ASN E 470 -20.54 -24.85 47.67
N SER E 471 -21.03 -24.78 46.44
CA SER E 471 -20.23 -25.21 45.33
C SER E 471 -19.98 -24.01 44.47
N ILE E 472 -18.72 -23.73 44.17
CA ILE E 472 -18.42 -22.69 43.20
C ILE E 472 -17.84 -23.30 41.94
N LEU E 473 -18.58 -23.20 40.85
CA LEU E 473 -18.12 -23.75 39.58
C LEU E 473 -17.77 -22.63 38.61
N LEU E 474 -16.46 -22.54 38.31
CA LEU E 474 -15.92 -21.60 37.32
C LEU E 474 -15.76 -22.28 35.94
N ARG E 475 -15.76 -21.48 34.87
CA ARG E 475 -15.39 -21.96 33.55
C ARG E 475 -13.94 -22.49 33.58
N GLU E 476 -13.07 -21.75 34.26
CA GLU E 476 -11.62 -22.00 34.16
C GLU E 476 -10.91 -21.09 35.15
N ILE E 477 -9.77 -21.55 35.67
CA ILE E 477 -8.93 -20.70 36.49
C ILE E 477 -8.02 -19.88 35.58
N THR E 478 -8.38 -18.61 35.42
CA THR E 478 -7.64 -17.67 34.58
C THR E 478 -7.18 -16.55 35.52
N PRO E 479 -6.28 -15.65 35.07
CA PRO E 479 -5.97 -14.56 36.01
C PRO E 479 -7.22 -13.69 36.31
N PHE E 480 -8.07 -13.50 35.31
CA PHE E 480 -9.34 -12.83 35.55
C PHE E 480 -10.22 -13.54 36.59
N SER E 481 -10.56 -14.80 36.35
CA SER E 481 -11.46 -15.52 37.28
C SER E 481 -10.89 -15.57 38.70
N LEU E 482 -9.57 -15.77 38.82
CA LEU E 482 -8.92 -15.88 40.12
C LEU E 482 -8.93 -14.51 40.84
N GLY E 483 -8.66 -13.44 40.09
CA GLY E 483 -8.86 -12.07 40.59
C GLY E 483 -10.26 -11.92 41.18
N ALA E 484 -11.26 -12.33 40.41
CA ALA E 484 -12.67 -12.23 40.88
C ALA E 484 -12.90 -13.06 42.16
N LEU E 485 -12.37 -14.28 42.18
CA LEU E 485 -12.59 -15.25 43.28
C LEU E 485 -11.98 -14.81 44.60
N ILE E 486 -10.73 -14.33 44.54
CA ILE E 486 -10.11 -13.79 45.72
C ILE E 486 -10.90 -12.59 46.25
N ALA E 487 -11.29 -11.69 45.35
CA ALA E 487 -12.04 -10.52 45.77
C ALA E 487 -13.37 -10.99 46.34
N LEU E 488 -13.95 -12.07 45.82
CA LEU E 488 -15.19 -12.61 46.39
C LEU E 488 -15.06 -12.77 47.91
N TYR E 489 -14.00 -13.49 48.31
CA TYR E 489 -13.73 -13.73 49.72
C TYR E 489 -13.34 -12.50 50.50
N GLU E 490 -12.54 -11.60 49.93
CA GLU E 490 -12.23 -10.34 50.60
C GLU E 490 -13.49 -9.57 51.01
N HIS E 491 -14.50 -9.58 50.14
CA HIS E 491 -15.73 -8.87 50.46
C HIS E 491 -16.70 -9.68 51.33
N LYS E 492 -16.61 -11.00 51.24
CA LYS E 492 -17.36 -11.83 52.19
C LYS E 492 -16.83 -11.54 53.59
N ILE E 493 -15.50 -11.44 53.71
CA ILE E 493 -14.83 -11.12 54.97
C ILE E 493 -15.18 -9.69 55.50
N PHE E 494 -15.08 -8.68 54.64
CA PHE E 494 -15.56 -7.34 55.00
C PHE E 494 -16.99 -7.33 55.55
N THR E 495 -17.90 -7.94 54.80
CA THR E 495 -19.28 -8.08 55.20
C THR E 495 -19.41 -8.70 56.60
N GLN E 496 -18.83 -9.88 56.81
CA GLN E 496 -18.83 -10.46 58.13
C GLN E 496 -18.37 -9.49 59.21
N GLY E 497 -17.23 -8.85 59.01
CA GLY E 497 -16.73 -7.88 59.98
C GLY E 497 -17.63 -6.67 60.27
N VAL E 498 -18.36 -6.19 59.27
CA VAL E 498 -19.30 -5.07 59.50
C VAL E 498 -20.44 -5.50 60.44
N ILE E 499 -21.09 -6.61 60.08
CA ILE E 499 -22.19 -7.15 60.84
C ILE E 499 -21.78 -7.55 62.27
N LEU E 500 -20.64 -8.22 62.40
CA LEU E 500 -20.14 -8.62 63.72
C LEU E 500 -19.57 -7.43 64.52
N ASN E 501 -19.63 -6.25 63.95
CA ASN E 501 -19.19 -5.03 64.65
C ASN E 501 -17.75 -5.08 65.13
N ILE E 502 -16.87 -5.59 64.27
CA ILE E 502 -15.44 -5.63 64.57
C ILE E 502 -14.56 -4.87 63.58
N PHE E 503 -13.32 -4.62 63.96
CA PHE E 503 -12.37 -3.99 63.02
C PHE E 503 -11.66 -5.09 62.22
N THR E 504 -12.02 -5.14 60.95
CA THR E 504 -11.57 -6.15 60.03
C THR E 504 -10.16 -5.86 59.52
N PHE E 505 -9.65 -4.65 59.72
CA PHE E 505 -8.41 -4.28 59.03
C PHE E 505 -7.20 -3.95 59.85
N ASP E 506 -7.29 -4.14 61.17
CA ASP E 506 -6.10 -4.04 62.01
C ASP E 506 -5.67 -5.42 62.50
N GLN E 507 -4.57 -5.49 63.25
CA GLN E 507 -4.08 -6.77 63.75
C GLN E 507 -3.21 -6.58 64.99
N TRP E 508 -3.79 -5.96 66.01
CA TRP E 508 -3.05 -5.68 67.26
C TRP E 508 -2.63 -6.94 68.00
N GLY E 509 -3.28 -8.04 67.63
CA GLY E 509 -3.11 -9.35 68.25
C GLY E 509 -1.72 -9.94 68.08
N VAL E 510 -0.96 -9.41 67.12
CA VAL E 510 0.40 -9.90 66.85
C VAL E 510 1.49 -9.26 67.71
N GLU E 511 1.16 -8.17 68.41
CA GLU E 511 2.13 -7.42 69.20
C GLU E 511 2.78 -8.16 70.35
N LEU E 512 1.98 -8.83 71.17
CA LEU E 512 2.48 -9.40 72.42
C LEU E 512 3.62 -10.40 72.17
N GLY E 513 3.44 -11.26 71.18
CA GLY E 513 4.44 -12.27 70.83
C GLY E 513 5.75 -11.65 70.37
N LYS E 514 5.64 -10.61 69.54
CA LYS E 514 6.80 -9.86 69.08
C LYS E 514 7.58 -9.24 70.23
N GLN E 515 6.87 -8.56 71.10
CA GLN E 515 7.57 -7.94 72.20
C GLN E 515 8.14 -8.95 73.20
N LEU E 516 7.46 -10.08 73.39
CA LEU E 516 8.05 -11.11 74.27
C LEU E 516 9.25 -11.77 73.60
N ALA E 517 9.24 -11.94 72.26
CA ALA E 517 10.39 -12.52 71.54
C ALA E 517 11.60 -11.58 71.58
N ASN E 518 11.33 -10.28 71.52
CA ASN E 518 12.39 -9.26 71.63
C ASN E 518 13.12 -9.29 72.95
N ARG E 519 12.37 -9.53 74.04
CA ARG E 519 12.95 -9.73 75.37
C ARG E 519 13.76 -11.03 75.45
N ILE E 520 13.25 -12.08 74.80
CA ILE E 520 13.91 -13.38 74.89
C ILE E 520 15.23 -13.49 74.12
N LEU E 521 15.29 -12.88 72.93
CA LEU E 521 16.44 -13.06 72.04
C LEU E 521 17.81 -12.74 72.70
N PRO E 522 17.92 -11.60 73.40
CA PRO E 522 19.19 -11.26 74.05
C PRO E 522 19.57 -12.27 75.12
N GLU E 523 18.57 -12.95 75.70
CA GLU E 523 18.78 -13.91 76.78
C GLU E 523 19.33 -15.24 76.26
N LEU E 524 19.17 -15.49 74.97
CA LEU E 524 19.66 -16.75 74.38
C LEU E 524 21.11 -16.65 73.96
N LYS E 525 21.65 -15.44 73.92
CA LYS E 525 23.02 -15.26 73.45
C LYS E 525 24.07 -15.93 74.34
N ASP E 526 23.97 -15.78 75.65
CA ASP E 526 24.99 -16.34 76.54
C ASP E 526 24.63 -17.71 77.12
N ASP E 527 25.46 -18.16 78.06
CA ASP E 527 25.30 -19.47 78.67
C ASP E 527 24.65 -19.47 80.05
N LYS E 528 24.30 -18.29 80.55
CA LYS E 528 23.71 -18.17 81.86
C LYS E 528 22.31 -18.78 81.91
N GLU E 529 22.00 -19.35 83.06
CA GLU E 529 20.68 -19.88 83.35
C GLU E 529 19.71 -18.71 83.40
N ILE E 530 18.55 -18.87 82.74
CA ILE E 530 17.52 -17.83 82.70
C ILE E 530 16.43 -18.08 83.73
N SER E 531 16.00 -17.03 84.42
CA SER E 531 14.97 -17.20 85.43
C SER E 531 14.11 -15.95 85.52
N SER E 532 14.05 -15.21 84.42
CA SER E 532 13.27 -13.98 84.38
C SER E 532 11.80 -14.18 84.00
N HIS E 533 11.41 -15.41 83.66
CA HIS E 533 10.05 -15.69 83.22
C HIS E 533 9.30 -16.58 84.20
N ASP E 534 8.09 -16.99 83.83
CA ASP E 534 7.36 -18.08 84.49
C ASP E 534 8.22 -19.34 84.40
N SER E 535 7.87 -20.38 85.15
CA SER E 535 8.75 -21.53 85.29
C SER E 535 8.87 -22.38 84.02
N SER E 536 7.84 -22.35 83.19
CA SER E 536 7.82 -23.09 81.92
C SER E 536 8.77 -22.47 80.86
N THR E 537 8.57 -21.17 80.58
CA THR E 537 9.45 -20.42 79.69
C THR E 537 10.92 -20.59 80.14
N ASN E 538 11.17 -20.47 81.43
CA ASN E 538 12.52 -20.61 81.99
C ASN E 538 13.03 -22.00 81.70
N GLY E 539 12.18 -22.99 81.94
CA GLY E 539 12.55 -24.40 81.77
C GLY E 539 12.84 -24.78 80.34
N LEU E 540 12.03 -24.25 79.43
CA LEU E 540 12.25 -24.45 78.00
C LEU E 540 13.54 -23.77 77.53
N ILE E 541 13.73 -22.53 77.92
CA ILE E 541 14.93 -21.81 77.49
C ILE E 541 16.19 -22.51 77.95
N ASN E 542 16.20 -22.98 79.21
CA ASN E 542 17.37 -23.57 79.82
C ASN E 542 17.68 -24.94 79.30
N ARG E 543 16.63 -25.73 79.05
CA ARG E 543 16.83 -27.01 78.38
C ARG E 543 17.45 -26.79 77.00
N TYR E 544 16.99 -25.75 76.32
CA TYR E 544 17.47 -25.45 74.98
C TYR E 544 18.97 -25.14 75.01
N LYS E 545 19.39 -24.34 76.00
CA LYS E 545 20.81 -24.02 76.15
C LYS E 545 21.63 -25.26 76.47
N ALA E 546 21.05 -26.18 77.23
CA ALA E 546 21.74 -27.42 77.58
C ALA E 546 21.91 -28.30 76.33
N TRP E 547 20.95 -28.20 75.41
CA TRP E 547 20.84 -29.13 74.30
C TRP E 547 21.36 -28.61 72.95
N ARG E 548 21.70 -27.32 72.90
CA ARG E 548 22.03 -26.67 71.64
C ARG E 548 23.48 -26.87 71.24
N GLY E 549 24.25 -27.51 72.12
CA GLY E 549 25.66 -27.79 71.85
C GLY E 549 26.41 -28.33 73.07
N MET F 1 -11.13 -56.40 73.70
CA MET F 1 -10.89 -55.12 74.42
C MET F 1 -12.28 -54.57 74.82
N LYS F 2 -12.34 -53.69 75.81
CA LYS F 2 -13.63 -53.25 76.34
C LYS F 2 -14.26 -52.10 75.54
N ASN F 3 -15.56 -51.91 75.73
CA ASN F 3 -16.31 -50.91 74.98
C ASN F 3 -17.11 -50.05 75.95
N ILE F 4 -16.41 -49.38 76.83
CA ILE F 4 -17.04 -48.60 77.88
C ILE F 4 -17.42 -47.21 77.37
N ASN F 5 -18.69 -46.84 77.57
CA ASN F 5 -19.17 -45.50 77.26
C ASN F 5 -18.55 -44.53 78.26
N PRO F 6 -17.68 -43.62 77.79
CA PRO F 6 -16.90 -42.79 78.71
C PRO F 6 -17.77 -41.88 79.58
N THR F 7 -18.90 -41.44 79.02
CA THR F 7 -19.84 -40.56 79.72
C THR F 7 -20.60 -41.26 80.86
N GLN F 8 -20.66 -42.60 80.84
CA GLN F 8 -21.21 -43.35 81.98
C GLN F 8 -20.11 -43.99 82.84
N THR F 9 -19.20 -43.15 83.33
CA THR F 9 -18.26 -43.58 84.32
C THR F 9 -18.32 -42.62 85.50
N ALA F 10 -17.81 -43.07 86.64
CA ALA F 10 -17.72 -42.23 87.82
C ALA F 10 -16.70 -41.14 87.53
N ALA F 11 -15.66 -41.51 86.78
CA ALA F 11 -14.60 -40.56 86.42
C ALA F 11 -15.14 -39.39 85.59
N TRP F 12 -16.03 -39.67 84.65
CA TRP F 12 -16.59 -38.58 83.85
C TRP F 12 -17.42 -37.64 84.75
N GLN F 13 -18.34 -38.22 85.49
CA GLN F 13 -19.06 -37.51 86.54
C GLN F 13 -18.19 -36.58 87.39
N ALA F 14 -17.09 -37.10 87.91
CA ALA F 14 -16.17 -36.28 88.69
C ALA F 14 -15.52 -35.18 87.85
N LEU F 15 -15.20 -35.49 86.60
CA LEU F 15 -14.63 -34.51 85.68
C LEU F 15 -15.63 -33.36 85.38
N GLN F 16 -16.90 -33.68 85.21
CA GLN F 16 -17.91 -32.68 84.86
C GLN F 16 -18.02 -31.65 85.98
N LYS F 17 -18.00 -32.16 87.20
CA LYS F 17 -18.06 -31.37 88.41
C LYS F 17 -16.79 -30.52 88.60
N HIS F 18 -15.64 -31.13 88.38
CA HIS F 18 -14.34 -30.44 88.44
C HIS F 18 -14.27 -29.34 87.38
N PHE F 19 -14.76 -29.64 86.19
CA PHE F 19 -14.85 -28.62 85.15
C PHE F 19 -15.62 -27.37 85.60
N ASP F 20 -16.79 -27.59 86.19
CA ASP F 20 -17.61 -26.48 86.64
C ASP F 20 -16.89 -25.58 87.65
N GLU F 21 -15.99 -26.17 88.44
CA GLU F 21 -15.20 -25.39 89.39
C GLU F 21 -13.92 -24.81 88.77
N MET F 22 -13.47 -25.40 87.66
CA MET F 22 -12.18 -25.05 87.02
C MET F 22 -12.30 -24.11 85.84
N LYS F 23 -13.50 -23.97 85.30
CA LYS F 23 -13.66 -23.42 83.96
C LYS F 23 -13.13 -22.01 83.82
N ASP F 24 -13.06 -21.30 84.94
CA ASP F 24 -12.68 -19.90 84.91
C ASP F 24 -11.27 -19.67 85.42
N VAL F 25 -10.67 -20.72 85.99
CA VAL F 25 -9.30 -20.65 86.50
C VAL F 25 -8.35 -20.24 85.39
N THR F 26 -7.34 -19.43 85.71
CA THR F 26 -6.40 -18.97 84.68
C THR F 26 -5.03 -19.64 84.79
N ILE F 27 -4.38 -19.79 83.65
CA ILE F 27 -3.03 -20.36 83.63
C ILE F 27 -2.10 -19.50 84.47
N ALA F 28 -2.28 -18.17 84.40
CA ALA F 28 -1.46 -17.23 85.16
C ALA F 28 -1.50 -17.55 86.67
N ASP F 29 -2.72 -17.80 87.17
CA ASP F 29 -2.96 -18.12 88.59
C ASP F 29 -2.30 -19.42 89.00
N LEU F 30 -2.35 -20.42 88.11
CA LEU F 30 -1.78 -21.74 88.39
C LEU F 30 -0.28 -21.66 88.56
N PHE F 31 0.33 -20.81 87.76
CA PHE F 31 1.78 -20.57 87.83
C PHE F 31 2.14 -19.69 89.04
N ALA F 32 1.30 -18.71 89.34
CA ALA F 32 1.54 -17.81 90.46
C ALA F 32 1.55 -18.55 91.81
N LYS F 33 0.78 -19.63 91.91
CA LYS F 33 0.70 -20.39 93.14
C LYS F 33 1.78 -21.45 93.30
N ASP F 34 2.50 -21.76 92.22
CA ASP F 34 3.49 -22.84 92.30
C ASP F 34 4.70 -22.63 91.39
N GLY F 35 5.84 -22.26 91.99
CA GLY F 35 7.08 -22.01 91.26
C GLY F 35 7.67 -23.27 90.64
N ASP F 36 7.29 -24.43 91.15
CA ASP F 36 7.76 -25.67 90.58
C ASP F 36 6.73 -26.30 89.59
N ARG F 37 5.81 -25.50 89.05
CA ARG F 37 4.83 -26.00 88.09
C ARG F 37 5.47 -26.64 86.86
N PHE F 38 6.48 -26.00 86.31
CA PHE F 38 7.14 -26.60 85.14
C PHE F 38 7.62 -28.02 85.42
N SER F 39 8.32 -28.26 86.53
CA SER F 39 8.83 -29.62 86.74
C SER F 39 7.74 -30.63 87.07
N LYS F 40 6.59 -30.15 87.53
CA LYS F 40 5.48 -31.06 87.84
C LYS F 40 4.65 -31.46 86.62
N PHE F 41 4.78 -30.70 85.55
CA PHE F 41 3.92 -30.89 84.40
C PHE F 41 4.75 -30.99 83.10
N SER F 42 5.90 -31.63 83.21
CA SER F 42 6.69 -31.92 82.02
C SER F 42 7.43 -33.25 82.21
N ALA F 43 7.87 -33.83 81.10
CA ALA F 43 8.69 -35.05 81.11
C ALA F 43 9.49 -35.15 79.83
N THR F 44 10.65 -35.79 79.92
CA THR F 44 11.55 -35.97 78.80
C THR F 44 11.66 -37.43 78.41
N PHE F 45 11.44 -37.69 77.13
CA PHE F 45 11.57 -39.01 76.53
C PHE F 45 12.97 -39.21 75.98
N ASP F 46 13.54 -40.40 76.25
CA ASP F 46 14.86 -40.84 75.75
C ASP F 46 15.93 -39.74 75.78
N ASP F 47 15.88 -38.91 76.82
CA ASP F 47 16.81 -37.78 76.99
C ASP F 47 17.00 -36.90 75.73
N GLN F 48 15.93 -36.71 74.97
CA GLN F 48 16.05 -35.94 73.72
C GLN F 48 14.76 -35.24 73.28
N MET F 49 13.62 -35.63 73.85
CA MET F 49 12.36 -34.96 73.57
C MET F 49 11.69 -34.52 74.86
N LEU F 50 11.88 -33.25 75.21
CA LEU F 50 11.16 -32.60 76.33
C LEU F 50 9.73 -32.25 75.94
N VAL F 51 8.78 -32.77 76.69
CA VAL F 51 7.39 -32.44 76.47
C VAL F 51 6.87 -31.64 77.66
N ASP F 52 6.57 -30.37 77.44
CA ASP F 52 6.15 -29.49 78.53
C ASP F 52 4.65 -29.23 78.42
N TYR F 53 3.89 -29.82 79.34
CA TYR F 53 2.42 -29.67 79.33
C TYR F 53 1.94 -28.71 80.43
N SER F 54 2.83 -27.82 80.89
CA SER F 54 2.52 -26.98 82.07
C SER F 54 1.65 -25.77 81.78
N LYS F 55 1.67 -25.28 80.54
CA LYS F 55 0.85 -24.13 80.17
C LYS F 55 -0.53 -24.56 79.78
N ASN F 56 -1.15 -25.33 80.66
CA ASN F 56 -2.48 -25.87 80.39
C ASN F 56 -3.46 -25.56 81.48
N ARG F 57 -4.76 -25.56 81.14
CA ARG F 57 -5.78 -25.27 82.14
C ARG F 57 -6.10 -26.50 82.99
N ILE F 58 -5.06 -26.97 83.68
CA ILE F 58 -5.13 -28.22 84.44
C ILE F 58 -4.36 -28.09 85.73
N THR F 59 -4.81 -28.83 86.75
CA THR F 59 -4.07 -28.95 87.99
C THR F 59 -3.79 -30.44 88.21
N GLU F 60 -3.07 -30.76 89.29
CA GLU F 60 -2.74 -32.14 89.64
C GLU F 60 -4.03 -32.93 89.79
N GLU F 61 -5.05 -32.26 90.31
CA GLU F 61 -6.39 -32.84 90.47
C GLU F 61 -6.98 -33.14 89.10
N THR F 62 -6.79 -32.26 88.13
CA THR F 62 -7.39 -32.52 86.79
C THR F 62 -6.82 -33.80 86.23
N LEU F 63 -5.50 -33.91 86.27
CA LEU F 63 -4.81 -35.08 85.75
C LEU F 63 -5.18 -36.35 86.46
N ALA F 64 -5.40 -36.28 87.78
CA ALA F 64 -5.79 -37.48 88.52
C ALA F 64 -7.16 -37.94 88.07
N LYS F 65 -8.07 -36.99 87.88
CA LYS F 65 -9.40 -37.36 87.38
C LYS F 65 -9.38 -37.84 85.93
N LEU F 66 -8.50 -37.28 85.12
CA LEU F 66 -8.40 -37.75 83.74
C LEU F 66 -7.76 -39.13 83.72
N GLN F 67 -6.77 -39.34 84.57
CA GLN F 67 -6.16 -40.66 84.70
C GLN F 67 -7.20 -41.70 85.16
N ASP F 68 -8.11 -41.31 86.04
CA ASP F 68 -9.18 -42.20 86.48
C ASP F 68 -10.04 -42.62 85.30
N LEU F 69 -10.31 -41.67 84.39
CA LEU F 69 -11.10 -41.96 83.21
C LEU F 69 -10.44 -43.02 82.36
N ALA F 70 -9.15 -42.86 82.13
CA ALA F 70 -8.38 -43.85 81.38
C ALA F 70 -8.45 -45.24 82.03
N LYS F 71 -8.25 -45.29 83.34
CA LYS F 71 -8.36 -46.54 84.08
C LYS F 71 -9.73 -47.19 83.90
N GLU F 72 -10.78 -46.38 84.02
CA GLU F 72 -12.12 -46.92 84.03
C GLU F 72 -12.55 -47.43 82.68
N CYS F 73 -11.93 -46.91 81.63
CA CYS F 73 -12.22 -47.32 80.26
C CYS F 73 -11.31 -48.46 79.87
N ASP F 74 -10.41 -48.81 80.78
CA ASP F 74 -9.49 -49.92 80.59
C ASP F 74 -8.54 -49.65 79.45
N LEU F 75 -7.87 -48.51 79.50
CA LEU F 75 -6.86 -48.19 78.52
C LEU F 75 -5.76 -49.25 78.48
N ALA F 76 -5.30 -49.68 79.66
CA ALA F 76 -4.12 -50.54 79.72
C ALA F 76 -4.36 -51.86 78.99
N GLY F 77 -5.54 -52.44 79.15
CA GLY F 77 -5.85 -53.66 78.43
C GLY F 77 -6.10 -53.41 76.95
N ALA F 78 -6.56 -52.21 76.60
CA ALA F 78 -6.68 -51.85 75.19
C ALA F 78 -5.31 -51.79 74.54
N ILE F 79 -4.34 -51.15 75.19
CA ILE F 79 -2.97 -51.15 74.70
C ILE F 79 -2.44 -52.59 74.52
N LYS F 80 -2.60 -53.45 75.54
CA LYS F 80 -2.19 -54.85 75.41
C LYS F 80 -2.86 -55.56 74.23
N SER F 81 -4.15 -55.31 73.99
CA SER F 81 -4.85 -55.89 72.85
C SER F 81 -4.21 -55.53 71.50
N MET F 82 -3.88 -54.25 71.32
CA MET F 82 -3.26 -53.77 70.09
C MET F 82 -1.92 -54.46 69.87
N PHE F 83 -1.06 -54.34 70.85
CA PHE F 83 0.31 -54.81 70.75
C PHE F 83 0.44 -56.34 70.57
N SER F 84 -0.60 -57.08 70.97
CA SER F 84 -0.52 -58.54 70.98
C SER F 84 -1.16 -59.14 69.74
N GLY F 85 -1.77 -58.29 68.91
CA GLY F 85 -2.30 -58.72 67.62
C GLY F 85 -3.76 -59.14 67.67
N GLU F 86 -4.42 -58.84 68.78
CA GLU F 86 -5.88 -59.05 68.85
C GLU F 86 -6.54 -58.21 67.74
N LYS F 87 -7.65 -58.68 67.19
CA LYS F 87 -8.25 -58.04 66.02
C LYS F 87 -9.18 -56.91 66.46
N ILE F 88 -8.58 -55.85 67.00
CA ILE F 88 -9.35 -54.77 67.60
C ILE F 88 -10.12 -53.93 66.58
N ASN F 89 -9.77 -54.08 65.30
CA ASN F 89 -10.50 -53.46 64.19
C ASN F 89 -11.66 -54.38 63.91
N ARG F 90 -12.72 -54.25 64.68
CA ARG F 90 -13.81 -55.23 64.62
C ARG F 90 -14.71 -55.10 63.39
N THR F 91 -14.89 -53.88 62.90
CA THR F 91 -15.79 -53.70 61.74
C THR F 91 -15.23 -54.34 60.46
N GLU F 92 -13.91 -54.45 60.38
CA GLU F 92 -13.24 -55.10 59.26
C GLU F 92 -12.63 -56.44 59.67
N ASN F 93 -12.74 -56.76 60.97
CA ASN F 93 -12.17 -57.96 61.57
C ASN F 93 -10.69 -58.11 61.24
N ARG F 94 -9.90 -57.14 61.68
CA ARG F 94 -8.47 -57.11 61.39
C ARG F 94 -7.70 -56.74 62.63
N ALA F 95 -6.44 -57.18 62.70
CA ALA F 95 -5.51 -56.73 63.74
C ALA F 95 -5.04 -55.32 63.39
N VAL F 96 -4.30 -54.68 64.29
CA VAL F 96 -3.79 -53.33 64.05
C VAL F 96 -2.33 -53.33 64.44
N LEU F 97 -1.46 -53.46 63.45
CA LEU F 97 -0.08 -53.84 63.75
C LEU F 97 1.02 -52.98 63.16
N HIS F 98 0.77 -51.67 63.04
CA HIS F 98 1.85 -50.78 62.62
C HIS F 98 3.05 -50.86 63.59
N VAL F 99 2.79 -51.20 64.87
CA VAL F 99 3.88 -51.42 65.83
C VAL F 99 4.77 -52.61 65.41
N ALA F 100 4.16 -53.61 64.77
CA ALA F 100 4.93 -54.78 64.29
C ALA F 100 5.92 -54.41 63.17
N LEU F 101 5.55 -53.42 62.36
CA LEU F 101 6.40 -52.94 61.27
C LEU F 101 7.75 -52.43 61.72
N ARG F 102 7.78 -51.78 62.89
CA ARG F 102 8.99 -51.18 63.44
C ARG F 102 9.47 -51.91 64.72
N ASN F 103 8.97 -53.14 64.95
CA ASN F 103 9.42 -53.99 66.08
C ASN F 103 10.86 -54.49 65.97
N ARG F 104 11.82 -53.60 66.14
CA ARG F 104 13.25 -53.92 66.00
C ARG F 104 13.74 -55.07 66.90
N SER F 105 13.03 -55.35 67.98
CA SER F 105 13.56 -56.29 68.94
C SER F 105 13.10 -57.70 68.56
N ASN F 106 12.14 -57.75 67.64
CA ASN F 106 11.71 -58.99 67.02
C ASN F 106 10.97 -59.94 67.93
N THR F 107 10.43 -59.43 69.02
CA THR F 107 9.51 -60.24 69.82
C THR F 107 8.32 -60.68 68.96
N PRO F 108 8.04 -62.00 68.92
CA PRO F 108 6.94 -62.52 68.11
C PRO F 108 5.69 -61.73 68.35
N ILE F 109 4.93 -61.49 67.30
CA ILE F 109 3.61 -60.90 67.41
C ILE F 109 2.69 -61.70 66.51
N LEU F 110 1.77 -62.44 67.12
CA LEU F 110 1.01 -63.43 66.36
C LEU F 110 -0.35 -62.89 65.91
N VAL F 111 -0.72 -63.21 64.68
CA VAL F 111 -2.11 -63.14 64.23
C VAL F 111 -2.44 -64.44 63.51
N ASP F 112 -3.63 -64.96 63.80
CA ASP F 112 -4.04 -66.29 63.38
C ASP F 112 -3.01 -67.36 63.79
N GLY F 113 -2.47 -67.20 65.01
CA GLY F 113 -1.49 -68.11 65.59
C GLY F 113 -0.08 -68.06 65.03
N LYS F 114 0.19 -67.07 64.18
CA LYS F 114 1.37 -67.08 63.31
C LYS F 114 2.14 -65.77 63.44
N ASP F 115 3.41 -65.85 63.84
CA ASP F 115 4.25 -64.67 64.01
C ASP F 115 4.38 -63.85 62.71
N VAL F 116 4.01 -62.56 62.77
CA VAL F 116 4.08 -61.67 61.59
C VAL F 116 5.48 -61.14 61.37
N MET F 117 6.35 -61.35 62.33
CA MET F 117 7.69 -60.76 62.29
C MET F 117 8.58 -61.24 61.12
N PRO F 118 8.53 -62.55 60.77
CA PRO F 118 9.32 -63.01 59.63
C PRO F 118 8.93 -62.30 58.35
N GLU F 119 7.63 -62.24 58.05
CA GLU F 119 7.24 -61.62 56.78
C GLU F 119 7.51 -60.10 56.73
N VAL F 120 7.37 -59.43 57.89
CA VAL F 120 7.75 -58.02 58.01
C VAL F 120 9.20 -57.83 57.61
N ASN F 121 10.05 -58.66 58.20
CA ASN F 121 11.51 -58.56 58.05
C ASN F 121 11.97 -58.93 56.65
N ALA F 122 11.28 -59.88 56.02
CA ALA F 122 11.57 -60.24 54.62
C ALA F 122 11.33 -59.05 53.67
N VAL F 123 10.22 -58.33 53.85
CA VAL F 123 9.97 -57.14 53.03
C VAL F 123 11.04 -56.07 53.26
N LEU F 124 11.45 -55.90 54.52
CA LEU F 124 12.49 -54.91 54.84
C LEU F 124 13.80 -55.24 54.17
N GLU F 125 14.12 -56.54 54.06
CA GLU F 125 15.35 -56.98 53.42
C GLU F 125 15.31 -56.66 51.92
N LYS F 126 14.13 -56.84 51.35
CA LYS F 126 13.95 -56.61 49.92
C LYS F 126 14.07 -55.11 49.60
N MET F 127 13.52 -54.29 50.47
CA MET F 127 13.67 -52.82 50.34
C MET F 127 15.15 -52.42 50.44
N LYS F 128 15.84 -52.98 51.42
CA LYS F 128 17.24 -52.66 51.63
C LYS F 128 18.00 -52.92 50.34
N THR F 129 17.86 -54.10 49.75
CA THR F 129 18.67 -54.39 48.60
C THR F 129 18.17 -53.68 47.33
N PHE F 130 16.86 -53.52 47.18
CA PHE F 130 16.36 -52.74 46.04
C PHE F 130 16.87 -51.31 46.10
N SER F 131 16.96 -50.77 47.31
CA SER F 131 17.28 -49.39 47.46
C SER F 131 18.77 -49.16 47.23
N GLU F 132 19.61 -50.14 47.60
CA GLU F 132 21.05 -50.05 47.30
C GLU F 132 21.28 -50.13 45.79
N ALA F 133 20.46 -50.94 45.11
CA ALA F 133 20.57 -51.07 43.66
C ALA F 133 20.27 -49.72 42.99
N ILE F 134 19.16 -49.08 43.38
CA ILE F 134 18.78 -47.78 42.82
C ILE F 134 19.86 -46.76 43.12
N ILE F 135 20.19 -46.61 44.41
CA ILE F 135 21.01 -45.53 44.91
C ILE F 135 22.45 -45.58 44.39
N SER F 136 23.00 -46.78 44.24
CA SER F 136 24.38 -46.98 43.80
C SER F 136 24.56 -46.80 42.29
N GLY F 137 23.45 -46.74 41.55
CA GLY F 137 23.51 -46.65 40.09
C GLY F 137 23.64 -48.00 39.37
N GLU F 138 23.58 -49.10 40.11
CA GLU F 138 23.63 -50.43 39.47
C GLU F 138 22.37 -50.81 38.71
N TRP F 139 21.21 -50.45 39.25
CA TRP F 139 19.94 -50.64 38.58
C TRP F 139 19.83 -49.58 37.48
N LYS F 140 19.85 -50.04 36.23
CA LYS F 140 19.83 -49.16 35.06
C LYS F 140 18.44 -49.02 34.47
N GLY F 141 18.15 -47.85 33.92
CA GLY F 141 17.00 -47.68 33.05
C GLY F 141 17.11 -48.45 31.73
N TYR F 142 16.05 -48.41 30.94
CA TYR F 142 15.95 -49.17 29.71
C TYR F 142 17.00 -48.77 28.65
N THR F 143 17.74 -47.68 28.87
CA THR F 143 18.83 -47.30 27.97
C THR F 143 20.20 -47.38 28.64
N GLY F 144 20.24 -47.93 29.86
CA GLY F 144 21.49 -48.18 30.59
C GLY F 144 21.97 -46.99 31.41
N LYS F 145 21.07 -46.08 31.77
CA LYS F 145 21.49 -44.95 32.60
C LYS F 145 21.03 -45.21 34.02
N ALA F 146 21.74 -44.63 34.99
CA ALA F 146 21.35 -44.68 36.40
C ALA F 146 20.04 -43.91 36.61
N ILE F 147 19.28 -44.32 37.62
CA ILE F 147 18.04 -43.60 38.02
C ILE F 147 18.41 -42.29 38.70
N THR F 148 17.77 -41.19 38.30
CA THR F 148 18.03 -39.88 38.90
C THR F 148 16.83 -39.29 39.63
N ASP F 149 15.65 -39.77 39.25
CA ASP F 149 14.39 -39.27 39.75
C ASP F 149 13.52 -40.44 40.21
N VAL F 150 12.83 -40.27 41.33
CA VAL F 150 11.89 -41.27 41.87
C VAL F 150 10.53 -40.60 42.02
N VAL F 151 9.50 -41.20 41.43
CA VAL F 151 8.14 -40.62 41.49
C VAL F 151 7.21 -41.58 42.18
N ASN F 152 6.75 -41.17 43.38
CA ASN F 152 5.74 -41.90 44.13
C ASN F 152 4.35 -41.51 43.63
N ILE F 153 3.55 -42.52 43.30
CA ILE F 153 2.16 -42.32 42.90
C ILE F 153 1.28 -42.99 43.94
N GLY F 154 0.50 -42.20 44.66
CA GLY F 154 -0.32 -42.73 45.75
C GLY F 154 -1.18 -41.61 46.31
N ILE F 155 -2.20 -41.93 47.07
CA ILE F 155 -3.02 -40.89 47.61
C ILE F 155 -3.30 -41.21 49.05
N GLY F 156 -3.54 -40.18 49.85
CA GLY F 156 -3.87 -40.34 51.28
C GLY F 156 -2.77 -41.05 52.05
N GLY F 157 -3.07 -42.24 52.53
CA GLY F 157 -2.06 -43.01 53.29
C GLY F 157 -0.79 -43.37 52.51
N SER F 158 -0.90 -43.45 51.20
CA SER F 158 0.25 -43.84 50.43
C SER F 158 1.02 -42.64 49.93
N ASP F 159 0.64 -41.45 50.39
CA ASP F 159 1.27 -40.19 49.97
C ASP F 159 1.67 -39.28 51.13
N LEU F 160 0.76 -38.99 52.05
CA LEU F 160 1.08 -38.02 53.12
C LEU F 160 2.36 -38.34 53.91
N GLY F 161 2.54 -39.60 54.27
CA GLY F 161 3.67 -40.03 55.09
C GLY F 161 5.00 -39.89 54.36
N PRO F 162 5.15 -40.62 53.24
CA PRO F 162 6.38 -40.57 52.46
C PRO F 162 6.74 -39.14 52.11
N TYR F 163 5.75 -38.34 51.76
CA TYR F 163 6.02 -36.93 51.48
C TYR F 163 6.47 -36.09 52.71
N MET F 164 5.73 -36.08 53.82
CA MET F 164 6.19 -35.34 55.03
C MET F 164 7.55 -35.82 55.48
N VAL F 165 7.75 -37.14 55.45
CA VAL F 165 8.96 -37.67 56.07
C VAL F 165 10.17 -37.30 55.22
N THR F 166 10.11 -37.55 53.92
CA THR F 166 11.24 -37.19 53.05
C THR F 166 11.55 -35.69 53.14
N GLU F 167 10.52 -34.86 53.25
CA GLU F 167 10.67 -33.41 53.52
C GLU F 167 11.34 -33.15 54.87
N ALA F 168 10.77 -33.68 55.93
CA ALA F 168 11.31 -33.40 57.27
C ALA F 168 12.78 -33.83 57.39
N LEU F 169 13.16 -34.88 56.66
CA LEU F 169 14.53 -35.42 56.76
C LEU F 169 15.42 -35.14 55.55
N ARG F 170 15.13 -34.08 54.79
CA ARG F 170 15.96 -33.64 53.65
C ARG F 170 17.49 -33.58 53.93
N PRO F 171 17.91 -33.12 55.13
CA PRO F 171 19.34 -33.12 55.46
C PRO F 171 20.01 -34.50 55.36
N TYR F 172 19.21 -35.55 55.39
CA TYR F 172 19.71 -36.92 55.37
C TYR F 172 19.68 -37.54 53.96
N LYS F 173 19.16 -36.77 52.99
CA LYS F 173 18.91 -37.28 51.63
C LYS F 173 20.17 -37.50 50.82
N ASN F 174 20.05 -38.44 49.87
CA ASN F 174 21.08 -38.66 48.85
C ASN F 174 20.74 -37.85 47.61
N HIS F 175 21.32 -38.24 46.46
CA HIS F 175 21.23 -37.46 45.22
C HIS F 175 19.90 -37.56 44.48
N LEU F 176 19.05 -38.52 44.86
CA LEU F 176 17.81 -38.73 44.11
C LEU F 176 16.82 -37.62 44.29
N ASN F 177 16.24 -37.17 43.19
CA ASN F 177 15.16 -36.20 43.22
C ASN F 177 13.81 -36.88 43.36
N MET F 178 13.10 -36.52 44.42
CA MET F 178 11.88 -37.22 44.78
C MET F 178 10.62 -36.44 44.38
N HIS F 179 9.65 -37.12 43.81
CA HIS F 179 8.41 -36.44 43.43
C HIS F 179 7.23 -37.22 43.98
N PHE F 180 6.16 -36.50 44.36
CA PHE F 180 4.98 -37.10 44.95
C PHE F 180 3.71 -36.65 44.26
N VAL F 181 3.13 -37.60 43.53
CA VAL F 181 1.92 -37.38 42.75
C VAL F 181 0.77 -38.08 43.46
N SER F 182 -0.36 -37.39 43.65
CA SER F 182 -1.50 -37.96 44.39
C SER F 182 -2.85 -37.57 43.80
N ASN F 183 -3.09 -36.27 43.59
CA ASN F 183 -4.33 -35.81 43.00
C ASN F 183 -4.63 -36.53 41.65
N VAL F 184 -5.92 -36.84 41.43
CA VAL F 184 -6.38 -37.27 40.11
C VAL F 184 -6.46 -36.11 39.13
N ASP F 185 -6.49 -34.88 39.66
CA ASP F 185 -6.27 -33.66 38.85
C ASP F 185 -5.07 -33.87 37.96
N GLY F 186 -5.28 -33.86 36.65
CA GLY F 186 -4.20 -34.10 35.71
C GLY F 186 -2.97 -33.23 35.89
N THR F 187 -3.15 -32.05 36.49
CA THR F 187 -2.06 -31.14 36.74
C THR F 187 -0.98 -31.77 37.56
N HIS F 188 -1.36 -32.55 38.57
CA HIS F 188 -0.37 -33.12 39.49
C HIS F 188 0.69 -34.00 38.81
N ILE F 189 0.25 -34.98 38.03
CA ILE F 189 1.16 -35.82 37.24
C ILE F 189 1.76 -35.02 36.07
N ALA F 190 0.96 -34.17 35.43
CA ALA F 190 1.46 -33.39 34.29
C ALA F 190 2.68 -32.61 34.67
N GLU F 191 2.63 -31.96 35.83
CA GLU F 191 3.69 -31.09 36.28
C GLU F 191 4.93 -31.91 36.62
N VAL F 192 4.77 -33.16 37.01
CA VAL F 192 5.94 -33.95 37.31
C VAL F 192 6.60 -34.45 36.03
N LEU F 193 5.81 -35.00 35.13
CA LEU F 193 6.37 -35.66 33.95
C LEU F 193 7.16 -34.73 33.05
N LYS F 194 6.85 -33.43 33.11
CA LYS F 194 7.52 -32.49 32.25
C LYS F 194 8.92 -32.15 32.76
N LYS F 195 9.22 -32.53 34.01
CA LYS F 195 10.50 -32.24 34.66
C LYS F 195 11.46 -33.43 34.68
N VAL F 196 10.96 -34.58 34.27
CA VAL F 196 11.71 -35.82 34.42
C VAL F 196 11.90 -36.51 33.08
N ASN F 197 12.90 -37.41 33.03
CA ASN F 197 13.24 -38.13 31.82
C ASN F 197 12.82 -39.61 31.92
N PRO F 198 12.14 -40.13 30.89
CA PRO F 198 11.66 -41.52 30.90
C PRO F 198 12.76 -42.53 31.13
N GLU F 199 13.99 -42.25 30.69
CA GLU F 199 15.09 -43.19 30.86
C GLU F 199 15.78 -43.19 32.21
N THR F 200 15.54 -42.19 33.03
CA THR F 200 16.19 -42.13 34.33
C THR F 200 15.21 -41.95 35.49
N THR F 201 13.97 -42.36 35.27
CA THR F 201 12.88 -42.14 36.23
C THR F 201 12.20 -43.46 36.69
N LEU F 202 12.10 -43.60 38.01
CA LEU F 202 11.51 -44.77 38.64
C LEU F 202 10.19 -44.34 39.23
N PHE F 203 9.13 -45.11 38.96
CA PHE F 203 7.80 -44.87 39.49
C PHE F 203 7.44 -45.94 40.52
N LEU F 204 6.98 -45.48 41.67
CA LEU F 204 6.45 -46.35 42.73
C LEU F 204 4.94 -46.23 42.75
N VAL F 205 4.24 -47.31 42.50
CA VAL F 205 2.79 -47.24 42.48
C VAL F 205 2.26 -47.80 43.81
N ALA F 206 1.94 -46.89 44.73
CA ALA F 206 1.59 -47.23 46.10
C ALA F 206 0.08 -47.29 46.29
N SER F 207 -0.46 -48.49 46.44
CA SER F 207 -1.91 -48.61 46.72
C SER F 207 -2.18 -49.83 47.55
N LYS F 208 -2.75 -49.61 48.74
CA LYS F 208 -2.99 -50.72 49.65
C LYS F 208 -3.73 -51.80 48.86
N THR F 209 -4.79 -51.40 48.16
CA THR F 209 -5.55 -52.34 47.33
C THR F 209 -5.09 -52.52 45.87
N PHE F 210 -4.47 -51.48 45.30
CA PHE F 210 -4.13 -51.41 43.86
C PHE F 210 -5.36 -51.23 42.94
N THR F 211 -6.38 -50.55 43.45
CA THR F 211 -7.56 -50.29 42.67
C THR F 211 -8.07 -48.89 42.90
N THR F 212 -7.45 -48.14 43.83
CA THR F 212 -7.85 -46.75 44.04
C THR F 212 -7.84 -46.07 42.68
N GLN F 213 -8.95 -45.42 42.36
CA GLN F 213 -9.12 -44.82 41.05
C GLN F 213 -8.04 -43.80 40.74
N GLU F 214 -7.77 -42.91 41.69
CA GLU F 214 -6.81 -41.83 41.49
C GLU F 214 -5.44 -42.39 41.12
N THR F 215 -4.90 -43.22 42.02
CA THR F 215 -3.55 -43.77 41.90
C THR F 215 -3.39 -44.57 40.61
N MET F 216 -4.40 -45.38 40.28
CA MET F 216 -4.35 -46.22 39.08
C MET F 216 -4.48 -45.36 37.83
N THR F 217 -5.29 -44.31 37.94
CA THR F 217 -5.40 -43.35 36.85
C THR F 217 -4.04 -42.67 36.64
N ASN F 218 -3.44 -42.20 37.72
CA ASN F 218 -2.09 -41.62 37.64
C ASN F 218 -1.05 -42.62 37.14
N ALA F 219 -1.10 -43.84 37.64
CA ALA F 219 -0.07 -44.81 37.23
C ALA F 219 -0.18 -45.14 35.75
N HIS F 220 -1.41 -45.23 35.26
CA HIS F 220 -1.66 -45.52 33.85
C HIS F 220 -1.18 -44.38 32.92
N SER F 221 -1.38 -43.13 33.36
CA SER F 221 -0.86 -41.98 32.65
C SER F 221 0.67 -41.96 32.66
N ALA F 222 1.28 -42.35 33.77
CA ALA F 222 2.73 -42.45 33.80
C ALA F 222 3.19 -43.59 32.89
N ARG F 223 2.40 -44.68 32.82
CA ARG F 223 2.74 -45.84 31.99
C ARG F 223 2.70 -45.48 30.50
N ASP F 224 1.62 -44.83 30.08
CA ASP F 224 1.47 -44.28 28.71
C ASP F 224 2.56 -43.32 28.30
N TRP F 225 2.84 -42.34 29.16
CA TRP F 225 3.98 -41.42 28.95
C TRP F 225 5.27 -42.22 28.76
N PHE F 226 5.46 -43.25 29.58
CA PHE F 226 6.69 -44.03 29.49
C PHE F 226 6.79 -44.81 28.18
N LEU F 227 5.72 -45.50 27.80
CA LEU F 227 5.74 -46.34 26.60
C LEU F 227 5.81 -45.51 25.33
N LYS F 228 5.28 -44.29 25.40
CA LYS F 228 5.33 -43.43 24.23
C LYS F 228 6.78 -43.07 23.95
N ALA F 229 7.62 -43.07 24.98
CA ALA F 229 9.06 -42.89 24.75
C ALA F 229 9.75 -44.23 24.46
N ALA F 230 9.45 -45.26 25.25
CA ALA F 230 10.21 -46.51 25.22
C ALA F 230 9.82 -47.47 24.10
N GLY F 231 8.53 -47.50 23.76
CA GLY F 231 8.09 -48.25 22.57
C GLY F 231 7.82 -49.75 22.73
N ASP F 232 8.07 -50.27 23.94
CA ASP F 232 7.89 -51.67 24.21
C ASP F 232 7.73 -51.86 25.72
N GLU F 233 6.64 -52.51 26.11
CA GLU F 233 6.30 -52.72 27.51
C GLU F 233 7.28 -53.59 28.27
N LYS F 234 8.15 -54.31 27.56
CA LYS F 234 9.17 -55.10 28.24
C LYS F 234 10.09 -54.18 29.08
N HIS F 235 10.14 -52.90 28.73
CA HIS F 235 11.02 -51.95 29.40
C HIS F 235 10.39 -51.42 30.68
N VAL F 236 9.12 -51.74 30.88
CA VAL F 236 8.36 -51.33 32.06
C VAL F 236 8.96 -51.78 33.39
N ALA F 237 9.51 -53.00 33.42
CA ALA F 237 10.06 -53.58 34.67
C ALA F 237 11.32 -52.86 35.12
N LYS F 238 11.91 -52.07 34.23
CA LYS F 238 13.04 -51.22 34.64
C LYS F 238 12.59 -49.92 35.36
N HIS F 239 11.29 -49.60 35.31
CA HIS F 239 10.86 -48.23 35.63
C HIS F 239 9.67 -48.09 36.59
N PHE F 240 8.97 -49.20 36.81
CA PHE F 240 7.83 -49.27 37.72
C PHE F 240 7.98 -50.36 38.81
N THR F 241 7.70 -49.99 40.06
CA THR F 241 7.63 -50.94 41.16
C THR F 241 6.29 -50.68 41.88
N ALA F 242 5.78 -51.70 42.57
CA ALA F 242 4.49 -51.61 43.27
C ALA F 242 4.65 -51.86 44.75
N LEU F 243 3.89 -51.11 45.54
CA LEU F 243 3.86 -51.28 46.96
C LEU F 243 2.43 -51.65 47.28
N SER F 244 2.13 -52.95 47.26
CA SER F 244 0.77 -53.46 47.58
C SER F 244 0.70 -55.01 47.67
N THR F 245 -0.50 -55.55 47.44
CA THR F 245 -0.79 -57.00 47.54
C THR F 245 -1.20 -57.79 46.24
N ASN F 246 -2.01 -57.19 45.38
CA ASN F 246 -2.44 -57.90 44.18
C ASN F 246 -1.27 -58.24 43.28
N ALA F 247 -0.96 -59.52 43.15
CA ALA F 247 0.19 -59.92 42.34
C ALA F 247 -0.09 -60.08 40.83
N LYS F 248 -1.34 -60.38 40.47
CA LYS F 248 -1.76 -60.37 39.06
C LYS F 248 -1.83 -58.94 38.53
N ALA F 249 -2.47 -58.05 39.28
CA ALA F 249 -2.56 -56.63 38.90
C ALA F 249 -1.16 -56.10 38.65
N VAL F 250 -0.32 -56.27 39.65
CA VAL F 250 1.04 -55.80 39.55
C VAL F 250 1.76 -56.51 38.39
N GLY F 251 1.38 -57.77 38.16
CA GLY F 251 1.98 -58.61 37.11
C GLY F 251 1.50 -58.38 35.68
N GLU F 252 0.25 -57.95 35.53
CA GLU F 252 -0.30 -57.66 34.20
C GLU F 252 -0.08 -56.20 33.87
N PHE F 253 0.23 -55.42 34.90
CA PHE F 253 0.63 -54.03 34.75
C PHE F 253 2.04 -54.06 34.14
N GLY F 254 2.68 -55.22 34.22
CA GLY F 254 4.00 -55.38 33.60
C GLY F 254 5.12 -55.08 34.58
N ILE F 255 4.76 -55.11 35.86
CA ILE F 255 5.73 -55.02 36.95
C ILE F 255 6.19 -56.44 37.27
N ASP F 256 7.49 -56.69 37.23
CA ASP F 256 7.99 -57.97 37.71
C ASP F 256 7.58 -58.14 39.18
N THR F 257 6.78 -59.16 39.48
CA THR F 257 6.40 -59.48 40.87
C THR F 257 7.57 -59.48 41.86
N ALA F 258 8.79 -59.63 41.35
CA ALA F 258 10.00 -59.38 42.15
C ALA F 258 10.06 -57.92 42.64
N ASN F 259 9.43 -57.03 41.87
CA ASN F 259 9.33 -55.59 42.21
C ASN F 259 8.06 -55.24 42.96
N MET F 260 7.45 -56.25 43.56
CA MET F 260 6.30 -56.01 44.42
C MET F 260 6.74 -56.05 45.87
N PHE F 261 6.55 -54.93 46.56
CA PHE F 261 6.87 -54.84 47.97
C PHE F 261 5.57 -54.88 48.76
N GLU F 262 5.33 -55.99 49.45
CA GLU F 262 4.03 -56.18 50.11
C GLU F 262 3.85 -55.65 51.54
N PHE F 263 2.61 -55.50 51.94
CA PHE F 263 2.26 -55.26 53.32
C PHE F 263 0.95 -55.97 53.58
N TRP F 264 0.33 -55.75 54.72
CA TRP F 264 -0.72 -56.62 55.20
C TRP F 264 -1.98 -55.85 55.59
N ASP F 265 -3.11 -56.55 55.72
CA ASP F 265 -4.36 -55.87 56.02
C ASP F 265 -4.38 -55.19 57.40
N TRP F 266 -3.45 -55.56 58.28
CA TRP F 266 -3.39 -54.95 59.61
C TRP F 266 -2.50 -53.73 59.63
N VAL F 267 -2.01 -53.32 58.47
CA VAL F 267 -1.32 -52.04 58.31
C VAL F 267 -2.35 -51.05 57.73
N GLY F 268 -2.89 -50.15 58.54
CA GLY F 268 -3.85 -49.16 58.01
C GLY F 268 -3.09 -48.16 57.16
N GLY F 269 -3.71 -47.66 56.07
CA GLY F 269 -3.03 -46.68 55.20
C GLY F 269 -2.40 -45.50 55.95
N ARG F 270 -3.16 -44.92 56.86
CA ARG F 270 -2.69 -43.73 57.57
C ARG F 270 -1.70 -44.14 58.68
N TYR F 271 -1.35 -45.43 58.71
CA TYR F 271 -0.28 -45.90 59.59
C TYR F 271 0.72 -46.77 58.82
N SER F 272 0.83 -46.55 57.51
CA SER F 272 1.61 -47.41 56.63
C SER F 272 2.97 -46.91 56.20
N LEU F 273 3.39 -45.71 56.61
CA LEU F 273 4.71 -45.22 56.15
C LEU F 273 5.90 -46.09 56.64
N TRP F 274 5.63 -46.90 57.67
CA TRP F 274 6.62 -47.77 58.32
C TRP F 274 6.79 -49.07 57.54
N SER F 275 5.90 -49.31 56.58
CA SER F 275 5.87 -50.54 55.79
C SER F 275 6.52 -50.30 54.44
N ALA F 276 6.27 -51.21 53.51
CA ALA F 276 6.70 -51.04 52.12
C ALA F 276 6.26 -49.69 51.52
N ILE F 277 5.18 -49.11 52.05
CA ILE F 277 4.70 -47.81 51.58
C ILE F 277 5.81 -46.79 51.78
N GLY F 278 6.68 -47.07 52.74
CA GLY F 278 7.79 -46.19 53.06
C GLY F 278 8.97 -46.26 52.11
N LEU F 279 8.83 -46.98 50.99
CA LEU F 279 10.00 -47.20 50.11
C LEU F 279 10.63 -45.92 49.56
N SER F 280 9.84 -44.91 49.25
CA SER F 280 10.42 -43.64 48.80
C SER F 280 11.26 -42.97 49.88
N ILE F 281 10.94 -43.22 51.14
CA ILE F 281 11.77 -42.75 52.23
C ILE F 281 13.11 -43.51 52.20
N VAL F 282 13.05 -44.83 52.02
CA VAL F 282 14.27 -45.63 51.98
C VAL F 282 15.16 -45.12 50.85
N LEU F 283 14.56 -44.97 49.68
CA LEU F 283 15.28 -44.48 48.50
C LEU F 283 15.86 -43.08 48.70
N SER F 284 15.10 -42.19 49.33
CA SER F 284 15.61 -40.82 49.52
C SER F 284 16.73 -40.68 50.56
N ILE F 285 16.56 -41.35 51.69
CA ILE F 285 17.49 -41.18 52.80
C ILE F 285 18.38 -42.43 53.08
N GLY F 286 18.14 -43.51 52.35
CA GLY F 286 18.92 -44.72 52.51
C GLY F 286 18.37 -45.61 53.59
N PHE F 287 18.61 -46.91 53.45
CA PHE F 287 18.01 -47.90 54.35
C PHE F 287 18.45 -47.74 55.81
N ASP F 288 19.71 -47.36 56.05
CA ASP F 288 20.16 -47.20 57.44
C ASP F 288 19.38 -46.11 58.18
N ASN F 289 19.19 -44.99 57.50
CA ASN F 289 18.36 -43.90 58.05
C ASN F 289 16.90 -44.31 58.21
N PHE F 290 16.40 -45.16 57.32
CA PHE F 290 15.04 -45.69 57.48
C PHE F 290 14.95 -46.55 58.73
N VAL F 291 15.97 -47.37 58.99
CA VAL F 291 15.96 -48.21 60.21
C VAL F 291 15.96 -47.34 61.50
N GLU F 292 16.72 -46.25 61.48
CA GLU F 292 16.66 -45.26 62.55
C GLU F 292 15.25 -44.68 62.73
N LEU F 293 14.58 -44.32 61.64
CA LEU F 293 13.18 -43.91 61.75
C LEU F 293 12.38 -44.96 62.49
N LEU F 294 12.46 -46.20 62.03
CA LEU F 294 11.74 -47.31 62.67
C LEU F 294 12.10 -47.48 64.17
N SER F 295 13.40 -47.44 64.47
CA SER F 295 13.93 -47.55 65.85
C SER F 295 13.39 -46.45 66.75
N GLY F 296 13.27 -45.24 66.22
CA GLY F 296 12.68 -44.11 66.96
C GLY F 296 11.24 -44.38 67.34
N ALA F 297 10.43 -44.82 66.39
CA ALA F 297 9.06 -45.24 66.69
C ALA F 297 8.98 -46.43 67.69
N HIS F 298 9.95 -47.34 67.62
CA HIS F 298 10.00 -48.54 68.47
C HIS F 298 10.25 -48.17 69.92
N ALA F 299 11.17 -47.22 70.12
CA ALA F 299 11.47 -46.67 71.42
C ALA F 299 10.24 -45.99 72.00
N MET F 300 9.47 -45.30 71.15
CA MET F 300 8.24 -44.67 71.61
C MET F 300 7.12 -45.68 71.93
N ASP F 301 7.05 -46.76 71.14
CA ASP F 301 6.09 -47.83 71.41
C ASP F 301 6.38 -48.52 72.73
N LYS F 302 7.66 -48.63 73.05
CA LYS F 302 8.12 -49.24 74.28
C LYS F 302 7.69 -48.33 75.44
N HIS F 303 7.97 -47.02 75.30
CA HIS F 303 7.53 -46.04 76.28
C HIS F 303 6.03 -46.13 76.50
N PHE F 304 5.29 -46.22 75.40
CA PHE F 304 3.83 -46.28 75.48
C PHE F 304 3.30 -47.55 76.13
N SER F 305 3.84 -48.70 75.74
CA SER F 305 3.27 -49.96 76.25
C SER F 305 3.81 -50.37 77.61
N THR F 306 4.87 -49.74 78.08
CA THR F 306 5.49 -50.15 79.37
C THR F 306 5.61 -49.07 80.46
N THR F 307 5.20 -47.84 80.19
CA THR F 307 5.30 -46.76 81.21
C THR F 307 3.97 -46.57 81.91
N PRO F 308 3.98 -46.47 83.25
CA PRO F 308 2.72 -46.20 83.97
C PRO F 308 2.02 -44.95 83.45
N ALA F 309 0.69 -45.00 83.42
CA ALA F 309 -0.11 -43.92 82.87
C ALA F 309 0.34 -42.52 83.26
N GLU F 310 0.65 -42.30 84.54
CA GLU F 310 0.92 -40.95 85.08
C GLU F 310 2.03 -40.21 84.34
N LYS F 311 2.95 -40.93 83.73
CA LYS F 311 4.09 -40.29 83.07
C LYS F 311 4.24 -40.78 81.63
N ASN F 312 3.16 -41.34 81.10
CA ASN F 312 3.12 -41.88 79.77
C ASN F 312 2.71 -40.70 78.85
N LEU F 313 3.68 -40.20 78.06
CA LEU F 313 3.48 -38.97 77.32
C LEU F 313 2.32 -39.01 76.29
N PRO F 314 2.23 -40.08 75.48
CA PRO F 314 1.05 -40.23 74.59
C PRO F 314 -0.30 -40.11 75.35
N VAL F 315 -0.34 -40.67 76.55
CA VAL F 315 -1.54 -40.67 77.37
C VAL F 315 -1.77 -39.28 77.96
N LEU F 316 -0.73 -38.66 78.47
CA LEU F 316 -0.89 -37.28 79.01
C LEU F 316 -1.46 -36.35 77.95
N LEU F 317 -0.82 -36.38 76.78
CA LEU F 317 -1.30 -35.62 75.63
C LEU F 317 -2.75 -35.92 75.29
N ALA F 318 -3.10 -37.21 75.24
CA ALA F 318 -4.45 -37.61 74.86
C ALA F 318 -5.48 -37.09 75.86
N LEU F 319 -5.17 -37.26 77.14
CA LEU F 319 -6.08 -36.82 78.20
C LEU F 319 -6.27 -35.29 78.27
N ILE F 320 -5.20 -34.55 78.07
CA ILE F 320 -5.30 -33.11 78.10
C ILE F 320 -6.17 -32.68 76.93
N GLY F 321 -6.06 -33.39 75.80
CA GLY F 321 -6.85 -33.06 74.63
C GLY F 321 -8.31 -33.41 74.79
N ILE F 322 -8.61 -34.45 75.56
CA ILE F 322 -9.98 -34.76 75.93
C ILE F 322 -10.58 -33.67 76.84
N TRP F 323 -9.79 -33.15 77.77
CA TRP F 323 -10.28 -32.07 78.62
C TRP F 323 -10.75 -30.87 77.76
N TYR F 324 -9.94 -30.44 76.80
CA TYR F 324 -10.40 -29.38 75.88
C TYR F 324 -11.54 -29.81 74.95
N ASN F 325 -11.38 -30.95 74.30
CA ASN F 325 -12.36 -31.43 73.31
C ASN F 325 -13.74 -31.73 73.92
N ASN F 326 -13.77 -32.31 75.11
CA ASN F 326 -15.02 -32.81 75.66
C ASN F 326 -15.58 -32.00 76.79
N PHE F 327 -14.77 -31.15 77.40
CA PHE F 327 -15.29 -30.40 78.54
C PHE F 327 -15.40 -28.92 78.23
N PHE F 328 -14.33 -28.34 77.64
CA PHE F 328 -14.35 -26.97 77.10
C PHE F 328 -15.07 -26.88 75.74
N GLY F 329 -15.19 -28.03 75.05
CA GLY F 329 -15.89 -28.07 73.77
C GLY F 329 -15.17 -27.34 72.63
N ALA F 330 -13.86 -27.20 72.75
CA ALA F 330 -13.00 -26.70 71.67
C ALA F 330 -12.97 -27.68 70.49
N GLU F 331 -13.19 -27.17 69.28
CA GLU F 331 -13.32 -28.06 68.11
C GLU F 331 -12.02 -28.51 67.48
N THR F 332 -10.94 -27.73 67.63
CA THR F 332 -9.73 -27.93 66.88
C THR F 332 -8.49 -28.05 67.75
N GLU F 333 -7.42 -28.55 67.15
CA GLU F 333 -6.08 -28.51 67.72
C GLU F 333 -5.13 -28.07 66.62
N ALA F 334 -4.22 -27.17 66.94
CA ALA F 334 -3.32 -26.64 65.93
C ALA F 334 -2.01 -27.27 66.24
N ILE F 335 -1.30 -27.77 65.22
CA ILE F 335 0.04 -28.32 65.40
C ILE F 335 1.01 -27.38 64.68
N LEU F 336 2.01 -26.87 65.40
CA LEU F 336 2.84 -25.75 64.94
C LEU F 336 4.35 -26.01 65.09
N PRO F 337 4.93 -26.76 64.15
CA PRO F 337 6.35 -27.03 64.22
C PRO F 337 7.21 -25.83 63.79
N TYR F 338 8.12 -25.42 64.66
CA TYR F 338 9.04 -24.30 64.36
C TYR F 338 10.24 -24.84 63.58
N ASP F 339 9.95 -25.28 62.35
CA ASP F 339 10.85 -26.07 61.50
C ASP F 339 10.31 -26.18 60.08
N GLN F 340 10.96 -25.53 59.11
CA GLN F 340 10.42 -25.46 57.75
C GLN F 340 10.35 -26.84 57.09
N TYR F 341 11.38 -27.67 57.29
CA TYR F 341 11.40 -29.06 56.83
C TYR F 341 10.13 -29.84 57.17
N MET F 342 9.58 -29.58 58.36
CA MET F 342 8.36 -30.22 58.85
C MET F 342 7.09 -29.52 58.35
N HIS F 343 7.19 -28.82 57.22
CA HIS F 343 6.05 -28.08 56.74
C HIS F 343 4.81 -28.94 56.45
N ARG F 344 4.96 -30.25 56.23
CA ARG F 344 3.78 -31.10 56.01
C ARG F 344 3.36 -31.96 57.21
N PHE F 345 3.90 -31.65 58.40
CA PHE F 345 3.61 -32.44 59.61
C PHE F 345 2.15 -32.35 60.06
N ALA F 346 1.67 -31.11 60.17
CA ALA F 346 0.27 -30.88 60.50
C ALA F 346 -0.67 -31.60 59.53
N ALA F 347 -0.49 -31.35 58.23
CA ALA F 347 -1.24 -32.02 57.17
C ALA F 347 -1.25 -33.56 57.27
N TYR F 348 -0.09 -34.14 57.59
CA TYR F 348 -0.05 -35.59 57.85
C TYR F 348 -1.03 -35.97 58.95
N PHE F 349 -1.03 -35.22 60.06
CA PHE F 349 -1.94 -35.57 61.15
C PHE F 349 -3.39 -35.25 60.94
N GLN F 350 -3.67 -34.53 59.85
CA GLN F 350 -5.04 -34.39 59.47
C GLN F 350 -5.58 -35.73 59.08
N GLN F 351 -4.83 -36.52 58.32
CA GLN F 351 -5.31 -37.88 58.07
C GLN F 351 -5.22 -38.73 59.33
N GLY F 352 -4.03 -38.77 59.94
CA GLY F 352 -3.76 -39.68 61.04
C GLY F 352 -4.80 -39.55 62.13
N ASN F 353 -5.14 -38.32 62.44
CA ASN F 353 -6.02 -38.04 63.54
C ASN F 353 -7.47 -38.08 63.11
N MET F 354 -7.82 -37.27 62.11
CA MET F 354 -9.20 -37.01 61.82
C MET F 354 -9.85 -38.18 61.09
N GLU F 355 -9.10 -38.88 60.27
CA GLU F 355 -9.67 -40.07 59.66
C GLU F 355 -9.81 -41.21 60.66
N SER F 356 -8.95 -41.21 61.69
CA SER F 356 -9.01 -42.23 62.76
C SER F 356 -10.20 -42.02 63.67
N ASN F 357 -10.29 -40.83 64.28
CA ASN F 357 -11.31 -40.57 65.29
C ASN F 357 -12.46 -39.62 64.96
N GLY F 358 -12.63 -39.27 63.68
CA GLY F 358 -13.76 -38.49 63.24
C GLY F 358 -14.87 -39.47 62.93
N LYS F 359 -15.55 -39.89 63.99
CA LYS F 359 -16.44 -41.05 63.99
C LYS F 359 -17.64 -40.70 64.87
N TYR F 360 -18.76 -41.38 64.70
CA TYR F 360 -19.95 -41.03 65.49
C TYR F 360 -20.75 -42.22 66.05
N VAL F 361 -20.34 -43.44 65.73
CA VAL F 361 -21.00 -44.64 66.23
C VAL F 361 -20.01 -45.35 67.13
N ASP F 362 -20.39 -45.60 68.39
CA ASP F 362 -19.45 -46.19 69.34
C ASP F 362 -19.22 -47.69 69.11
N ARG F 363 -18.29 -48.26 69.89
CA ARG F 363 -17.87 -49.63 69.65
C ARG F 363 -19.02 -50.62 69.88
N ASN F 364 -20.07 -50.17 70.56
CA ASN F 364 -21.25 -51.00 70.75
C ASN F 364 -22.26 -50.84 69.63
N GLY F 365 -21.96 -49.99 68.66
CA GLY F 365 -22.89 -49.79 67.55
C GLY F 365 -23.91 -48.72 67.89
N ASN F 366 -23.68 -47.98 68.97
CA ASN F 366 -24.58 -46.87 69.33
C ASN F 366 -24.06 -45.48 68.94
N VAL F 367 -24.90 -44.73 68.22
CA VAL F 367 -24.61 -43.33 67.95
C VAL F 367 -24.23 -42.65 69.27
N VAL F 368 -23.20 -41.82 69.21
CA VAL F 368 -22.71 -41.13 70.38
C VAL F 368 -23.50 -39.85 70.62
N ASP F 369 -23.50 -39.37 71.85
CA ASP F 369 -24.04 -38.04 72.14
C ASP F 369 -23.02 -37.14 72.80
N TYR F 370 -21.74 -37.40 72.53
CA TYR F 370 -20.61 -36.60 72.99
C TYR F 370 -19.64 -36.39 71.84
N GLN F 371 -18.66 -35.53 72.05
CA GLN F 371 -17.70 -35.21 71.01
C GLN F 371 -16.65 -36.29 70.75
N THR F 372 -16.34 -36.51 69.48
CA THR F 372 -15.18 -37.37 69.15
C THR F 372 -13.99 -36.55 68.65
N GLY F 373 -13.28 -37.06 67.65
CA GLY F 373 -12.00 -36.47 67.25
C GLY F 373 -12.10 -34.98 66.97
N PRO F 374 -11.00 -34.25 67.20
CA PRO F 374 -11.03 -32.84 66.88
C PRO F 374 -10.55 -32.58 65.44
N ILE F 375 -10.67 -31.32 65.02
CA ILE F 375 -10.22 -30.91 63.70
C ILE F 375 -8.76 -30.50 63.84
N ILE F 376 -7.87 -31.13 63.08
CA ILE F 376 -6.48 -30.80 63.17
C ILE F 376 -6.16 -29.83 62.01
N TRP F 377 -5.30 -28.86 62.27
CA TRP F 377 -4.82 -27.86 61.27
C TRP F 377 -3.54 -27.25 61.77
N GLY F 378 -2.86 -26.44 60.94
CA GLY F 378 -1.60 -25.79 61.32
C GLY F 378 -0.67 -25.48 60.15
N GLU F 379 0.34 -24.63 60.40
CA GLU F 379 1.42 -24.34 59.45
C GLU F 379 2.70 -24.20 60.27
N PRO F 380 3.87 -24.39 59.64
CA PRO F 380 5.10 -24.24 60.45
C PRO F 380 5.35 -22.79 60.89
N GLY F 381 5.90 -22.63 62.09
CA GLY F 381 6.36 -21.33 62.54
C GLY F 381 7.69 -21.04 61.87
N THR F 382 7.96 -19.78 61.58
CA THR F 382 7.12 -18.66 61.96
C THR F 382 6.06 -18.32 60.91
N ASN F 383 5.94 -19.11 59.85
CA ASN F 383 4.94 -18.78 58.82
C ASN F 383 3.53 -18.55 59.41
N GLY F 384 2.95 -19.60 59.99
CA GLY F 384 1.58 -19.52 60.55
C GLY F 384 1.42 -18.36 61.53
N GLN F 385 2.50 -18.07 62.23
CA GLN F 385 2.58 -16.96 63.16
C GLN F 385 2.16 -15.65 62.50
N HIS F 386 2.49 -15.48 61.22
CA HIS F 386 2.18 -14.22 60.55
C HIS F 386 0.91 -14.29 59.70
N ALA F 387 0.28 -15.47 59.71
CA ALA F 387 -1.02 -15.65 59.06
C ALA F 387 -2.21 -15.65 60.03
N PHE F 388 -2.20 -16.51 61.03
CA PHE F 388 -3.45 -16.75 61.79
C PHE F 388 -3.37 -16.61 63.31
N TYR F 389 -2.20 -16.32 63.87
CA TYR F 389 -2.09 -16.23 65.32
C TYR F 389 -2.93 -15.08 65.89
N GLN F 390 -3.27 -14.10 65.08
CA GLN F 390 -4.19 -13.04 65.51
C GLN F 390 -5.41 -13.66 66.19
N LEU F 391 -6.03 -14.65 65.54
CA LEU F 391 -7.26 -15.26 66.06
C LEU F 391 -6.99 -16.19 67.28
N ILE F 392 -5.87 -16.90 67.24
CA ILE F 392 -5.50 -17.75 68.37
C ILE F 392 -5.36 -16.88 69.63
N HIS F 393 -4.71 -15.71 69.52
CA HIS F 393 -4.55 -14.77 70.67
C HIS F 393 -5.82 -14.02 71.03
N GLN F 394 -6.59 -13.60 70.03
CA GLN F 394 -7.61 -12.57 70.30
C GLN F 394 -8.97 -12.85 69.69
N GLY F 395 -9.20 -14.07 69.24
CA GLY F 395 -10.46 -14.40 68.60
C GLY F 395 -11.36 -14.94 69.67
N THR F 396 -12.46 -15.59 69.28
CA THR F 396 -13.44 -16.00 70.26
C THR F 396 -13.53 -17.53 70.24
N LYS F 397 -12.48 -18.16 69.74
CA LYS F 397 -12.45 -19.61 69.67
C LYS F 397 -11.13 -20.02 70.31
N MET F 398 -11.20 -20.93 71.29
CA MET F 398 -10.00 -21.44 71.97
C MET F 398 -9.33 -22.51 71.12
N VAL F 399 -8.06 -22.31 70.80
CA VAL F 399 -7.32 -23.27 70.00
C VAL F 399 -6.11 -23.80 70.76
N PRO F 400 -6.25 -24.97 71.39
CA PRO F 400 -5.07 -25.59 72.02
C PRO F 400 -3.98 -25.77 70.96
N CYS F 401 -2.75 -25.39 71.26
CA CYS F 401 -1.65 -25.53 70.29
C CYS F 401 -0.53 -26.39 70.84
N ASP F 402 -0.02 -27.29 69.98
CA ASP F 402 1.31 -27.92 70.19
C ASP F 402 2.39 -27.19 69.39
N PHE F 403 3.25 -26.48 70.10
CA PHE F 403 4.45 -25.88 69.52
C PHE F 403 5.60 -26.91 69.59
N ILE F 404 6.23 -27.18 68.45
CA ILE F 404 7.34 -28.14 68.38
C ILE F 404 8.56 -27.45 67.79
N ALA F 405 9.74 -27.73 68.35
CA ALA F 405 10.98 -27.13 67.86
C ALA F 405 12.21 -27.98 68.23
N PRO F 406 13.26 -27.90 67.41
CA PRO F 406 14.51 -28.54 67.79
C PRO F 406 15.49 -27.52 68.34
N ALA F 407 16.39 -27.98 69.20
CA ALA F 407 17.42 -27.10 69.74
C ALA F 407 18.49 -26.84 68.69
N ILE F 408 18.76 -27.85 67.86
CA ILE F 408 19.77 -27.76 66.82
C ILE F 408 19.13 -27.71 65.44
N THR F 409 19.66 -26.85 64.57
CA THR F 409 19.24 -26.77 63.17
C THR F 409 20.25 -27.45 62.27
N HIS F 410 19.79 -27.99 61.14
CA HIS F 410 20.68 -28.60 60.18
C HIS F 410 21.22 -27.54 59.23
N ASN F 411 20.73 -26.32 59.37
CA ASN F 411 21.20 -25.24 58.53
C ASN F 411 21.62 -24.04 59.38
N PRO F 412 22.76 -24.14 60.10
CA PRO F 412 23.18 -22.98 60.89
C PRO F 412 23.35 -21.79 59.98
N LEU F 413 22.94 -20.61 60.42
CA LEU F 413 23.12 -19.42 59.60
C LEU F 413 22.92 -18.17 60.43
N SER F 414 23.98 -17.38 60.60
CA SER F 414 24.00 -16.26 61.54
C SER F 414 23.24 -16.62 62.81
N ASP F 415 22.26 -15.79 63.14
CA ASP F 415 21.44 -15.95 64.33
C ASP F 415 20.00 -16.35 63.99
N HIS F 416 19.82 -16.98 62.83
CA HIS F 416 18.50 -17.38 62.37
C HIS F 416 17.82 -18.23 63.42
N HIS F 417 18.49 -19.29 63.83
CA HIS F 417 17.89 -20.28 64.69
C HIS F 417 17.50 -19.71 66.06
N GLN F 418 18.37 -18.85 66.61
CA GLN F 418 18.04 -18.15 67.86
C GLN F 418 16.84 -17.21 67.73
N LYS F 419 16.69 -16.56 66.56
CA LYS F 419 15.47 -15.80 66.30
C LYS F 419 14.23 -16.70 66.14
N LEU F 420 14.34 -17.79 65.39
CA LEU F 420 13.25 -18.78 65.30
C LEU F 420 12.80 -19.18 66.69
N LEU F 421 13.74 -19.64 67.52
CA LEU F 421 13.41 -20.16 68.83
C LEU F 421 12.97 -19.09 69.81
N SER F 422 13.48 -17.87 69.66
CA SER F 422 12.98 -16.80 70.50
C SER F 422 11.45 -16.68 70.33
N ASN F 423 10.95 -16.96 69.12
CA ASN F 423 9.49 -16.92 68.82
C ASN F 423 8.74 -18.10 69.42
N PHE F 424 9.33 -19.28 69.28
CA PHE F 424 8.79 -20.54 69.79
C PHE F 424 8.54 -20.40 71.28
N PHE F 425 9.48 -19.76 71.98
CA PHE F 425 9.35 -19.55 73.40
C PHE F 425 8.27 -18.52 73.72
N ALA F 426 8.31 -17.40 73.04
CA ALA F 426 7.55 -16.24 73.45
C ALA F 426 6.08 -16.35 73.11
N GLN F 427 5.75 -17.14 72.10
CA GLN F 427 4.34 -17.29 71.71
C GLN F 427 3.49 -18.04 72.75
N THR F 428 3.98 -19.17 73.25
CA THR F 428 3.31 -19.86 74.36
C THR F 428 3.24 -18.98 75.63
N GLU F 429 4.31 -18.26 75.92
CA GLU F 429 4.30 -17.31 77.03
C GLU F 429 3.16 -16.25 76.84
N ALA F 430 3.10 -15.65 75.66
CA ALA F 430 2.02 -14.73 75.31
C ALA F 430 0.63 -15.37 75.41
N LEU F 431 0.46 -16.56 74.86
CA LEU F 431 -0.83 -17.22 74.90
C LEU F 431 -1.30 -17.53 76.32
N ALA F 432 -0.37 -17.98 77.17
CA ALA F 432 -0.74 -18.37 78.53
C ALA F 432 -1.10 -17.16 79.36
N PHE F 433 -0.22 -16.17 79.37
CA PHE F 433 -0.29 -15.08 80.34
C PHE F 433 -0.87 -13.73 79.89
N GLY F 434 -0.86 -13.44 78.59
CA GLY F 434 -1.52 -12.25 78.06
C GLY F 434 -0.94 -10.93 78.52
N LYS F 435 -1.76 -9.88 78.46
CA LYS F 435 -1.39 -8.52 78.90
C LYS F 435 -2.68 -7.74 79.24
N SER F 436 -2.84 -7.40 80.52
CA SER F 436 -4.11 -6.81 81.00
C SER F 436 -4.31 -5.36 80.56
N ARG F 437 -5.53 -4.85 80.69
CA ARG F 437 -5.75 -3.44 80.42
C ARG F 437 -4.78 -2.56 81.20
N GLU F 438 -4.63 -2.87 82.48
CA GLU F 438 -3.85 -2.04 83.38
C GLU F 438 -2.36 -2.04 83.04
N VAL F 439 -1.88 -3.14 82.46
CA VAL F 439 -0.52 -3.14 81.96
C VAL F 439 -0.40 -2.30 80.69
N VAL F 440 -1.38 -2.38 79.80
CA VAL F 440 -1.40 -1.54 78.59
C VAL F 440 -1.40 -0.07 79.00
N GLU F 441 -2.30 0.30 79.91
CA GLU F 441 -2.43 1.68 80.38
C GLU F 441 -1.16 2.19 81.04
N GLN F 442 -0.55 1.35 81.88
CA GLN F 442 0.70 1.72 82.56
C GLN F 442 1.81 2.11 81.58
N GLU F 443 2.07 1.23 80.60
CA GLU F 443 2.95 1.53 79.47
C GLU F 443 2.75 2.97 78.96
N TYR F 444 1.50 3.36 78.72
CA TYR F 444 1.22 4.71 78.26
C TYR F 444 1.51 5.81 79.31
N ARG F 445 1.13 5.56 80.58
CA ARG F 445 1.41 6.50 81.65
C ARG F 445 2.91 6.71 81.80
N ASP F 446 3.65 5.62 81.57
CA ASP F 446 5.11 5.62 81.68
C ASP F 446 5.75 6.41 80.56
N GLN F 447 4.98 6.65 79.50
CA GLN F 447 5.41 7.57 78.43
C GLN F 447 4.74 8.94 78.59
N GLY F 448 4.46 9.32 79.84
CA GLY F 448 3.85 10.60 80.14
C GLY F 448 2.53 10.87 79.43
N LYS F 449 1.89 9.84 78.89
CA LYS F 449 0.62 10.03 78.18
C LYS F 449 -0.55 9.76 79.10
N ASP F 450 -1.75 10.12 78.63
CA ASP F 450 -2.96 9.93 79.40
C ASP F 450 -3.81 8.86 78.74
N PRO F 451 -3.92 7.68 79.39
CA PRO F 451 -4.55 6.51 78.76
C PRO F 451 -6.01 6.79 78.43
N ALA F 452 -6.65 7.65 79.21
CA ALA F 452 -8.05 8.03 78.99
C ALA F 452 -8.29 8.84 77.72
N THR F 453 -7.22 9.31 77.08
CA THR F 453 -7.35 9.97 75.77
C THR F 453 -7.07 8.99 74.62
N LEU F 454 -6.89 7.71 74.96
CA LEU F 454 -6.55 6.70 73.97
C LEU F 454 -7.56 5.58 73.96
N ASP F 455 -8.82 5.92 74.23
CA ASP F 455 -9.87 4.91 74.23
C ASP F 455 -9.97 4.22 72.90
N TYR F 456 -9.49 4.87 71.85
CA TYR F 456 -9.70 4.40 70.48
C TYR F 456 -8.79 3.23 70.14
N VAL F 457 -7.78 2.96 70.97
CA VAL F 457 -6.84 1.86 70.71
C VAL F 457 -6.69 0.95 71.94
N VAL F 458 -6.66 1.56 73.13
CA VAL F 458 -6.32 0.83 74.36
C VAL F 458 -7.04 -0.52 74.53
N PRO F 459 -8.36 -0.55 74.40
CA PRO F 459 -9.12 -1.81 74.57
C PRO F 459 -8.75 -2.93 73.58
N PHE F 460 -8.14 -2.56 72.46
CA PHE F 460 -7.82 -3.50 71.42
C PHE F 460 -6.42 -4.09 71.56
N LYS F 461 -5.61 -3.53 72.44
CA LYS F 461 -4.28 -4.03 72.65
C LYS F 461 -4.25 -4.93 73.88
N VAL F 462 -5.43 -5.29 74.38
CA VAL F 462 -5.50 -6.15 75.57
C VAL F 462 -5.47 -7.64 75.18
N PHE F 463 -4.54 -8.38 75.78
CA PHE F 463 -4.50 -9.82 75.59
C PHE F 463 -4.99 -10.53 76.85
N GLU F 464 -6.11 -11.24 76.74
CA GLU F 464 -6.58 -11.96 77.90
C GLU F 464 -5.85 -13.27 78.18
N GLY F 465 -5.14 -13.81 77.19
CA GLY F 465 -4.33 -15.01 77.40
C GLY F 465 -5.20 -16.11 77.99
N ASN F 466 -4.67 -16.86 78.96
CA ASN F 466 -5.33 -18.08 79.43
C ASN F 466 -5.57 -19.02 78.25
N ARG F 467 -4.67 -18.99 77.27
CA ARG F 467 -4.81 -19.89 76.13
C ARG F 467 -3.77 -21.00 76.19
N PRO F 468 -4.23 -22.26 76.10
CA PRO F 468 -3.35 -23.38 76.39
C PRO F 468 -2.46 -23.80 75.24
N THR F 469 -1.26 -24.25 75.62
CA THR F 469 -0.34 -24.94 74.73
C THR F 469 0.43 -26.05 75.42
N ASN F 470 0.90 -26.99 74.59
CA ASN F 470 2.02 -27.85 74.95
C ASN F 470 3.22 -27.35 74.21
N SER F 471 4.39 -27.45 74.82
CA SER F 471 5.61 -27.22 74.08
C SER F 471 6.47 -28.47 73.99
N ILE F 472 6.87 -28.82 72.77
CA ILE F 472 7.75 -29.97 72.59
C ILE F 472 9.09 -29.52 72.01
N LEU F 473 10.14 -29.75 72.79
CA LEU F 473 11.50 -29.36 72.41
C LEU F 473 12.36 -30.61 72.24
N LEU F 474 12.88 -30.81 71.02
CA LEU F 474 13.83 -31.91 70.78
C LEU F 474 15.26 -31.34 70.68
N ARG F 475 16.24 -32.23 70.78
CA ARG F 475 17.62 -31.85 70.57
C ARG F 475 17.73 -31.46 69.10
N GLU F 476 17.22 -32.32 68.24
CA GLU F 476 17.42 -32.20 66.80
C GLU F 476 16.38 -33.06 66.10
N ILE F 477 15.96 -32.66 64.89
CA ILE F 477 15.12 -33.56 64.10
C ILE F 477 15.99 -34.55 63.31
N THR F 478 15.98 -35.80 63.75
CA THR F 478 16.77 -36.87 63.15
C THR F 478 15.79 -37.94 62.74
N PRO F 479 16.21 -38.90 61.89
CA PRO F 479 15.28 -39.96 61.60
C PRO F 479 14.65 -40.59 62.86
N PHE F 480 15.48 -40.86 63.86
CA PHE F 480 15.05 -41.42 65.15
C PHE F 480 14.11 -40.46 65.89
N SER F 481 14.48 -39.20 66.02
CA SER F 481 13.65 -38.28 66.82
C SER F 481 12.31 -38.13 66.16
N LEU F 482 12.32 -38.03 64.83
CA LEU F 482 11.09 -37.87 64.07
C LEU F 482 10.20 -39.10 64.15
N GLY F 483 10.80 -40.28 64.11
CA GLY F 483 10.00 -41.51 64.21
C GLY F 483 9.33 -41.60 65.58
N ALA F 484 10.05 -41.13 66.60
CA ALA F 484 9.53 -41.10 67.98
C ALA F 484 8.35 -40.10 68.07
N LEU F 485 8.57 -38.92 67.50
CA LEU F 485 7.56 -37.88 67.46
C LEU F 485 6.27 -38.32 66.77
N ILE F 486 6.42 -39.02 65.66
CA ILE F 486 5.24 -39.50 64.92
C ILE F 486 4.44 -40.55 65.71
N ALA F 487 5.13 -41.56 66.28
CA ALA F 487 4.45 -42.58 67.12
C ALA F 487 3.82 -41.96 68.37
N LEU F 488 4.40 -40.87 68.85
CA LEU F 488 3.86 -40.20 70.01
C LEU F 488 2.42 -39.83 69.70
N TYR F 489 2.24 -39.16 68.56
CA TYR F 489 0.92 -38.72 68.13
C TYR F 489 0.04 -39.90 67.71
N GLU F 490 0.60 -40.89 67.01
CA GLU F 490 -0.14 -42.13 66.76
C GLU F 490 -0.78 -42.67 68.06
N HIS F 491 0.01 -42.83 69.11
CA HIS F 491 -0.50 -43.38 70.37
C HIS F 491 -1.39 -42.44 71.18
N LYS F 492 -1.16 -41.14 71.06
CA LYS F 492 -2.17 -40.18 71.54
C LYS F 492 -3.54 -40.47 70.94
N ILE F 493 -3.62 -40.52 69.62
CA ILE F 493 -4.85 -40.83 68.89
C ILE F 493 -5.53 -42.17 69.28
N PHE F 494 -4.70 -43.19 69.43
CA PHE F 494 -5.15 -44.50 69.89
C PHE F 494 -5.78 -44.33 71.27
N THR F 495 -5.10 -43.64 72.17
CA THR F 495 -5.60 -43.46 73.53
C THR F 495 -6.96 -42.74 73.51
N GLN F 496 -7.01 -41.64 72.74
CA GLN F 496 -8.25 -40.91 72.61
C GLN F 496 -9.37 -41.80 72.07
N GLY F 497 -9.05 -42.68 71.11
CA GLY F 497 -10.03 -43.55 70.50
C GLY F 497 -10.58 -44.56 71.48
N VAL F 498 -9.70 -45.09 72.34
CA VAL F 498 -10.11 -46.08 73.34
C VAL F 498 -11.13 -45.49 74.26
N ILE F 499 -10.74 -44.37 74.89
CA ILE F 499 -11.55 -43.63 75.87
C ILE F 499 -12.89 -43.14 75.29
N LEU F 500 -12.85 -42.62 74.06
CA LEU F 500 -14.04 -42.11 73.40
C LEU F 500 -14.95 -43.24 72.90
N ASN F 501 -14.50 -44.47 73.05
CA ASN F 501 -15.30 -45.65 72.69
C ASN F 501 -15.68 -45.75 71.21
N ILE F 502 -14.74 -45.42 70.33
CA ILE F 502 -15.00 -45.56 68.90
C ILE F 502 -13.95 -46.44 68.24
N PHE F 503 -14.12 -46.69 66.94
CA PHE F 503 -13.16 -47.48 66.19
C PHE F 503 -12.18 -46.55 65.44
N THR F 504 -10.95 -46.55 65.91
CA THR F 504 -9.93 -45.63 65.45
C THR F 504 -9.32 -46.04 64.11
N PHE F 505 -9.50 -47.32 63.75
CA PHE F 505 -8.70 -47.91 62.69
C PHE F 505 -9.40 -48.32 61.39
N ASP F 506 -10.69 -48.02 61.28
CA ASP F 506 -11.42 -48.15 60.03
C ASP F 506 -11.77 -46.74 59.48
N GLN F 507 -12.44 -46.70 58.32
CA GLN F 507 -12.79 -45.46 57.61
C GLN F 507 -13.95 -45.69 56.63
N TRP F 508 -15.10 -46.12 57.15
CA TRP F 508 -16.27 -46.35 56.34
C TRP F 508 -16.84 -45.02 55.81
N GLY F 509 -16.31 -43.91 56.32
CA GLY F 509 -16.84 -42.58 56.01
C GLY F 509 -16.49 -42.12 54.60
N VAL F 510 -15.51 -42.77 53.99
CA VAL F 510 -15.05 -42.41 52.67
C VAL F 510 -15.84 -43.09 51.57
N GLU F 511 -16.71 -44.02 51.93
CA GLU F 511 -17.32 -44.83 50.90
C GLU F 511 -18.42 -44.14 50.08
N LEU F 512 -19.22 -43.32 50.73
CA LEU F 512 -20.38 -42.77 50.03
C LEU F 512 -19.91 -41.95 48.80
N GLY F 513 -19.03 -41.00 49.06
CA GLY F 513 -18.45 -40.15 48.01
C GLY F 513 -17.94 -40.92 46.80
N LYS F 514 -17.24 -42.03 47.05
CA LYS F 514 -16.68 -42.84 45.98
C LYS F 514 -17.77 -43.43 45.11
N GLN F 515 -18.80 -43.99 45.75
CA GLN F 515 -19.89 -44.59 44.99
C GLN F 515 -20.75 -43.56 44.24
N LEU F 516 -21.11 -42.44 44.87
CA LEU F 516 -21.82 -41.37 44.17
C LEU F 516 -21.03 -40.80 42.97
N ALA F 517 -19.70 -40.70 43.11
CA ALA F 517 -18.82 -40.26 42.02
C ALA F 517 -18.81 -41.29 40.89
N ASN F 518 -18.74 -42.57 41.26
CA ASN F 518 -18.85 -43.68 40.31
C ASN F 518 -20.13 -43.64 39.50
N ARG F 519 -21.21 -43.19 40.13
CA ARG F 519 -22.46 -43.02 39.42
C ARG F 519 -22.42 -41.82 38.48
N ILE F 520 -21.68 -40.78 38.84
CA ILE F 520 -21.65 -39.59 38.05
C ILE F 520 -20.73 -39.69 36.83
N LEU F 521 -19.55 -40.28 36.99
CA LEU F 521 -18.61 -40.39 35.86
C LEU F 521 -19.25 -40.73 34.52
N PRO F 522 -19.97 -41.86 34.45
CA PRO F 522 -20.59 -42.25 33.17
C PRO F 522 -21.50 -41.15 32.61
N GLU F 523 -22.20 -40.46 33.50
CA GLU F 523 -23.09 -39.36 33.14
C GLU F 523 -22.39 -38.11 32.59
N LEU F 524 -21.08 -38.01 32.77
CA LEU F 524 -20.37 -36.87 32.25
C LEU F 524 -19.84 -37.15 30.86
N LYS F 525 -20.13 -38.33 30.32
CA LYS F 525 -19.52 -38.79 29.08
C LYS F 525 -20.09 -38.18 27.80
N ASP F 526 -21.41 -38.06 27.71
CA ASP F 526 -22.05 -37.45 26.54
C ASP F 526 -22.51 -36.04 26.89
N ASP F 527 -23.22 -35.39 25.96
CA ASP F 527 -23.66 -34.00 26.16
C ASP F 527 -25.09 -33.86 26.65
N LYS F 528 -25.75 -35.00 26.87
CA LYS F 528 -27.13 -35.02 27.34
C LYS F 528 -27.32 -34.36 28.72
N GLU F 529 -28.43 -33.65 28.85
CA GLU F 529 -28.77 -32.97 30.08
C GLU F 529 -29.07 -34.01 31.15
N ILE F 530 -28.61 -33.75 32.36
CA ILE F 530 -28.64 -34.76 33.43
C ILE F 530 -29.74 -34.41 34.43
N SER F 531 -30.58 -35.39 34.76
CA SER F 531 -31.73 -35.08 35.61
C SER F 531 -31.99 -36.15 36.66
N SER F 532 -30.96 -36.88 37.04
CA SER F 532 -31.19 -38.03 37.87
C SER F 532 -30.85 -37.80 39.36
N HIS F 533 -30.42 -36.59 39.72
CA HIS F 533 -30.09 -36.27 41.11
C HIS F 533 -31.02 -35.18 41.63
N ASP F 534 -30.76 -34.73 42.86
CA ASP F 534 -31.34 -33.50 43.35
C ASP F 534 -31.04 -32.36 42.35
N SER F 535 -31.86 -31.30 42.39
CA SER F 535 -31.72 -30.15 41.48
C SER F 535 -30.34 -29.47 41.47
N SER F 536 -29.66 -29.44 42.61
CA SER F 536 -28.32 -28.82 42.71
C SER F 536 -27.25 -29.61 41.95
N THR F 537 -27.12 -30.88 42.27
CA THR F 537 -26.19 -31.76 41.55
C THR F 537 -26.52 -31.69 40.05
N ASN F 538 -27.80 -31.75 39.71
CA ASN F 538 -28.24 -31.63 38.31
C ASN F 538 -27.75 -30.34 37.68
N GLY F 539 -28.00 -29.22 38.34
CA GLY F 539 -27.62 -27.91 37.82
C GLY F 539 -26.11 -27.72 37.66
N LEU F 540 -25.37 -28.17 38.67
CA LEU F 540 -23.91 -28.14 38.64
C LEU F 540 -23.37 -28.95 37.50
N ILE F 541 -23.81 -30.21 37.39
CA ILE F 541 -23.41 -31.01 36.23
C ILE F 541 -23.77 -30.37 34.89
N ASN F 542 -24.98 -29.83 34.80
CA ASN F 542 -25.43 -29.35 33.51
C ASN F 542 -24.67 -28.12 33.07
N ARG F 543 -24.36 -27.25 34.04
CA ARG F 543 -23.53 -26.07 33.80
C ARG F 543 -22.10 -26.44 33.44
N TYR F 544 -21.57 -27.48 34.09
CA TYR F 544 -20.27 -28.06 33.72
C TYR F 544 -20.23 -28.48 32.25
N LYS F 545 -21.21 -29.26 31.83
CA LYS F 545 -21.34 -29.66 30.43
C LYS F 545 -21.42 -28.44 29.47
N ALA F 546 -22.14 -27.40 29.89
CA ALA F 546 -22.22 -26.16 29.13
C ALA F 546 -20.88 -25.43 29.06
N TRP F 547 -20.06 -25.58 30.09
CA TRP F 547 -18.82 -24.78 30.18
C TRP F 547 -17.49 -25.51 29.88
N ARG F 548 -17.57 -26.82 29.65
CA ARG F 548 -16.36 -27.67 29.56
C ARG F 548 -15.72 -27.65 28.18
N GLY F 549 -16.51 -27.23 27.20
CA GLY F 549 -16.02 -26.89 25.89
C GLY F 549 -16.61 -25.54 25.51
#